data_9UKM
#
_entry.id   9UKM
#
_cell.length_a   1.00
_cell.length_b   1.00
_cell.length_c   1.00
_cell.angle_alpha   90.00
_cell.angle_beta   90.00
_cell.angle_gamma   90.00
#
_symmetry.space_group_name_H-M   'P 1'
#
loop_
_entity.id
_entity.type
_entity.pdbx_description
1 polymer Gp23
2 polymer Hdf
3 polymer 'Defense against restriction protein A'
#
loop_
_entity_poly.entity_id
_entity_poly.type
_entity_poly.pdbx_seq_one_letter_code
_entity_poly.pdbx_strand_id
1 'polypeptide(L)'
;MSNLREYQNRIADIAKRSKAVLGWASTAQFGTDNQFIKDDAARAASILEAARKDPVFAGISDNATAQIATAWASALADYA
AAHKSMPRPEILASCHQTLENCLIESTRNSMDATNKAMLESVAAEMMSVSDGVMRLPLFLAMILPVQLGAATADACTFIP
VTRDQSDIYEVFNVAGSSFGSYAAGDVLDMQSVGVYSQLRRRYVLVASSDGTSKTATFKMEDFEGQNVPIRKGRTNIYVN
RIKSVVDNGSGSLLHSFTNAAGEQITVTCSLNYNIGQIALSFSKAPDKGTEIAIETEINIEAAPELIPLINHEMKKYTLF
PSQFVIAAEHTVQAAYEAQREFGLDLGSLQFRTLKEYLSHEQDMLRLRIMIWRTLATDTFDIALPVNQSFDVWATIIRGK
FQTVYRDIIERVKSSGAMGMFAGADAASFFKQLPKDFFQPAEDYIQTPYVHYIGTLFGNVKVYEVPAGICKNLTTENIQF
SSMDVLCYVRDENPGKAGFVTGDAVPAIPFQHPTTPALVNRTTLWGSAINDMHPRNGADYFTRVTLTMAKKGGLNFISGD
TIDAGDSE
;
A,B,C,D,E,F,G
2 'polypeptide(L)'
;MCQMTKNKYATVDFDQVNEKGLKSLITAINKTGVTVIEVDSSNRATTKDGVKVKTAKLVLSDGQILAIQVNDTGDISSVK
LNGKAIPNAQSPDIKTLGTVMGQAARKNSAKFQKSLIAKAKRVANPVDKKPAVKSNFQRLQEAKQRNAQVVAAYKSAQNS
VSFNQQQITDLRAKLDKETGRLNNEKARNGELKRRLKQLKAGN
;
H
3 'polypeptide(L)'
;MEQFNINKGMTIKPGLDVLPPPVTDDEYRALMAGEDRYLMTESNTLEEIEATFFYDTPIHWCATDLLEAISSTRLQLHRT
MQAFVRALNQKLNGTGISAGSDKTGDVAQSGARAIGGAEIGRARNVNGLPVLPAIIPLSDGQTISILFHSPTAENRITNS
DTLVAFQFLLNKKDVTHTVAPMSGRDMTLAQVTMKLANLAEKNSAKFQRAQKKKKALVDEITQLQADSDQKEDAMSDLAD
QVAAVEGQKADLEQKINAVASEADSLYEENERLQGEIDRLNRTGGRDTIAPAGMTGGHSRALTDRLASIKNRMHMDGEAT
LSNGASMKQFIGDGEGYIQLTDPDGSVYMIKAKSIQGVDMADAIGKLFKAYKAGNVSEYLVQPEEHKPENVEPESAEDTG
SSSPEPEVSVGAYRYALQMRPAAPGAIPEGNKAILPRPDEGDPYYEYARYGIATYDTPLSDQQMSEYDLKLLPREDSFDF
LAKTLTNGPFGKYAQKALELATNSPDEFRVMLKTQFQKTFPNIAFPGGAGTEKMVQSMINALQAEVGEITQPEPAPAQPD
ETVSEADAEANKAIEYLNNVMDMQSTDMAEIRNARGNVREAIAALQTAGRFEENEELVNGAARHLADLLVAIQKAGVAA
;
I
#
# COMPACT_ATOMS: atom_id res chain seq x y z
N GLU A 125 8.06 87.73 23.48
CA GLU A 125 8.84 88.68 24.24
C GLU A 125 8.24 88.89 25.63
N MET A 126 7.11 88.22 25.87
CA MET A 126 6.47 88.21 27.18
C MET A 126 6.63 86.82 27.78
N MET A 127 6.83 86.78 29.11
CA MET A 127 7.13 85.53 29.77
C MET A 127 6.01 84.50 29.64
N SER A 128 4.79 84.94 29.33
CA SER A 128 3.68 84.00 29.24
C SER A 128 3.72 83.17 27.95
N VAL A 129 4.37 83.68 26.90
CA VAL A 129 4.35 83.01 25.60
C VAL A 129 5.35 81.87 25.51
N SER A 130 6.12 81.62 26.55
CA SER A 130 7.13 80.55 26.61
C SER A 130 8.24 80.74 25.59
N ASP A 131 8.35 81.91 24.97
CA ASP A 131 9.46 82.21 24.08
C ASP A 131 10.37 83.30 24.62
N GLY A 132 9.89 84.09 25.57
CA GLY A 132 10.77 85.01 26.27
C GLY A 132 11.63 84.36 27.33
N VAL A 133 11.43 83.07 27.59
CA VAL A 133 12.22 82.34 28.57
C VAL A 133 13.56 82.01 27.93
N MET A 134 14.64 82.61 28.45
CA MET A 134 15.97 82.32 27.95
C MET A 134 16.40 80.92 28.36
N ARG A 135 17.35 80.36 27.61
CA ARG A 135 17.81 79.01 27.80
C ARG A 135 19.19 78.99 28.45
N LEU A 136 19.50 77.89 29.14
CA LEU A 136 20.78 77.67 29.77
C LEU A 136 21.40 76.38 29.25
N PRO A 137 22.44 76.45 28.44
CA PRO A 137 23.07 75.22 27.93
C PRO A 137 23.71 74.42 29.06
N LEU A 138 23.81 73.11 28.83
CA LEU A 138 24.28 72.17 29.83
C LEU A 138 25.48 71.39 29.30
N PHE A 139 26.50 71.23 30.14
CA PHE A 139 27.71 70.51 29.78
C PHE A 139 27.54 69.04 30.16
N LEU A 140 27.69 68.15 29.17
CA LEU A 140 27.39 66.74 29.35
C LEU A 140 28.63 65.87 29.57
N ALA A 141 29.56 65.89 28.63
CA ALA A 141 30.65 64.92 28.70
C ALA A 141 31.90 65.46 28.03
N MET A 142 33.04 64.87 28.41
CA MET A 142 34.35 65.16 27.85
C MET A 142 34.88 63.90 27.18
N ILE A 143 35.43 64.06 25.98
CA ILE A 143 35.96 62.94 25.21
C ILE A 143 37.46 63.14 25.04
N LEU A 144 38.23 62.10 25.32
CA LEU A 144 39.67 62.13 25.26
C LEU A 144 40.20 61.26 24.14
N PRO A 145 41.38 61.57 23.60
CA PRO A 145 41.93 60.76 22.51
C PRO A 145 42.15 59.32 22.92
N VAL A 146 41.94 58.41 21.95
CA VAL A 146 42.03 56.98 22.19
C VAL A 146 43.49 56.54 22.19
N GLN A 147 43.73 55.32 22.64
CA GLN A 147 45.08 54.77 22.76
C GLN A 147 45.61 54.35 21.40
N LEU A 148 46.94 54.48 21.24
CA LEU A 148 47.64 54.08 20.03
C LEU A 148 48.56 52.92 20.39
N GLY A 149 48.48 51.82 19.63
CA GLY A 149 49.32 50.68 19.88
C GLY A 149 49.33 49.72 18.71
N ALA A 150 50.23 48.74 18.78
CA ALA A 150 50.33 47.70 17.78
C ALA A 150 50.98 46.48 18.40
N ALA A 151 50.79 45.33 17.77
CA ALA A 151 51.33 44.06 18.23
C ALA A 151 52.18 43.48 17.10
N THR A 152 53.49 43.78 17.15
CA THR A 152 54.43 43.33 16.12
C THR A 152 55.70 42.74 16.73
N ALA A 153 55.67 42.38 18.00
CA ALA A 153 56.88 41.91 18.69
C ALA A 153 57.15 40.43 18.51
N ASP A 154 56.20 39.66 17.95
CA ASP A 154 56.37 38.22 17.88
C ASP A 154 57.52 37.84 16.96
N ALA A 155 57.63 38.50 15.81
CA ALA A 155 58.64 38.10 14.82
C ALA A 155 60.05 38.42 15.31
N CYS A 156 60.25 39.62 15.85
CA CYS A 156 61.58 40.07 16.21
C CYS A 156 62.07 39.40 17.49
N THR A 157 63.37 39.52 17.73
CA THR A 157 64.00 39.06 18.95
C THR A 157 64.90 40.16 19.49
N PHE A 158 65.19 40.09 20.79
CA PHE A 158 65.91 41.14 21.49
C PHE A 158 67.36 40.74 21.72
N ILE A 159 68.26 41.70 21.52
CA ILE A 159 69.70 41.48 21.68
C ILE A 159 70.26 42.63 22.52
N PRO A 160 71.01 42.35 23.58
CA PRO A 160 71.56 43.44 24.40
C PRO A 160 72.53 44.30 23.58
N VAL A 161 72.40 45.61 23.73
CA VAL A 161 73.25 46.57 23.03
C VAL A 161 73.87 47.50 24.06
N THR A 162 75.19 47.63 24.02
CA THR A 162 75.88 48.55 24.91
C THR A 162 76.98 49.36 24.23
N ARG A 163 77.25 49.13 22.95
CA ARG A 163 78.29 49.85 22.25
C ARG A 163 77.80 50.23 20.87
N ASP A 164 78.56 51.11 20.21
CA ASP A 164 78.17 51.59 18.89
C ASP A 164 78.17 50.46 17.86
N GLN A 165 79.13 49.54 17.97
CA GLN A 165 79.25 48.47 16.99
C GLN A 165 79.58 47.16 17.69
N SER A 166 79.29 46.06 17.01
CA SER A 166 79.55 44.72 17.51
C SER A 166 79.80 43.79 16.34
N ASP A 167 80.46 42.67 16.60
CA ASP A 167 80.88 41.76 15.55
C ASP A 167 80.40 40.34 15.85
N ILE A 168 80.18 39.59 14.79
CA ILE A 168 79.80 38.18 14.86
C ILE A 168 80.66 37.40 13.87
N TYR A 169 81.14 36.23 14.30
CA TYR A 169 81.99 35.39 13.47
C TYR A 169 81.45 33.97 13.47
N GLU A 170 81.79 33.21 12.42
CA GLU A 170 81.38 31.82 12.31
C GLU A 170 82.47 31.04 11.62
N VAL A 171 82.44 29.72 11.79
CA VAL A 171 83.41 28.81 11.21
C VAL A 171 82.68 27.83 10.30
N PHE A 172 83.29 27.51 9.17
CA PHE A 172 82.75 26.56 8.21
C PHE A 172 83.71 25.39 8.05
N ASN A 173 83.23 24.34 7.39
CA ASN A 173 84.01 23.15 7.10
C ASN A 173 84.25 23.07 5.60
N VAL A 174 85.52 22.96 5.21
CA VAL A 174 85.93 23.04 3.82
C VAL A 174 86.83 21.85 3.49
N ALA A 175 86.56 21.21 2.35
CA ALA A 175 87.43 20.15 1.88
C ALA A 175 88.78 20.72 1.46
N GLY A 176 89.85 20.15 1.99
CA GLY A 176 91.20 20.65 1.76
C GLY A 176 91.91 20.08 0.55
N SER A 177 91.25 19.26 -0.25
CA SER A 177 91.88 18.66 -1.42
C SER A 177 90.88 18.58 -2.57
N SER A 178 91.40 18.52 -3.78
CA SER A 178 90.59 18.41 -4.98
C SER A 178 90.32 16.97 -5.39
N PHE A 179 90.84 16.00 -4.64
CA PHE A 179 90.65 14.60 -4.99
C PHE A 179 89.20 14.17 -4.81
N GLY A 180 88.76 13.25 -5.67
CA GLY A 180 87.40 12.75 -5.58
C GLY A 180 86.40 13.64 -6.28
N SER A 181 85.13 13.45 -5.91
CA SER A 181 84.06 14.24 -6.51
C SER A 181 84.22 15.72 -6.18
N TYR A 182 84.58 16.04 -4.95
CA TYR A 182 84.71 17.43 -4.53
C TYR A 182 86.00 18.04 -5.08
N ALA A 183 86.09 19.36 -4.98
CA ALA A 183 87.28 20.12 -5.34
C ALA A 183 87.75 20.92 -4.14
N ALA A 184 88.98 21.43 -4.22
CA ALA A 184 89.52 22.23 -3.14
C ALA A 184 88.71 23.51 -2.97
N GLY A 185 88.46 23.86 -1.72
CA GLY A 185 87.68 25.04 -1.39
C GLY A 185 86.19 24.82 -1.29
N ASP A 186 85.70 23.62 -1.58
CA ASP A 186 84.27 23.34 -1.52
C ASP A 186 83.80 23.27 -0.08
N VAL A 187 82.55 23.67 0.14
CA VAL A 187 81.98 23.64 1.48
C VAL A 187 81.34 22.28 1.74
N LEU A 188 81.20 21.94 3.02
CA LEU A 188 80.61 20.69 3.45
C LEU A 188 79.46 20.97 4.41
N ASP A 189 78.38 20.23 4.27
CA ASP A 189 77.21 20.39 5.15
C ASP A 189 76.46 19.07 5.21
N MET A 190 75.29 19.09 5.84
CA MET A 190 74.51 17.87 6.00
C MET A 190 73.94 17.39 4.68
N GLN A 191 73.75 18.29 3.71
CA GLN A 191 73.21 17.94 2.41
C GLN A 191 74.30 17.68 1.38
N SER A 192 75.56 17.71 1.78
CA SER A 192 76.66 17.45 0.86
C SER A 192 76.78 15.95 0.60
N VAL A 193 76.71 15.56 -0.67
CA VAL A 193 76.79 14.17 -1.08
C VAL A 193 77.86 14.05 -2.15
N GLY A 194 78.82 13.15 -1.94
CA GLY A 194 79.88 12.95 -2.90
C GLY A 194 80.84 11.89 -2.41
N VAL A 195 81.74 11.50 -3.30
CA VAL A 195 82.73 10.47 -3.01
C VAL A 195 84.04 11.17 -2.69
N TYR A 196 84.51 11.05 -1.46
CA TYR A 196 85.72 11.70 -1.02
C TYR A 196 86.71 10.78 -0.33
N SER A 197 86.23 9.79 0.42
CA SER A 197 87.10 8.91 1.18
C SER A 197 86.94 7.42 0.85
N GLN A 198 85.87 7.03 0.16
CA GLN A 198 85.69 5.63 -0.18
C GLN A 198 86.61 5.25 -1.33
N LEU A 199 87.27 4.10 -1.19
CA LEU A 199 88.27 3.66 -2.16
C LEU A 199 87.71 2.77 -3.26
N ARG A 200 86.46 2.33 -3.16
CA ARG A 200 85.82 1.53 -4.20
C ARG A 200 84.82 2.41 -4.93
N ARG A 201 85.04 2.58 -6.23
CA ARG A 201 84.26 3.52 -7.03
C ARG A 201 83.83 2.86 -8.34
N ARG A 202 82.86 3.48 -9.00
CA ARG A 202 82.30 2.97 -10.23
C ARG A 202 82.25 4.09 -11.26
N TYR A 203 82.42 3.71 -12.53
CA TYR A 203 82.43 4.67 -13.63
C TYR A 203 81.70 4.07 -14.82
N VAL A 204 80.92 4.90 -15.51
CA VAL A 204 80.21 4.48 -16.70
C VAL A 204 81.05 4.80 -17.93
N LEU A 205 81.29 3.79 -18.77
CA LEU A 205 82.12 3.97 -19.95
C LEU A 205 81.32 4.33 -21.19
N VAL A 206 80.16 3.71 -21.39
CA VAL A 206 79.30 3.99 -22.53
C VAL A 206 77.89 4.25 -22.01
N ALA A 207 77.38 5.47 -22.23
CA ALA A 207 76.01 5.77 -21.86
C ALA A 207 75.02 5.07 -22.79
N SER A 208 75.27 5.12 -24.09
CA SER A 208 74.43 4.47 -25.08
C SER A 208 75.30 4.03 -26.25
N SER A 209 75.32 2.74 -26.52
CA SER A 209 76.23 2.14 -27.50
C SER A 209 75.59 2.13 -28.87
N ASP A 210 76.33 2.63 -29.86
CA ASP A 210 75.92 2.50 -31.25
C ASP A 210 76.10 1.06 -31.72
N GLY A 211 75.41 0.72 -32.80
CA GLY A 211 75.48 -0.64 -33.31
C GLY A 211 76.85 -1.01 -33.84
N THR A 212 77.50 -0.10 -34.57
CA THR A 212 78.68 -0.46 -35.33
C THR A 212 79.89 -0.77 -34.44
N SER A 213 80.00 -0.11 -33.29
CA SER A 213 81.19 -0.26 -32.47
C SER A 213 81.31 -1.69 -31.94
N LYS A 214 82.56 -2.10 -31.69
CA LYS A 214 82.84 -3.45 -31.19
C LYS A 214 83.83 -3.49 -30.03
N THR A 215 84.53 -2.39 -29.74
CA THR A 215 85.55 -2.39 -28.69
C THR A 215 85.39 -1.16 -27.82
N ALA A 216 85.89 -1.26 -26.59
CA ALA A 216 85.85 -0.16 -25.64
C ALA A 216 87.08 -0.23 -24.75
N THR A 217 87.61 0.94 -24.40
CA THR A 217 88.79 1.02 -23.55
C THR A 217 88.51 1.94 -22.37
N PHE A 218 89.13 1.62 -21.23
CA PHE A 218 88.98 2.40 -20.01
C PHE A 218 90.31 3.02 -19.62
N LYS A 219 90.26 4.30 -19.23
CA LYS A 219 91.45 5.00 -18.77
C LYS A 219 91.15 5.64 -17.42
N MET A 220 91.96 5.32 -16.42
CA MET A 220 91.85 6.02 -15.14
C MET A 220 92.28 7.47 -15.28
N GLU A 221 93.24 7.74 -16.18
CA GLU A 221 93.64 9.12 -16.45
C GLU A 221 92.54 9.93 -17.11
N ASP A 222 91.49 9.26 -17.60
CA ASP A 222 90.36 9.98 -18.18
C ASP A 222 89.42 10.52 -17.09
N PHE A 223 88.95 9.63 -16.23
CA PHE A 223 88.02 10.04 -15.19
C PHE A 223 88.71 10.80 -14.07
N GLU A 224 89.94 10.42 -13.73
CA GLU A 224 90.72 11.11 -12.72
C GLU A 224 91.85 11.87 -13.40
N GLY A 225 92.62 12.60 -12.58
CA GLY A 225 93.67 13.44 -13.14
C GLY A 225 94.77 12.66 -13.81
N GLN A 226 95.22 11.57 -13.17
CA GLN A 226 96.40 10.85 -13.62
C GLN A 226 96.17 9.35 -13.49
N ASN A 227 97.19 8.59 -13.88
CA ASN A 227 97.15 7.15 -13.72
C ASN A 227 97.17 6.77 -12.25
N VAL A 228 96.32 5.81 -11.88
CA VAL A 228 96.20 5.39 -10.48
C VAL A 228 96.28 3.87 -10.41
N PRO A 229 97.17 3.32 -9.59
CA PRO A 229 97.20 1.87 -9.41
C PRO A 229 95.92 1.36 -8.77
N ILE A 230 95.52 0.17 -9.17
CA ILE A 230 94.31 -0.47 -8.66
C ILE A 230 94.67 -1.81 -8.04
N ARG A 231 93.75 -2.34 -7.26
CA ARG A 231 93.95 -3.64 -6.62
C ARG A 231 93.55 -4.76 -7.58
N LYS A 232 94.04 -5.96 -7.28
CA LYS A 232 93.79 -7.11 -8.11
C LYS A 232 92.65 -7.96 -7.57
N GLY A 233 91.86 -8.52 -8.48
CA GLY A 233 90.77 -9.40 -8.08
C GLY A 233 89.60 -8.70 -7.44
N ARG A 234 89.45 -7.39 -7.63
CA ARG A 234 88.36 -6.64 -7.03
C ARG A 234 87.55 -5.85 -8.06
N THR A 235 87.79 -6.07 -9.35
CA THR A 235 87.10 -5.32 -10.39
C THR A 235 85.88 -6.10 -10.88
N ASN A 236 84.95 -5.37 -11.49
CA ASN A 236 83.70 -5.95 -11.98
C ASN A 236 83.20 -5.14 -13.15
N ILE A 237 82.35 -5.78 -13.96
CA ILE A 237 81.80 -5.18 -15.16
C ILE A 237 80.29 -5.27 -15.11
N TYR A 238 79.63 -4.19 -15.53
CA TYR A 238 78.18 -4.12 -15.58
C TYR A 238 77.73 -3.97 -17.02
N VAL A 239 76.89 -4.90 -17.49
CA VAL A 239 76.29 -4.84 -18.81
C VAL A 239 74.81 -4.57 -18.61
N ASN A 240 74.37 -3.37 -18.98
CA ASN A 240 73.03 -2.88 -18.63
C ASN A 240 72.81 -2.99 -17.13
N ARG A 241 73.85 -2.64 -16.38
CA ARG A 241 73.82 -2.67 -14.91
C ARG A 241 73.49 -4.06 -14.38
N ILE A 242 74.25 -5.04 -14.87
CA ILE A 242 74.13 -6.43 -14.43
C ILE A 242 75.48 -6.89 -13.93
N LYS A 243 75.50 -7.46 -12.73
CA LYS A 243 76.74 -7.85 -12.08
C LYS A 243 77.45 -8.95 -12.86
N SER A 244 78.77 -8.90 -12.87
CA SER A 244 79.61 -9.93 -13.47
C SER A 244 80.57 -10.46 -12.44
N VAL A 245 81.20 -11.60 -12.77
CA VAL A 245 82.17 -12.20 -11.85
C VAL A 245 83.39 -11.31 -11.73
N VAL A 246 84.13 -11.47 -10.63
CA VAL A 246 85.31 -10.67 -10.40
C VAL A 246 86.43 -11.13 -11.31
N ASP A 247 87.34 -10.20 -11.63
CA ASP A 247 88.52 -10.54 -12.40
C ASP A 247 89.46 -11.42 -11.58
N ASN A 248 90.11 -12.36 -12.25
CA ASN A 248 91.12 -13.18 -11.59
C ASN A 248 92.46 -12.46 -11.61
N GLY A 249 93.52 -13.14 -11.21
CA GLY A 249 94.84 -12.56 -11.29
C GLY A 249 95.33 -12.48 -12.72
N SER A 250 96.50 -11.86 -12.88
CA SER A 250 97.21 -11.69 -14.15
C SER A 250 96.44 -10.82 -15.14
N GLY A 251 95.35 -10.17 -14.73
CA GLY A 251 94.67 -9.23 -15.60
C GLY A 251 93.80 -9.86 -16.67
N SER A 252 92.90 -10.76 -16.27
CA SER A 252 91.99 -11.42 -17.20
C SER A 252 90.60 -11.49 -16.58
N LEU A 253 89.59 -11.48 -17.44
CA LEU A 253 88.20 -11.58 -17.00
C LEU A 253 87.33 -11.90 -18.21
N LEU A 254 86.44 -12.87 -18.06
CA LEU A 254 85.57 -13.30 -19.14
C LEU A 254 84.12 -13.21 -18.68
N HIS A 255 83.29 -12.60 -19.52
CA HIS A 255 81.87 -12.47 -19.24
C HIS A 255 81.08 -12.67 -20.51
N SER A 256 79.85 -13.15 -20.37
CA SER A 256 78.96 -13.39 -21.49
C SER A 256 77.56 -12.92 -21.14
N PHE A 257 76.78 -12.59 -22.17
CA PHE A 257 75.40 -12.19 -21.97
C PHE A 257 74.63 -12.43 -23.27
N THR A 258 73.31 -12.51 -23.15
CA THR A 258 72.45 -12.77 -24.28
C THR A 258 71.95 -11.47 -24.89
N ASN A 259 71.49 -11.57 -26.13
CA ASN A 259 70.96 -10.43 -26.86
C ASN A 259 69.45 -10.33 -26.68
N ALA A 260 68.90 -9.18 -27.09
CA ALA A 260 67.46 -9.05 -27.17
C ALA A 260 66.87 -10.05 -28.16
N ALA A 261 67.53 -10.21 -29.30
CA ALA A 261 67.11 -11.24 -30.25
C ALA A 261 67.25 -12.64 -29.66
N GLY A 262 68.35 -12.89 -28.95
CA GLY A 262 68.53 -14.15 -28.27
C GLY A 262 69.92 -14.74 -28.29
N GLU A 263 70.77 -14.28 -29.21
CA GLU A 263 72.11 -14.85 -29.31
C GLU A 263 72.97 -14.42 -28.12
N GLN A 264 74.08 -15.14 -27.94
CA GLN A 264 74.99 -14.90 -26.83
C GLN A 264 76.20 -14.11 -27.31
N ILE A 265 76.64 -13.17 -26.49
CA ILE A 265 77.81 -12.33 -26.77
C ILE A 265 78.76 -12.45 -25.59
N THR A 266 80.04 -12.67 -25.88
CA THR A 266 81.07 -12.75 -24.86
C THR A 266 82.03 -11.58 -24.99
N VAL A 267 82.69 -11.25 -23.89
CA VAL A 267 83.65 -10.16 -23.84
C VAL A 267 84.94 -10.66 -23.21
N THR A 268 86.03 -9.94 -23.49
CA THR A 268 87.34 -10.25 -22.93
C THR A 268 87.92 -8.99 -22.32
N CYS A 269 88.72 -9.17 -21.27
CA CYS A 269 89.27 -8.07 -20.50
C CYS A 269 90.78 -8.23 -20.38
N SER A 270 91.50 -7.15 -20.65
CA SER A 270 92.93 -7.06 -20.38
C SER A 270 93.15 -5.93 -19.38
N LEU A 271 93.84 -6.24 -18.28
CA LEU A 271 93.96 -5.32 -17.17
C LEU A 271 95.41 -4.92 -16.97
N ASN A 272 95.63 -3.65 -16.67
CA ASN A 272 96.93 -3.11 -16.30
C ASN A 272 96.78 -2.47 -14.93
N TYR A 273 97.08 -3.23 -13.88
CA TYR A 273 96.82 -2.77 -12.52
C TYR A 273 97.63 -1.53 -12.17
N ASN A 274 98.83 -1.39 -12.74
CA ASN A 274 99.67 -0.23 -12.42
C ASN A 274 99.02 1.06 -12.88
N ILE A 275 98.44 1.06 -14.08
CA ILE A 275 97.83 2.26 -14.63
C ILE A 275 96.30 2.24 -14.51
N GLY A 276 95.71 1.09 -14.23
CA GLY A 276 94.26 0.99 -14.23
C GLY A 276 93.65 1.11 -15.61
N GLN A 277 94.28 0.51 -16.61
CA GLN A 277 93.81 0.56 -17.98
C GLN A 277 93.15 -0.78 -18.32
N ILE A 278 91.95 -0.70 -18.89
CA ILE A 278 91.17 -1.88 -19.25
C ILE A 278 90.77 -1.76 -20.71
N ALA A 279 91.05 -2.79 -21.50
CA ALA A 279 90.63 -2.86 -22.89
C ALA A 279 89.60 -3.97 -23.04
N LEU A 280 88.45 -3.62 -23.61
CA LEU A 280 87.32 -4.54 -23.74
C LEU A 280 87.06 -4.82 -25.20
N SER A 281 86.90 -6.10 -25.53
CA SER A 281 86.60 -6.54 -26.89
C SER A 281 85.33 -7.38 -26.86
N PHE A 282 84.54 -7.27 -27.92
CA PHE A 282 83.25 -7.94 -28.01
C PHE A 282 83.30 -9.00 -29.11
N SER A 283 82.61 -10.11 -28.89
CA SER A 283 82.53 -11.15 -29.91
C SER A 283 81.86 -10.61 -31.16
N LYS A 284 80.77 -9.88 -31.01
CA LYS A 284 80.07 -9.25 -32.13
C LYS A 284 79.57 -7.90 -31.67
N ALA A 285 78.87 -7.22 -32.56
CA ALA A 285 78.41 -5.87 -32.29
C ALA A 285 77.39 -5.87 -31.17
N PRO A 286 77.60 -5.10 -30.10
CA PRO A 286 76.59 -5.00 -29.05
C PRO A 286 75.35 -4.25 -29.53
N ASP A 287 74.24 -4.51 -28.86
CA ASP A 287 72.97 -3.92 -29.25
C ASP A 287 72.99 -2.41 -29.02
N LYS A 288 72.06 -1.73 -29.68
CA LYS A 288 72.00 -0.27 -29.62
C LYS A 288 71.65 0.21 -28.22
N GLY A 289 72.36 1.22 -27.76
CA GLY A 289 72.07 1.85 -26.49
C GLY A 289 72.26 0.97 -25.27
N THR A 290 73.37 0.24 -25.23
CA THR A 290 73.69 -0.60 -24.08
C THR A 290 74.69 0.12 -23.18
N GLU A 291 74.41 0.11 -21.88
CA GLU A 291 75.21 0.84 -20.90
C GLU A 291 76.25 -0.08 -20.28
N ILE A 292 77.49 0.42 -20.21
CA ILE A 292 78.61 -0.35 -19.68
C ILE A 292 79.23 0.44 -18.54
N ALA A 293 79.39 -0.22 -17.38
CA ALA A 293 79.96 0.40 -16.20
C ALA A 293 81.01 -0.51 -15.60
N ILE A 294 81.99 0.10 -14.93
CA ILE A 294 83.12 -0.62 -14.36
C ILE A 294 83.25 -0.26 -12.89
N GLU A 295 83.39 -1.27 -12.04
CA GLU A 295 83.61 -1.08 -10.61
C GLU A 295 85.02 -1.52 -10.25
N THR A 296 85.76 -0.64 -9.59
CA THR A 296 87.14 -0.92 -9.21
C THR A 296 87.43 -0.32 -7.85
N GLU A 297 88.51 -0.80 -7.23
CA GLU A 297 88.97 -0.31 -5.94
C GLU A 297 90.39 0.22 -6.11
N ILE A 298 90.62 1.44 -5.63
CA ILE A 298 91.93 2.09 -5.80
C ILE A 298 92.92 1.50 -4.81
N ASN A 299 94.08 1.11 -5.30
CA ASN A 299 95.15 0.57 -4.47
C ASN A 299 95.87 1.73 -3.79
N ILE A 300 95.48 2.03 -2.55
CA ILE A 300 96.13 3.10 -1.80
C ILE A 300 97.51 2.72 -1.31
N GLU A 301 97.78 1.42 -1.14
CA GLU A 301 99.08 0.98 -0.62
C GLU A 301 100.20 1.37 -1.58
N ALA A 302 99.98 1.18 -2.88
CA ALA A 302 101.03 1.52 -3.86
C ALA A 302 101.27 3.02 -3.91
N ALA A 303 100.21 3.82 -3.84
CA ALA A 303 100.30 5.28 -3.93
C ALA A 303 99.67 5.91 -2.70
N PRO A 304 100.47 6.22 -1.67
CA PRO A 304 99.92 6.78 -0.43
C PRO A 304 99.86 8.30 -0.38
N GLU A 305 100.05 9.00 -1.49
CA GLU A 305 100.07 10.46 -1.50
C GLU A 305 98.72 11.07 -1.84
N LEU A 306 97.68 10.26 -2.03
CA LEU A 306 96.39 10.75 -2.51
C LEU A 306 95.35 10.89 -1.40
N ILE A 307 95.76 10.82 -0.14
CA ILE A 307 94.80 10.93 0.96
C ILE A 307 94.28 12.36 1.01
N PRO A 308 92.96 12.56 1.08
CA PRO A 308 92.40 13.92 1.08
C PRO A 308 92.45 14.54 2.48
N LEU A 309 92.18 15.85 2.50
CA LEU A 309 92.31 16.65 3.71
C LEU A 309 91.07 17.51 3.92
N ILE A 310 91.03 18.19 5.07
CA ILE A 310 89.89 19.02 5.49
C ILE A 310 90.44 20.32 6.07
N ASN A 311 89.71 21.41 5.86
CA ASN A 311 90.13 22.73 6.36
C ASN A 311 88.92 23.46 6.90
N HIS A 312 89.12 24.73 7.28
CA HIS A 312 88.08 25.56 7.85
C HIS A 312 88.33 27.02 7.47
N GLU A 313 87.28 27.85 7.61
CA GLU A 313 87.36 29.27 7.34
C GLU A 313 86.54 30.03 8.36
N MET A 314 86.69 31.36 8.37
CA MET A 314 85.98 32.24 9.28
C MET A 314 85.46 33.48 8.54
N LYS A 315 84.29 33.96 8.96
CA LYS A 315 83.65 35.15 8.39
C LYS A 315 83.44 36.17 9.49
N LYS A 316 82.75 37.26 9.15
CA LYS A 316 82.52 38.36 10.10
C LYS A 316 81.31 39.18 9.65
N TYR A 317 80.57 39.71 10.64
CA TYR A 317 79.45 40.60 10.40
C TYR A 317 79.39 41.65 11.51
N THR A 318 78.76 42.79 11.21
CA THR A 318 78.74 43.93 12.13
C THR A 318 77.31 44.44 12.31
N LEU A 319 77.16 45.41 13.22
CA LEU A 319 75.87 46.03 13.54
C LEU A 319 76.11 47.45 14.05
N PHE A 320 75.02 48.24 14.07
CA PHE A 320 75.05 49.59 14.63
C PHE A 320 73.63 50.11 14.79
N PRO A 321 73.34 50.84 15.88
CA PRO A 321 71.96 51.32 16.10
C PRO A 321 71.65 52.68 15.48
N SER A 322 70.44 53.18 15.74
CA SER A 322 70.00 54.50 15.26
C SER A 322 69.43 55.33 16.41
N GLN A 323 68.81 56.47 16.10
CA GLN A 323 68.30 57.36 17.14
C GLN A 323 67.01 58.03 16.65
N PHE A 324 66.40 58.79 17.55
CA PHE A 324 65.12 59.44 17.30
C PHE A 324 64.94 60.60 18.27
N VAL A 325 63.99 61.49 17.94
CA VAL A 325 63.79 62.70 18.74
C VAL A 325 62.34 63.16 18.54
N ILE A 326 61.83 63.92 19.51
CA ILE A 326 60.49 64.50 19.43
C ILE A 326 60.40 65.62 20.47
N ALA A 327 59.45 66.52 20.28
CA ALA A 327 59.29 67.66 21.18
C ALA A 327 57.84 68.15 21.14
N ALA A 328 57.50 68.97 22.13
CA ALA A 328 56.17 69.55 22.25
C ALA A 328 56.27 70.90 22.95
N GLU A 329 55.22 71.70 22.81
CA GLU A 329 55.23 73.06 23.35
C GLU A 329 53.82 73.50 23.69
N HIS A 330 53.73 74.54 24.52
CA HIS A 330 52.48 75.22 24.83
C HIS A 330 52.81 76.54 25.52
N THR A 331 51.77 77.26 25.92
CA THR A 331 51.93 78.55 26.57
C THR A 331 51.24 78.55 27.93
N VAL A 332 51.73 79.41 28.82
CA VAL A 332 51.20 79.46 30.18
C VAL A 332 49.75 79.94 30.18
N GLN A 333 49.40 80.86 29.28
CA GLN A 333 48.03 81.33 29.20
C GLN A 333 47.09 80.20 28.81
N ALA A 334 47.49 79.37 27.85
CA ALA A 334 46.66 78.25 27.45
C ALA A 334 46.45 77.27 28.59
N ALA A 335 47.53 76.97 29.32
CA ALA A 335 47.41 76.08 30.47
C ALA A 335 46.48 76.65 31.53
N TYR A 336 46.61 77.94 31.81
CA TYR A 336 45.73 78.57 32.79
C TYR A 336 44.28 78.54 32.35
N GLU A 337 44.02 78.79 31.06
CA GLU A 337 42.65 78.73 30.56
C GLU A 337 42.09 77.32 30.68
N ALA A 338 42.91 76.31 30.34
CA ALA A 338 42.45 74.93 30.45
C ALA A 338 42.11 74.59 31.89
N GLN A 339 42.98 74.98 32.82
CA GLN A 339 42.73 74.68 34.23
C GLN A 339 41.50 75.41 34.75
N ARG A 340 41.32 76.67 34.36
CA ARG A 340 40.19 77.45 34.86
C ARG A 340 38.87 76.91 34.33
N GLU A 341 38.79 76.67 33.01
CA GLU A 341 37.52 76.24 32.43
C GLU A 341 37.27 74.75 32.64
N PHE A 342 38.16 73.91 32.11
CA PHE A 342 37.92 72.47 32.11
C PHE A 342 38.72 71.72 33.17
N GLY A 343 39.72 72.35 33.77
CA GLY A 343 40.50 71.68 34.79
C GLY A 343 41.48 70.64 34.28
N LEU A 344 42.01 70.81 33.08
CA LEU A 344 42.96 69.87 32.52
C LEU A 344 44.37 70.45 32.52
N ASP A 345 45.36 69.55 32.59
CA ASP A 345 46.77 69.93 32.55
C ASP A 345 47.34 69.58 31.19
N LEU A 346 47.99 70.56 30.55
CA LEU A 346 48.54 70.33 29.23
C LEU A 346 49.82 69.50 29.29
N GLY A 347 50.65 69.71 30.31
CA GLY A 347 51.96 69.10 30.33
C GLY A 347 51.91 67.58 30.39
N SER A 348 51.09 67.04 31.30
CA SER A 348 50.99 65.60 31.43
C SER A 348 50.39 64.98 30.18
N LEU A 349 49.37 65.62 29.60
CA LEU A 349 48.77 65.15 28.37
C LEU A 349 49.81 65.08 27.26
N GLN A 350 50.58 66.14 27.10
CA GLN A 350 51.60 66.18 26.06
C GLN A 350 52.66 65.11 26.29
N PHE A 351 53.07 64.93 27.54
CA PHE A 351 54.06 63.90 27.87
C PHE A 351 53.58 62.51 27.48
N ARG A 352 52.35 62.18 27.89
CA ARG A 352 51.81 60.85 27.60
C ARG A 352 51.65 60.65 26.10
N THR A 353 51.16 61.67 25.39
CA THR A 353 51.00 61.54 23.95
C THR A 353 52.35 61.32 23.28
N LEU A 354 53.38 62.07 23.68
CA LEU A 354 54.69 61.89 23.09
C LEU A 354 55.21 60.47 23.29
N LYS A 355 55.12 59.97 24.52
CA LYS A 355 55.66 58.64 24.81
C LYS A 355 54.91 57.57 24.02
N GLU A 356 53.57 57.63 24.03
CA GLU A 356 52.78 56.63 23.35
C GLU A 356 53.04 56.66 21.84
N TYR A 357 53.14 57.87 21.27
CA TYR A 357 53.40 57.95 19.84
C TYR A 357 54.77 57.44 19.48
N LEU A 358 55.76 57.65 20.35
CA LEU A 358 57.08 57.09 20.09
C LEU A 358 57.02 55.57 20.01
N SER A 359 56.33 54.95 20.97
CA SER A 359 56.19 53.49 20.93
C SER A 359 55.48 53.04 19.66
N HIS A 360 54.40 53.74 19.29
CA HIS A 360 53.62 53.36 18.12
C HIS A 360 54.46 53.46 16.85
N GLU A 361 55.23 54.53 16.72
CA GLU A 361 56.07 54.70 15.53
C GLU A 361 57.15 53.63 15.48
N GLN A 362 57.68 53.23 16.64
CA GLN A 362 58.64 52.13 16.64
C GLN A 362 58.01 50.85 16.09
N ASP A 363 56.81 50.52 16.54
CA ASP A 363 56.14 49.33 16.04
C ASP A 363 55.90 49.43 14.53
N MET A 364 55.45 50.60 14.08
CA MET A 364 55.17 50.79 12.66
C MET A 364 56.44 50.62 11.82
N LEU A 365 57.57 51.16 12.29
CA LEU A 365 58.80 51.02 11.52
C LEU A 365 59.25 49.57 11.48
N ARG A 366 59.04 48.83 12.57
CA ARG A 366 59.35 47.40 12.55
C ARG A 366 58.57 46.71 11.43
N LEU A 367 57.27 46.96 11.38
CA LEU A 367 56.46 46.32 10.35
C LEU A 367 56.90 46.74 8.95
N ARG A 368 57.19 48.04 8.77
CA ARG A 368 57.58 48.54 7.46
C ARG A 368 58.88 47.90 6.99
N ILE A 369 59.85 47.78 7.90
CA ILE A 369 61.12 47.16 7.54
C ILE A 369 60.91 45.71 7.14
N MET A 370 60.12 44.96 7.93
CA MET A 370 59.93 43.56 7.61
C MET A 370 59.25 43.39 6.26
N ILE A 371 58.24 44.22 5.95
CA ILE A 371 57.58 44.05 4.66
C ILE A 371 58.50 44.47 3.52
N TRP A 372 59.25 45.56 3.68
CA TRP A 372 60.05 46.06 2.57
C TRP A 372 61.28 45.21 2.28
N ARG A 373 61.77 44.47 3.27
CA ARG A 373 63.00 43.69 3.08
C ARG A 373 62.74 42.22 2.77
N THR A 374 61.74 41.92 1.96
CA THR A 374 61.45 40.54 1.56
C THR A 374 61.77 40.32 0.10
N LEU A 375 62.27 39.13 -0.22
CA LEU A 375 62.67 38.79 -1.57
C LEU A 375 62.04 37.51 -2.12
N ALA A 376 61.44 36.67 -1.28
CA ALA A 376 60.83 35.43 -1.72
C ALA A 376 59.34 35.64 -1.93
N THR A 377 58.84 35.19 -3.08
CA THR A 377 57.46 35.41 -3.47
C THR A 377 56.81 34.09 -3.85
N ASP A 378 55.48 34.04 -3.71
CA ASP A 378 54.72 32.85 -4.05
C ASP A 378 53.28 33.27 -4.29
N THR A 379 52.56 32.47 -5.09
CA THR A 379 51.20 32.77 -5.47
C THR A 379 50.32 31.54 -5.26
N PHE A 380 49.03 31.78 -5.06
CA PHE A 380 48.09 30.69 -4.85
C PHE A 380 46.69 31.16 -5.22
N ASP A 381 45.87 30.22 -5.67
CA ASP A 381 44.46 30.47 -5.94
C ASP A 381 43.63 30.06 -4.73
N ILE A 382 42.67 30.91 -4.36
CA ILE A 382 41.96 30.76 -3.10
C ILE A 382 40.48 30.43 -3.28
N ALA A 383 39.90 30.64 -4.45
CA ALA A 383 38.47 30.42 -4.63
C ALA A 383 38.12 28.96 -4.44
N LEU A 384 36.96 28.72 -3.86
CA LEU A 384 36.50 27.34 -3.65
C LEU A 384 36.17 26.68 -4.98
N PRO A 385 36.41 25.37 -5.10
CA PRO A 385 35.84 24.63 -6.22
C PRO A 385 34.32 24.66 -6.14
N VAL A 386 33.69 24.61 -7.31
CA VAL A 386 32.23 24.77 -7.38
C VAL A 386 31.53 23.64 -6.64
N ASN A 387 32.09 22.44 -6.68
CA ASN A 387 31.41 21.24 -6.21
C ASN A 387 32.11 20.58 -5.02
N GLN A 388 32.94 21.31 -4.28
CA GLN A 388 33.67 20.73 -3.17
C GLN A 388 33.30 21.41 -1.86
N SER A 389 33.46 20.66 -0.77
CA SER A 389 33.21 21.19 0.56
C SER A 389 34.47 21.83 1.13
N PHE A 390 34.42 22.19 2.41
CA PHE A 390 35.53 22.91 3.02
C PHE A 390 36.62 22.00 3.57
N ASP A 391 36.32 20.71 3.79
CA ASP A 391 37.32 19.82 4.36
C ASP A 391 38.49 19.61 3.40
N VAL A 392 38.18 19.27 2.15
CA VAL A 392 39.24 19.05 1.16
C VAL A 392 40.02 20.34 0.92
N TRP A 393 39.32 21.47 0.85
CA TRP A 393 40.00 22.74 0.63
C TRP A 393 40.92 23.07 1.80
N ALA A 394 40.47 22.81 3.03
CA ALA A 394 41.33 23.03 4.18
C ALA A 394 42.55 22.13 4.12
N THR A 395 42.38 20.88 3.71
CA THR A 395 43.51 19.98 3.57
C THR A 395 44.52 20.50 2.56
N ILE A 396 44.02 21.00 1.42
CA ILE A 396 44.90 21.53 0.39
C ILE A 396 45.65 22.76 0.89
N ILE A 397 44.94 23.64 1.61
CA ILE A 397 45.57 24.83 2.17
C ILE A 397 46.67 24.44 3.13
N ARG A 398 46.39 23.45 4.00
CA ARG A 398 47.39 22.98 4.93
C ARG A 398 48.60 22.43 4.21
N GLY A 399 48.38 21.64 3.16
CA GLY A 399 49.50 21.12 2.40
C GLY A 399 50.37 22.22 1.80
N LYS A 400 49.73 23.22 1.21
CA LYS A 400 50.48 24.33 0.62
C LYS A 400 51.31 25.06 1.67
N PHE A 401 50.71 25.34 2.82
CA PHE A 401 51.44 26.08 3.85
C PHE A 401 52.56 25.24 4.45
N GLN A 402 52.34 23.94 4.59
CA GLN A 402 53.40 23.05 5.05
C GLN A 402 54.57 23.07 4.07
N THR A 403 54.28 23.02 2.78
CA THR A 403 55.35 23.11 1.79
C THR A 403 56.12 24.42 1.92
N VAL A 404 55.40 25.53 2.07
CA VAL A 404 56.06 26.84 2.16
C VAL A 404 56.99 26.88 3.36
N TYR A 405 56.51 26.42 4.51
CA TYR A 405 57.34 26.45 5.70
C TYR A 405 58.51 25.48 5.59
N ARG A 406 58.32 24.36 4.91
CA ARG A 406 59.45 23.47 4.65
C ARG A 406 60.51 24.16 3.82
N ASP A 407 60.11 24.88 2.77
CA ASP A 407 61.10 25.56 1.93
C ASP A 407 61.85 26.62 2.72
N ILE A 408 61.14 27.41 3.54
CA ILE A 408 61.82 28.48 4.26
C ILE A 408 62.76 27.90 5.31
N ILE A 409 62.33 26.82 5.97
CA ILE A 409 63.21 26.16 6.94
C ILE A 409 64.46 25.63 6.25
N GLU A 410 64.28 24.99 5.09
CA GLU A 410 65.42 24.48 4.36
C GLU A 410 66.37 25.60 3.96
N ARG A 411 65.83 26.74 3.54
CA ARG A 411 66.68 27.87 3.19
C ARG A 411 67.46 28.36 4.40
N VAL A 412 66.82 28.45 5.57
CA VAL A 412 67.51 28.96 6.74
C VAL A 412 68.36 27.88 7.42
N LYS A 413 68.04 26.60 7.22
CA LYS A 413 68.76 25.50 7.85
C LYS A 413 68.81 25.64 9.37
N SER A 414 67.69 26.09 9.94
CA SER A 414 67.58 26.23 11.39
C SER A 414 66.18 25.78 11.80
N SER A 415 65.85 26.00 13.07
CA SER A 415 64.54 25.64 13.60
C SER A 415 64.08 26.74 14.56
N GLY A 416 62.76 26.92 14.61
CA GLY A 416 62.20 27.95 15.46
C GLY A 416 60.70 27.93 15.44
N ALA A 417 60.10 29.05 15.83
CA ALA A 417 58.66 29.13 15.93
C ALA A 417 58.04 29.51 14.58
N MET A 418 56.71 29.39 14.51
CA MET A 418 55.94 29.68 13.32
C MET A 418 55.29 31.04 13.45
N GLY A 419 55.06 31.70 12.32
CA GLY A 419 54.43 33.00 12.36
C GLY A 419 53.80 33.35 11.03
N MET A 420 52.88 34.32 11.08
CA MET A 420 52.16 34.72 9.89
C MET A 420 51.59 36.12 10.08
N PHE A 421 51.69 36.92 9.02
CA PHE A 421 51.03 38.22 8.96
C PHE A 421 50.06 38.17 7.79
N ALA A 422 48.77 38.37 8.06
CA ALA A 422 47.74 38.23 7.07
C ALA A 422 46.89 39.49 6.97
N GLY A 423 46.38 39.75 5.77
CA GLY A 423 45.51 40.87 5.55
C GLY A 423 44.12 40.64 6.11
N ALA A 424 43.29 41.69 6.01
CA ALA A 424 41.95 41.62 6.56
C ALA A 424 41.12 40.55 5.86
N ASP A 425 41.14 40.53 4.52
CA ASP A 425 40.35 39.55 3.79
C ASP A 425 40.88 38.15 4.02
N ALA A 426 42.20 37.97 4.04
CA ALA A 426 42.78 36.67 4.31
C ALA A 426 42.39 36.17 5.70
N ALA A 427 42.41 37.07 6.69
CA ALA A 427 42.01 36.70 8.03
C ALA A 427 40.52 36.33 8.07
N SER A 428 39.69 37.08 7.36
CA SER A 428 38.27 36.75 7.30
C SER A 428 38.06 35.36 6.70
N PHE A 429 38.78 35.04 5.64
CA PHE A 429 38.69 33.71 5.06
C PHE A 429 39.17 32.65 6.04
N PHE A 430 40.28 32.91 6.74
CA PHE A 430 40.82 31.94 7.67
C PHE A 430 39.86 31.65 8.80
N LYS A 431 39.14 32.66 9.26
CA LYS A 431 38.18 32.47 10.35
C LYS A 431 37.09 31.48 9.97
N GLN A 432 36.87 31.25 8.68
CA GLN A 432 35.79 30.39 8.22
C GLN A 432 36.18 28.91 8.14
N LEU A 433 37.43 28.59 8.42
CA LEU A 433 37.87 27.20 8.37
C LEU A 433 37.25 26.41 9.52
N PRO A 434 37.16 25.08 9.39
CA PRO A 434 36.55 24.28 10.45
C PRO A 434 37.35 24.34 11.75
N LYS A 435 36.74 23.79 12.80
CA LYS A 435 37.30 23.90 14.14
C LYS A 435 38.65 23.22 14.24
N ASP A 436 38.76 22.01 13.69
CA ASP A 436 39.99 21.24 13.83
C ASP A 436 41.19 21.97 13.25
N PHE A 437 40.97 22.75 12.20
CA PHE A 437 42.10 23.41 11.53
C PHE A 437 42.45 24.74 12.19
N PHE A 438 41.45 25.49 12.63
CA PHE A 438 41.67 26.84 13.13
C PHE A 438 41.16 26.96 14.56
N GLN A 439 41.98 27.55 15.43
CA GLN A 439 41.60 27.76 16.81
C GLN A 439 41.46 29.26 17.08
N PRO A 440 40.24 29.79 17.12
CA PRO A 440 40.09 31.23 17.37
C PRO A 440 40.59 31.61 18.76
N ALA A 441 41.11 32.83 18.86
CA ALA A 441 41.62 33.32 20.13
C ALA A 441 40.50 33.43 21.14
N GLU A 442 40.83 33.17 22.41
CA GLU A 442 39.82 33.23 23.47
C GLU A 442 39.33 34.65 23.65
N ASP A 443 38.00 34.80 23.80
CA ASP A 443 37.37 36.07 24.09
C ASP A 443 37.79 37.15 23.09
N TYR A 444 37.90 36.75 21.82
CA TYR A 444 38.41 37.65 20.79
C TYR A 444 37.34 38.68 20.44
N ILE A 445 37.52 39.90 20.94
CA ILE A 445 36.66 41.02 20.59
C ILE A 445 37.40 41.90 19.60
N GLN A 446 36.79 42.12 18.44
CA GLN A 446 37.47 42.82 17.36
C GLN A 446 37.77 44.26 17.74
N THR A 447 38.95 44.72 17.35
CA THR A 447 39.41 46.09 17.53
C THR A 447 39.98 46.58 16.22
N PRO A 448 40.00 47.90 15.99
CA PRO A 448 40.65 48.43 14.79
C PRO A 448 42.16 48.34 14.82
N TYR A 449 42.76 47.92 15.93
CA TYR A 449 44.20 47.73 16.02
C TYR A 449 44.62 46.42 15.36
N VAL A 450 45.91 46.33 15.04
CA VAL A 450 46.50 45.06 14.67
C VAL A 450 46.60 44.19 15.91
N HIS A 451 46.05 42.99 15.86
CA HIS A 451 46.00 42.13 17.03
C HIS A 451 46.17 40.67 16.60
N TYR A 452 45.98 39.78 17.57
CA TYR A 452 46.13 38.35 17.39
C TYR A 452 44.75 37.71 17.35
N ILE A 453 44.50 36.90 16.33
CA ILE A 453 43.17 36.35 16.12
C ILE A 453 43.05 34.87 16.49
N GLY A 454 44.17 34.18 16.67
CA GLY A 454 44.14 32.80 17.07
C GLY A 454 45.24 32.01 16.41
N THR A 455 45.17 30.69 16.53
CA THR A 455 46.15 29.78 15.97
C THR A 455 45.47 28.86 14.99
N LEU A 456 46.01 28.79 13.77
CA LEU A 456 45.55 27.84 12.77
C LEU A 456 46.58 26.73 12.63
N PHE A 457 46.10 25.57 12.19
CA PHE A 457 46.90 24.34 12.18
C PHE A 457 47.40 24.02 13.57
N GLY A 458 48.44 23.20 13.67
CA GLY A 458 48.94 22.80 14.96
C GLY A 458 49.57 23.95 15.74
N ASN A 459 50.37 24.77 15.08
CA ASN A 459 51.24 25.71 15.78
C ASN A 459 51.25 27.13 15.22
N VAL A 460 50.80 27.35 13.98
CA VAL A 460 51.00 28.65 13.35
C VAL A 460 50.14 29.70 14.02
N LYS A 461 50.76 30.82 14.38
CA LYS A 461 50.06 31.96 14.95
C LYS A 461 49.88 33.03 13.88
N VAL A 462 48.69 33.63 13.83
CA VAL A 462 48.32 34.55 12.77
C VAL A 462 47.92 35.89 13.37
N TYR A 463 48.48 36.96 12.81
CA TYR A 463 48.11 38.33 13.16
C TYR A 463 47.47 38.99 11.96
N GLU A 464 46.43 39.77 12.20
CA GLU A 464 45.65 40.41 11.15
C GLU A 464 46.05 41.87 10.99
N VAL A 465 45.76 42.42 9.82
CA VAL A 465 45.99 43.83 9.51
C VAL A 465 44.68 44.41 8.99
N PRO A 466 44.13 45.45 9.61
CA PRO A 466 42.89 46.03 9.13
C PRO A 466 43.07 46.72 7.78
N ALA A 467 41.93 46.87 7.08
CA ALA A 467 41.96 47.35 5.71
C ALA A 467 42.49 48.78 5.61
N GLY A 468 42.13 49.63 6.57
CA GLY A 468 42.63 50.99 6.55
C GLY A 468 44.14 51.06 6.62
N ILE A 469 44.75 50.22 7.44
CA ILE A 469 46.21 50.18 7.53
C ILE A 469 46.80 49.74 6.20
N CYS A 470 46.19 48.76 5.55
CA CYS A 470 46.68 48.31 4.25
C CYS A 470 46.62 49.43 3.23
N LYS A 471 45.51 50.17 3.21
CA LYS A 471 45.38 51.28 2.26
C LYS A 471 46.42 52.36 2.54
N ASN A 472 46.63 52.67 3.82
CA ASN A 472 47.64 53.66 4.18
C ASN A 472 49.03 53.21 3.75
N LEU A 473 49.33 51.93 3.93
CA LEU A 473 50.61 51.41 3.48
C LEU A 473 50.76 51.54 1.97
N THR A 474 49.70 51.23 1.23
CA THR A 474 49.75 51.38 -0.22
C THR A 474 50.01 52.82 -0.61
N THR A 475 49.39 53.77 0.10
CA THR A 475 49.64 55.17 -0.18
C THR A 475 51.08 55.56 0.12
N GLU A 476 51.77 54.78 0.95
CA GLU A 476 53.15 55.07 1.33
C GLU A 476 54.17 54.27 0.53
N ASN A 477 53.84 53.91 -0.71
CA ASN A 477 54.76 53.35 -1.69
C ASN A 477 55.11 51.91 -1.30
N ILE A 478 54.69 51.49 -0.11
CA ILE A 478 54.87 50.11 0.32
C ILE A 478 53.65 49.31 -0.13
N GLN A 479 53.88 48.30 -0.97
CA GLN A 479 52.77 47.57 -1.57
C GLN A 479 52.32 46.44 -0.64
N PHE A 480 51.03 46.43 -0.31
CA PHE A 480 50.44 45.37 0.49
C PHE A 480 48.94 45.45 0.36
N SER A 481 48.31 44.34 -0.03
CA SER A 481 46.87 44.27 -0.16
C SER A 481 46.30 43.35 0.91
N SER A 482 44.97 43.37 1.03
CA SER A 482 44.31 42.49 1.99
C SER A 482 44.51 41.02 1.63
N MET A 483 44.64 40.72 0.34
CA MET A 483 44.91 39.35 -0.08
C MET A 483 46.32 38.90 0.26
N ASP A 484 47.24 39.84 0.45
CA ASP A 484 48.64 39.48 0.69
C ASP A 484 48.81 38.90 2.09
N VAL A 485 49.72 37.93 2.20
CA VAL A 485 50.01 37.25 3.46
C VAL A 485 51.52 37.16 3.62
N LEU A 486 52.01 37.45 4.81
CA LEU A 486 53.42 37.38 5.13
C LEU A 486 53.66 36.27 6.14
N CYS A 487 54.64 35.41 5.85
CA CYS A 487 55.00 34.31 6.72
C CYS A 487 56.41 34.52 7.24
N TYR A 488 56.62 34.27 8.53
CA TYR A 488 57.91 34.50 9.16
C TYR A 488 58.26 33.35 10.09
N VAL A 489 59.57 33.19 10.32
CA VAL A 489 60.09 32.20 11.24
C VAL A 489 61.04 32.90 12.19
N ARG A 490 60.83 32.72 13.49
CA ARG A 490 61.70 33.29 14.52
C ARG A 490 62.72 32.25 14.95
N ASP A 491 63.96 32.68 15.15
CA ASP A 491 65.05 31.78 15.51
C ASP A 491 65.47 32.02 16.96
N GLU A 492 65.69 30.93 17.68
CA GLU A 492 66.13 30.98 19.07
C GLU A 492 67.60 30.60 19.25
N ASN A 493 68.30 30.27 18.18
CA ASN A 493 69.71 29.91 18.30
C ASN A 493 70.51 31.14 18.73
N PRO A 494 71.53 30.94 19.58
CA PRO A 494 72.24 32.12 20.14
C PRO A 494 72.90 32.99 19.10
N GLY A 495 73.40 32.43 18.00
CA GLY A 495 74.15 33.21 17.04
C GLY A 495 73.39 33.73 15.85
N LYS A 496 72.14 33.29 15.65
CA LYS A 496 71.42 33.64 14.44
C LYS A 496 69.98 33.99 14.78
N ALA A 497 69.41 34.88 13.98
CA ALA A 497 68.04 35.34 14.16
C ALA A 497 67.56 35.97 12.86
N GLY A 498 66.25 36.18 12.78
CA GLY A 498 65.68 36.81 11.60
C GLY A 498 65.66 38.32 11.67
N PHE A 499 65.03 38.85 12.71
CA PHE A 499 64.94 40.29 12.93
C PHE A 499 65.60 40.65 14.25
N VAL A 500 66.40 41.71 14.24
CA VAL A 500 67.19 42.13 15.38
C VAL A 500 66.58 43.39 15.96
N THR A 501 66.29 43.37 17.26
CA THR A 501 65.76 44.52 17.98
C THR A 501 66.54 44.71 19.26
N GLY A 502 66.73 45.97 19.64
CA GLY A 502 67.43 46.28 20.87
C GLY A 502 67.31 47.74 21.26
N ASP A 503 67.52 48.04 22.53
CA ASP A 503 67.43 49.40 23.05
C ASP A 503 68.83 49.80 23.47
N ALA A 504 69.50 50.60 22.62
CA ALA A 504 70.83 51.09 22.95
C ALA A 504 70.78 52.04 24.15
N VAL A 505 69.91 53.03 24.09
CA VAL A 505 69.74 54.00 25.17
C VAL A 505 68.25 54.34 25.29
N PRO A 506 67.64 54.14 26.45
CA PRO A 506 66.22 54.44 26.59
C PRO A 506 65.95 55.93 26.52
N ALA A 507 64.69 56.26 26.22
CA ALA A 507 64.29 57.65 26.07
C ALA A 507 64.53 58.43 27.36
N ILE A 508 65.05 59.64 27.21
CA ILE A 508 65.38 60.50 28.34
C ILE A 508 64.64 61.82 28.18
N PRO A 509 63.82 62.22 29.15
CA PRO A 509 63.11 63.51 29.03
C PRO A 509 64.03 64.67 29.31
N PHE A 510 63.74 65.80 28.66
CA PHE A 510 64.44 67.05 28.89
C PHE A 510 63.42 68.17 28.94
N GLN A 511 63.44 68.93 30.04
CA GLN A 511 62.49 70.01 30.26
C GLN A 511 63.23 71.34 30.23
N HIS A 512 62.79 72.24 29.35
CA HIS A 512 63.41 73.55 29.29
C HIS A 512 62.71 74.54 30.20
N PRO A 513 63.45 75.43 30.85
CA PRO A 513 62.82 76.40 31.75
C PRO A 513 61.97 77.40 30.97
N THR A 514 61.06 78.05 31.71
CA THR A 514 60.15 79.02 31.11
C THR A 514 60.91 80.14 30.40
N THR A 515 60.81 80.17 29.09
CA THR A 515 61.52 81.15 28.28
C THR A 515 60.85 82.51 28.36
N PRO A 516 61.55 83.58 27.98
CA PRO A 516 60.87 84.85 27.74
C PRO A 516 59.79 84.69 26.70
N ALA A 517 58.76 85.53 26.81
CA ALA A 517 57.48 85.41 26.10
C ALA A 517 56.69 84.20 26.58
N LEU A 518 57.10 83.57 27.68
CA LEU A 518 56.32 82.55 28.37
C LEU A 518 55.99 81.36 27.46
N VAL A 519 57.04 80.65 27.06
CA VAL A 519 56.92 79.46 26.23
C VAL A 519 57.55 78.29 26.98
N ASN A 520 56.85 77.15 27.00
CA ASN A 520 57.32 75.95 27.65
C ASN A 520 57.57 74.86 26.61
N ARG A 521 58.73 74.21 26.69
CA ARG A 521 59.09 73.17 25.75
C ARG A 521 59.67 71.97 26.49
N THR A 522 59.37 70.78 25.98
CA THR A 522 59.90 69.53 26.51
C THR A 522 60.35 68.66 25.34
N THR A 523 61.49 68.01 25.50
CA THR A 523 62.08 67.20 24.44
C THR A 523 62.37 65.80 24.95
N LEU A 524 62.43 64.86 24.00
CA LEU A 524 62.75 63.47 24.30
C LEU A 524 63.81 62.99 23.31
N TRP A 525 64.68 62.10 23.78
CA TRP A 525 65.75 61.58 22.95
C TRP A 525 66.08 60.16 23.37
N GLY A 526 66.39 59.32 22.39
CA GLY A 526 66.76 57.95 22.67
C GLY A 526 67.37 57.31 21.44
N SER A 527 68.12 56.23 21.70
CA SER A 527 68.80 55.49 20.64
C SER A 527 68.48 54.01 20.76
N ALA A 528 68.25 53.37 19.63
CA ALA A 528 67.92 51.96 19.60
C ALA A 528 68.28 51.40 18.23
N ILE A 529 68.21 50.08 18.13
CA ILE A 529 68.53 49.37 16.90
C ILE A 529 67.32 48.55 16.47
N ASN A 530 66.90 48.71 15.21
CA ASN A 530 65.78 47.98 14.66
C ASN A 530 66.09 47.74 13.19
N ASP A 531 66.61 46.55 12.88
CA ASP A 531 67.06 46.28 11.52
C ASP A 531 67.11 44.79 11.28
N MET A 532 67.30 44.43 10.02
CA MET A 532 67.45 43.04 9.62
C MET A 532 68.75 42.47 10.19
N HIS A 533 68.76 41.15 10.36
CA HIS A 533 69.99 40.49 10.80
C HIS A 533 71.07 40.67 9.74
N PRO A 534 72.31 40.97 10.15
CA PRO A 534 73.37 41.19 9.14
C PRO A 534 73.66 39.96 8.31
N ARG A 535 73.51 38.77 8.89
CA ARG A 535 73.82 37.52 8.20
C ARG A 535 72.53 36.86 7.75
N ASN A 536 72.31 36.82 6.44
CA ASN A 536 71.17 36.19 5.77
C ASN A 536 69.84 36.41 6.49
N GLY A 537 69.63 37.62 7.02
CA GLY A 537 68.38 37.91 7.70
C GLY A 537 67.19 37.88 6.77
N ALA A 538 67.40 38.28 5.50
CA ALA A 538 66.29 38.39 4.55
C ALA A 538 65.60 37.06 4.29
N ASP A 539 66.33 35.94 4.38
CA ASP A 539 65.76 34.64 4.06
C ASP A 539 64.65 34.22 5.01
N TYR A 540 64.50 34.89 6.15
CA TYR A 540 63.59 34.43 7.18
C TYR A 540 62.12 34.70 6.85
N PHE A 541 61.84 35.41 5.77
CA PHE A 541 60.47 35.77 5.43
C PHE A 541 60.15 35.42 3.98
N THR A 542 58.87 35.14 3.72
CA THR A 542 58.35 34.91 2.38
C THR A 542 57.04 35.66 2.23
N ARG A 543 56.86 36.25 1.05
CA ARG A 543 55.63 36.96 0.72
C ARG A 543 54.72 36.06 -0.11
N VAL A 544 53.46 35.95 0.31
CA VAL A 544 52.47 35.12 -0.37
C VAL A 544 51.31 36.02 -0.78
N THR A 545 50.95 35.97 -2.06
CA THR A 545 49.80 36.69 -2.58
C THR A 545 48.78 35.70 -3.10
N LEU A 546 47.51 35.96 -2.84
CA LEU A 546 46.43 35.05 -3.19
C LEU A 546 45.67 35.59 -4.39
N THR A 547 45.95 35.04 -5.57
CA THR A 547 45.17 35.32 -6.76
C THR A 547 43.85 34.57 -6.65
N MET A 548 42.78 35.19 -7.11
CA MET A 548 41.45 34.59 -7.02
C MET A 548 40.79 34.77 -8.39
N ALA A 549 41.11 33.85 -9.30
CA ALA A 549 40.61 33.92 -10.67
C ALA A 549 40.34 32.53 -11.24
N LYS A 550 40.03 31.55 -10.40
CA LYS A 550 39.86 30.19 -10.88
C LYS A 550 38.72 30.12 -11.89
N LYS A 551 38.91 29.27 -12.91
CA LYS A 551 37.94 29.20 -13.99
C LYS A 551 36.56 28.82 -13.48
N GLY A 552 36.46 27.76 -12.70
CA GLY A 552 35.23 27.46 -11.99
C GLY A 552 35.42 27.63 -10.51
N GLY A 553 34.85 28.69 -9.94
CA GLY A 553 35.09 28.98 -8.53
C GLY A 553 34.05 29.91 -7.97
N LEU A 554 34.14 30.12 -6.66
CA LEU A 554 33.20 30.95 -5.92
C LEU A 554 33.89 32.22 -5.46
N ASN A 555 33.09 33.28 -5.28
CA ASN A 555 33.59 34.58 -4.86
C ASN A 555 33.13 34.84 -3.43
N PHE A 556 34.07 35.17 -2.55
CA PHE A 556 33.71 35.49 -1.18
C PHE A 556 33.05 36.86 -1.07
N ILE A 557 33.47 37.81 -1.91
CA ILE A 557 32.98 39.18 -1.78
C ILE A 557 31.64 39.34 -2.48
N SER A 558 31.61 39.13 -3.79
CA SER A 558 30.37 39.31 -4.54
C SER A 558 29.42 38.14 -4.34
N GLY A 559 29.96 36.94 -4.14
CA GLY A 559 29.15 35.75 -4.01
C GLY A 559 28.71 35.11 -5.31
N ASP A 560 29.20 35.60 -6.45
CA ASP A 560 28.82 35.07 -7.74
C ASP A 560 29.93 34.19 -8.29
N THR A 561 29.56 33.36 -9.26
CA THR A 561 30.55 32.53 -9.94
C THR A 561 31.50 33.40 -10.73
N ILE A 562 32.77 33.01 -10.76
CA ILE A 562 33.81 33.77 -11.45
C ILE A 562 34.10 33.08 -12.77
N ASP A 563 33.73 33.75 -13.88
CA ASP A 563 33.97 33.25 -15.23
C ASP A 563 33.48 31.81 -15.38
N ALA A 564 32.26 31.58 -14.91
CA ALA A 564 31.67 30.23 -14.87
C ALA A 564 32.53 29.28 -14.06
N GLU B 125 86.26 66.39 14.22
CA GLU B 125 87.59 66.20 14.79
C GLU B 125 87.68 66.79 16.19
N MET B 126 86.54 67.23 16.72
CA MET B 126 86.44 67.75 18.07
C MET B 126 85.59 66.81 18.91
N MET B 127 85.95 66.67 20.18
CA MET B 127 85.24 65.73 21.05
C MET B 127 83.81 66.18 21.33
N SER B 128 83.53 67.48 21.21
CA SER B 128 82.21 67.99 21.56
C SER B 128 81.12 67.49 20.62
N VAL B 129 81.39 67.44 19.31
CA VAL B 129 80.36 67.10 18.34
C VAL B 129 79.99 65.62 18.39
N SER B 130 80.76 64.80 19.10
CA SER B 130 80.48 63.40 19.38
C SER B 130 80.63 62.49 18.17
N ASP B 131 81.35 62.93 17.14
CA ASP B 131 81.73 62.03 16.05
C ASP B 131 83.21 61.69 16.07
N GLY B 132 84.02 62.45 16.80
CA GLY B 132 85.44 62.19 16.91
C GLY B 132 85.80 61.04 17.82
N VAL B 133 84.83 60.50 18.56
CA VAL B 133 85.10 59.33 19.39
C VAL B 133 85.52 58.16 18.52
N MET B 134 86.61 57.50 18.91
CA MET B 134 87.21 56.47 18.07
C MET B 134 86.34 55.22 17.97
N ARG B 135 85.67 54.85 19.06
CA ARG B 135 84.81 53.67 19.14
C ARG B 135 85.62 52.38 19.03
N LEU B 136 85.12 51.31 19.64
CA LEU B 136 85.78 50.01 19.60
C LEU B 136 84.74 48.92 19.36
N PRO B 137 85.11 47.85 18.66
CA PRO B 137 84.15 46.78 18.37
C PRO B 137 83.91 45.90 19.60
N LEU B 138 82.88 45.06 19.48
CA LEU B 138 82.49 44.15 20.54
C LEU B 138 82.40 42.73 19.99
N PHE B 139 82.71 41.76 20.85
CA PHE B 139 82.88 40.38 20.39
C PHE B 139 81.54 39.70 20.12
N LEU B 140 80.52 40.00 20.92
CA LEU B 140 79.23 39.30 20.88
C LEU B 140 79.48 37.82 21.09
N ALA B 141 79.09 36.94 20.18
CA ALA B 141 79.14 35.50 20.40
C ALA B 141 79.84 34.81 19.23
N MET B 142 79.82 33.48 19.25
CA MET B 142 80.53 32.65 18.30
C MET B 142 79.57 31.65 17.66
N ILE B 143 79.85 31.28 16.42
CA ILE B 143 79.08 30.27 15.70
C ILE B 143 80.05 29.20 15.19
N LEU B 144 79.70 27.94 15.41
CA LEU B 144 80.52 26.80 15.02
C LEU B 144 79.76 25.93 14.03
N PRO B 145 80.47 25.15 13.22
CA PRO B 145 79.78 24.27 12.26
C PRO B 145 78.86 23.28 12.96
N VAL B 146 77.70 23.04 12.34
CA VAL B 146 76.72 22.12 12.91
C VAL B 146 77.17 20.68 12.68
N GLN B 147 76.49 19.76 13.38
CA GLN B 147 76.78 18.35 13.22
C GLN B 147 76.16 17.82 11.92
N LEU B 148 76.59 16.63 11.52
CA LEU B 148 76.13 15.99 10.30
C LEU B 148 75.65 14.59 10.59
N GLY B 149 74.72 14.11 9.77
CA GLY B 149 74.21 12.76 9.95
C GLY B 149 73.11 12.47 8.95
N ALA B 150 72.58 11.24 9.05
CA ALA B 150 71.50 10.80 8.20
C ALA B 150 70.84 9.60 8.86
N ALA B 151 69.68 9.20 8.32
CA ALA B 151 68.93 8.05 8.80
C ALA B 151 68.67 7.12 7.62
N THR B 152 69.63 6.23 7.35
CA THR B 152 69.52 5.30 6.23
C THR B 152 69.81 3.87 6.64
N ALA B 153 69.83 3.58 7.94
CA ALA B 153 70.19 2.25 8.42
C ALA B 153 69.01 1.28 8.42
N ASP B 154 67.79 1.75 8.17
CA ASP B 154 66.64 0.86 8.24
C ASP B 154 66.70 -0.23 7.17
N ALA B 155 67.10 0.14 5.96
CA ALA B 155 67.11 -0.80 4.85
C ALA B 155 68.25 -1.82 4.93
N CYS B 156 69.20 -1.63 5.84
CA CYS B 156 70.38 -2.47 5.88
C CYS B 156 70.24 -3.59 6.89
N THR B 157 70.94 -4.69 6.63
CA THR B 157 71.07 -5.80 7.57
C THR B 157 72.53 -5.93 7.97
N PHE B 158 72.76 -6.22 9.25
CA PHE B 158 74.10 -6.28 9.80
C PHE B 158 74.57 -7.72 9.88
N ILE B 159 75.70 -8.01 9.25
CA ILE B 159 76.27 -9.36 9.22
C ILE B 159 77.73 -9.29 9.64
N PRO B 160 78.14 -10.06 10.64
CA PRO B 160 79.54 -10.01 11.07
C PRO B 160 80.49 -10.49 9.98
N VAL B 161 81.61 -9.79 9.86
CA VAL B 161 82.66 -10.13 8.89
C VAL B 161 83.98 -10.20 9.63
N THR B 162 84.70 -11.30 9.46
CA THR B 162 86.00 -11.49 10.09
C THR B 162 87.11 -11.83 9.13
N ARG B 163 86.82 -12.39 7.96
CA ARG B 163 87.84 -12.75 6.98
C ARG B 163 87.52 -12.06 5.67
N ASP B 164 88.39 -12.28 4.68
CA ASP B 164 88.24 -11.62 3.40
C ASP B 164 87.05 -12.17 2.62
N GLN B 165 86.83 -13.48 2.65
CA GLN B 165 85.80 -14.11 1.86
C GLN B 165 84.88 -14.95 2.72
N SER B 166 83.61 -15.01 2.31
CA SER B 166 82.62 -15.88 2.92
C SER B 166 81.81 -16.53 1.80
N ASP B 167 81.30 -17.72 2.06
CA ASP B 167 80.64 -18.51 1.03
C ASP B 167 79.26 -18.97 1.50
N ILE B 168 78.32 -19.01 0.57
CA ILE B 168 76.95 -19.43 0.83
C ILE B 168 76.56 -20.45 -0.23
N TYR B 169 75.87 -21.51 0.19
CA TYR B 169 75.44 -22.57 -0.70
C TYR B 169 73.95 -22.80 -0.54
N GLU B 170 73.34 -23.41 -1.55
CA GLU B 170 71.92 -23.73 -1.52
C GLU B 170 71.67 -24.95 -2.40
N VAL B 171 70.48 -25.55 -2.21
CA VAL B 171 70.08 -26.74 -2.93
C VAL B 171 68.77 -26.45 -3.65
N PHE B 172 68.62 -27.01 -4.85
CA PHE B 172 67.43 -26.81 -5.67
C PHE B 172 66.83 -28.15 -6.04
N ASN B 173 65.50 -28.17 -6.17
CA ASN B 173 64.80 -29.36 -6.64
C ASN B 173 64.83 -29.41 -8.16
N VAL B 174 65.30 -30.53 -8.70
CA VAL B 174 65.49 -30.68 -10.14
C VAL B 174 64.80 -31.96 -10.59
N ALA B 175 63.99 -31.87 -11.64
CA ALA B 175 63.36 -33.03 -12.25
C ALA B 175 64.42 -33.77 -13.07
N GLY B 176 64.88 -34.91 -12.57
CA GLY B 176 65.95 -35.63 -13.24
C GLY B 176 65.54 -36.19 -14.59
N SER B 177 64.34 -36.77 -14.67
CA SER B 177 63.90 -37.46 -15.87
C SER B 177 63.23 -36.49 -16.84
N SER B 178 63.59 -36.60 -18.12
CA SER B 178 62.99 -35.79 -19.17
C SER B 178 61.71 -36.48 -19.64
N PHE B 179 60.62 -36.19 -18.93
CA PHE B 179 59.34 -36.82 -19.19
C PHE B 179 58.23 -35.79 -19.06
N GLY B 180 57.13 -36.04 -19.77
CA GLY B 180 55.98 -35.15 -19.69
C GLY B 180 56.33 -33.73 -20.14
N SER B 181 55.77 -32.76 -19.41
CA SER B 181 56.02 -31.37 -19.74
C SER B 181 57.48 -31.00 -19.52
N TYR B 182 58.06 -31.44 -18.41
CA TYR B 182 59.40 -31.00 -18.05
C TYR B 182 60.47 -31.78 -18.81
N ALA B 183 61.67 -31.24 -18.79
CA ALA B 183 62.86 -31.89 -19.33
C ALA B 183 63.87 -32.07 -18.21
N ALA B 184 64.96 -32.76 -18.50
CA ALA B 184 66.00 -32.97 -17.51
C ALA B 184 66.63 -31.63 -17.13
N GLY B 185 66.93 -31.47 -15.84
CA GLY B 185 67.53 -30.25 -15.35
C GLY B 185 66.57 -29.14 -15.00
N ASP B 186 65.27 -29.34 -15.22
CA ASP B 186 64.30 -28.30 -14.91
C ASP B 186 64.15 -28.14 -13.39
N VAL B 187 63.88 -26.92 -12.96
CA VAL B 187 63.71 -26.62 -11.55
C VAL B 187 62.23 -26.73 -11.21
N LEU B 188 61.95 -27.24 -10.01
CA LEU B 188 60.59 -27.35 -9.50
C LEU B 188 60.48 -26.47 -8.26
N ASP B 189 59.43 -25.66 -8.19
CA ASP B 189 59.29 -24.70 -7.11
C ASP B 189 57.81 -24.61 -6.72
N MET B 190 57.50 -23.58 -5.93
CA MET B 190 56.14 -23.35 -5.47
C MET B 190 55.18 -23.06 -6.60
N GLN B 191 55.66 -22.51 -7.72
CA GLN B 191 54.81 -22.07 -8.82
C GLN B 191 54.91 -22.99 -10.03
N SER B 192 55.57 -24.13 -9.89
CA SER B 192 55.75 -25.04 -11.01
C SER B 192 54.43 -25.70 -11.36
N VAL B 193 54.06 -25.65 -12.64
CA VAL B 193 52.83 -26.23 -13.15
C VAL B 193 53.17 -27.09 -14.37
N GLY B 194 52.73 -28.33 -14.36
CA GLY B 194 52.97 -29.23 -15.48
C GLY B 194 52.59 -30.63 -15.12
N VAL B 195 52.48 -31.47 -16.14
CA VAL B 195 52.12 -32.86 -15.95
C VAL B 195 53.39 -33.68 -15.70
N TYR B 196 53.35 -34.52 -14.68
CA TYR B 196 54.49 -35.30 -14.23
C TYR B 196 53.98 -36.32 -13.24
N SER B 197 54.54 -37.52 -13.29
CA SER B 197 54.18 -38.60 -12.38
C SER B 197 52.71 -38.98 -12.48
N GLN B 198 52.00 -38.46 -13.46
CA GLN B 198 50.59 -38.77 -13.69
C GLN B 198 50.46 -39.45 -15.04
N LEU B 199 49.49 -40.36 -15.14
CA LEU B 199 49.39 -41.19 -16.34
C LEU B 199 48.27 -40.75 -17.28
N ARG B 200 47.16 -40.24 -16.77
CA ARG B 200 46.07 -39.81 -17.62
C ARG B 200 46.34 -38.40 -18.11
N ARG B 201 46.46 -38.23 -19.42
CA ARG B 201 46.85 -36.97 -20.01
C ARG B 201 45.96 -36.67 -21.22
N ARG B 202 45.88 -35.39 -21.57
CA ARG B 202 45.13 -34.96 -22.73
C ARG B 202 46.06 -34.25 -23.70
N TYR B 203 45.82 -34.45 -24.99
CA TYR B 203 46.63 -33.84 -26.03
C TYR B 203 45.72 -33.19 -27.07
N VAL B 204 46.21 -32.12 -27.68
CA VAL B 204 45.49 -31.43 -28.72
C VAL B 204 45.93 -31.98 -30.07
N LEU B 205 45.00 -32.55 -30.81
CA LEU B 205 45.32 -33.18 -32.08
C LEU B 205 45.32 -32.18 -33.23
N VAL B 206 44.21 -31.46 -33.41
CA VAL B 206 44.09 -30.46 -34.46
C VAL B 206 43.72 -29.14 -33.80
N ALA B 207 44.56 -28.12 -33.98
CA ALA B 207 44.28 -26.81 -33.39
C ALA B 207 43.05 -26.18 -34.04
N SER B 208 43.02 -26.14 -35.37
CA SER B 208 41.91 -25.56 -36.10
C SER B 208 41.81 -26.23 -37.46
N SER B 209 40.64 -26.77 -37.77
CA SER B 209 40.47 -27.54 -38.98
C SER B 209 40.65 -26.67 -40.22
N ASP B 210 41.07 -27.30 -41.31
CA ASP B 210 41.11 -26.64 -42.61
C ASP B 210 39.76 -26.69 -43.32
N GLY B 211 38.83 -27.50 -42.82
CA GLY B 211 37.52 -27.63 -43.43
C GLY B 211 37.47 -28.54 -44.64
N THR B 212 38.58 -29.22 -44.97
CA THR B 212 38.62 -30.06 -46.16
C THR B 212 39.25 -31.42 -45.93
N SER B 213 39.70 -31.73 -44.72
CA SER B 213 40.37 -33.00 -44.44
C SER B 213 39.43 -33.91 -43.67
N LYS B 214 39.25 -35.13 -44.17
CA LYS B 214 38.37 -36.11 -43.56
C LYS B 214 39.10 -37.11 -42.68
N THR B 215 40.42 -36.99 -42.53
CA THR B 215 41.20 -37.95 -41.78
C THR B 215 42.15 -37.22 -40.83
N ALA B 216 42.34 -37.81 -39.66
CA ALA B 216 43.29 -37.31 -38.68
C ALA B 216 43.87 -38.48 -37.92
N THR B 217 45.19 -38.48 -37.74
CA THR B 217 45.89 -39.57 -37.10
C THR B 217 46.67 -39.04 -35.90
N PHE B 218 46.61 -39.79 -34.80
CA PHE B 218 47.33 -39.44 -33.57
C PHE B 218 48.38 -40.49 -33.30
N LYS B 219 49.62 -40.06 -33.08
CA LYS B 219 50.72 -40.94 -32.78
C LYS B 219 51.41 -40.45 -31.51
N MET B 220 51.65 -41.36 -30.57
CA MET B 220 52.38 -40.99 -29.37
C MET B 220 53.82 -40.64 -29.68
N GLU B 221 54.33 -41.07 -30.84
CA GLU B 221 55.66 -40.66 -31.27
C GLU B 221 55.75 -39.16 -31.50
N ASP B 222 54.61 -38.48 -31.65
CA ASP B 222 54.62 -37.06 -31.93
C ASP B 222 54.80 -36.25 -30.65
N PHE B 223 53.92 -36.47 -29.66
CA PHE B 223 53.98 -35.72 -28.42
C PHE B 223 54.90 -36.35 -27.38
N GLU B 224 55.43 -37.54 -27.67
CA GLU B 224 56.39 -38.19 -26.79
C GLU B 224 57.54 -38.71 -27.63
N GLY B 225 58.67 -38.96 -26.96
CA GLY B 225 59.88 -39.35 -27.68
C GLY B 225 59.72 -40.65 -28.44
N GLN B 226 59.09 -41.65 -27.83
CA GLN B 226 59.00 -42.98 -28.41
C GLN B 226 57.61 -43.55 -28.18
N ASN B 227 57.39 -44.75 -28.71
CA ASN B 227 56.10 -45.41 -28.57
C ASN B 227 55.82 -45.75 -27.12
N VAL B 228 54.56 -45.57 -26.71
CA VAL B 228 54.15 -45.85 -25.33
C VAL B 228 52.86 -46.67 -25.35
N PRO B 229 52.78 -47.76 -24.59
CA PRO B 229 51.54 -48.53 -24.55
C PRO B 229 50.41 -47.73 -23.94
N ILE B 230 49.19 -48.06 -24.36
CA ILE B 230 47.99 -47.36 -23.92
C ILE B 230 47.00 -48.38 -23.36
N ARG B 231 46.46 -48.09 -22.19
CA ARG B 231 45.48 -48.97 -21.58
C ARG B 231 44.19 -49.00 -22.39
N LYS B 232 43.54 -50.15 -22.37
CA LYS B 232 42.30 -50.36 -23.11
C LYS B 232 41.12 -49.85 -22.31
N GLY B 233 40.03 -49.52 -23.02
CA GLY B 233 38.82 -49.08 -22.37
C GLY B 233 38.96 -47.82 -21.55
N ARG B 234 39.96 -46.99 -21.85
CA ARG B 234 40.22 -45.79 -21.06
C ARG B 234 40.56 -44.60 -21.95
N THR B 235 40.00 -44.55 -23.15
CA THR B 235 40.29 -43.48 -24.10
C THR B 235 39.03 -42.71 -24.44
N ASN B 236 39.22 -41.46 -24.87
CA ASN B 236 38.09 -40.58 -25.13
C ASN B 236 38.50 -39.53 -26.16
N ILE B 237 37.50 -38.88 -26.73
CA ILE B 237 37.69 -37.89 -27.79
C ILE B 237 36.94 -36.62 -27.39
N TYR B 238 37.58 -35.48 -27.57
CA TYR B 238 36.97 -34.17 -27.31
C TYR B 238 36.82 -33.42 -28.63
N VAL B 239 35.60 -32.98 -28.91
CA VAL B 239 35.33 -32.10 -30.05
C VAL B 239 34.73 -30.82 -29.50
N ASN B 240 35.40 -29.69 -29.74
CA ASN B 240 35.02 -28.41 -29.16
C ASN B 240 34.83 -28.52 -27.66
N ARG B 241 35.78 -29.20 -27.00
CA ARG B 241 35.77 -29.41 -25.57
C ARG B 241 34.46 -30.06 -25.10
N ILE B 242 33.98 -31.02 -25.90
CA ILE B 242 32.85 -31.86 -25.52
C ILE B 242 33.26 -33.30 -25.76
N LYS B 243 33.22 -34.11 -24.70
CA LYS B 243 33.78 -35.45 -24.78
C LYS B 243 32.75 -36.46 -25.21
N SER B 244 33.24 -37.62 -25.63
CA SER B 244 32.43 -38.74 -26.10
C SER B 244 32.58 -39.92 -25.15
N VAL B 245 31.81 -40.97 -25.43
CA VAL B 245 31.88 -42.18 -24.62
C VAL B 245 33.24 -42.86 -24.81
N VAL B 246 33.55 -43.77 -23.89
CA VAL B 246 34.80 -44.51 -23.99
C VAL B 246 34.73 -45.47 -25.18
N ASP B 247 35.90 -45.92 -25.61
CA ASP B 247 35.97 -46.79 -26.77
C ASP B 247 35.45 -48.19 -26.44
N ASN B 248 35.15 -48.94 -27.48
CA ASN B 248 34.93 -50.37 -27.32
C ASN B 248 36.21 -51.02 -26.79
N GLY B 249 36.04 -52.17 -26.15
CA GLY B 249 37.19 -52.85 -25.59
C GLY B 249 38.21 -53.25 -26.63
N SER B 250 37.75 -53.87 -27.71
CA SER B 250 38.68 -54.45 -28.68
C SER B 250 39.51 -53.40 -29.41
N GLY B 251 38.90 -52.65 -30.32
CA GLY B 251 39.68 -51.68 -31.07
C GLY B 251 38.97 -50.43 -31.58
N SER B 252 37.71 -50.23 -31.23
CA SER B 252 36.87 -49.28 -31.94
C SER B 252 36.27 -48.24 -31.02
N LEU B 253 36.01 -47.06 -31.58
CA LEU B 253 35.31 -45.99 -30.89
C LEU B 253 34.36 -45.32 -31.87
N LEU B 254 33.10 -45.17 -31.47
CA LEU B 254 32.07 -44.57 -32.30
C LEU B 254 31.57 -43.28 -31.67
N HIS B 255 31.46 -42.23 -32.46
CA HIS B 255 30.99 -40.96 -31.96
C HIS B 255 30.37 -40.16 -33.10
N SER B 256 29.38 -39.34 -32.77
CA SER B 256 28.72 -38.48 -33.73
C SER B 256 28.44 -37.13 -33.08
N PHE B 257 28.54 -36.07 -33.87
CA PHE B 257 28.30 -34.72 -33.39
C PHE B 257 27.50 -33.95 -34.42
N THR B 258 26.77 -32.95 -33.95
CA THR B 258 25.89 -32.16 -34.80
C THR B 258 26.69 -31.06 -35.50
N ASN B 259 26.45 -30.90 -36.80
CA ASN B 259 27.09 -29.85 -37.57
C ASN B 259 26.54 -28.49 -37.19
N ALA B 260 27.34 -27.46 -37.44
CA ALA B 260 26.88 -26.09 -37.19
C ALA B 260 25.69 -25.74 -38.07
N ALA B 261 25.69 -26.20 -39.32
CA ALA B 261 24.57 -25.97 -40.21
C ALA B 261 23.33 -26.74 -39.78
N GLY B 262 23.49 -27.74 -38.92
CA GLY B 262 22.38 -28.57 -38.47
C GLY B 262 22.47 -30.02 -38.88
N GLU B 263 23.48 -30.39 -39.66
CA GLU B 263 23.62 -31.76 -40.12
C GLU B 263 24.20 -32.63 -39.00
N GLN B 264 24.41 -33.90 -39.32
CA GLN B 264 25.01 -34.86 -38.41
C GLN B 264 26.27 -35.41 -39.04
N ILE B 265 27.33 -35.52 -38.24
CA ILE B 265 28.62 -36.03 -38.71
C ILE B 265 29.03 -37.17 -37.78
N THR B 266 29.44 -38.29 -38.37
CA THR B 266 29.85 -39.47 -37.63
C THR B 266 31.36 -39.62 -37.69
N VAL B 267 31.94 -40.09 -36.59
CA VAL B 267 33.38 -40.29 -36.46
C VAL B 267 33.64 -41.73 -36.03
N THR B 268 34.56 -42.40 -36.72
CA THR B 268 34.99 -43.74 -36.36
C THR B 268 36.48 -43.71 -36.05
N CYS B 269 36.88 -44.53 -35.09
CA CYS B 269 38.26 -44.54 -34.62
C CYS B 269 38.78 -45.97 -34.54
N SER B 270 40.00 -46.16 -35.06
CA SER B 270 40.72 -47.42 -34.94
C SER B 270 41.95 -47.21 -34.08
N LEU B 271 42.20 -48.15 -33.17
CA LEU B 271 43.21 -47.97 -32.14
C LEU B 271 44.25 -49.08 -32.21
N ASN B 272 45.44 -48.77 -31.70
CA ASN B 272 46.53 -49.74 -31.56
C ASN B 272 47.12 -49.54 -30.16
N TYR B 273 46.77 -50.44 -29.24
CA TYR B 273 47.16 -50.27 -27.85
C TYR B 273 48.66 -50.44 -27.64
N ASN B 274 49.32 -51.22 -28.50
CA ASN B 274 50.74 -51.50 -28.29
C ASN B 274 51.59 -50.25 -28.47
N ILE B 275 51.33 -49.48 -29.52
CA ILE B 275 52.16 -48.32 -29.84
C ILE B 275 51.39 -47.01 -29.73
N GLY B 276 50.14 -47.04 -29.28
CA GLY B 276 49.39 -45.82 -29.05
C GLY B 276 49.13 -45.00 -30.29
N GLN B 277 48.68 -45.65 -31.36
CA GLN B 277 48.31 -44.98 -32.59
C GLN B 277 46.79 -45.02 -32.74
N ILE B 278 46.19 -43.88 -33.00
CA ILE B 278 44.75 -43.76 -33.18
C ILE B 278 44.48 -43.04 -34.49
N ALA B 279 43.66 -43.67 -35.34
CA ALA B 279 43.30 -43.10 -36.63
C ALA B 279 41.83 -42.71 -36.62
N LEU B 280 41.54 -41.52 -37.13
CA LEU B 280 40.19 -40.98 -37.14
C LEU B 280 39.71 -40.83 -38.59
N SER B 281 38.44 -41.09 -38.81
CA SER B 281 37.81 -40.92 -40.11
C SER B 281 36.46 -40.25 -39.92
N PHE B 282 36.17 -39.26 -40.75
CA PHE B 282 34.92 -38.52 -40.67
C PHE B 282 33.99 -38.93 -41.80
N SER B 283 32.69 -38.88 -41.52
CA SER B 283 31.70 -39.04 -42.58
C SER B 283 31.82 -37.92 -43.60
N LYS B 284 32.04 -36.70 -43.13
CA LYS B 284 32.28 -35.56 -44.01
C LYS B 284 33.24 -34.62 -43.30
N ALA B 285 33.90 -33.78 -44.09
CA ALA B 285 34.88 -32.88 -43.53
C ALA B 285 34.21 -31.91 -42.56
N PRO B 286 34.77 -31.71 -41.36
CA PRO B 286 34.14 -30.81 -40.40
C PRO B 286 34.25 -29.35 -40.82
N ASP B 287 33.72 -28.45 -39.98
CA ASP B 287 33.67 -27.04 -40.33
C ASP B 287 35.06 -26.42 -40.25
N LYS B 288 35.13 -25.13 -40.58
CA LYS B 288 36.41 -24.43 -40.60
C LYS B 288 37.00 -24.31 -39.19
N GLY B 289 36.18 -23.96 -38.22
CA GLY B 289 36.67 -23.81 -36.86
C GLY B 289 36.32 -24.98 -35.96
N THR B 290 37.28 -25.87 -35.74
CA THR B 290 37.06 -27.03 -34.88
C THR B 290 38.41 -27.48 -34.34
N GLU B 291 38.42 -27.92 -33.08
CA GLU B 291 39.60 -28.49 -32.46
C GLU B 291 39.30 -29.90 -31.98
N ILE B 292 40.33 -30.75 -32.00
CA ILE B 292 40.21 -32.15 -31.63
C ILE B 292 41.19 -32.43 -30.50
N ALA B 293 40.71 -33.12 -29.46
CA ALA B 293 41.54 -33.49 -28.33
C ALA B 293 41.31 -34.95 -27.97
N ILE B 294 42.34 -35.58 -27.44
CA ILE B 294 42.31 -36.99 -27.10
C ILE B 294 42.76 -37.16 -25.65
N GLU B 295 42.03 -37.96 -24.89
CA GLU B 295 42.32 -38.23 -23.49
C GLU B 295 42.57 -39.72 -23.32
N THR B 296 43.75 -40.07 -22.83
CA THR B 296 44.12 -41.46 -22.58
C THR B 296 44.94 -41.52 -21.30
N GLU B 297 45.27 -42.74 -20.87
CA GLU B 297 46.20 -42.96 -19.78
C GLU B 297 47.23 -43.99 -20.18
N ILE B 298 48.43 -43.86 -19.64
CA ILE B 298 49.56 -44.70 -20.04
C ILE B 298 49.50 -46.00 -19.26
N ASN B 299 49.77 -47.11 -19.96
CA ASN B 299 49.84 -48.43 -19.32
C ASN B 299 51.24 -48.60 -18.76
N ILE B 300 51.41 -48.17 -17.51
CA ILE B 300 52.72 -48.28 -16.87
C ILE B 300 53.07 -49.74 -16.60
N GLU B 301 52.07 -50.61 -16.50
CA GLU B 301 52.34 -52.03 -16.24
C GLU B 301 53.13 -52.65 -17.39
N ALA B 302 52.76 -52.32 -18.62
CA ALA B 302 53.46 -52.89 -19.77
C ALA B 302 54.92 -52.45 -19.81
N ALA B 303 55.19 -51.19 -19.51
CA ALA B 303 56.54 -50.65 -19.55
C ALA B 303 56.96 -50.21 -18.15
N PRO B 304 57.73 -51.03 -17.43
CA PRO B 304 58.18 -50.62 -16.08
C PRO B 304 59.09 -49.41 -16.09
N GLU B 305 59.72 -49.11 -17.22
CA GLU B 305 60.62 -47.97 -17.31
C GLU B 305 59.79 -46.68 -17.48
N LEU B 306 60.46 -45.59 -17.84
CA LEU B 306 59.83 -44.28 -18.03
C LEU B 306 59.25 -43.74 -16.72
N ILE B 307 59.78 -44.18 -15.59
CA ILE B 307 59.33 -43.66 -14.31
C ILE B 307 60.15 -42.41 -14.01
N PRO B 308 59.50 -41.27 -13.77
CA PRO B 308 60.24 -40.02 -13.55
C PRO B 308 61.05 -40.05 -12.26
N LEU B 309 62.09 -39.21 -12.25
CA LEU B 309 63.04 -39.16 -11.14
C LEU B 309 63.26 -37.71 -10.72
N ILE B 310 63.92 -37.54 -9.59
CA ILE B 310 64.19 -36.23 -9.00
C ILE B 310 65.64 -36.17 -8.55
N ASN B 311 66.29 -35.02 -8.76
CA ASN B 311 67.68 -34.84 -8.38
C ASN B 311 67.82 -33.48 -7.70
N HIS B 312 69.06 -33.04 -7.49
CA HIS B 312 69.33 -31.78 -6.81
C HIS B 312 70.61 -31.17 -7.36
N GLU B 313 70.80 -29.88 -7.08
CA GLU B 313 71.95 -29.13 -7.53
C GLU B 313 72.40 -28.17 -6.42
N MET B 314 73.64 -27.68 -6.54
CA MET B 314 74.20 -26.76 -5.57
C MET B 314 74.89 -25.60 -6.28
N LYS B 315 74.88 -24.43 -5.63
CA LYS B 315 75.49 -23.21 -6.13
C LYS B 315 76.48 -22.68 -5.10
N LYS B 316 76.98 -21.47 -5.35
CA LYS B 316 77.87 -20.82 -4.40
C LYS B 316 77.88 -19.31 -4.65
N TYR B 317 78.22 -18.56 -3.62
CA TYR B 317 78.32 -17.10 -3.69
C TYR B 317 79.42 -16.64 -2.75
N THR B 318 79.97 -15.46 -3.02
CA THR B 318 81.10 -14.93 -2.27
C THR B 318 80.85 -13.49 -1.86
N LEU B 319 81.73 -12.99 -0.99
CA LEU B 319 81.65 -11.62 -0.49
C LEU B 319 83.04 -11.16 -0.11
N PHE B 320 83.22 -9.83 -0.03
CA PHE B 320 84.46 -9.23 0.44
C PHE B 320 84.26 -7.75 0.76
N PRO B 321 84.95 -7.23 1.78
CA PRO B 321 84.76 -5.83 2.16
C PRO B 321 85.68 -4.86 1.42
N SER B 322 85.59 -3.57 1.79
CA SER B 322 86.43 -2.54 1.20
C SER B 322 87.04 -1.67 2.30
N GLN B 323 87.73 -0.59 1.92
CA GLN B 323 88.47 0.25 2.86
C GLN B 323 88.13 1.71 2.67
N PHE B 324 88.66 2.55 3.56
CA PHE B 324 88.45 3.98 3.52
C PHE B 324 89.57 4.68 4.29
N VAL B 325 90.04 5.81 3.78
CA VAL B 325 91.13 6.56 4.40
C VAL B 325 90.77 8.05 4.39
N ILE B 326 91.20 8.75 5.43
CA ILE B 326 91.05 10.20 5.51
C ILE B 326 92.13 10.73 6.45
N ALA B 327 92.42 12.03 6.34
CA ALA B 327 93.44 12.65 7.18
C ALA B 327 93.21 14.15 7.24
N ALA B 328 93.81 14.77 8.25
CA ALA B 328 93.70 16.22 8.46
C ALA B 328 95.08 16.79 8.77
N GLU B 329 95.23 18.08 8.50
CA GLU B 329 96.53 18.74 8.58
C GLU B 329 96.38 20.06 9.31
N HIS B 330 97.41 20.43 10.07
CA HIS B 330 97.45 21.74 10.71
C HIS B 330 98.89 22.10 11.04
N THR B 331 99.13 23.39 11.25
CA THR B 331 100.46 23.91 11.53
C THR B 331 100.52 24.48 12.94
N VAL B 332 101.75 24.54 13.48
CA VAL B 332 101.95 24.96 14.85
C VAL B 332 101.64 26.44 15.02
N GLN B 333 102.12 27.28 14.10
CA GLN B 333 101.96 28.71 14.24
C GLN B 333 100.48 29.10 14.20
N ALA B 334 99.72 28.51 13.28
CA ALA B 334 98.29 28.80 13.21
C ALA B 334 97.58 28.37 14.48
N ALA B 335 97.94 27.20 15.00
CA ALA B 335 97.33 26.71 16.24
C ALA B 335 97.61 27.66 17.40
N TYR B 336 98.85 28.11 17.52
CA TYR B 336 99.19 29.04 18.59
C TYR B 336 98.46 30.37 18.44
N GLU B 337 98.38 30.88 17.20
CA GLU B 337 97.66 32.13 16.98
C GLU B 337 96.19 31.99 17.34
N ALA B 338 95.56 30.88 16.94
CA ALA B 338 94.16 30.65 17.27
C ALA B 338 93.97 30.53 18.77
N GLN B 339 94.87 29.82 19.45
CA GLN B 339 94.75 29.70 20.90
C GLN B 339 94.90 31.05 21.59
N ARG B 340 95.83 31.88 21.12
CA ARG B 340 96.00 33.20 21.72
C ARG B 340 94.79 34.07 21.49
N GLU B 341 94.23 34.06 20.27
CA GLU B 341 93.21 35.04 19.94
C GLU B 341 91.81 34.60 20.39
N PHE B 342 91.43 33.36 20.07
CA PHE B 342 90.09 32.87 20.39
C PHE B 342 90.07 31.75 21.41
N GLY B 343 91.22 31.21 21.80
CA GLY B 343 91.26 30.20 22.84
C GLY B 343 90.56 28.90 22.49
N LEU B 344 90.82 28.37 21.30
CA LEU B 344 90.22 27.12 20.86
C LEU B 344 91.31 26.09 20.55
N ASP B 345 90.99 24.83 20.82
CA ASP B 345 91.88 23.72 20.52
C ASP B 345 91.56 23.21 19.11
N LEU B 346 92.52 23.33 18.20
CA LEU B 346 92.28 22.98 16.81
C LEU B 346 92.32 21.48 16.58
N GLY B 347 93.18 20.75 17.31
CA GLY B 347 93.30 19.33 17.09
C GLY B 347 92.03 18.57 17.37
N SER B 348 91.35 18.93 18.47
CA SER B 348 90.06 18.31 18.77
C SER B 348 89.04 18.64 17.68
N LEU B 349 89.08 19.87 17.17
CA LEU B 349 88.21 20.24 16.06
C LEU B 349 88.41 19.30 14.87
N GLN B 350 89.67 19.11 14.45
CA GLN B 350 89.94 18.22 13.33
C GLN B 350 89.49 16.80 13.62
N PHE B 351 89.78 16.33 14.84
CA PHE B 351 89.44 14.95 15.20
C PHE B 351 87.94 14.70 15.09
N ARG B 352 87.15 15.57 15.74
CA ARG B 352 85.70 15.40 15.71
C ARG B 352 85.14 15.60 14.31
N THR B 353 85.73 16.51 13.53
CA THR B 353 85.28 16.70 12.15
C THR B 353 85.48 15.43 11.34
N LEU B 354 86.64 14.79 11.48
CA LEU B 354 86.89 13.54 10.78
C LEU B 354 85.89 12.47 11.21
N LYS B 355 85.66 12.36 12.52
CA LYS B 355 84.73 11.34 13.01
C LYS B 355 83.35 11.53 12.43
N GLU B 356 82.84 12.76 12.42
CA GLU B 356 81.51 13.00 11.87
C GLU B 356 81.47 12.73 10.37
N TYR B 357 82.49 13.19 9.64
CA TYR B 357 82.46 13.08 8.19
C TYR B 357 82.53 11.63 7.74
N LEU B 358 83.23 10.77 8.48
CA LEU B 358 83.27 9.36 8.12
C LEU B 358 81.87 8.77 8.06
N SER B 359 81.09 8.94 9.13
CA SER B 359 79.73 8.40 9.16
C SER B 359 78.87 9.06 8.09
N HIS B 360 79.01 10.37 7.90
CA HIS B 360 78.21 11.05 6.89
C HIS B 360 78.46 10.45 5.51
N GLU B 361 79.72 10.27 5.14
CA GLU B 361 80.03 9.73 3.82
C GLU B 361 79.59 8.28 3.71
N GLN B 362 79.67 7.51 4.80
CA GLN B 362 79.21 6.13 4.74
C GLN B 362 77.71 6.06 4.45
N ASP B 363 76.93 6.90 5.13
CA ASP B 363 75.49 6.91 4.88
C ASP B 363 75.18 7.34 3.45
N MET B 364 75.88 8.38 2.97
CA MET B 364 75.68 8.81 1.59
C MET B 364 76.00 7.69 0.61
N LEU B 365 77.08 6.96 0.86
CA LEU B 365 77.46 5.85 -0.01
C LEU B 365 76.38 4.77 -0.02
N ARG B 366 75.84 4.44 1.15
CA ARG B 366 74.76 3.46 1.21
C ARG B 366 73.59 3.89 0.36
N LEU B 367 73.14 5.14 0.54
CA LEU B 367 71.99 5.62 -0.20
C LEU B 367 72.26 5.62 -1.71
N ARG B 368 73.46 6.04 -2.10
CA ARG B 368 73.79 6.09 -3.52
C ARG B 368 73.79 4.70 -4.14
N ILE B 369 74.36 3.72 -3.46
CA ILE B 369 74.38 2.35 -4.00
C ILE B 369 72.96 1.83 -4.14
N MET B 370 72.15 2.01 -3.10
CA MET B 370 70.78 1.50 -3.14
C MET B 370 69.98 2.15 -4.26
N ILE B 371 70.16 3.45 -4.46
CA ILE B 371 69.37 4.13 -5.48
C ILE B 371 69.88 3.83 -6.88
N TRP B 372 71.16 3.51 -7.02
CA TRP B 372 71.70 3.23 -8.34
C TRP B 372 71.36 1.82 -8.81
N ARG B 373 71.49 0.84 -7.93
CA ARG B 373 71.42 -0.55 -8.39
C ARG B 373 70.00 -1.03 -8.66
N THR B 374 68.97 -0.24 -8.33
CA THR B 374 67.60 -0.70 -8.51
C THR B 374 67.26 -0.81 -10.00
N LEU B 375 66.47 -1.83 -10.34
CA LEU B 375 66.12 -2.11 -11.73
C LEU B 375 64.63 -2.13 -12.00
N ALA B 376 63.79 -2.04 -10.96
CA ALA B 376 62.35 -2.12 -11.12
C ALA B 376 61.75 -0.72 -11.16
N THR B 377 60.77 -0.53 -12.05
CA THR B 377 60.17 0.78 -12.26
C THR B 377 58.65 0.64 -12.29
N ASP B 378 57.98 1.73 -11.91
CA ASP B 378 56.53 1.80 -11.96
C ASP B 378 56.11 3.27 -11.93
N THR B 379 54.93 3.53 -12.48
CA THR B 379 54.42 4.89 -12.60
C THR B 379 53.00 4.96 -12.05
N PHE B 380 52.60 6.16 -11.64
CA PHE B 380 51.26 6.38 -11.11
C PHE B 380 51.00 7.87 -11.05
N ASP B 381 49.89 8.30 -11.64
CA ASP B 381 49.46 9.69 -11.54
C ASP B 381 48.71 9.89 -10.24
N ILE B 382 48.94 11.04 -9.61
CA ILE B 382 48.53 11.26 -8.23
C ILE B 382 47.56 12.41 -8.05
N ALA B 383 47.35 13.23 -9.08
CA ALA B 383 46.47 14.38 -8.95
C ALA B 383 45.07 13.97 -8.57
N LEU B 384 44.51 14.65 -7.57
CA LEU B 384 43.18 14.33 -7.08
C LEU B 384 42.12 14.77 -8.09
N PRO B 385 41.13 13.93 -8.39
CA PRO B 385 39.99 14.39 -9.17
C PRO B 385 39.27 15.52 -8.46
N VAL B 386 38.69 16.42 -9.26
CA VAL B 386 38.20 17.69 -8.72
C VAL B 386 37.08 17.46 -7.73
N ASN B 387 36.16 16.54 -8.03
CA ASN B 387 34.94 16.37 -7.25
C ASN B 387 34.96 15.12 -6.39
N GLN B 388 36.10 14.81 -5.78
CA GLN B 388 36.22 13.59 -4.98
C GLN B 388 36.82 13.92 -3.62
N SER B 389 36.37 13.19 -2.61
CA SER B 389 36.92 13.29 -1.27
C SER B 389 38.23 12.52 -1.17
N PHE B 390 38.92 12.70 -0.05
CA PHE B 390 40.21 12.05 0.12
C PHE B 390 40.09 10.58 0.48
N ASP B 391 38.91 10.12 0.91
CA ASP B 391 38.75 8.72 1.27
C ASP B 391 38.99 7.81 0.07
N VAL B 392 38.30 8.10 -1.04
CA VAL B 392 38.40 7.26 -2.22
C VAL B 392 39.82 7.28 -2.78
N TRP B 393 40.40 8.48 -2.87
CA TRP B 393 41.74 8.60 -3.43
C TRP B 393 42.77 7.90 -2.55
N ALA B 394 42.62 8.03 -1.24
CA ALA B 394 43.50 7.33 -0.32
C ALA B 394 43.37 5.81 -0.48
N THR B 395 42.13 5.34 -0.66
CA THR B 395 41.94 3.91 -0.88
C THR B 395 42.65 3.45 -2.14
N ILE B 396 42.55 4.24 -3.21
CA ILE B 396 43.20 3.88 -4.46
C ILE B 396 44.72 3.83 -4.30
N ILE B 397 45.28 4.83 -3.62
CA ILE B 397 46.72 4.86 -3.40
C ILE B 397 47.16 3.64 -2.58
N ARG B 398 46.40 3.33 -1.53
CA ARG B 398 46.67 2.15 -0.72
C ARG B 398 46.70 0.91 -1.59
N GLY B 399 45.71 0.75 -2.45
CA GLY B 399 45.68 -0.41 -3.32
C GLY B 399 46.89 -0.50 -4.22
N LYS B 400 47.27 0.62 -4.82
CA LYS B 400 48.42 0.62 -5.72
C LYS B 400 49.69 0.19 -4.99
N PHE B 401 49.93 0.76 -3.80
CA PHE B 401 51.14 0.41 -3.08
C PHE B 401 51.11 -1.03 -2.59
N GLN B 402 49.93 -1.53 -2.22
CA GLN B 402 49.80 -2.94 -1.86
C GLN B 402 50.15 -3.83 -3.04
N THR B 403 49.72 -3.46 -4.25
CA THR B 403 50.09 -4.23 -5.42
C THR B 403 51.60 -4.22 -5.63
N VAL B 404 52.22 -3.06 -5.45
CA VAL B 404 53.68 -2.98 -5.62
C VAL B 404 54.38 -3.93 -4.67
N TYR B 405 53.98 -3.91 -3.39
CA TYR B 405 54.61 -4.80 -2.42
C TYR B 405 54.29 -6.26 -2.70
N ARG B 406 53.10 -6.55 -3.25
CA ARG B 406 52.80 -7.91 -3.67
C ARG B 406 53.78 -8.38 -4.73
N ASP B 407 54.06 -7.53 -5.71
CA ASP B 407 55.01 -7.90 -6.76
C ASP B 407 56.40 -8.13 -6.18
N ILE B 408 56.82 -7.25 -5.26
CA ILE B 408 58.16 -7.42 -4.69
C ILE B 408 58.25 -8.72 -3.90
N ILE B 409 57.19 -9.08 -3.17
CA ILE B 409 57.20 -10.33 -2.42
C ILE B 409 57.22 -11.52 -3.36
N GLU B 410 56.42 -11.46 -4.44
CA GLU B 410 56.41 -12.54 -5.41
C GLU B 410 57.79 -12.76 -5.99
N ARG B 411 58.49 -11.69 -6.34
CA ARG B 411 59.82 -11.84 -6.92
C ARG B 411 60.79 -12.40 -5.89
N VAL B 412 60.82 -11.83 -4.69
CA VAL B 412 61.80 -12.24 -3.70
C VAL B 412 61.50 -13.64 -3.17
N LYS B 413 60.22 -13.95 -2.96
CA LYS B 413 59.78 -15.22 -2.37
C LYS B 413 60.25 -15.36 -0.93
N SER B 414 60.07 -14.30 -0.14
CA SER B 414 60.40 -14.33 1.27
C SER B 414 59.63 -13.22 1.98
N SER B 415 59.63 -13.28 3.31
CA SER B 415 58.92 -12.31 4.13
C SER B 415 59.88 -11.31 4.75
N GLY B 416 59.32 -10.24 5.30
CA GLY B 416 60.13 -9.24 5.96
C GLY B 416 59.36 -7.95 6.13
N ALA B 417 60.03 -7.00 6.78
CA ALA B 417 59.44 -5.68 7.00
C ALA B 417 59.41 -4.89 5.69
N MET B 418 58.51 -3.93 5.63
CA MET B 418 58.33 -3.09 4.45
C MET B 418 58.80 -1.68 4.75
N GLY B 419 59.71 -1.17 3.91
CA GLY B 419 60.26 0.15 4.10
C GLY B 419 59.92 1.05 2.93
N MET B 420 60.29 2.33 3.07
CA MET B 420 59.89 3.33 2.11
C MET B 420 60.90 4.48 2.12
N PHE B 421 61.24 4.96 0.93
CA PHE B 421 62.04 6.17 0.76
C PHE B 421 61.31 7.10 -0.19
N ALA B 422 61.15 8.36 0.21
CA ALA B 422 60.33 9.29 -0.54
C ALA B 422 61.00 10.66 -0.60
N GLY B 423 60.66 11.39 -1.66
CA GLY B 423 61.12 12.76 -1.81
C GLY B 423 60.27 13.75 -1.03
N ALA B 424 60.67 15.01 -1.08
CA ALA B 424 60.01 16.04 -0.29
C ALA B 424 58.56 16.22 -0.71
N ASP B 425 58.32 16.40 -2.00
CA ASP B 425 56.95 16.64 -2.46
C ASP B 425 56.07 15.42 -2.24
N ALA B 426 56.62 14.23 -2.51
CA ALA B 426 55.86 13.01 -2.25
C ALA B 426 55.54 12.87 -0.77
N ALA B 427 56.51 13.22 0.09
CA ALA B 427 56.26 13.17 1.53
C ALA B 427 55.16 14.14 1.93
N SER B 428 55.15 15.33 1.34
CA SER B 428 54.09 16.29 1.64
C SER B 428 52.74 15.75 1.21
N PHE B 429 52.67 15.16 0.01
CA PHE B 429 51.41 14.61 -0.46
C PHE B 429 50.94 13.50 0.47
N PHE B 430 51.86 12.66 0.93
CA PHE B 430 51.50 11.64 1.92
C PHE B 430 50.97 12.29 3.19
N LYS B 431 51.61 13.37 3.63
CA LYS B 431 51.11 14.11 4.80
C LYS B 431 49.70 14.62 4.58
N GLN B 432 49.32 14.88 3.32
CA GLN B 432 47.97 15.35 3.06
C GLN B 432 46.90 14.31 3.34
N LEU B 433 47.28 13.05 3.56
CA LEU B 433 46.30 11.98 3.74
C LEU B 433 45.57 12.11 5.07
N PRO B 434 44.39 11.51 5.18
CA PRO B 434 43.65 11.56 6.44
C PRO B 434 44.34 10.77 7.54
N LYS B 435 43.73 10.83 8.73
CA LYS B 435 44.36 10.29 9.92
C LYS B 435 44.51 8.77 9.84
N ASP B 436 43.47 8.07 9.39
CA ASP B 436 43.49 6.61 9.42
C ASP B 436 44.60 6.06 8.54
N PHE B 437 44.75 6.60 7.33
CA PHE B 437 45.69 6.04 6.37
C PHE B 437 47.14 6.38 6.76
N PHE B 438 47.39 7.62 7.17
CA PHE B 438 48.74 8.07 7.49
C PHE B 438 48.81 8.50 8.95
N GLN B 439 49.80 7.98 9.66
CA GLN B 439 50.00 8.31 11.07
C GLN B 439 51.34 8.99 11.24
N PRO B 440 51.37 10.30 11.52
CA PRO B 440 52.65 11.01 11.63
C PRO B 440 53.38 10.63 12.90
N ALA B 441 54.69 10.88 12.88
CA ALA B 441 55.50 10.72 14.09
C ALA B 441 55.15 11.81 15.10
N GLU B 442 55.19 11.43 16.38
CA GLU B 442 54.84 12.37 17.44
C GLU B 442 55.88 13.48 17.52
N ASP B 443 55.40 14.70 17.79
CA ASP B 443 56.25 15.88 17.92
C ASP B 443 57.15 16.07 16.70
N TYR B 444 56.55 15.93 15.52
CA TYR B 444 57.31 16.03 14.28
C TYR B 444 57.71 17.47 14.02
N ILE B 445 58.96 17.67 13.60
CA ILE B 445 59.46 18.97 13.18
C ILE B 445 60.22 18.80 11.87
N GLN B 446 60.25 19.88 11.09
CA GLN B 446 60.95 19.85 9.82
C GLN B 446 62.44 20.07 10.03
N THR B 447 63.26 19.21 9.43
CA THR B 447 64.70 19.32 9.50
C THR B 447 65.28 19.15 8.10
N PRO B 448 66.45 19.73 7.84
CA PRO B 448 67.13 19.47 6.56
C PRO B 448 67.79 18.10 6.48
N TYR B 449 67.60 17.25 7.48
CA TYR B 449 68.17 15.92 7.47
C TYR B 449 67.17 14.92 6.90
N VAL B 450 67.68 13.77 6.46
CA VAL B 450 66.82 12.66 6.09
C VAL B 450 66.36 11.99 7.38
N HIS B 451 65.06 12.01 7.62
CA HIS B 451 64.51 11.57 8.91
C HIS B 451 63.22 10.80 8.72
N TYR B 452 62.98 9.87 9.65
CA TYR B 452 61.70 9.18 9.70
C TYR B 452 60.59 10.15 10.11
N ILE B 453 59.44 10.04 9.46
CA ILE B 453 58.36 11.00 9.67
C ILE B 453 57.05 10.34 10.09
N GLY B 454 56.85 9.05 9.84
CA GLY B 454 55.62 8.42 10.24
C GLY B 454 55.46 7.05 9.60
N THR B 455 54.31 6.45 9.86
CA THR B 455 53.95 5.17 9.30
C THR B 455 52.58 5.26 8.64
N LEU B 456 52.46 4.67 7.46
CA LEU B 456 51.21 4.69 6.71
C LEU B 456 50.75 3.26 6.48
N PHE B 457 49.42 3.10 6.45
CA PHE B 457 48.77 1.80 6.35
C PHE B 457 49.11 0.93 7.56
N GLY B 458 49.73 1.54 8.58
CA GLY B 458 50.07 0.85 9.80
C GLY B 458 51.33 0.02 9.75
N ASN B 459 51.92 -0.19 8.57
CA ASN B 459 53.09 -1.04 8.45
C ASN B 459 54.31 -0.28 7.95
N VAL B 460 54.21 0.40 6.82
CA VAL B 460 55.37 0.91 6.12
C VAL B 460 55.86 2.20 6.78
N LYS B 461 57.16 2.28 7.01
CA LYS B 461 57.79 3.46 7.59
C LYS B 461 58.38 4.30 6.47
N VAL B 462 58.15 5.61 6.52
CA VAL B 462 58.52 6.52 5.44
C VAL B 462 59.58 7.49 5.94
N TYR B 463 60.62 7.67 5.13
CA TYR B 463 61.68 8.63 5.38
C TYR B 463 61.65 9.71 4.31
N GLU B 464 61.87 10.95 4.71
CA GLU B 464 61.80 12.09 3.82
C GLU B 464 63.20 12.51 3.38
N VAL B 465 63.36 12.79 2.09
CA VAL B 465 64.62 13.25 1.52
C VAL B 465 64.44 14.70 1.10
N PRO B 466 65.22 15.64 1.63
CA PRO B 466 65.09 17.04 1.20
C PRO B 466 65.41 17.21 -0.28
N ALA B 467 64.79 18.25 -0.86
CA ALA B 467 64.92 18.48 -2.28
C ALA B 467 66.35 18.78 -2.68
N GLY B 468 67.09 19.51 -1.84
CA GLY B 468 68.47 19.83 -2.16
C GLY B 468 69.32 18.60 -2.37
N ILE B 469 69.08 17.56 -1.55
CA ILE B 469 69.81 16.30 -1.72
C ILE B 469 69.47 15.69 -3.08
N CYS B 470 68.21 15.76 -3.49
CA CYS B 470 67.83 15.24 -4.80
C CYS B 470 68.53 15.98 -5.92
N LYS B 471 68.60 17.32 -5.81
CA LYS B 471 69.30 18.10 -6.83
C LYS B 471 70.78 17.73 -6.88
N ASN B 472 71.40 17.58 -5.71
CA ASN B 472 72.81 17.20 -5.67
C ASN B 472 73.03 15.84 -6.30
N LEU B 473 72.13 14.90 -6.03
CA LEU B 473 72.23 13.58 -6.63
C LEU B 473 72.10 13.66 -8.15
N THR B 474 71.19 14.50 -8.64
CA THR B 474 71.02 14.65 -10.08
C THR B 474 72.28 15.25 -10.71
N THR B 475 72.94 16.16 -10.00
CA THR B 475 74.17 16.76 -10.54
C THR B 475 75.25 15.71 -10.75
N GLU B 476 75.38 14.76 -9.82
CA GLU B 476 76.39 13.72 -9.91
C GLU B 476 75.92 12.51 -10.69
N ASN B 477 74.94 12.68 -11.59
CA ASN B 477 74.44 11.60 -12.45
C ASN B 477 73.82 10.46 -11.63
N ILE B 478 73.01 10.84 -10.65
CA ILE B 478 72.12 9.90 -9.96
C ILE B 478 70.71 10.45 -10.08
N GLN B 479 69.83 9.72 -10.75
CA GLN B 479 68.53 10.23 -11.14
C GLN B 479 67.55 10.04 -9.99
N PHE B 480 67.15 11.13 -9.38
CA PHE B 480 66.17 11.09 -8.30
C PHE B 480 65.63 12.49 -8.07
N SER B 481 64.32 12.64 -8.10
CA SER B 481 63.66 13.91 -7.85
C SER B 481 62.70 13.77 -6.68
N SER B 482 62.19 14.91 -6.21
CA SER B 482 61.21 14.89 -5.13
C SER B 482 59.97 14.10 -5.49
N MET B 483 59.65 13.99 -6.78
CA MET B 483 58.50 13.19 -7.19
C MET B 483 58.79 11.71 -7.10
N ASP B 484 60.07 11.32 -7.18
CA ASP B 484 60.42 9.90 -7.18
C ASP B 484 60.23 9.28 -5.80
N VAL B 485 59.84 8.01 -5.79
CA VAL B 485 59.61 7.25 -4.58
C VAL B 485 60.28 5.89 -4.71
N LEU B 486 61.02 5.49 -3.68
CA LEU B 486 61.71 4.21 -3.67
C LEU B 486 61.14 3.33 -2.56
N CYS B 487 60.82 2.08 -2.89
CA CYS B 487 60.27 1.13 -1.95
C CYS B 487 61.23 -0.03 -1.78
N TYR B 488 61.35 -0.52 -0.55
CA TYR B 488 62.25 -1.61 -0.24
C TYR B 488 61.63 -2.50 0.82
N VAL B 489 62.08 -3.75 0.86
CA VAL B 489 61.68 -4.72 1.87
C VAL B 489 62.93 -5.33 2.48
N ARG B 490 63.02 -5.29 3.81
CA ARG B 490 64.18 -5.84 4.50
C ARG B 490 63.87 -7.24 4.98
N ASP B 491 64.79 -8.17 4.71
CA ASP B 491 64.60 -9.57 5.03
C ASP B 491 65.33 -9.92 6.33
N GLU B 492 64.85 -10.98 6.97
CA GLU B 492 65.38 -11.43 8.26
C GLU B 492 65.82 -12.88 8.27
N ASN B 493 65.56 -13.64 7.21
CA ASN B 493 65.92 -15.04 7.20
C ASN B 493 67.44 -15.20 7.26
N PRO B 494 67.94 -16.23 7.95
CA PRO B 494 69.38 -16.31 8.21
C PRO B 494 70.25 -16.35 6.96
N GLY B 495 69.78 -16.95 5.88
CA GLY B 495 70.63 -17.17 4.73
C GLY B 495 70.52 -16.15 3.62
N LYS B 496 69.56 -15.23 3.73
CA LYS B 496 69.29 -14.29 2.64
C LYS B 496 69.02 -12.90 3.20
N ALA B 497 69.37 -11.90 2.41
CA ALA B 497 69.13 -10.51 2.77
C ALA B 497 69.14 -9.67 1.51
N GLY B 498 68.62 -8.45 1.62
CA GLY B 498 68.64 -7.52 0.52
C GLY B 498 69.93 -6.74 0.41
N PHE B 499 70.26 -6.00 1.48
CA PHE B 499 71.46 -5.19 1.53
C PHE B 499 72.28 -5.58 2.75
N VAL B 500 73.60 -5.66 2.58
CA VAL B 500 74.50 -6.18 3.60
C VAL B 500 75.45 -5.08 4.04
N THR B 501 75.50 -4.83 5.35
CA THR B 501 76.44 -3.88 5.93
C THR B 501 77.17 -4.56 7.08
N GLY B 502 78.48 -4.36 7.13
CA GLY B 502 79.28 -4.94 8.20
C GLY B 502 80.58 -4.19 8.34
N ASP B 503 81.11 -4.18 9.55
CA ASP B 503 82.34 -3.45 9.87
C ASP B 503 83.47 -4.46 9.98
N ALA B 504 84.28 -4.56 8.92
CA ALA B 504 85.41 -5.49 8.95
C ALA B 504 86.45 -5.06 9.97
N VAL B 505 86.87 -3.81 9.92
CA VAL B 505 87.87 -3.28 10.85
C VAL B 505 87.49 -1.86 11.25
N PRO B 506 87.25 -1.61 12.54
CA PRO B 506 86.97 -0.23 12.97
C PRO B 506 88.17 0.68 12.75
N ALA B 507 87.89 1.96 12.54
CA ALA B 507 88.94 2.91 12.19
C ALA B 507 89.97 3.01 13.31
N ILE B 508 91.23 3.13 12.91
CA ILE B 508 92.37 3.20 13.82
C ILE B 508 92.91 4.63 13.77
N PRO B 509 92.96 5.35 14.90
CA PRO B 509 93.52 6.71 14.89
C PRO B 509 95.03 6.66 14.81
N PHE B 510 95.58 7.24 13.74
CA PHE B 510 97.01 7.32 13.54
C PHE B 510 97.45 8.77 13.63
N GLN B 511 98.44 9.04 14.48
CA GLN B 511 98.96 10.39 14.69
C GLN B 511 100.45 10.39 14.40
N HIS B 512 100.87 11.26 13.49
CA HIS B 512 102.30 11.35 13.23
C HIS B 512 102.94 12.39 14.14
N PRO B 513 104.19 12.17 14.54
CA PRO B 513 104.89 13.16 15.38
C PRO B 513 105.16 14.43 14.60
N THR B 514 105.40 15.51 15.36
CA THR B 514 105.66 16.81 14.75
C THR B 514 106.92 16.76 13.89
N THR B 515 106.75 16.81 12.57
CA THR B 515 107.87 16.75 11.64
C THR B 515 108.53 18.10 11.53
N PRO B 516 109.74 18.17 10.96
CA PRO B 516 110.32 19.47 10.61
C PRO B 516 109.37 20.32 9.79
N ALA B 517 109.62 21.64 9.78
CA ALA B 517 108.72 22.67 9.27
C ALA B 517 107.46 22.81 10.12
N LEU B 518 107.39 22.11 11.26
CA LEU B 518 106.36 22.30 12.27
C LEU B 518 104.94 22.10 11.69
N VAL B 519 104.68 20.87 11.27
CA VAL B 519 103.37 20.47 10.79
C VAL B 519 102.94 19.20 11.49
N ASN B 520 101.69 19.16 11.95
CA ASN B 520 101.12 18.02 12.64
C ASN B 520 99.91 17.52 11.87
N ARG B 521 99.76 16.20 11.79
CA ARG B 521 98.65 15.59 11.08
C ARG B 521 98.20 14.33 11.80
N THR B 522 96.95 13.95 11.54
CA THR B 522 96.38 12.70 12.03
C THR B 522 95.76 11.95 10.86
N THR B 523 95.79 10.63 10.94
CA THR B 523 95.32 9.77 9.86
C THR B 523 94.37 8.72 10.41
N LEU B 524 93.32 8.42 9.65
CA LEU B 524 92.34 7.41 10.02
C LEU B 524 92.22 6.39 8.88
N TRP B 525 92.26 5.11 9.23
CA TRP B 525 92.12 4.04 8.25
C TRP B 525 91.23 2.94 8.83
N GLY B 526 90.39 2.36 7.99
CA GLY B 526 89.50 1.30 8.42
C GLY B 526 88.89 0.60 7.23
N SER B 527 88.36 -0.59 7.50
CA SER B 527 87.77 -1.43 6.47
C SER B 527 86.40 -1.91 6.90
N ALA B 528 85.46 -1.95 5.94
CA ALA B 528 84.11 -2.40 6.20
C ALA B 528 83.49 -2.81 4.87
N ILE B 529 82.31 -3.44 4.95
CA ILE B 529 81.58 -3.89 3.77
C ILE B 529 80.22 -3.22 3.74
N ASN B 530 79.88 -2.65 2.59
CA ASN B 530 78.59 -2.00 2.37
C ASN B 530 78.20 -2.27 0.93
N ASP B 531 77.39 -3.30 0.71
CA ASP B 531 77.01 -3.68 -0.65
C ASP B 531 75.75 -4.53 -0.60
N MET B 532 75.18 -4.74 -1.78
CA MET B 532 74.00 -5.58 -1.93
C MET B 532 74.39 -7.05 -1.81
N HIS B 533 73.42 -7.88 -1.45
CA HIS B 533 73.68 -9.30 -1.31
C HIS B 533 74.02 -9.89 -2.68
N PRO B 534 74.98 -10.81 -2.75
CA PRO B 534 75.36 -11.38 -4.05
C PRO B 534 74.24 -12.13 -4.73
N ARG B 535 73.31 -12.72 -3.98
CA ARG B 535 72.23 -13.52 -4.54
C ARG B 535 70.94 -12.69 -4.56
N ASN B 536 70.45 -12.41 -5.76
CA ASN B 536 69.21 -11.64 -5.98
C ASN B 536 69.12 -10.42 -5.07
N GLY B 537 70.25 -9.75 -4.84
CA GLY B 537 70.30 -8.62 -3.96
C GLY B 537 69.48 -7.43 -4.43
N ALA B 538 69.51 -7.15 -5.74
CA ALA B 538 68.85 -5.96 -6.26
C ALA B 538 67.35 -6.16 -6.42
N ASP B 539 66.84 -7.36 -6.21
CA ASP B 539 65.42 -7.62 -6.39
C ASP B 539 64.58 -7.22 -5.19
N TYR B 540 65.19 -6.72 -4.12
CA TYR B 540 64.46 -6.31 -2.93
C TYR B 540 63.94 -4.88 -3.02
N PHE B 541 64.16 -4.19 -4.14
CA PHE B 541 63.84 -2.79 -4.27
C PHE B 541 62.97 -2.56 -5.51
N THR B 542 62.29 -1.42 -5.52
CA THR B 542 61.49 -1.00 -6.67
C THR B 542 61.34 0.51 -6.63
N ARG B 543 61.68 1.15 -7.74
CA ARG B 543 61.59 2.60 -7.85
C ARG B 543 60.26 2.98 -8.49
N VAL B 544 59.57 3.94 -7.89
CA VAL B 544 58.28 4.41 -8.37
C VAL B 544 58.38 5.91 -8.63
N THR B 545 57.92 6.33 -9.80
CA THR B 545 57.88 7.74 -10.15
C THR B 545 56.44 8.17 -10.34
N LEU B 546 56.13 9.36 -9.84
CA LEU B 546 54.77 9.88 -9.83
C LEU B 546 54.67 11.11 -10.71
N THR B 547 53.48 11.35 -11.24
CA THR B 547 53.19 12.50 -12.07
C THR B 547 51.86 13.10 -11.66
N MET B 548 51.66 14.38 -12.00
CA MET B 548 50.39 15.07 -11.80
C MET B 548 50.06 15.77 -13.11
N ALA B 549 49.41 15.05 -14.03
CA ALA B 549 49.05 15.62 -15.32
C ALA B 549 47.65 15.24 -15.75
N LYS B 550 46.84 14.66 -14.87
CA LYS B 550 45.47 14.31 -15.22
C LYS B 550 44.68 15.55 -15.60
N LYS B 551 43.98 15.48 -16.73
CA LYS B 551 43.02 16.52 -17.04
C LYS B 551 41.85 16.43 -16.07
N GLY B 552 41.33 17.59 -15.67
CA GLY B 552 40.34 17.60 -14.61
C GLY B 552 40.91 17.18 -13.27
N GLY B 553 42.08 17.70 -12.91
CA GLY B 553 42.68 17.41 -11.63
C GLY B 553 43.10 18.68 -10.93
N LEU B 554 43.57 18.52 -9.70
CA LEU B 554 43.96 19.64 -8.84
C LEU B 554 45.46 19.67 -8.65
N ASN B 555 46.06 20.86 -8.81
CA ASN B 555 47.45 21.09 -8.47
C ASN B 555 47.49 21.82 -7.12
N PHE B 556 47.86 21.10 -6.08
CA PHE B 556 47.94 21.72 -4.76
C PHE B 556 48.97 22.84 -4.72
N ILE B 557 49.96 22.81 -5.62
CA ILE B 557 50.92 23.91 -5.69
C ILE B 557 50.23 25.18 -6.16
N SER B 558 49.37 25.08 -7.17
CA SER B 558 48.71 26.24 -7.74
C SER B 558 47.27 26.40 -7.29
N GLY B 559 46.49 25.33 -7.29
CA GLY B 559 45.11 25.38 -6.82
C GLY B 559 44.07 25.51 -7.91
N ASP B 560 44.44 25.35 -9.17
CA ASP B 560 43.49 25.41 -10.28
C ASP B 560 43.53 24.10 -11.06
N THR B 561 42.74 24.04 -12.13
CA THR B 561 42.63 22.81 -12.90
C THR B 561 43.91 22.57 -13.71
N ILE B 562 44.13 21.31 -14.03
CA ILE B 562 45.31 20.88 -14.78
C ILE B 562 44.94 20.96 -16.26
N ASP B 563 45.12 22.14 -16.84
CA ASP B 563 44.81 22.38 -18.25
C ASP B 563 43.40 21.94 -18.59
N ALA B 564 42.46 22.24 -17.69
CA ALA B 564 41.07 21.83 -17.82
C ALA B 564 40.94 20.33 -18.00
N GLU C 125 103.72 -10.26 -3.82
CA GLU C 125 104.57 -11.43 -3.74
C GLU C 125 105.13 -11.60 -2.33
N MET C 126 106.03 -10.71 -1.94
CA MET C 126 106.64 -10.79 -0.62
C MET C 126 105.60 -10.54 0.46
N MET C 127 105.70 -11.30 1.55
CA MET C 127 104.72 -11.23 2.63
C MET C 127 104.70 -9.89 3.35
N SER C 128 105.72 -9.05 3.17
CA SER C 128 105.79 -7.79 3.91
C SER C 128 104.62 -6.88 3.55
N VAL C 129 104.29 -6.78 2.26
CA VAL C 129 103.22 -5.92 1.80
C VAL C 129 101.95 -6.76 1.71
N SER C 130 100.80 -6.06 1.72
CA SER C 130 99.52 -6.75 1.59
C SER C 130 99.38 -7.36 0.20
N ASP C 131 98.34 -8.18 0.06
CA ASP C 131 98.01 -8.95 -1.15
C ASP C 131 99.05 -10.02 -1.46
N GLY C 132 100.09 -10.16 -0.66
CA GLY C 132 101.07 -11.22 -0.81
C GLY C 132 100.84 -12.42 0.07
N VAL C 133 99.71 -12.47 0.78
CA VAL C 133 99.40 -13.57 1.69
C VAL C 133 98.14 -14.27 1.18
N MET C 134 98.14 -15.60 1.26
CA MET C 134 96.98 -16.37 0.85
C MET C 134 95.81 -16.13 1.80
N ARG C 135 94.61 -16.33 1.29
CA ARG C 135 93.38 -16.09 2.05
C ARG C 135 92.62 -17.39 2.23
N LEU C 136 91.96 -17.52 3.39
CA LEU C 136 91.22 -18.72 3.73
C LEU C 136 89.72 -18.45 3.63
N PRO C 137 89.01 -19.12 2.72
CA PRO C 137 87.56 -18.93 2.66
C PRO C 137 86.88 -19.46 3.91
N LEU C 138 85.72 -18.87 4.22
CA LEU C 138 84.93 -19.26 5.38
C LEU C 138 83.52 -19.60 4.94
N PHE C 139 83.02 -20.75 5.40
CA PHE C 139 81.65 -21.15 5.13
C PHE C 139 80.71 -20.30 5.98
N LEU C 140 79.76 -19.62 5.33
CA LEU C 140 78.92 -18.68 6.05
C LEU C 140 77.60 -19.33 6.49
N ALA C 141 76.81 -19.82 5.54
CA ALA C 141 75.47 -20.29 5.87
C ALA C 141 75.01 -21.30 4.84
N MET C 142 73.93 -22.00 5.19
CA MET C 142 73.31 -23.03 4.36
C MET C 142 71.89 -22.61 4.04
N ILE C 143 71.43 -22.97 2.84
CA ILE C 143 70.07 -22.67 2.40
C ILE C 143 69.44 -23.94 1.84
N LEU C 144 68.22 -24.22 2.28
CA LEU C 144 67.47 -25.40 1.88
C LEU C 144 66.26 -25.01 1.03
N PRO C 145 65.78 -25.92 0.18
CA PRO C 145 64.60 -25.61 -0.63
C PRO C 145 63.38 -25.30 0.23
N VAL C 146 62.52 -24.42 -0.28
CA VAL C 146 61.38 -23.94 0.49
C VAL C 146 60.20 -24.89 0.31
N GLN C 147 59.21 -24.74 1.19
CA GLN C 147 58.03 -25.59 1.17
C GLN C 147 57.20 -25.34 -0.08
N LEU C 148 56.55 -26.39 -0.57
CA LEU C 148 55.68 -26.34 -1.73
C LEU C 148 54.26 -26.74 -1.36
N GLY C 149 53.29 -26.16 -2.05
CA GLY C 149 51.91 -26.53 -1.81
C GLY C 149 50.96 -25.59 -2.54
N ALA C 150 49.68 -25.92 -2.44
CA ALA C 150 48.62 -25.11 -3.02
C ALA C 150 47.31 -25.45 -2.30
N ALA C 151 46.29 -24.63 -2.53
CA ALA C 151 45.01 -24.82 -1.84
C ALA C 151 43.88 -24.66 -2.85
N THR C 152 43.48 -25.79 -3.45
CA THR C 152 42.38 -25.81 -4.41
C THR C 152 41.35 -26.88 -4.06
N ALA C 153 41.35 -27.36 -2.83
CA ALA C 153 40.45 -28.43 -2.43
C ALA C 153 39.00 -27.97 -2.26
N ASP C 154 38.74 -26.67 -2.35
CA ASP C 154 37.41 -26.17 -2.06
C ASP C 154 36.38 -26.64 -3.08
N ALA C 155 36.70 -26.52 -4.36
CA ALA C 155 35.72 -26.82 -5.40
C ALA C 155 35.35 -28.30 -5.41
N CYS C 156 36.34 -29.17 -5.23
CA CYS C 156 36.12 -30.60 -5.40
C CYS C 156 35.21 -31.17 -4.31
N THR C 157 34.34 -32.09 -4.70
CA THR C 157 33.59 -32.89 -3.75
C THR C 157 34.24 -34.26 -3.60
N PHE C 158 34.08 -34.84 -2.43
CA PHE C 158 34.77 -36.08 -2.09
C PHE C 158 33.80 -37.25 -2.05
N ILE C 159 34.13 -38.30 -2.81
CA ILE C 159 33.27 -39.48 -2.92
C ILE C 159 34.08 -40.73 -2.63
N PRO C 160 33.42 -41.77 -2.17
CA PRO C 160 34.12 -43.05 -1.95
C PRO C 160 34.21 -43.85 -3.24
N VAL C 161 35.41 -44.40 -3.48
CA VAL C 161 35.69 -45.17 -4.69
C VAL C 161 36.26 -46.50 -4.23
N THR C 162 35.40 -47.50 -4.09
CA THR C 162 35.82 -48.82 -3.63
C THR C 162 36.18 -49.76 -4.77
N ARG C 163 35.46 -49.73 -5.88
CA ARG C 163 35.67 -50.64 -6.99
C ARG C 163 36.09 -49.85 -8.21
N ASP C 164 36.19 -50.53 -9.34
CA ASP C 164 36.75 -49.91 -10.54
C ASP C 164 35.74 -48.97 -11.19
N GLN C 165 34.47 -49.34 -11.21
CA GLN C 165 33.48 -48.56 -11.97
C GLN C 165 32.21 -48.38 -11.14
N SER C 166 31.50 -47.29 -11.43
CA SER C 166 30.31 -46.91 -10.70
C SER C 166 29.22 -46.50 -11.68
N ASP C 167 27.98 -46.59 -11.24
CA ASP C 167 26.83 -46.32 -12.11
C ASP C 167 25.89 -45.32 -11.47
N ILE C 168 25.35 -44.43 -12.30
CA ILE C 168 24.32 -43.49 -11.91
C ILE C 168 23.22 -43.51 -12.95
N TYR C 169 21.97 -43.59 -12.50
CA TYR C 169 20.82 -43.63 -13.39
C TYR C 169 19.87 -42.48 -13.06
N GLU C 170 19.07 -42.09 -14.03
CA GLU C 170 18.06 -41.07 -13.82
C GLU C 170 16.86 -41.32 -14.72
N VAL C 171 15.75 -40.71 -14.36
CA VAL C 171 14.48 -40.87 -15.06
C VAL C 171 13.94 -39.50 -15.41
N PHE C 172 13.40 -39.37 -16.62
CA PHE C 172 12.86 -38.11 -17.11
C PHE C 172 11.39 -38.26 -17.42
N ASN C 173 10.68 -37.13 -17.42
CA ASN C 173 9.35 -37.09 -18.00
C ASN C 173 9.45 -36.70 -19.46
N VAL C 174 8.60 -37.31 -20.29
CA VAL C 174 8.67 -37.09 -21.73
C VAL C 174 7.27 -37.16 -22.30
N ALA C 175 6.97 -36.27 -23.23
CA ALA C 175 5.68 -36.23 -23.89
C ALA C 175 5.44 -37.49 -24.69
N GLY C 176 4.23 -38.04 -24.56
CA GLY C 176 3.91 -39.29 -25.21
C GLY C 176 3.60 -39.16 -26.69
N SER C 177 2.54 -38.41 -27.02
CA SER C 177 2.06 -38.30 -28.38
C SER C 177 2.25 -36.87 -28.89
N SER C 178 2.70 -36.75 -30.13
CA SER C 178 2.91 -35.44 -30.73
C SER C 178 1.57 -34.76 -30.96
N PHE C 179 1.34 -33.64 -30.28
CA PHE C 179 0.05 -32.97 -30.30
C PHE C 179 0.23 -31.57 -29.74
N GLY C 180 -0.56 -30.64 -30.25
CA GLY C 180 -0.46 -29.28 -29.77
C GLY C 180 0.93 -28.72 -29.99
N SER C 181 1.51 -28.18 -28.92
CA SER C 181 2.80 -27.51 -29.03
C SER C 181 3.94 -28.52 -29.13
N TYR C 182 3.85 -29.63 -28.40
CA TYR C 182 4.98 -30.52 -28.28
C TYR C 182 5.00 -31.59 -29.38
N ALA C 183 6.08 -32.35 -29.39
CA ALA C 183 6.23 -33.50 -30.26
C ALA C 183 6.78 -34.67 -29.44
N ALA C 184 6.52 -35.88 -29.92
CA ALA C 184 6.92 -37.06 -29.16
C ALA C 184 8.41 -37.09 -28.94
N GLY C 185 8.82 -37.45 -27.72
CA GLY C 185 10.22 -37.52 -27.37
C GLY C 185 10.78 -36.30 -26.68
N ASP C 186 9.94 -35.33 -26.32
CA ASP C 186 10.40 -34.09 -25.71
C ASP C 186 10.16 -34.13 -24.21
N VAL C 187 11.09 -33.53 -23.46
CA VAL C 187 11.04 -33.58 -22.01
C VAL C 187 10.12 -32.49 -21.48
N LEU C 188 9.34 -32.83 -20.46
CA LEU C 188 8.46 -31.89 -19.77
C LEU C 188 9.08 -31.59 -18.42
N ASP C 189 9.43 -30.33 -18.20
CA ASP C 189 10.13 -29.96 -16.97
C ASP C 189 9.49 -28.74 -16.32
N MET C 190 10.20 -28.21 -15.32
CA MET C 190 9.80 -27.02 -14.59
C MET C 190 9.48 -25.86 -15.51
N GLN C 191 10.26 -25.68 -16.58
CA GLN C 191 10.14 -24.51 -17.44
C GLN C 191 9.38 -24.81 -18.73
N SER C 192 8.70 -25.94 -18.80
CA SER C 192 7.96 -26.32 -20.00
C SER C 192 6.70 -25.48 -20.09
N VAL C 193 6.56 -24.75 -21.19
CA VAL C 193 5.39 -23.91 -21.45
C VAL C 193 4.87 -24.27 -22.83
N GLY C 194 3.66 -24.82 -22.88
CA GLY C 194 3.08 -25.19 -24.16
C GLY C 194 1.66 -25.67 -23.98
N VAL C 195 0.93 -25.66 -25.09
CA VAL C 195 -0.46 -26.12 -25.09
C VAL C 195 -0.46 -27.63 -25.26
N TYR C 196 -0.94 -28.33 -24.24
CA TYR C 196 -0.95 -29.78 -24.26
C TYR C 196 -1.93 -30.22 -23.18
N SER C 197 -3.03 -30.86 -23.59
CA SER C 197 -4.13 -31.33 -22.74
C SER C 197 -5.14 -30.25 -22.39
N GLN C 198 -5.00 -29.03 -22.90
CA GLN C 198 -6.02 -28.00 -22.75
C GLN C 198 -6.77 -27.87 -24.06
N LEU C 199 -8.09 -28.03 -24.01
CA LEU C 199 -8.88 -28.17 -25.22
C LEU C 199 -9.38 -26.85 -25.79
N ARG C 200 -9.20 -25.73 -25.10
CA ARG C 200 -9.57 -24.42 -25.62
C ARG C 200 -8.31 -23.69 -26.01
N ARG C 201 -8.25 -23.20 -27.24
CA ARG C 201 -7.04 -22.60 -27.77
C ARG C 201 -7.38 -21.36 -28.59
N ARG C 202 -6.36 -20.55 -28.82
CA ARG C 202 -6.47 -19.38 -29.67
C ARG C 202 -5.41 -19.44 -30.76
N TYR C 203 -5.78 -18.96 -31.95
CA TYR C 203 -4.90 -19.03 -33.11
C TYR C 203 -4.84 -17.68 -33.79
N VAL C 204 -3.68 -17.37 -34.35
CA VAL C 204 -3.46 -16.11 -35.05
C VAL C 204 -3.55 -16.38 -36.54
N LEU C 205 -4.57 -15.83 -37.18
CA LEU C 205 -4.80 -16.04 -38.62
C LEU C 205 -4.03 -15.06 -39.48
N VAL C 206 -4.25 -13.76 -39.30
CA VAL C 206 -3.54 -12.73 -40.03
C VAL C 206 -2.69 -11.97 -39.03
N ALA C 207 -1.37 -12.10 -39.13
CA ALA C 207 -0.48 -11.36 -38.25
C ALA C 207 -0.46 -9.88 -38.61
N SER C 208 -0.38 -9.57 -39.90
CA SER C 208 -0.36 -8.20 -40.38
C SER C 208 -1.20 -8.12 -41.64
N SER C 209 -2.10 -7.14 -41.69
CA SER C 209 -2.97 -7.00 -42.85
C SER C 209 -2.21 -6.45 -44.04
N ASP C 210 -2.76 -6.71 -45.23
CA ASP C 210 -2.22 -6.13 -46.46
C ASP C 210 -2.96 -4.89 -46.91
N GLY C 211 -4.17 -4.66 -46.40
CA GLY C 211 -4.92 -3.46 -46.70
C GLY C 211 -5.72 -3.48 -47.99
N THR C 212 -5.76 -4.60 -48.70
CA THR C 212 -6.47 -4.63 -49.97
C THR C 212 -7.28 -5.91 -50.19
N SER C 213 -7.35 -6.81 -49.22
CA SER C 213 -8.09 -8.06 -49.36
C SER C 213 -9.29 -8.04 -48.44
N LYS C 214 -10.30 -8.84 -48.77
CA LYS C 214 -11.54 -8.88 -48.01
C LYS C 214 -11.94 -10.27 -47.57
N THR C 215 -11.08 -11.28 -47.77
CA THR C 215 -11.40 -12.65 -47.41
C THR C 215 -10.23 -13.30 -46.70
N ALA C 216 -10.55 -14.29 -45.86
CA ALA C 216 -9.55 -15.07 -45.16
C ALA C 216 -10.22 -16.31 -44.60
N THR C 217 -9.50 -17.43 -44.59
CA THR C 217 -10.05 -18.71 -44.18
C THR C 217 -9.23 -19.30 -43.04
N PHE C 218 -9.91 -19.88 -42.07
CA PHE C 218 -9.29 -20.60 -40.97
C PHE C 218 -9.43 -22.08 -41.26
N LYS C 219 -8.31 -22.79 -41.26
CA LYS C 219 -8.27 -24.20 -41.63
C LYS C 219 -7.44 -24.94 -40.60
N MET C 220 -8.09 -25.83 -39.84
CA MET C 220 -7.40 -26.48 -38.73
C MET C 220 -6.27 -27.37 -39.20
N GLU C 221 -6.31 -27.82 -40.47
CA GLU C 221 -5.21 -28.60 -41.01
C GLU C 221 -3.92 -27.79 -41.10
N ASP C 222 -4.02 -26.46 -41.12
CA ASP C 222 -2.81 -25.65 -41.23
C ASP C 222 -2.06 -25.59 -39.91
N PHE C 223 -2.77 -25.42 -38.80
CA PHE C 223 -2.14 -25.33 -37.49
C PHE C 223 -1.98 -26.68 -36.80
N GLU C 224 -2.89 -27.62 -37.06
CA GLU C 224 -2.79 -28.97 -36.55
C GLU C 224 -2.34 -29.91 -37.65
N GLY C 225 -2.27 -31.19 -37.32
CA GLY C 225 -1.81 -32.16 -38.30
C GLY C 225 -2.88 -32.54 -39.30
N GLN C 226 -4.15 -32.35 -38.94
CA GLN C 226 -5.24 -32.95 -39.71
C GLN C 226 -6.51 -32.13 -39.48
N ASN C 227 -7.63 -32.70 -39.90
CA ASN C 227 -8.93 -32.12 -39.61
C ASN C 227 -9.37 -32.47 -38.18
N VAL C 228 -9.88 -31.48 -37.47
CA VAL C 228 -10.27 -31.68 -36.07
C VAL C 228 -11.66 -31.11 -35.85
N PRO C 229 -12.59 -31.89 -35.30
CA PRO C 229 -13.93 -31.37 -35.05
C PRO C 229 -13.91 -30.23 -34.05
N ILE C 230 -14.86 -29.32 -34.20
CA ILE C 230 -14.93 -28.10 -33.40
C ILE C 230 -16.25 -28.10 -32.65
N ARG C 231 -16.20 -27.72 -31.38
CA ARG C 231 -17.42 -27.63 -30.58
C ARG C 231 -18.20 -26.39 -30.98
N LYS C 232 -19.50 -26.56 -31.21
CA LYS C 232 -20.32 -25.47 -31.71
C LYS C 232 -20.81 -24.59 -30.56
N GLY C 233 -21.14 -23.35 -30.89
CA GLY C 233 -21.70 -22.43 -29.93
C GLY C 233 -20.71 -21.88 -28.93
N ARG C 234 -19.41 -22.01 -29.18
CA ARG C 234 -18.42 -21.58 -28.20
C ARG C 234 -17.22 -20.88 -28.81
N THR C 235 -17.30 -20.44 -30.07
CA THR C 235 -16.14 -19.79 -30.67
C THR C 235 -16.23 -18.28 -30.52
N ASN C 236 -15.14 -17.61 -30.90
CA ASN C 236 -15.04 -16.17 -30.81
C ASN C 236 -14.01 -15.71 -31.83
N ILE C 237 -14.03 -14.42 -32.15
CA ILE C 237 -13.09 -13.83 -33.09
C ILE C 237 -12.58 -12.53 -32.51
N TYR C 238 -11.28 -12.28 -32.66
CA TYR C 238 -10.64 -11.06 -32.20
C TYR C 238 -10.18 -10.24 -33.38
N VAL C 239 -10.40 -8.93 -33.31
CA VAL C 239 -9.80 -7.98 -34.23
C VAL C 239 -9.08 -6.92 -33.40
N ASN C 240 -7.78 -6.78 -33.62
CA ASN C 240 -6.94 -5.92 -32.80
C ASN C 240 -7.12 -6.23 -31.32
N ARG C 241 -7.27 -7.52 -31.02
CA ARG C 241 -7.35 -8.02 -29.64
C ARG C 241 -8.53 -7.43 -28.90
N ILE C 242 -9.70 -7.48 -29.52
CA ILE C 242 -10.96 -7.14 -28.86
C ILE C 242 -11.96 -8.24 -29.14
N LYS C 243 -12.48 -8.86 -28.09
CA LYS C 243 -13.34 -10.02 -28.25
C LYS C 243 -14.68 -9.62 -28.86
N SER C 244 -15.27 -10.55 -29.59
CA SER C 244 -16.60 -10.43 -30.15
C SER C 244 -17.55 -11.34 -29.40
N VAL C 245 -18.80 -11.36 -29.84
CA VAL C 245 -19.80 -12.24 -29.24
C VAL C 245 -19.57 -13.67 -29.72
N VAL C 246 -20.19 -14.63 -29.05
CA VAL C 246 -20.09 -16.03 -29.45
C VAL C 246 -20.89 -16.24 -30.72
N ASP C 247 -20.57 -17.30 -31.45
CA ASP C 247 -21.25 -17.56 -32.71
C ASP C 247 -22.69 -17.99 -32.48
N ASN C 248 -23.46 -17.95 -33.56
CA ASN C 248 -24.82 -18.44 -33.54
C ASN C 248 -24.83 -19.94 -33.27
N GLY C 249 -26.04 -20.47 -33.04
CA GLY C 249 -26.17 -21.91 -32.84
C GLY C 249 -25.69 -22.71 -34.04
N SER C 250 -25.71 -22.12 -35.22
CA SER C 250 -25.29 -22.84 -36.42
C SER C 250 -24.77 -21.87 -37.47
N GLY C 251 -23.58 -22.17 -37.99
CA GLY C 251 -23.11 -21.57 -39.22
C GLY C 251 -22.63 -20.14 -39.17
N SER C 252 -23.44 -19.25 -38.60
CA SER C 252 -23.29 -17.82 -38.81
C SER C 252 -22.64 -17.13 -37.60
N LEU C 253 -22.04 -15.98 -37.87
CA LEU C 253 -21.48 -15.10 -36.86
C LEU C 253 -21.35 -13.71 -37.45
N LEU C 254 -21.97 -12.73 -36.82
CA LEU C 254 -21.96 -11.36 -37.29
C LEU C 254 -21.28 -10.47 -36.26
N HIS C 255 -20.32 -9.67 -36.70
CA HIS C 255 -19.60 -8.77 -35.83
C HIS C 255 -19.16 -7.55 -36.62
N SER C 256 -19.23 -6.39 -35.99
CA SER C 256 -18.88 -5.12 -36.61
C SER C 256 -17.91 -4.37 -35.74
N PHE C 257 -17.00 -3.64 -36.38
CA PHE C 257 -16.01 -2.84 -35.67
C PHE C 257 -15.79 -1.54 -36.43
N THR C 258 -14.99 -0.66 -35.85
CA THR C 258 -14.83 0.70 -36.33
C THR C 258 -13.45 0.90 -36.94
N ASN C 259 -13.41 1.51 -38.11
CA ASN C 259 -12.15 1.81 -38.77
C ASN C 259 -11.48 3.02 -38.10
N ALA C 260 -10.22 3.23 -38.45
CA ALA C 260 -9.51 4.41 -37.97
C ALA C 260 -10.16 5.69 -38.48
N ALA C 261 -10.61 5.68 -39.73
CA ALA C 261 -11.23 6.85 -40.33
C ALA C 261 -12.64 7.11 -39.80
N GLY C 262 -13.20 6.21 -39.01
CA GLY C 262 -14.46 6.44 -38.33
C GLY C 262 -15.66 5.72 -38.90
N GLU C 263 -15.53 5.04 -40.03
CA GLU C 263 -16.67 4.36 -40.63
C GLU C 263 -16.89 3.01 -39.94
N GLN C 264 -17.77 2.20 -40.54
CA GLN C 264 -18.15 0.91 -40.00
C GLN C 264 -17.83 -0.19 -41.00
N ILE C 265 -17.44 -1.35 -40.48
CA ILE C 265 -17.17 -2.53 -41.29
C ILE C 265 -17.88 -3.71 -40.65
N THR C 266 -18.62 -4.46 -41.46
CA THR C 266 -19.35 -5.63 -41.00
C THR C 266 -18.61 -6.88 -41.43
N VAL C 267 -18.43 -7.81 -40.49
CA VAL C 267 -17.72 -9.05 -40.73
C VAL C 267 -18.69 -10.21 -40.57
N THR C 268 -18.82 -11.02 -41.62
CA THR C 268 -19.67 -12.20 -41.60
C THR C 268 -18.79 -13.44 -41.70
N CYS C 269 -19.17 -14.47 -40.94
CA CYS C 269 -18.35 -15.66 -40.82
C CYS C 269 -19.20 -16.91 -41.08
N SER C 270 -18.64 -17.85 -41.84
CA SER C 270 -19.26 -19.13 -42.07
C SER C 270 -18.46 -20.22 -41.39
N LEU C 271 -19.15 -21.20 -40.83
CA LEU C 271 -18.52 -22.22 -39.99
C LEU C 271 -18.83 -23.61 -40.52
N ASN C 272 -17.93 -24.55 -40.24
CA ASN C 272 -18.14 -25.95 -40.55
C ASN C 272 -17.61 -26.77 -39.37
N TYR C 273 -18.53 -27.30 -38.58
CA TYR C 273 -18.15 -27.93 -37.32
C TYR C 273 -17.53 -29.31 -37.53
N ASN C 274 -17.95 -30.04 -38.57
CA ASN C 274 -17.43 -31.39 -38.78
C ASN C 274 -15.94 -31.40 -39.07
N ILE C 275 -15.45 -30.47 -39.86
CA ILE C 275 -14.04 -30.41 -40.23
C ILE C 275 -13.28 -29.31 -39.53
N GLY C 276 -13.98 -28.32 -38.96
CA GLY C 276 -13.29 -27.20 -38.35
C GLY C 276 -12.71 -26.25 -39.36
N GLN C 277 -13.57 -25.61 -40.15
CA GLN C 277 -13.16 -24.63 -41.14
C GLN C 277 -14.03 -23.38 -41.01
N ILE C 278 -13.39 -22.23 -41.11
CA ILE C 278 -14.07 -20.95 -40.96
C ILE C 278 -13.70 -20.06 -42.14
N ALA C 279 -14.68 -19.39 -42.72
CA ALA C 279 -14.47 -18.47 -43.83
C ALA C 279 -14.92 -17.07 -43.42
N LEU C 280 -14.11 -16.08 -43.73
CA LEU C 280 -14.37 -14.69 -43.34
C LEU C 280 -14.60 -13.84 -44.57
N SER C 281 -15.44 -12.81 -44.41
CA SER C 281 -15.68 -11.84 -45.47
C SER C 281 -15.85 -10.47 -44.84
N PHE C 282 -15.36 -9.44 -45.53
CA PHE C 282 -15.38 -8.07 -45.03
C PHE C 282 -16.19 -7.19 -45.97
N SER C 283 -16.86 -6.18 -45.40
CA SER C 283 -17.50 -5.17 -46.22
C SER C 283 -16.47 -4.39 -47.02
N LYS C 284 -15.34 -4.08 -46.40
CA LYS C 284 -14.22 -3.46 -47.10
C LYS C 284 -12.93 -3.89 -46.43
N ALA C 285 -11.83 -3.70 -47.15
CA ALA C 285 -10.54 -4.11 -46.63
C ALA C 285 -10.18 -3.28 -45.39
N PRO C 286 -9.63 -3.90 -44.36
CA PRO C 286 -9.20 -3.13 -43.18
C PRO C 286 -7.93 -2.35 -43.45
N ASP C 287 -7.39 -1.71 -42.42
CA ASP C 287 -6.18 -0.92 -42.56
C ASP C 287 -4.97 -1.82 -42.80
N LYS C 288 -3.81 -1.18 -42.97
CA LYS C 288 -2.58 -1.95 -43.21
C LYS C 288 -2.18 -2.71 -41.97
N GLY C 289 -2.17 -2.05 -40.81
CA GLY C 289 -1.82 -2.72 -39.58
C GLY C 289 -3.04 -3.26 -38.86
N THR C 290 -3.33 -4.54 -39.04
CA THR C 290 -4.47 -5.17 -38.38
C THR C 290 -4.12 -6.62 -38.07
N GLU C 291 -4.78 -7.17 -37.06
CA GLU C 291 -4.51 -8.52 -36.60
C GLU C 291 -5.82 -9.23 -36.32
N ILE C 292 -5.94 -10.45 -36.85
CA ILE C 292 -7.15 -11.25 -36.73
C ILE C 292 -6.80 -12.57 -36.06
N ALA C 293 -7.56 -12.93 -35.03
CA ALA C 293 -7.32 -14.14 -34.27
C ALA C 293 -8.63 -14.86 -34.01
N ILE C 294 -8.54 -16.17 -33.82
CA ILE C 294 -9.71 -17.03 -33.65
C ILE C 294 -9.52 -17.89 -32.40
N GLU C 295 -10.57 -17.99 -31.60
CA GLU C 295 -10.54 -18.75 -30.36
C GLU C 295 -11.66 -19.77 -30.37
N THR C 296 -11.31 -21.05 -30.39
CA THR C 296 -12.28 -22.15 -30.42
C THR C 296 -11.85 -23.18 -29.39
N GLU C 297 -12.65 -24.24 -29.25
CA GLU C 297 -12.25 -25.39 -28.45
C GLU C 297 -12.60 -26.67 -29.19
N ILE C 298 -11.86 -27.72 -28.89
CA ILE C 298 -11.88 -28.95 -29.66
C ILE C 298 -12.93 -29.89 -29.08
N ASN C 299 -13.76 -30.46 -29.96
CA ASN C 299 -14.79 -31.42 -29.55
C ASN C 299 -14.16 -32.79 -29.42
N ILE C 300 -13.56 -33.03 -28.26
CA ILE C 300 -12.91 -34.32 -28.00
C ILE C 300 -13.93 -35.45 -28.02
N GLU C 301 -15.19 -35.14 -27.71
CA GLU C 301 -16.20 -36.19 -27.65
C GLU C 301 -16.46 -36.78 -29.02
N ALA C 302 -16.24 -36.00 -30.09
CA ALA C 302 -16.39 -36.55 -31.44
C ALA C 302 -15.26 -37.51 -31.76
N ALA C 303 -14.03 -37.17 -31.38
CA ALA C 303 -12.85 -37.98 -31.69
C ALA C 303 -12.22 -38.47 -30.41
N PRO C 304 -12.52 -39.70 -29.97
CA PRO C 304 -11.97 -40.19 -28.70
C PRO C 304 -10.46 -40.31 -28.70
N GLU C 305 -9.82 -40.40 -29.86
CA GLU C 305 -8.38 -40.42 -29.93
C GLU C 305 -7.87 -38.99 -29.76
N LEU C 306 -6.57 -38.78 -30.04
CA LEU C 306 -5.87 -37.52 -29.85
C LEU C 306 -5.69 -37.17 -28.37
N ILE C 307 -6.11 -38.05 -27.47
CA ILE C 307 -5.89 -37.80 -26.05
C ILE C 307 -4.40 -37.93 -25.76
N PRO C 308 -3.77 -36.90 -25.22
CA PRO C 308 -2.32 -36.93 -25.04
C PRO C 308 -1.89 -37.95 -24.00
N LEU C 309 -0.61 -38.32 -24.07
CA LEU C 309 -0.03 -39.34 -23.20
C LEU C 309 1.30 -38.84 -22.65
N ILE C 310 1.80 -39.54 -21.63
CA ILE C 310 3.03 -39.17 -20.94
C ILE C 310 3.84 -40.43 -20.68
N ASN C 311 5.16 -40.37 -20.88
CA ASN C 311 6.04 -41.51 -20.67
C ASN C 311 7.27 -41.14 -19.85
N HIS C 312 8.23 -42.06 -19.76
CA HIS C 312 9.48 -41.79 -19.07
C HIS C 312 10.60 -42.55 -19.74
N GLU C 313 11.83 -42.05 -19.57
CA GLU C 313 13.01 -42.66 -20.17
C GLU C 313 14.14 -42.68 -19.16
N MET C 314 15.16 -43.50 -19.44
CA MET C 314 16.27 -43.73 -18.52
C MET C 314 17.60 -43.53 -19.22
N LYS C 315 18.65 -43.34 -18.41
CA LYS C 315 20.00 -43.15 -18.91
C LYS C 315 20.99 -43.61 -17.84
N LYS C 316 22.25 -43.79 -18.25
CA LYS C 316 23.29 -44.33 -17.38
C LYS C 316 24.58 -43.55 -17.53
N TYR C 317 25.40 -43.59 -16.47
CA TYR C 317 26.70 -42.92 -16.44
C TYR C 317 27.70 -43.81 -15.71
N THR C 318 28.98 -43.46 -15.81
CA THR C 318 30.04 -44.32 -15.30
C THR C 318 31.26 -43.51 -14.93
N LEU C 319 31.96 -43.93 -13.87
CA LEU C 319 33.17 -43.30 -13.40
C LEU C 319 34.26 -44.35 -13.20
N PHE C 320 35.52 -43.90 -13.27
CA PHE C 320 36.65 -44.79 -13.00
C PHE C 320 37.87 -43.96 -12.64
N PRO C 321 38.76 -44.47 -11.79
CA PRO C 321 39.93 -43.70 -11.38
C PRO C 321 41.14 -43.88 -12.26
N SER C 322 42.26 -43.26 -11.88
CA SER C 322 43.51 -43.38 -12.62
C SER C 322 44.66 -43.72 -11.67
N GLN C 323 45.89 -43.73 -12.19
CA GLN C 323 47.06 -44.12 -11.40
C GLN C 323 48.15 -43.07 -11.54
N PHE C 324 49.12 -43.16 -10.63
CA PHE C 324 50.28 -42.28 -10.63
C PHE C 324 51.47 -43.04 -10.07
N VAL C 325 52.67 -42.56 -10.39
CA VAL C 325 53.90 -43.24 -9.98
C VAL C 325 55.04 -42.24 -10.01
N ILE C 326 56.01 -42.42 -9.11
CA ILE C 326 57.19 -41.58 -9.06
C ILE C 326 58.28 -42.35 -8.34
N ALA C 327 59.53 -41.91 -8.53
CA ALA C 327 60.66 -42.59 -7.91
C ALA C 327 61.80 -41.60 -7.70
N ALA C 328 62.71 -41.98 -6.81
CA ALA C 328 63.93 -41.22 -6.58
C ALA C 328 65.01 -42.19 -6.13
N GLU C 329 66.27 -41.79 -6.31
CA GLU C 329 67.37 -42.70 -6.04
C GLU C 329 68.64 -41.89 -5.80
N HIS C 330 69.64 -42.56 -5.22
CA HIS C 330 70.93 -41.96 -4.94
C HIS C 330 71.96 -43.08 -4.81
N THR C 331 73.23 -42.69 -4.85
CA THR C 331 74.34 -43.64 -4.74
C THR C 331 74.96 -43.57 -3.35
N VAL C 332 75.68 -44.64 -3.00
CA VAL C 332 76.28 -44.73 -1.67
C VAL C 332 77.39 -43.71 -1.51
N GLN C 333 78.28 -43.63 -2.50
CA GLN C 333 79.42 -42.73 -2.39
C GLN C 333 78.98 -41.27 -2.31
N ALA C 334 77.97 -40.90 -3.09
CA ALA C 334 77.45 -39.54 -3.01
C ALA C 334 76.90 -39.23 -1.63
N ALA C 335 76.15 -40.18 -1.06
CA ALA C 335 75.61 -39.99 0.29
C ALA C 335 76.72 -39.82 1.31
N TYR C 336 77.75 -40.65 1.23
CA TYR C 336 78.85 -40.53 2.18
C TYR C 336 79.61 -39.22 2.00
N GLU C 337 79.80 -38.78 0.75
CA GLU C 337 80.45 -37.50 0.52
C GLU C 337 79.66 -36.35 1.13
N ALA C 338 78.34 -36.36 0.92
CA ALA C 338 77.50 -35.32 1.50
C ALA C 338 77.54 -35.37 3.02
N GLN C 339 77.51 -36.57 3.60
CA GLN C 339 77.58 -36.71 5.05
C GLN C 339 78.87 -36.14 5.60
N ARG C 340 80.00 -36.46 4.95
CA ARG C 340 81.28 -35.97 5.45
C ARG C 340 81.41 -34.46 5.27
N GLU C 341 80.92 -33.92 4.14
CA GLU C 341 81.13 -32.50 3.87
C GLU C 341 80.14 -31.62 4.63
N PHE C 342 78.85 -31.77 4.37
CA PHE C 342 77.84 -30.88 4.95
C PHE C 342 76.93 -31.55 5.96
N GLY C 343 77.04 -32.86 6.16
CA GLY C 343 76.21 -33.55 7.12
C GLY C 343 74.82 -33.89 6.66
N LEU C 344 74.48 -33.64 5.41
CA LEU C 344 73.15 -33.96 4.89
C LEU C 344 73.03 -35.45 4.60
N ASP C 345 71.82 -35.96 4.74
CA ASP C 345 71.48 -37.33 4.37
C ASP C 345 70.52 -37.30 3.19
N LEU C 346 70.88 -38.02 2.13
CA LEU C 346 70.11 -37.93 0.89
C LEU C 346 68.77 -38.63 0.99
N GLY C 347 68.71 -39.75 1.72
CA GLY C 347 67.49 -40.54 1.74
C GLY C 347 66.30 -39.78 2.29
N SER C 348 66.48 -39.13 3.44
CA SER C 348 65.40 -38.36 4.03
C SER C 348 64.98 -37.22 3.12
N LEU C 349 65.95 -36.52 2.54
CA LEU C 349 65.64 -35.41 1.66
C LEU C 349 64.80 -35.87 0.47
N GLN C 350 65.22 -36.95 -0.18
CA GLN C 350 64.50 -37.45 -1.34
C GLN C 350 63.10 -37.91 -0.95
N PHE C 351 62.98 -38.62 0.18
CA PHE C 351 61.67 -39.10 0.61
C PHE C 351 60.72 -37.94 0.87
N ARG C 352 61.20 -36.92 1.58
CA ARG C 352 60.36 -35.76 1.88
C ARG C 352 59.97 -35.04 0.60
N THR C 353 60.90 -34.88 -0.33
CA THR C 353 60.60 -34.17 -1.58
C THR C 353 59.55 -34.93 -2.39
N LEU C 354 59.66 -36.25 -2.47
CA LEU C 354 58.66 -37.03 -3.17
C LEU C 354 57.28 -36.87 -2.53
N LYS C 355 57.25 -36.98 -1.20
CA LYS C 355 55.97 -36.90 -0.48
C LYS C 355 55.31 -35.55 -0.71
N GLU C 356 56.09 -34.47 -0.67
CA GLU C 356 55.51 -33.15 -0.89
C GLU C 356 55.09 -32.96 -2.35
N TYR C 357 55.93 -33.40 -3.29
CA TYR C 357 55.69 -33.11 -4.69
C TYR C 357 54.46 -33.84 -5.23
N LEU C 358 54.21 -35.06 -4.75
CA LEU C 358 53.01 -35.77 -5.20
C LEU C 358 51.75 -34.95 -4.92
N SER C 359 51.59 -34.51 -3.67
CA SER C 359 50.43 -33.71 -3.31
C SER C 359 50.41 -32.40 -4.09
N HIS C 360 51.57 -31.76 -4.25
CA HIS C 360 51.61 -30.50 -4.98
C HIS C 360 51.11 -30.68 -6.41
N GLU C 361 51.59 -31.71 -7.09
CA GLU C 361 51.19 -31.93 -8.47
C GLU C 361 49.71 -32.28 -8.58
N GLN C 362 49.20 -33.11 -7.68
CA GLN C 362 47.78 -33.43 -7.74
C GLN C 362 46.93 -32.18 -7.54
N ASP C 363 47.34 -31.34 -6.59
CA ASP C 363 46.63 -30.08 -6.33
C ASP C 363 46.63 -29.20 -7.57
N MET C 364 47.77 -29.09 -8.24
CA MET C 364 47.84 -28.26 -9.45
C MET C 364 47.01 -28.84 -10.58
N LEU C 365 47.01 -30.16 -10.71
CA LEU C 365 46.28 -30.81 -11.80
C LEU C 365 44.79 -30.57 -11.68
N ARG C 366 44.27 -30.55 -10.44
CA ARG C 366 42.86 -30.23 -10.25
C ARG C 366 42.51 -28.91 -10.92
N LEU C 367 43.28 -27.86 -10.62
CA LEU C 367 43.03 -26.55 -11.21
C LEU C 367 43.21 -26.57 -12.72
N ARG C 368 44.22 -27.30 -13.20
CA ARG C 368 44.45 -27.37 -14.64
C ARG C 368 43.22 -27.88 -15.36
N ILE C 369 42.68 -29.02 -14.92
CA ILE C 369 41.50 -29.57 -15.57
C ILE C 369 40.32 -28.62 -15.43
N MET C 370 40.14 -28.07 -14.23
CA MET C 370 38.99 -27.20 -13.97
C MET C 370 38.97 -26.02 -14.92
N ILE C 371 40.12 -25.36 -15.10
CA ILE C 371 40.16 -24.20 -15.99
C ILE C 371 40.06 -24.64 -17.44
N TRP C 372 40.59 -25.82 -17.78
CA TRP C 372 40.55 -26.25 -19.17
C TRP C 372 39.13 -26.53 -19.66
N ARG C 373 38.25 -27.06 -18.80
CA ARG C 373 36.96 -27.56 -19.26
C ARG C 373 35.79 -26.64 -18.95
N THR C 374 35.94 -25.32 -19.11
CA THR C 374 34.83 -24.39 -18.96
C THR C 374 34.38 -23.87 -20.31
N LEU C 375 33.10 -23.51 -20.40
CA LEU C 375 32.54 -22.98 -21.64
C LEU C 375 31.77 -21.68 -21.51
N ALA C 376 31.09 -21.41 -20.39
CA ALA C 376 30.32 -20.19 -20.24
C ALA C 376 31.26 -19.00 -20.06
N THR C 377 30.79 -17.82 -20.46
CA THR C 377 31.59 -16.61 -20.41
C THR C 377 30.73 -15.42 -20.03
N ASP C 378 31.39 -14.38 -19.56
CA ASP C 378 30.74 -13.11 -19.26
C ASP C 378 31.79 -12.02 -19.21
N THR C 379 31.35 -10.77 -19.38
CA THR C 379 32.24 -9.62 -19.43
C THR C 379 31.69 -8.52 -18.55
N PHE C 380 32.58 -7.62 -18.14
CA PHE C 380 32.22 -6.50 -17.28
C PHE C 380 33.31 -5.45 -17.33
N ASP C 381 32.94 -4.22 -17.00
CA ASP C 381 33.89 -3.12 -16.85
C ASP C 381 33.94 -2.71 -15.39
N ILE C 382 35.15 -2.60 -14.85
CA ILE C 382 35.35 -2.45 -13.42
C ILE C 382 35.80 -1.05 -13.02
N ALA C 383 36.17 -0.20 -13.98
CA ALA C 383 36.69 1.12 -13.64
C ALA C 383 35.63 1.97 -12.95
N LEU C 384 36.06 2.74 -11.96
CA LEU C 384 35.13 3.59 -11.22
C LEU C 384 34.67 4.76 -12.08
N PRO C 385 33.42 5.18 -11.96
CA PRO C 385 33.02 6.49 -12.48
C PRO C 385 33.80 7.58 -11.79
N VAL C 386 34.10 8.64 -12.53
CA VAL C 386 34.98 9.69 -12.02
C VAL C 386 34.36 10.44 -10.85
N ASN C 387 33.04 10.43 -10.71
CA ASN C 387 32.34 11.23 -9.71
C ASN C 387 31.41 10.36 -8.88
N GLN C 388 31.91 9.24 -8.38
CA GLN C 388 31.09 8.33 -7.61
C GLN C 388 31.83 7.84 -6.38
N SER C 389 31.06 7.46 -5.37
CA SER C 389 31.59 6.86 -4.16
C SER C 389 31.68 5.34 -4.32
N PHE C 390 32.44 4.71 -3.42
CA PHE C 390 32.66 3.28 -3.52
C PHE C 390 31.43 2.45 -3.20
N ASP C 391 30.52 2.96 -2.37
CA ASP C 391 29.32 2.20 -2.02
C ASP C 391 28.42 1.97 -3.21
N VAL C 392 28.16 3.00 -4.01
CA VAL C 392 27.28 2.85 -5.16
C VAL C 392 27.87 1.86 -6.15
N TRP C 393 29.18 1.93 -6.39
CA TRP C 393 29.81 1.00 -7.31
C TRP C 393 29.81 -0.42 -6.76
N ALA C 394 30.04 -0.57 -5.45
CA ALA C 394 30.04 -1.88 -4.83
C ALA C 394 28.68 -2.55 -4.95
N THR C 395 27.60 -1.76 -4.82
CA THR C 395 26.27 -2.32 -4.99
C THR C 395 26.10 -2.91 -6.38
N ILE C 396 26.59 -2.20 -7.40
CA ILE C 396 26.48 -2.69 -8.77
C ILE C 396 27.29 -3.97 -8.94
N ILE C 397 28.49 -4.00 -8.35
CA ILE C 397 29.30 -5.21 -8.41
C ILE C 397 28.56 -6.38 -7.80
N ARG C 398 27.95 -6.16 -6.64
CA ARG C 398 27.21 -7.23 -5.96
C ARG C 398 26.07 -7.72 -6.83
N GLY C 399 25.32 -6.81 -7.44
CA GLY C 399 24.21 -7.22 -8.29
C GLY C 399 24.67 -8.02 -9.48
N LYS C 400 25.73 -7.57 -10.14
CA LYS C 400 26.24 -8.30 -11.30
C LYS C 400 26.66 -9.71 -10.92
N PHE C 401 27.40 -9.85 -9.82
CA PHE C 401 27.86 -11.17 -9.43
C PHE C 401 26.70 -12.04 -8.99
N GLN C 402 25.69 -11.46 -8.35
CA GLN C 402 24.52 -12.25 -7.97
C GLN C 402 23.79 -12.78 -9.20
N THR C 403 23.67 -11.96 -10.24
CA THR C 403 23.07 -12.46 -11.48
C THR C 403 23.90 -13.58 -12.06
N VAL C 404 25.22 -13.42 -12.09
CA VAL C 404 26.10 -14.45 -12.63
C VAL C 404 25.89 -15.76 -11.89
N TYR C 405 25.83 -15.69 -10.56
CA TYR C 405 25.66 -16.89 -9.77
C TYR C 405 24.29 -17.49 -9.96
N ARG C 406 23.29 -16.64 -10.21
CA ARG C 406 21.95 -17.14 -10.50
C ARG C 406 21.94 -17.96 -11.79
N ASP C 407 22.71 -17.53 -12.78
CA ASP C 407 22.70 -18.24 -14.06
C ASP C 407 23.13 -19.68 -13.92
N ILE C 408 24.06 -19.96 -13.00
CA ILE C 408 24.56 -21.31 -12.77
C ILE C 408 23.47 -22.20 -12.18
N ILE C 409 22.79 -21.71 -11.14
CA ILE C 409 21.69 -22.46 -10.54
C ILE C 409 20.58 -22.69 -11.55
N GLU C 410 20.35 -21.73 -12.44
CA GLU C 410 19.34 -21.92 -13.47
C GLU C 410 19.66 -23.13 -14.35
N ARG C 411 20.92 -23.26 -14.74
CA ARG C 411 21.28 -24.34 -15.67
C ARG C 411 21.39 -25.68 -14.96
N VAL C 412 21.90 -25.69 -13.72
CA VAL C 412 22.15 -26.95 -13.03
C VAL C 412 20.94 -27.45 -12.25
N LYS C 413 19.99 -26.57 -11.94
CA LYS C 413 18.76 -26.96 -11.24
C LYS C 413 19.07 -27.64 -9.91
N SER C 414 19.96 -27.02 -9.13
CA SER C 414 20.33 -27.52 -7.81
C SER C 414 20.85 -26.35 -6.98
N SER C 415 21.50 -26.67 -5.86
CA SER C 415 22.05 -25.67 -4.96
C SER C 415 23.25 -26.26 -4.24
N GLY C 416 23.99 -25.39 -3.55
CA GLY C 416 25.14 -25.84 -2.79
C GLY C 416 25.98 -24.67 -2.32
N ALA C 417 27.20 -24.99 -1.90
CA ALA C 417 28.13 -23.96 -1.44
C ALA C 417 28.61 -23.12 -2.62
N MET C 418 29.24 -21.99 -2.29
CA MET C 418 29.49 -20.94 -3.26
C MET C 418 30.95 -20.53 -3.16
N GLY C 419 31.54 -20.13 -4.29
CA GLY C 419 32.96 -19.83 -4.31
C GLY C 419 33.36 -19.16 -5.59
N MET C 420 34.64 -18.76 -5.65
CA MET C 420 35.13 -18.02 -6.79
C MET C 420 36.66 -17.97 -6.78
N PHE C 421 37.25 -18.19 -7.94
CA PHE C 421 38.69 -18.06 -8.15
C PHE C 421 38.99 -16.74 -8.83
N ALA C 422 40.06 -16.08 -8.40
CA ALA C 422 40.40 -14.76 -8.89
C ALA C 422 41.87 -14.68 -9.26
N GLY C 423 42.17 -13.86 -10.27
CA GLY C 423 43.53 -13.52 -10.60
C GLY C 423 44.09 -12.49 -9.63
N ALA C 424 45.36 -12.15 -9.83
CA ALA C 424 46.03 -11.23 -8.92
C ALA C 424 45.38 -9.85 -8.95
N ASP C 425 45.16 -9.31 -10.15
CA ASP C 425 44.59 -7.97 -10.27
C ASP C 425 43.14 -7.94 -9.79
N ALA C 426 42.39 -9.00 -10.07
CA ALA C 426 41.01 -9.05 -9.60
C ALA C 426 40.95 -9.02 -8.07
N ALA C 427 41.82 -9.79 -7.42
CA ALA C 427 41.89 -9.75 -5.96
C ALA C 427 42.31 -8.38 -5.47
N SER C 428 43.27 -7.76 -6.17
CA SER C 428 43.70 -6.42 -5.79
C SER C 428 42.55 -5.44 -5.84
N PHE C 429 41.70 -5.55 -6.86
CA PHE C 429 40.56 -4.64 -6.97
C PHE C 429 39.51 -4.95 -5.91
N PHE C 430 39.30 -6.23 -5.60
CA PHE C 430 38.32 -6.60 -4.57
C PHE C 430 38.77 -6.13 -3.20
N LYS C 431 40.09 -6.02 -2.99
CA LYS C 431 40.59 -5.60 -1.69
C LYS C 431 40.26 -4.14 -1.38
N GLN C 432 39.79 -3.39 -2.36
CA GLN C 432 39.47 -1.97 -2.18
C GLN C 432 38.01 -1.72 -1.81
N LEU C 433 37.21 -2.76 -1.67
CA LEU C 433 35.80 -2.58 -1.36
C LEU C 433 35.62 -2.18 0.11
N PRO C 434 34.48 -1.56 0.44
CA PRO C 434 34.21 -1.23 1.84
C PRO C 434 34.09 -2.47 2.71
N LYS C 435 34.15 -2.25 4.01
CA LYS C 435 34.28 -3.35 4.96
C LYS C 435 33.04 -4.25 4.95
N ASP C 436 31.86 -3.67 4.80
CA ASP C 436 30.64 -4.47 4.83
C ASP C 436 30.61 -5.47 3.67
N PHE C 437 31.02 -5.04 2.48
CA PHE C 437 30.92 -5.93 1.32
C PHE C 437 32.00 -7.00 1.33
N PHE C 438 33.23 -6.64 1.72
CA PHE C 438 34.35 -7.56 1.71
C PHE C 438 34.83 -7.83 3.13
N GLN C 439 34.95 -9.10 3.49
CA GLN C 439 35.39 -9.50 4.82
C GLN C 439 36.79 -10.08 4.74
N PRO C 440 37.82 -9.35 5.16
CA PRO C 440 39.19 -9.88 5.05
C PRO C 440 39.43 -11.03 6.00
N ALA C 441 40.43 -11.85 5.65
CA ALA C 441 40.83 -12.96 6.49
C ALA C 441 41.57 -12.45 7.73
N GLU C 442 41.56 -13.29 8.77
CA GLU C 442 42.19 -12.92 10.03
C GLU C 442 43.69 -13.11 9.96
N ASP C 443 44.43 -12.03 10.22
CA ASP C 443 45.90 -12.03 10.20
C ASP C 443 46.44 -12.56 8.87
N TYR C 444 45.84 -12.10 7.78
CA TYR C 444 46.26 -12.55 6.45
C TYR C 444 47.57 -11.88 6.09
N ILE C 445 48.61 -12.70 5.88
CA ILE C 445 49.90 -12.23 5.38
C ILE C 445 50.13 -12.90 4.04
N GLN C 446 50.50 -12.10 3.04
CA GLN C 446 50.56 -12.61 1.68
C GLN C 446 51.66 -13.64 1.52
N THR C 447 51.40 -14.63 0.67
CA THR C 447 52.35 -15.62 0.23
C THR C 447 52.26 -15.75 -1.28
N PRO C 448 53.34 -16.14 -1.94
CA PRO C 448 53.27 -16.32 -3.40
C PRO C 448 52.60 -17.63 -3.80
N TYR C 449 51.91 -18.25 -2.84
CA TYR C 449 51.16 -19.46 -3.11
C TYR C 449 49.75 -19.10 -3.60
N VAL C 450 48.95 -20.13 -3.83
CA VAL C 450 47.52 -19.96 -4.07
C VAL C 450 46.82 -20.09 -2.73
N HIS C 451 46.33 -18.97 -2.21
CA HIS C 451 45.84 -18.92 -0.84
C HIS C 451 44.48 -18.26 -0.76
N TYR C 452 43.81 -18.48 0.35
CA TYR C 452 42.47 -17.96 0.61
C TYR C 452 42.60 -16.60 1.30
N ILE C 453 42.07 -15.55 0.67
CA ILE C 453 42.27 -14.20 1.18
C ILE C 453 41.06 -13.69 1.97
N GLY C 454 39.89 -14.29 1.80
CA GLY C 454 38.74 -13.84 2.55
C GLY C 454 37.45 -14.17 1.81
N THR C 455 36.38 -13.54 2.27
CA THR C 455 35.05 -13.75 1.71
C THR C 455 34.36 -12.41 1.52
N LEU C 456 33.38 -12.39 0.63
CA LEU C 456 32.59 -11.20 0.36
C LEU C 456 31.12 -11.57 0.26
N PHE C 457 30.27 -10.59 0.57
CA PHE C 457 28.82 -10.76 0.59
C PHE C 457 28.37 -11.78 1.62
N GLY C 458 29.30 -12.24 2.46
CA GLY C 458 28.99 -13.18 3.50
C GLY C 458 28.82 -14.63 3.05
N ASN C 459 28.85 -14.89 1.75
CA ASN C 459 28.68 -16.24 1.22
C ASN C 459 29.87 -16.71 0.41
N VAL C 460 30.35 -15.90 -0.52
CA VAL C 460 31.32 -16.37 -1.51
C VAL C 460 32.72 -16.30 -0.91
N LYS C 461 33.40 -17.45 -0.89
CA LYS C 461 34.80 -17.51 -0.50
C LYS C 461 35.66 -17.39 -1.74
N VAL C 462 36.77 -16.67 -1.63
CA VAL C 462 37.62 -16.39 -2.78
C VAL C 462 39.05 -16.85 -2.49
N TYR C 463 39.77 -17.13 -3.58
CA TYR C 463 41.17 -17.49 -3.53
C TYR C 463 41.92 -16.67 -4.55
N GLU C 464 43.17 -16.36 -4.24
CA GLU C 464 44.00 -15.53 -5.10
C GLU C 464 45.01 -16.40 -5.83
N VAL C 465 45.13 -16.19 -7.14
CA VAL C 465 46.09 -16.91 -7.97
C VAL C 465 47.24 -15.96 -8.29
N PRO C 466 48.49 -16.31 -8.00
CA PRO C 466 49.60 -15.40 -8.27
C PRO C 466 49.78 -15.14 -9.76
N ALA C 467 50.35 -13.98 -10.06
CA ALA C 467 50.59 -13.61 -11.45
C ALA C 467 51.53 -14.60 -12.13
N GLY C 468 52.57 -15.05 -11.42
CA GLY C 468 53.51 -15.98 -12.01
C GLY C 468 52.88 -17.30 -12.39
N ILE C 469 52.00 -17.82 -11.54
CA ILE C 469 51.32 -19.06 -11.86
C ILE C 469 50.40 -18.88 -13.05
N CYS C 470 49.75 -17.71 -13.14
CA CYS C 470 48.94 -17.40 -14.31
C CYS C 470 49.78 -17.36 -15.59
N LYS C 471 50.95 -16.74 -15.51
CA LYS C 471 51.82 -16.65 -16.68
C LYS C 471 52.28 -18.04 -17.09
N ASN C 472 52.67 -18.86 -16.11
CA ASN C 472 53.09 -20.23 -16.40
C ASN C 472 51.95 -21.08 -16.94
N LEU C 473 50.71 -20.79 -16.55
CA LEU C 473 49.58 -21.47 -17.18
C LEU C 473 49.43 -21.01 -18.63
N THR C 474 49.62 -19.72 -18.87
CA THR C 474 49.46 -19.20 -20.22
C THR C 474 50.55 -19.71 -21.15
N THR C 475 51.73 -20.08 -20.63
CA THR C 475 52.71 -20.68 -21.51
C THR C 475 52.26 -22.07 -21.96
N GLU C 476 51.39 -22.72 -21.20
CA GLU C 476 50.71 -23.89 -21.70
C GLU C 476 49.54 -23.48 -22.57
N ASN C 477 48.97 -24.44 -23.29
CA ASN C 477 47.82 -24.13 -24.13
C ASN C 477 46.61 -23.69 -23.30
N ILE C 478 46.62 -23.95 -21.99
CA ILE C 478 45.60 -23.40 -21.12
C ILE C 478 45.71 -21.89 -21.11
N GLN C 479 44.57 -21.22 -21.25
CA GLN C 479 44.54 -19.76 -21.30
C GLN C 479 43.99 -19.21 -19.99
N PHE C 480 44.67 -18.20 -19.45
CA PHE C 480 44.24 -17.54 -18.22
C PHE C 480 45.01 -16.24 -18.09
N SER C 481 44.32 -15.15 -17.79
CA SER C 481 44.93 -13.85 -17.60
C SER C 481 44.72 -13.37 -16.18
N SER C 482 45.55 -12.41 -15.77
CA SER C 482 45.47 -11.90 -14.41
C SER C 482 44.15 -11.22 -14.11
N MET C 483 43.42 -10.80 -15.15
CA MET C 483 42.12 -10.19 -14.95
C MET C 483 40.97 -11.19 -15.00
N ASP C 484 41.25 -12.45 -15.32
CA ASP C 484 40.19 -13.44 -15.40
C ASP C 484 39.66 -13.79 -14.01
N VAL C 485 38.36 -14.04 -13.93
CA VAL C 485 37.70 -14.45 -12.70
C VAL C 485 36.88 -15.69 -12.99
N LEU C 486 37.07 -16.74 -12.20
CA LEU C 486 36.38 -18.00 -12.37
C LEU C 486 35.49 -18.26 -11.17
N CYS C 487 34.22 -18.55 -11.42
CA CYS C 487 33.24 -18.79 -10.38
C CYS C 487 32.72 -20.21 -10.45
N TYR C 488 32.38 -20.77 -9.29
CA TYR C 488 31.99 -22.17 -9.23
C TYR C 488 31.00 -22.37 -8.10
N VAL C 489 30.23 -23.45 -8.22
CA VAL C 489 29.26 -23.85 -7.19
C VAL C 489 29.51 -25.30 -6.84
N ARG C 490 29.82 -25.56 -5.58
CA ARG C 490 30.06 -26.92 -5.10
C ARG C 490 28.77 -27.48 -4.52
N ASP C 491 28.39 -28.66 -4.98
CA ASP C 491 27.13 -29.29 -4.61
C ASP C 491 27.37 -30.55 -3.78
N GLU C 492 26.61 -30.69 -2.70
CA GLU C 492 26.74 -31.82 -1.79
C GLU C 492 25.55 -32.77 -1.88
N ASN C 493 24.68 -32.61 -2.89
CA ASN C 493 23.53 -33.49 -3.01
C ASN C 493 23.99 -34.90 -3.37
N PRO C 494 23.22 -35.92 -2.97
CA PRO C 494 23.75 -37.29 -3.01
C PRO C 494 24.23 -37.75 -4.38
N GLY C 495 23.53 -37.39 -5.45
CA GLY C 495 23.89 -37.93 -6.76
C GLY C 495 24.54 -36.93 -7.70
N LYS C 496 24.32 -35.64 -7.45
CA LYS C 496 24.72 -34.58 -8.37
C LYS C 496 25.90 -33.81 -7.78
N ALA C 497 26.93 -33.60 -8.61
CA ALA C 497 28.12 -32.89 -8.18
C ALA C 497 28.80 -32.28 -9.39
N GLY C 498 29.47 -31.16 -9.17
CA GLY C 498 30.18 -30.47 -10.24
C GLY C 498 31.51 -31.11 -10.57
N PHE C 499 32.44 -31.09 -9.61
CA PHE C 499 33.73 -31.73 -9.76
C PHE C 499 33.89 -32.75 -8.65
N VAL C 500 34.28 -33.97 -9.01
CA VAL C 500 34.40 -35.05 -8.05
C VAL C 500 35.87 -35.45 -7.93
N THR C 501 36.23 -35.90 -6.73
CA THR C 501 37.58 -36.37 -6.46
C THR C 501 37.50 -37.40 -5.35
N GLY C 502 38.55 -38.21 -5.25
CA GLY C 502 38.59 -39.25 -4.24
C GLY C 502 39.91 -39.98 -4.33
N ASP C 503 40.12 -40.86 -3.36
CA ASP C 503 41.34 -41.65 -3.26
C ASP C 503 40.96 -43.12 -3.37
N ALA C 504 41.24 -43.71 -4.54
CA ALA C 504 41.00 -45.13 -4.72
C ALA C 504 41.98 -45.96 -3.90
N VAL C 505 43.27 -45.65 -4.00
CA VAL C 505 44.31 -46.35 -3.26
C VAL C 505 45.39 -45.34 -2.88
N PRO C 506 45.69 -45.16 -1.60
CA PRO C 506 46.71 -44.18 -1.21
C PRO C 506 48.09 -44.61 -1.66
N ALA C 507 49.06 -43.71 -1.48
CA ALA C 507 50.41 -43.96 -1.91
C ALA C 507 51.05 -45.09 -1.11
N ILE C 508 51.72 -45.99 -1.82
CA ILE C 508 52.36 -47.14 -1.18
C ILE C 508 53.88 -47.02 -1.33
N PRO C 509 54.61 -46.71 -0.27
CA PRO C 509 56.07 -46.63 -0.38
C PRO C 509 56.68 -48.00 -0.63
N PHE C 510 57.73 -48.02 -1.45
CA PHE C 510 58.52 -49.22 -1.69
C PHE C 510 59.99 -48.86 -1.54
N GLN C 511 60.69 -49.60 -0.68
CA GLN C 511 62.12 -49.41 -0.48
C GLN C 511 62.85 -50.66 -0.94
N HIS C 512 63.89 -50.47 -1.73
CA HIS C 512 64.60 -51.62 -2.23
C HIS C 512 65.95 -51.77 -1.54
N PRO C 513 66.41 -53.00 -1.34
CA PRO C 513 67.72 -53.20 -0.73
C PRO C 513 68.83 -52.70 -1.64
N THR C 514 69.99 -52.49 -1.03
CA THR C 514 71.12 -51.94 -1.78
C THR C 514 71.49 -52.84 -2.94
N THR C 515 71.52 -52.27 -4.13
CA THR C 515 71.82 -53.03 -5.33
C THR C 515 73.25 -53.53 -5.28
N PRO C 516 73.53 -54.73 -5.79
CA PRO C 516 74.92 -55.18 -5.92
C PRO C 516 75.78 -54.25 -6.77
N ALA C 517 75.15 -53.25 -7.37
CA ALA C 517 75.83 -52.15 -8.04
C ALA C 517 75.88 -50.91 -7.17
N LEU C 518 75.59 -51.03 -5.87
CA LEU C 518 75.64 -49.92 -4.92
C LEU C 518 74.67 -48.80 -5.31
N VAL C 519 73.40 -49.18 -5.45
CA VAL C 519 72.34 -48.24 -5.81
C VAL C 519 71.19 -48.43 -4.84
N ASN C 520 70.67 -47.32 -4.33
CA ASN C 520 69.49 -47.32 -3.47
C ASN C 520 68.36 -46.59 -4.18
N ARG C 521 67.19 -47.23 -4.24
CA ARG C 521 66.06 -46.69 -4.97
C ARG C 521 64.80 -46.80 -4.14
N THR C 522 63.94 -45.79 -4.25
CA THR C 522 62.65 -45.76 -3.57
C THR C 522 61.58 -45.37 -4.59
N THR C 523 60.42 -46.00 -4.48
CA THR C 523 59.33 -45.80 -5.42
C THR C 523 58.02 -45.55 -4.68
N LEU C 524 57.10 -44.89 -5.37
CA LEU C 524 55.77 -44.63 -4.84
C LEU C 524 54.75 -45.00 -5.90
N TRP C 525 53.61 -45.53 -5.46
CA TRP C 525 52.54 -45.91 -6.36
C TRP C 525 51.20 -45.74 -5.64
N GLY C 526 50.18 -45.42 -6.42
CA GLY C 526 48.86 -45.21 -5.86
C GLY C 526 47.88 -44.84 -6.95
N SER C 527 46.60 -44.87 -6.59
CA SER C 527 45.53 -44.62 -7.53
C SER C 527 44.51 -43.67 -6.91
N ALA C 528 44.00 -42.76 -7.74
CA ALA C 528 42.99 -41.80 -7.29
C ALA C 528 42.20 -41.36 -8.51
N ILE C 529 41.07 -40.70 -8.25
CA ILE C 529 40.20 -40.21 -9.30
C ILE C 529 40.17 -38.68 -9.23
N ASN C 530 40.50 -38.04 -10.34
CA ASN C 530 40.44 -36.59 -10.42
C ASN C 530 39.94 -36.24 -11.83
N ASP C 531 38.62 -36.11 -11.94
CA ASP C 531 37.99 -35.79 -13.21
C ASP C 531 36.59 -35.28 -12.91
N MET C 532 35.97 -34.69 -13.93
CA MET C 532 34.71 -33.99 -13.73
C MET C 532 33.56 -34.97 -13.84
N HIS C 533 32.42 -34.59 -13.28
CA HIS C 533 31.29 -35.52 -13.19
C HIS C 533 30.77 -35.83 -14.58
N PRO C 534 30.50 -37.10 -14.89
CA PRO C 534 30.08 -37.45 -16.27
C PRO C 534 28.79 -36.80 -16.70
N ARG C 535 27.85 -36.60 -15.78
CA ARG C 535 26.54 -36.05 -16.12
C ARG C 535 26.51 -34.57 -15.78
N ASN C 536 26.38 -33.74 -16.82
CA ASN C 536 26.15 -32.30 -16.65
C ASN C 536 27.23 -31.67 -15.78
N GLY C 537 28.47 -32.07 -16.01
CA GLY C 537 29.58 -31.61 -15.18
C GLY C 537 30.00 -30.19 -15.44
N ALA C 538 30.37 -29.88 -16.69
CA ALA C 538 30.97 -28.58 -16.99
C ALA C 538 30.00 -27.43 -16.78
N ASP C 539 28.71 -27.73 -16.61
CA ASP C 539 27.71 -26.68 -16.46
C ASP C 539 27.88 -25.88 -15.19
N TYR C 540 28.66 -26.38 -14.23
CA TYR C 540 28.77 -25.70 -12.93
C TYR C 540 29.81 -24.59 -12.90
N PHE C 541 30.33 -24.15 -14.05
CA PHE C 541 31.39 -23.15 -14.04
C PHE C 541 31.13 -22.11 -15.11
N THR C 542 31.43 -20.85 -14.79
CA THR C 542 31.42 -19.75 -15.74
C THR C 542 32.70 -18.94 -15.58
N ARG C 543 33.19 -18.41 -16.69
CA ARG C 543 34.40 -17.60 -16.70
C ARG C 543 34.03 -16.14 -16.95
N VAL C 544 34.50 -15.26 -16.07
CA VAL C 544 34.20 -13.84 -16.15
C VAL C 544 35.50 -13.08 -16.33
N THR C 545 35.56 -12.25 -17.36
CA THR C 545 36.71 -11.41 -17.63
C THR C 545 36.32 -9.94 -17.53
N LEU C 546 37.18 -9.16 -16.91
CA LEU C 546 36.90 -7.75 -16.62
C LEU C 546 37.72 -6.87 -17.56
N THR C 547 37.05 -5.93 -18.20
CA THR C 547 37.73 -4.93 -19.00
C THR C 547 37.94 -3.66 -18.18
N MET C 548 38.79 -2.78 -18.69
CA MET C 548 39.20 -1.61 -17.92
C MET C 548 39.24 -0.36 -18.81
N ALA C 549 38.25 -0.19 -19.67
CA ALA C 549 38.23 0.92 -20.62
C ALA C 549 36.79 1.43 -20.75
N LYS C 550 36.52 2.59 -20.16
CA LYS C 550 35.22 3.22 -20.27
C LYS C 550 35.42 4.72 -20.17
N LYS C 551 34.62 5.47 -20.94
CA LYS C 551 34.74 6.91 -20.92
C LYS C 551 34.38 7.47 -19.55
N GLY C 552 35.14 8.46 -19.11
CA GLY C 552 34.92 9.04 -17.79
C GLY C 552 35.15 8.08 -16.64
N GLY C 553 36.21 7.26 -16.73
CA GLY C 553 36.51 6.29 -15.71
C GLY C 553 37.91 6.48 -15.15
N LEU C 554 38.21 5.69 -14.13
CA LEU C 554 39.51 5.70 -13.46
C LEU C 554 40.10 4.30 -13.47
N ASN C 555 41.37 4.21 -13.88
CA ASN C 555 42.07 2.93 -13.88
C ASN C 555 42.96 2.85 -12.65
N PHE C 556 42.76 1.80 -11.85
CA PHE C 556 43.51 1.63 -10.61
C PHE C 556 44.98 1.34 -10.87
N ILE C 557 45.33 0.84 -12.06
CA ILE C 557 46.71 0.51 -12.34
C ILE C 557 47.55 1.77 -12.48
N SER C 558 47.04 2.76 -13.21
CA SER C 558 47.78 3.99 -13.47
C SER C 558 47.21 5.23 -12.79
N GLY C 559 45.98 5.17 -12.30
CA GLY C 559 45.40 6.33 -11.65
C GLY C 559 45.20 7.50 -12.59
N ASP C 560 44.64 7.23 -13.76
CA ASP C 560 44.47 8.24 -14.80
C ASP C 560 43.04 8.24 -15.30
N THR C 561 42.62 9.37 -15.88
CA THR C 561 41.31 9.45 -16.48
C THR C 561 41.32 8.76 -17.85
N ILE C 562 40.19 8.19 -18.22
CA ILE C 562 40.06 7.42 -19.46
C ILE C 562 39.27 8.26 -20.45
N ASP C 563 39.98 8.90 -21.37
CA ASP C 563 39.38 9.62 -22.50
C ASP C 563 38.34 10.64 -22.04
N ALA C 564 38.65 11.33 -20.93
CA ALA C 564 37.74 12.34 -20.39
C ALA C 564 38.50 13.34 -19.54
N GLU D 125 46.26 -63.72 -20.56
CA GLU D 125 44.93 -63.70 -19.96
C GLU D 125 44.94 -64.40 -18.61
N MET D 126 46.13 -64.80 -18.15
CA MET D 126 46.26 -65.45 -16.86
C MET D 126 45.95 -64.46 -15.74
N MET D 127 45.53 -64.99 -14.60
CA MET D 127 45.16 -64.17 -13.45
C MET D 127 46.32 -63.32 -12.95
N SER D 128 47.56 -63.67 -13.31
CA SER D 128 48.72 -62.97 -12.75
C SER D 128 48.73 -61.49 -13.15
N VAL D 129 48.46 -61.20 -14.41
CA VAL D 129 48.50 -59.82 -14.89
C VAL D 129 47.21 -59.12 -14.48
N SER D 130 47.29 -57.78 -14.38
CA SER D 130 46.15 -57.01 -13.87
C SER D 130 44.92 -57.18 -14.74
N ASP D 131 45.09 -57.23 -16.07
CA ASP D 131 43.94 -57.34 -16.95
C ASP D 131 43.23 -58.68 -16.85
N GLY D 132 43.90 -59.70 -16.32
CA GLY D 132 43.30 -61.02 -16.29
C GLY D 132 42.04 -61.09 -15.46
N VAL D 133 42.01 -60.39 -14.33
CA VAL D 133 40.86 -60.45 -13.45
C VAL D 133 39.70 -59.67 -14.05
N MET D 134 38.49 -60.17 -13.83
CA MET D 134 37.29 -59.44 -14.22
C MET D 134 36.94 -58.41 -13.15
N ARG D 135 35.95 -57.58 -13.46
CA ARG D 135 35.53 -56.52 -12.56
C ARG D 135 34.02 -56.51 -12.44
N LEU D 136 33.54 -56.03 -11.30
CA LEU D 136 32.12 -55.96 -11.00
C LEU D 136 31.69 -54.51 -10.87
N PRO D 137 30.72 -54.05 -11.64
CA PRO D 137 30.26 -52.67 -11.53
C PRO D 137 29.53 -52.42 -10.22
N LEU D 138 29.44 -51.14 -9.85
CA LEU D 138 28.80 -50.72 -8.62
C LEU D 138 27.64 -49.78 -8.94
N PHE D 139 26.59 -49.89 -8.15
CA PHE D 139 25.39 -49.07 -8.28
C PHE D 139 25.27 -48.19 -7.05
N LEU D 140 25.17 -46.88 -7.26
CA LEU D 140 25.16 -45.97 -6.12
C LEU D 140 24.17 -44.81 -6.18
N ALA D 141 23.35 -44.69 -7.22
CA ALA D 141 22.50 -43.52 -7.32
C ALA D 141 21.21 -43.84 -8.06
N MET D 142 20.20 -43.04 -7.78
CA MET D 142 18.90 -43.14 -8.47
C MET D 142 18.26 -41.77 -8.41
N ILE D 143 18.27 -41.05 -9.53
CA ILE D 143 17.75 -39.69 -9.60
C ILE D 143 16.36 -39.73 -10.22
N LEU D 144 15.41 -39.10 -9.57
CA LEU D 144 14.04 -39.05 -10.02
C LEU D 144 13.69 -37.65 -10.50
N PRO D 145 12.68 -37.53 -11.35
CA PRO D 145 12.32 -36.20 -11.87
C PRO D 145 11.91 -35.25 -10.74
N VAL D 146 12.31 -33.99 -10.89
CA VAL D 146 12.05 -32.97 -9.88
C VAL D 146 10.59 -32.52 -9.98
N GLN D 147 10.14 -31.80 -8.96
CA GLN D 147 8.76 -31.32 -8.93
C GLN D 147 8.55 -30.21 -9.96
N LEU D 148 7.29 -30.02 -10.35
CA LEU D 148 6.87 -28.96 -11.24
C LEU D 148 5.89 -28.05 -10.52
N GLY D 149 5.73 -26.84 -11.04
CA GLY D 149 4.72 -25.94 -10.52
C GLY D 149 4.98 -24.52 -10.93
N ALA D 150 4.03 -23.66 -10.56
CA ALA D 150 4.15 -22.22 -10.78
C ALA D 150 3.23 -21.52 -9.79
N ALA D 151 3.55 -20.26 -9.52
CA ALA D 151 2.80 -19.46 -8.55
C ALA D 151 2.22 -18.25 -9.27
N THR D 152 1.04 -18.42 -9.85
CA THR D 152 0.40 -17.35 -10.60
C THR D 152 -1.00 -17.03 -10.08
N ALA D 153 -1.38 -17.61 -8.94
CA ALA D 153 -2.75 -17.50 -8.48
C ALA D 153 -3.06 -16.18 -7.79
N ASP D 154 -2.07 -15.32 -7.58
CA ASP D 154 -2.31 -14.09 -6.85
C ASP D 154 -3.28 -13.19 -7.58
N ALA D 155 -3.14 -13.07 -8.90
CA ALA D 155 -3.97 -12.13 -9.65
C ALA D 155 -5.41 -12.61 -9.74
N CYS D 156 -5.62 -13.92 -9.84
CA CYS D 156 -6.95 -14.44 -10.10
C CYS D 156 -7.85 -14.30 -8.87
N THR D 157 -9.15 -14.26 -9.12
CA THR D 157 -10.17 -14.32 -8.08
C THR D 157 -11.05 -15.54 -8.33
N PHE D 158 -11.54 -16.11 -7.24
CA PHE D 158 -12.23 -17.40 -7.29
C PHE D 158 -13.73 -17.19 -7.13
N ILE D 159 -14.49 -17.76 -8.06
CA ILE D 159 -15.96 -17.67 -8.02
C ILE D 159 -16.54 -19.07 -8.12
N PRO D 160 -17.73 -19.30 -7.60
CA PRO D 160 -18.36 -20.62 -7.75
C PRO D 160 -19.09 -20.73 -9.07
N VAL D 161 -19.00 -21.91 -9.68
CA VAL D 161 -19.69 -22.20 -10.92
C VAL D 161 -20.40 -23.53 -10.75
N THR D 162 -21.72 -23.53 -10.98
CA THR D 162 -22.52 -24.73 -10.87
C THR D 162 -23.10 -25.17 -12.20
N ARG D 163 -23.82 -24.29 -12.88
CA ARG D 163 -24.41 -24.60 -14.17
C ARG D 163 -23.48 -24.13 -15.28
N ASP D 164 -23.86 -24.43 -16.52
CA ASP D 164 -22.95 -24.18 -17.64
C ASP D 164 -22.78 -22.69 -17.91
N GLN D 165 -23.88 -21.94 -17.91
CA GLN D 165 -23.84 -20.54 -18.29
C GLN D 165 -24.42 -19.68 -17.19
N SER D 166 -23.70 -18.62 -16.84
CA SER D 166 -24.07 -17.75 -15.74
C SER D 166 -24.29 -16.34 -16.26
N ASP D 167 -24.93 -15.51 -15.43
CA ASP D 167 -25.26 -14.15 -15.80
C ASP D 167 -24.94 -13.22 -14.65
N ILE D 168 -24.57 -11.99 -15.00
CA ILE D 168 -24.24 -10.96 -14.02
C ILE D 168 -24.88 -9.66 -14.45
N TYR D 169 -25.57 -9.00 -13.52
CA TYR D 169 -26.31 -7.77 -13.81
C TYR D 169 -25.72 -6.61 -13.03
N GLU D 170 -25.92 -5.40 -13.55
CA GLU D 170 -25.43 -4.19 -12.92
C GLU D 170 -26.52 -3.12 -12.99
N VAL D 171 -26.54 -2.26 -11.98
CA VAL D 171 -27.53 -1.17 -11.88
C VAL D 171 -26.79 0.16 -11.87
N PHE D 172 -27.39 1.17 -12.46
CA PHE D 172 -26.78 2.47 -12.65
C PHE D 172 -27.65 3.57 -12.04
N ASN D 173 -27.10 4.78 -12.02
CA ASN D 173 -27.84 5.97 -11.61
C ASN D 173 -27.87 6.94 -12.78
N VAL D 174 -29.07 7.41 -13.13
CA VAL D 174 -29.26 8.25 -14.31
C VAL D 174 -30.19 9.40 -13.94
N ALA D 175 -29.78 10.62 -14.30
CA ALA D 175 -30.64 11.77 -14.12
C ALA D 175 -31.88 11.65 -15.00
N GLY D 176 -33.04 11.93 -14.43
CA GLY D 176 -34.29 11.71 -15.13
C GLY D 176 -34.94 12.96 -15.69
N SER D 177 -34.17 14.04 -15.82
CA SER D 177 -34.74 15.29 -16.32
C SER D 177 -33.65 16.10 -17.00
N SER D 178 -34.08 17.06 -17.80
CA SER D 178 -33.16 17.95 -18.50
C SER D 178 -32.84 19.20 -17.69
N PHE D 179 -33.30 19.28 -16.46
CA PHE D 179 -33.11 20.47 -15.65
C PHE D 179 -31.64 20.66 -15.28
N GLY D 180 -31.24 21.92 -15.15
CA GLY D 180 -29.88 22.20 -14.73
C GLY D 180 -28.83 21.82 -15.77
N SER D 181 -27.64 21.53 -15.29
CA SER D 181 -26.52 21.23 -16.18
C SER D 181 -26.77 19.94 -16.97
N TYR D 182 -27.32 18.93 -16.33
CA TYR D 182 -27.42 17.62 -16.94
C TYR D 182 -28.58 17.56 -17.92
N ALA D 183 -28.56 16.53 -18.75
CA ALA D 183 -29.66 16.17 -19.63
C ALA D 183 -30.11 14.76 -19.31
N ALA D 184 -31.38 14.48 -19.56
CA ALA D 184 -31.94 13.18 -19.25
C ALA D 184 -31.14 12.09 -19.97
N GLY D 185 -30.81 11.04 -19.23
CA GLY D 185 -29.93 10.00 -19.73
C GLY D 185 -28.51 10.05 -19.21
N ASP D 186 -28.09 11.17 -18.64
CA ASP D 186 -26.74 11.27 -18.11
C ASP D 186 -26.57 10.36 -16.90
N VAL D 187 -25.32 10.05 -16.59
CA VAL D 187 -24.97 9.10 -15.53
C VAL D 187 -24.31 9.86 -14.39
N LEU D 188 -24.70 9.54 -13.16
CA LEU D 188 -24.19 10.18 -11.96
C LEU D 188 -23.30 9.20 -11.20
N ASP D 189 -22.11 9.65 -10.81
CA ASP D 189 -21.12 8.80 -10.19
C ASP D 189 -20.37 9.59 -9.14
N MET D 190 -19.25 9.04 -8.64
CA MET D 190 -18.49 9.70 -7.59
C MET D 190 -17.89 11.01 -8.06
N GLN D 191 -17.45 11.07 -9.32
CA GLN D 191 -16.69 12.20 -9.83
C GLN D 191 -17.56 13.10 -10.69
N SER D 192 -18.84 13.18 -10.34
CA SER D 192 -19.80 13.97 -11.10
C SER D 192 -20.02 15.31 -10.41
N VAL D 193 -19.85 16.39 -11.16
CA VAL D 193 -20.06 17.74 -10.67
C VAL D 193 -21.06 18.43 -11.58
N GLY D 194 -21.97 19.18 -10.99
CA GLY D 194 -22.94 19.90 -11.78
C GLY D 194 -24.00 20.50 -10.88
N VAL D 195 -24.71 21.46 -11.43
CA VAL D 195 -25.80 22.13 -10.72
C VAL D 195 -27.07 21.33 -10.99
N TYR D 196 -27.60 20.71 -9.94
CA TYR D 196 -28.79 19.87 -10.06
C TYR D 196 -29.37 19.73 -8.66
N SER D 197 -30.57 20.26 -8.45
CA SER D 197 -31.26 20.33 -7.16
C SER D 197 -30.75 21.48 -6.28
N GLN D 198 -29.78 22.25 -6.76
CA GLN D 198 -29.42 23.48 -6.06
C GLN D 198 -30.10 24.67 -6.71
N LEU D 199 -30.71 25.52 -5.88
CA LEU D 199 -31.56 26.59 -6.38
C LEU D 199 -30.85 27.94 -6.46
N ARG D 200 -29.64 28.06 -5.94
CA ARG D 200 -28.86 29.28 -6.06
C ARG D 200 -27.74 29.05 -7.07
N ARG D 201 -27.77 29.83 -8.15
CA ARG D 201 -26.87 29.60 -9.27
C ARG D 201 -26.25 30.91 -9.72
N ARG D 202 -25.25 30.80 -10.59
CA ARG D 202 -24.64 31.95 -11.23
C ARG D 202 -24.48 31.69 -12.71
N TYR D 203 -24.57 32.76 -13.50
CA TYR D 203 -24.50 32.66 -14.94
C TYR D 203 -23.57 33.75 -15.49
N VAL D 204 -22.84 33.41 -16.53
CA VAL D 204 -21.96 34.36 -17.20
C VAL D 204 -22.74 35.07 -18.29
N LEU D 205 -22.79 36.40 -18.21
CA LEU D 205 -23.58 37.19 -19.15
C LEU D 205 -22.75 37.66 -20.35
N VAL D 206 -21.61 38.28 -20.10
CA VAL D 206 -20.72 38.76 -21.15
C VAL D 206 -19.35 38.18 -20.88
N ALA D 207 -18.87 37.32 -21.79
CA ALA D 207 -17.56 36.71 -21.61
C ALA D 207 -16.45 37.75 -21.65
N SER D 208 -16.50 38.65 -22.64
CA SER D 208 -15.54 39.74 -22.76
C SER D 208 -16.24 40.94 -23.35
N SER D 209 -16.24 42.04 -22.60
CA SER D 209 -16.99 43.22 -22.98
C SER D 209 -16.28 43.97 -24.09
N ASP D 210 -17.01 44.26 -25.16
CA ASP D 210 -16.49 45.15 -26.20
C ASP D 210 -16.52 46.59 -25.70
N GLY D 211 -15.68 47.42 -26.31
CA GLY D 211 -15.59 48.81 -25.88
C GLY D 211 -16.86 49.59 -26.14
N THR D 212 -17.46 49.42 -27.31
CA THR D 212 -18.57 50.28 -27.73
C THR D 212 -19.89 49.94 -27.03
N SER D 213 -20.01 48.73 -26.48
CA SER D 213 -21.28 48.32 -25.90
C SER D 213 -21.61 49.16 -24.68
N LYS D 214 -22.91 49.36 -24.45
CA LYS D 214 -23.38 50.13 -23.30
C LYS D 214 -24.53 49.48 -22.55
N THR D 215 -25.21 48.49 -23.11
CA THR D 215 -26.34 47.86 -22.44
C THR D 215 -26.23 46.34 -22.55
N ALA D 216 -26.83 45.66 -21.58
CA ALA D 216 -26.89 44.21 -21.58
C ALA D 216 -28.20 43.78 -20.96
N THR D 217 -28.79 42.72 -21.50
CA THR D 217 -30.06 42.19 -21.01
C THR D 217 -29.90 40.70 -20.70
N PHE D 218 -30.60 40.26 -19.66
CA PHE D 218 -30.54 38.87 -19.22
C PHE D 218 -31.93 38.28 -19.24
N LYS D 219 -32.05 37.09 -19.84
CA LYS D 219 -33.33 36.39 -19.92
C LYS D 219 -33.09 34.93 -19.61
N MET D 220 -33.92 34.37 -18.73
CA MET D 220 -33.76 32.96 -18.37
C MET D 220 -33.98 32.04 -19.55
N GLU D 221 -34.62 32.52 -20.61
CA GLU D 221 -34.83 31.69 -21.79
C GLU D 221 -33.52 31.36 -22.49
N ASP D 222 -32.52 32.24 -22.39
CA ASP D 222 -31.25 31.97 -23.03
C ASP D 222 -30.47 30.89 -22.29
N PHE D 223 -30.56 30.87 -20.96
CA PHE D 223 -29.80 29.94 -20.15
C PHE D 223 -30.62 28.75 -19.68
N GLU D 224 -31.94 28.91 -19.58
CA GLU D 224 -32.84 27.82 -19.27
C GLU D 224 -33.85 27.68 -20.41
N GLY D 225 -34.35 26.46 -20.59
CA GLY D 225 -35.24 26.22 -21.71
C GLY D 225 -36.55 26.97 -21.65
N GLN D 226 -36.88 27.51 -20.48
CA GLN D 226 -38.21 28.07 -20.25
C GLN D 226 -38.11 29.21 -19.24
N ASN D 227 -39.15 30.04 -19.24
CA ASN D 227 -39.21 31.14 -18.28
C ASN D 227 -39.32 30.59 -16.86
N VAL D 228 -38.62 31.23 -15.93
CA VAL D 228 -38.58 30.77 -14.54
C VAL D 228 -38.74 31.94 -13.59
N PRO D 229 -39.62 31.86 -12.60
CA PRO D 229 -39.74 32.93 -11.61
C PRO D 229 -38.50 33.00 -10.73
N ILE D 230 -38.28 34.19 -10.18
CA ILE D 230 -37.10 34.48 -9.36
C ILE D 230 -37.56 35.11 -8.05
N ARG D 231 -36.93 34.69 -6.95
CA ARG D 231 -37.27 35.22 -5.65
C ARG D 231 -36.87 36.69 -5.53
N LYS D 232 -37.47 37.36 -4.56
CA LYS D 232 -37.27 38.78 -4.34
C LYS D 232 -36.09 39.02 -3.39
N GLY D 233 -35.31 40.05 -3.69
CA GLY D 233 -34.23 40.45 -2.81
C GLY D 233 -33.15 39.41 -2.62
N ARG D 234 -32.81 38.68 -3.67
CA ARG D 234 -31.73 37.70 -3.61
C ARG D 234 -30.75 37.80 -4.76
N THR D 235 -30.89 38.80 -5.64
CA THR D 235 -30.08 38.87 -6.84
C THR D 235 -28.82 39.70 -6.60
N ASN D 236 -27.72 39.24 -7.19
CA ASN D 236 -26.45 39.94 -7.12
C ASN D 236 -25.80 39.92 -8.49
N ILE D 237 -24.91 40.88 -8.72
CA ILE D 237 -24.17 40.97 -9.98
C ILE D 237 -22.67 41.00 -9.65
N TYR D 238 -21.88 40.40 -10.52
CA TYR D 238 -20.42 40.43 -10.41
C TYR D 238 -19.85 41.13 -11.62
N VAL D 239 -18.94 42.07 -11.39
CA VAL D 239 -18.12 42.65 -12.43
C VAL D 239 -16.67 42.40 -12.07
N ASN D 240 -15.94 41.76 -12.99
CA ASN D 240 -14.59 41.27 -12.71
C ASN D 240 -14.55 40.42 -11.46
N ARG D 241 -15.60 39.62 -11.28
CA ARG D 241 -15.76 38.74 -10.11
C ARG D 241 -15.66 39.54 -8.80
N ILE D 242 -16.48 40.59 -8.71
CA ILE D 242 -16.61 41.38 -7.50
C ILE D 242 -18.09 41.54 -7.20
N LYS D 243 -18.52 41.04 -6.04
CA LYS D 243 -19.93 41.08 -5.70
C LYS D 243 -20.37 42.50 -5.35
N SER D 244 -21.66 42.74 -5.50
CA SER D 244 -22.31 44.00 -5.15
C SER D 244 -23.42 43.73 -4.14
N VAL D 245 -24.09 44.79 -3.72
CA VAL D 245 -25.20 44.68 -2.79
C VAL D 245 -26.38 44.02 -3.50
N VAL D 246 -27.38 43.59 -2.73
CA VAL D 246 -28.52 42.88 -3.30
C VAL D 246 -29.58 43.88 -3.75
N ASP D 247 -30.45 43.43 -4.64
CA ASP D 247 -31.56 44.25 -5.11
C ASP D 247 -32.55 44.49 -3.99
N ASN D 248 -33.27 45.61 -4.08
CA ASN D 248 -34.35 45.87 -3.16
C ASN D 248 -35.56 45.02 -3.52
N GLY D 249 -36.60 45.11 -2.70
CA GLY D 249 -37.77 44.28 -2.90
C GLY D 249 -38.77 44.88 -3.87
N SER D 250 -38.33 45.85 -4.65
CA SER D 250 -39.23 46.57 -5.55
C SER D 250 -38.76 46.58 -7.00
N GLY D 251 -37.66 45.92 -7.34
CA GLY D 251 -37.22 45.86 -8.72
C GLY D 251 -36.26 46.95 -9.12
N SER D 252 -35.16 47.09 -8.37
CA SER D 252 -34.15 48.07 -8.71
C SER D 252 -32.82 47.66 -8.10
N LEU D 253 -31.74 48.23 -8.63
CA LEU D 253 -30.41 47.94 -8.12
C LEU D 253 -29.46 49.01 -8.64
N LEU D 254 -28.72 49.63 -7.72
CA LEU D 254 -27.74 50.65 -8.06
C LEU D 254 -26.36 50.19 -7.61
N HIS D 255 -25.42 50.15 -8.54
CA HIS D 255 -24.08 49.70 -8.25
C HIS D 255 -23.09 50.57 -9.02
N SER D 256 -21.92 50.75 -8.44
CA SER D 256 -20.87 51.57 -9.05
C SER D 256 -19.53 50.90 -8.86
N PHE D 257 -18.62 51.17 -9.79
CA PHE D 257 -17.28 50.62 -9.73
C PHE D 257 -16.34 51.55 -10.49
N THR D 258 -15.05 51.41 -10.20
CA THR D 258 -14.03 52.27 -10.76
C THR D 258 -13.50 51.70 -12.07
N ASN D 259 -13.35 52.58 -13.05
CA ASN D 259 -12.74 52.21 -14.32
C ASN D 259 -11.23 52.10 -14.14
N ALA D 260 -10.59 51.38 -15.07
CA ALA D 260 -9.14 51.18 -14.98
C ALA D 260 -8.39 52.51 -15.03
N ALA D 261 -8.83 53.43 -15.90
CA ALA D 261 -8.19 54.73 -15.95
C ALA D 261 -8.39 55.50 -14.66
N GLY D 262 -9.58 55.41 -14.06
CA GLY D 262 -9.80 56.02 -12.76
C GLY D 262 -11.16 56.65 -12.58
N GLU D 263 -11.96 56.73 -13.63
CA GLU D 263 -13.27 57.34 -13.51
C GLU D 263 -14.25 56.38 -12.84
N GLN D 264 -15.39 56.92 -12.42
CA GLN D 264 -16.43 56.15 -11.74
C GLN D 264 -17.56 55.87 -12.71
N ILE D 265 -18.01 54.62 -12.74
CA ILE D 265 -19.08 54.18 -13.61
C ILE D 265 -20.22 53.64 -12.75
N THR D 266 -21.43 54.12 -13.00
CA THR D 266 -22.60 53.66 -12.28
C THR D 266 -23.41 52.71 -13.16
N VAL D 267 -24.06 51.74 -12.53
CA VAL D 267 -24.85 50.74 -13.23
C VAL D 267 -26.26 50.77 -12.68
N THR D 268 -27.25 50.80 -13.58
CA THR D 268 -28.64 50.75 -13.21
C THR D 268 -29.30 49.52 -13.82
N CYS D 269 -30.09 48.82 -13.01
CA CYS D 269 -30.70 47.57 -13.42
C CYS D 269 -32.20 47.63 -13.17
N SER D 270 -32.93 46.83 -13.96
CA SER D 270 -34.38 46.69 -13.84
C SER D 270 -34.72 45.21 -13.78
N LEU D 271 -35.79 44.88 -13.06
CA LEU D 271 -36.10 43.51 -12.72
C LEU D 271 -37.51 43.15 -13.14
N ASN D 272 -37.73 41.85 -13.40
CA ASN D 272 -39.04 41.31 -13.73
C ASN D 272 -39.11 39.92 -13.11
N TYR D 273 -39.73 39.84 -11.93
CA TYR D 273 -39.67 38.61 -11.14
C TYR D 273 -40.50 37.49 -11.75
N ASN D 274 -41.59 37.82 -12.43
CA ASN D 274 -42.49 36.78 -12.93
C ASN D 274 -41.80 35.89 -13.96
N ILE D 275 -41.03 36.49 -14.86
CA ILE D 275 -40.38 35.75 -15.94
C ILE D 275 -38.87 35.64 -15.75
N GLY D 276 -38.29 36.38 -14.82
CA GLY D 276 -36.85 36.34 -14.64
C GLY D 276 -36.10 36.99 -15.78
N GLN D 277 -36.26 38.30 -15.92
CA GLN D 277 -35.58 39.07 -16.96
C GLN D 277 -34.97 40.32 -16.33
N ILE D 278 -33.71 40.58 -16.64
CA ILE D 278 -32.97 41.69 -16.07
C ILE D 278 -32.35 42.50 -17.18
N ALA D 279 -32.53 43.82 -17.14
CA ALA D 279 -31.93 44.73 -18.10
C ALA D 279 -30.93 45.62 -17.38
N LEU D 280 -29.69 45.62 -17.86
CA LEU D 280 -28.60 46.40 -17.26
C LEU D 280 -28.24 47.56 -18.17
N SER D 281 -28.18 48.76 -17.60
CA SER D 281 -27.85 49.97 -18.34
C SER D 281 -26.59 50.58 -17.71
N PHE D 282 -25.53 50.68 -18.51
CA PHE D 282 -24.30 51.29 -18.05
C PHE D 282 -24.34 52.80 -18.28
N SER D 283 -23.89 53.55 -17.27
CA SER D 283 -23.75 54.99 -17.44
C SER D 283 -22.70 55.31 -18.50
N LYS D 284 -21.61 54.57 -18.51
CA LYS D 284 -20.55 54.74 -19.50
C LYS D 284 -20.14 53.37 -20.00
N ALA D 285 -19.64 53.33 -21.22
CA ALA D 285 -19.19 52.06 -21.80
C ALA D 285 -17.99 51.54 -21.00
N PRO D 286 -18.05 50.31 -20.51
CA PRO D 286 -16.93 49.78 -19.72
C PRO D 286 -15.72 49.47 -20.58
N ASP D 287 -14.59 49.29 -19.90
CA ASP D 287 -13.35 48.98 -20.60
C ASP D 287 -13.44 47.62 -21.28
N LYS D 288 -12.71 47.48 -22.38
CA LYS D 288 -12.72 46.24 -23.12
C LYS D 288 -12.10 45.11 -22.29
N GLY D 289 -12.67 43.92 -22.43
CA GLY D 289 -12.15 42.75 -21.75
C GLY D 289 -12.81 42.41 -20.43
N THR D 290 -13.61 43.32 -19.88
CA THR D 290 -14.31 43.00 -18.64
C THR D 290 -15.40 41.98 -18.88
N GLU D 291 -15.78 41.28 -17.82
CA GLU D 291 -16.85 40.29 -17.89
C GLU D 291 -17.83 40.52 -16.76
N ILE D 292 -19.10 40.20 -17.02
CA ILE D 292 -20.20 40.45 -16.11
C ILE D 292 -20.96 39.15 -15.90
N ALA D 293 -21.25 38.83 -14.64
CA ALA D 293 -21.99 37.63 -14.29
C ALA D 293 -23.08 37.97 -13.29
N ILE D 294 -24.11 37.13 -13.25
CA ILE D 294 -25.27 37.37 -12.42
C ILE D 294 -25.55 36.14 -11.57
N GLU D 295 -26.09 36.37 -10.37
CA GLU D 295 -26.39 35.30 -9.44
C GLU D 295 -27.79 35.52 -8.87
N THR D 296 -28.63 34.48 -8.95
CA THR D 296 -30.02 34.57 -8.53
C THR D 296 -30.40 33.29 -7.79
N GLU D 297 -31.65 33.24 -7.36
CA GLU D 297 -32.24 32.06 -6.74
C GLU D 297 -33.59 31.78 -7.36
N ILE D 298 -33.85 30.53 -7.68
CA ILE D 298 -35.07 30.14 -8.39
C ILE D 298 -36.20 29.98 -7.40
N ASN D 299 -37.36 30.57 -7.71
CA ASN D 299 -38.52 30.47 -6.86
C ASN D 299 -39.31 29.21 -7.20
N ILE D 300 -39.35 28.26 -6.28
CA ILE D 300 -40.05 27.00 -6.52
C ILE D 300 -41.53 27.13 -6.18
N GLU D 301 -41.86 27.81 -5.09
CA GLU D 301 -43.26 27.89 -4.69
C GLU D 301 -44.13 28.52 -5.75
N ALA D 302 -43.53 29.31 -6.64
CA ALA D 302 -44.29 29.86 -7.76
C ALA D 302 -44.51 28.81 -8.85
N ALA D 303 -43.50 27.99 -9.13
CA ALA D 303 -43.53 27.03 -10.24
C ALA D 303 -43.05 25.68 -9.76
N PRO D 304 -43.93 24.92 -9.07
CA PRO D 304 -43.51 23.66 -8.46
C PRO D 304 -43.32 22.51 -9.42
N GLU D 305 -43.35 22.73 -10.74
CA GLU D 305 -43.29 21.65 -11.70
C GLU D 305 -41.90 21.47 -12.31
N LEU D 306 -40.88 22.11 -11.74
CA LEU D 306 -39.52 21.98 -12.22
C LEU D 306 -38.67 21.07 -11.35
N ILE D 307 -39.30 20.29 -10.47
CA ILE D 307 -38.53 19.44 -9.55
C ILE D 307 -37.86 18.33 -10.33
N PRO D 308 -36.55 18.17 -10.24
CA PRO D 308 -35.86 17.12 -11.00
C PRO D 308 -36.08 15.74 -10.38
N LEU D 309 -35.72 14.72 -11.17
CA LEU D 309 -35.98 13.33 -10.82
C LEU D 309 -34.70 12.51 -10.92
N ILE D 310 -34.83 11.21 -10.71
CA ILE D 310 -33.71 10.26 -10.71
C ILE D 310 -34.22 8.91 -11.17
N ASN D 311 -33.42 8.20 -11.97
CA ASN D 311 -33.81 6.89 -12.49
C ASN D 311 -32.61 5.94 -12.41
N HIS D 312 -32.76 4.76 -13.01
CA HIS D 312 -31.73 3.74 -13.02
C HIS D 312 -31.79 2.97 -14.33
N GLU D 313 -30.80 2.10 -14.53
CA GLU D 313 -30.70 1.29 -15.74
C GLU D 313 -30.15 -0.08 -15.37
N MET D 314 -29.94 -0.93 -16.37
CA MET D 314 -29.46 -2.29 -16.16
C MET D 314 -28.62 -2.74 -17.36
N LYS D 315 -27.82 -3.78 -17.13
CA LYS D 315 -27.03 -4.43 -18.16
C LYS D 315 -26.92 -5.92 -17.82
N LYS D 316 -26.07 -6.64 -18.54
CA LYS D 316 -25.99 -8.09 -18.38
C LYS D 316 -24.74 -8.63 -19.04
N TYR D 317 -24.16 -9.68 -18.44
CA TYR D 317 -22.96 -10.33 -18.94
C TYR D 317 -23.12 -11.85 -18.83
N THR D 318 -22.11 -12.60 -19.29
CA THR D 318 -22.21 -14.05 -19.37
C THR D 318 -20.83 -14.69 -19.24
N LEU D 319 -20.81 -15.96 -18.83
CA LEU D 319 -19.57 -16.72 -18.63
C LEU D 319 -19.80 -18.19 -18.93
N PHE D 320 -18.72 -18.91 -19.27
CA PHE D 320 -18.79 -20.36 -19.45
C PHE D 320 -17.42 -21.04 -19.41
N PRO D 321 -17.36 -22.30 -18.94
CA PRO D 321 -16.07 -22.99 -18.79
C PRO D 321 -15.60 -23.79 -19.99
N SER D 322 -14.49 -24.52 -19.83
CA SER D 322 -13.92 -25.37 -20.87
C SER D 322 -13.51 -26.70 -20.25
N GLN D 323 -12.75 -27.51 -21.00
CA GLN D 323 -12.41 -28.88 -20.62
C GLN D 323 -10.92 -29.13 -20.74
N PHE D 324 -10.50 -30.33 -20.32
CA PHE D 324 -9.13 -30.79 -20.43
C PHE D 324 -9.08 -32.29 -20.14
N VAL D 325 -8.18 -33.00 -20.85
CA VAL D 325 -8.04 -34.45 -20.73
C VAL D 325 -6.56 -34.83 -20.80
N ILE D 326 -6.23 -35.96 -20.18
CA ILE D 326 -4.89 -36.52 -20.29
C ILE D 326 -4.94 -37.97 -19.83
N ALA D 327 -3.96 -38.77 -20.25
CA ALA D 327 -3.97 -40.21 -19.98
C ALA D 327 -2.56 -40.76 -20.06
N ALA D 328 -2.39 -41.97 -19.52
CA ALA D 328 -1.08 -42.64 -19.51
C ALA D 328 -1.29 -44.15 -19.58
N GLU D 329 -0.24 -44.85 -19.99
CA GLU D 329 -0.33 -46.29 -20.24
C GLU D 329 0.97 -46.98 -19.89
N HIS D 330 0.90 -48.30 -19.71
CA HIS D 330 2.05 -49.16 -19.47
C HIS D 330 1.59 -50.60 -19.46
N THR D 331 2.52 -51.52 -19.70
CA THR D 331 2.24 -52.95 -19.73
C THR D 331 2.65 -53.61 -18.42
N VAL D 332 2.10 -54.79 -18.17
CA VAL D 332 2.35 -55.51 -16.93
C VAL D 332 3.81 -55.96 -16.86
N GLN D 333 4.33 -56.49 -17.96
CA GLN D 333 5.70 -56.98 -17.97
C GLN D 333 6.68 -55.88 -17.60
N ALA D 334 6.49 -54.68 -18.17
CA ALA D 334 7.37 -53.57 -17.85
C ALA D 334 7.26 -53.20 -16.37
N ALA D 335 6.04 -53.19 -15.84
CA ALA D 335 5.86 -52.85 -14.43
C ALA D 335 6.63 -53.81 -13.53
N TYR D 336 6.48 -55.11 -13.78
CA TYR D 336 7.17 -56.08 -12.94
C TYR D 336 8.68 -56.02 -13.15
N GLU D 337 9.12 -55.76 -14.37
CA GLU D 337 10.55 -55.62 -14.62
C GLU D 337 11.14 -54.46 -13.82
N ALA D 338 10.46 -53.32 -13.84
CA ALA D 338 10.92 -52.17 -13.09
C ALA D 338 10.92 -52.46 -11.59
N GLN D 339 9.86 -53.10 -11.10
CA GLN D 339 9.79 -53.43 -9.69
C GLN D 339 10.94 -54.34 -9.28
N ARG D 340 11.27 -55.32 -10.13
CA ARG D 340 12.29 -56.28 -9.75
C ARG D 340 13.69 -55.69 -9.82
N GLU D 341 13.99 -54.92 -10.87
CA GLU D 341 15.36 -54.45 -11.03
C GLU D 341 15.63 -53.12 -10.34
N PHE D 342 14.61 -52.36 -9.93
CA PHE D 342 14.87 -51.11 -9.24
C PHE D 342 13.98 -50.85 -8.04
N GLY D 343 12.93 -51.63 -7.82
CA GLY D 343 12.08 -51.41 -6.67
C GLY D 343 11.30 -50.11 -6.68
N LEU D 344 10.70 -49.76 -7.82
CA LEU D 344 9.88 -48.57 -7.92
C LEU D 344 8.57 -48.90 -8.61
N ASP D 345 7.53 -48.16 -8.26
CA ASP D 345 6.17 -48.46 -8.71
C ASP D 345 5.79 -47.56 -9.87
N LEU D 346 5.51 -48.18 -11.02
CA LEU D 346 5.14 -47.40 -12.19
C LEU D 346 3.81 -46.71 -12.02
N GLY D 347 2.83 -47.39 -11.43
CA GLY D 347 1.48 -46.82 -11.37
C GLY D 347 1.44 -45.53 -10.58
N SER D 348 2.03 -45.53 -9.39
CA SER D 348 2.05 -44.32 -8.57
C SER D 348 2.86 -43.23 -9.26
N LEU D 349 3.96 -43.59 -9.89
CA LEU D 349 4.78 -42.62 -10.60
C LEU D 349 3.97 -41.90 -11.67
N GLN D 350 3.31 -42.67 -12.53
CA GLN D 350 2.52 -42.07 -13.60
C GLN D 350 1.36 -41.25 -13.06
N PHE D 351 0.68 -41.77 -12.02
CA PHE D 351 -0.42 -41.03 -11.42
C PHE D 351 0.04 -39.68 -10.91
N ARG D 352 1.13 -39.66 -10.15
CA ARG D 352 1.63 -38.41 -9.59
C ARG D 352 2.04 -37.44 -10.69
N THR D 353 2.72 -37.95 -11.73
CA THR D 353 3.15 -37.07 -12.80
C THR D 353 1.95 -36.43 -13.48
N LEU D 354 0.90 -37.22 -13.76
CA LEU D 354 -0.29 -36.65 -14.38
C LEU D 354 -0.89 -35.57 -13.50
N LYS D 355 -1.11 -35.88 -12.23
CA LYS D 355 -1.79 -34.94 -11.34
C LYS D 355 -1.02 -33.64 -11.24
N GLU D 356 0.31 -33.72 -11.16
CA GLU D 356 1.10 -32.50 -10.97
C GLU D 356 1.19 -31.71 -12.27
N TYR D 357 1.32 -32.39 -13.41
CA TYR D 357 1.40 -31.68 -14.68
C TYR D 357 0.13 -30.91 -14.97
N LEU D 358 -1.03 -31.45 -14.58
CA LEU D 358 -2.28 -30.74 -14.84
C LEU D 358 -2.25 -29.34 -14.23
N SER D 359 -1.93 -29.25 -12.94
CA SER D 359 -1.90 -27.96 -12.28
C SER D 359 -0.80 -27.07 -12.85
N HIS D 360 0.35 -27.65 -13.18
CA HIS D 360 1.43 -26.86 -13.75
C HIS D 360 0.97 -26.16 -15.03
N GLU D 361 0.37 -26.94 -15.94
CA GLU D 361 -0.09 -26.34 -17.19
C GLU D 361 -1.18 -25.32 -16.95
N GLN D 362 -2.07 -25.58 -15.99
CA GLN D 362 -3.14 -24.62 -15.71
C GLN D 362 -2.55 -23.28 -15.31
N ASP D 363 -1.55 -23.29 -14.42
CA ASP D 363 -0.93 -22.04 -13.99
C ASP D 363 -0.28 -21.32 -15.17
N MET D 364 0.49 -22.05 -15.98
CA MET D 364 1.18 -21.38 -17.07
C MET D 364 0.20 -20.87 -18.11
N LEU D 365 -0.92 -21.56 -18.30
CA LEU D 365 -1.97 -21.05 -19.17
C LEU D 365 -2.54 -19.74 -18.66
N ARG D 366 -2.77 -19.67 -17.35
CA ARG D 366 -3.19 -18.40 -16.76
C ARG D 366 -2.23 -17.29 -17.17
N LEU D 367 -0.93 -17.52 -16.94
CA LEU D 367 0.06 -16.48 -17.24
C LEU D 367 0.06 -16.11 -18.71
N ARG D 368 -0.06 -17.12 -19.59
CA ARG D 368 -0.11 -16.85 -21.02
C ARG D 368 -1.24 -15.91 -21.36
N ILE D 369 -2.44 -16.17 -20.82
CA ILE D 369 -3.58 -15.30 -21.12
C ILE D 369 -3.30 -13.90 -20.59
N MET D 370 -2.79 -13.80 -19.36
CA MET D 370 -2.53 -12.47 -18.78
C MET D 370 -1.64 -11.65 -19.69
N ILE D 371 -0.57 -12.25 -20.19
CA ILE D 371 0.34 -11.50 -21.04
C ILE D 371 -0.32 -11.18 -22.38
N TRP D 372 -1.02 -12.14 -22.97
CA TRP D 372 -1.54 -11.95 -24.32
C TRP D 372 -2.59 -10.86 -24.38
N ARG D 373 -3.44 -10.73 -23.36
CA ARG D 373 -4.67 -9.97 -23.48
C ARG D 373 -4.59 -8.60 -22.80
N THR D 374 -3.47 -7.89 -22.91
CA THR D 374 -3.34 -6.56 -22.32
C THR D 374 -3.15 -5.51 -23.40
N LEU D 375 -3.64 -4.31 -23.10
CA LEU D 375 -3.65 -3.24 -24.10
C LEU D 375 -2.88 -2.00 -23.64
N ALA D 376 -3.06 -1.59 -22.39
CA ALA D 376 -2.43 -0.38 -21.88
C ALA D 376 -0.93 -0.60 -21.75
N THR D 377 -0.15 0.30 -22.34
CA THR D 377 1.30 0.18 -22.34
C THR D 377 1.92 1.41 -21.70
N ASP D 378 3.20 1.28 -21.37
CA ASP D 378 3.94 2.37 -20.74
C ASP D 378 5.43 2.10 -20.91
N THR D 379 6.21 3.18 -20.83
CA THR D 379 7.66 3.09 -20.96
C THR D 379 8.34 3.91 -19.87
N PHE D 380 9.56 3.53 -19.56
CA PHE D 380 10.34 4.20 -18.52
C PHE D 380 11.80 3.84 -18.68
N ASP D 381 12.66 4.75 -18.27
CA ASP D 381 14.10 4.53 -18.28
C ASP D 381 14.55 4.20 -16.86
N ILE D 382 15.53 3.29 -16.75
CA ILE D 382 15.97 2.79 -15.47
C ILE D 382 17.46 2.99 -15.22
N ALA D 383 18.21 3.42 -16.22
CA ALA D 383 19.64 3.61 -16.04
C ALA D 383 19.91 4.72 -15.03
N LEU D 384 20.79 4.43 -14.08
CA LEU D 384 21.12 5.42 -13.07
C LEU D 384 21.95 6.55 -13.69
N PRO D 385 21.65 7.80 -13.35
CA PRO D 385 22.49 8.90 -13.82
C PRO D 385 23.89 8.82 -13.21
N VAL D 386 24.81 9.54 -13.84
CA VAL D 386 26.22 9.39 -13.53
C VAL D 386 26.53 9.88 -12.13
N ASN D 387 25.88 10.95 -11.67
CA ASN D 387 26.29 11.60 -10.44
C ASN D 387 25.20 11.60 -9.38
N GLN D 388 24.54 10.46 -9.16
CA GLN D 388 23.45 10.41 -8.20
C GLN D 388 23.61 9.20 -7.29
N SER D 389 23.03 9.31 -6.09
CA SER D 389 23.00 8.23 -5.13
C SER D 389 21.83 7.31 -5.44
N PHE D 390 21.51 6.41 -4.51
CA PHE D 390 20.42 5.46 -4.71
C PHE D 390 19.11 5.91 -4.09
N ASP D 391 19.15 6.73 -3.04
CA ASP D 391 17.92 7.18 -2.41
C ASP D 391 17.06 8.00 -3.36
N VAL D 392 17.68 8.94 -4.08
CA VAL D 392 16.94 9.77 -5.03
C VAL D 392 16.30 8.89 -6.10
N TRP D 393 17.08 7.95 -6.63
CA TRP D 393 16.57 7.11 -7.71
C TRP D 393 15.44 6.21 -7.21
N ALA D 394 15.56 5.69 -5.98
CA ALA D 394 14.50 4.89 -5.42
C ALA D 394 13.22 5.69 -5.25
N THR D 395 13.34 6.93 -4.76
CA THR D 395 12.16 7.78 -4.63
C THR D 395 11.51 8.02 -5.98
N ILE D 396 12.33 8.27 -7.01
CA ILE D 396 11.78 8.52 -8.35
C ILE D 396 11.04 7.30 -8.86
N ILE D 397 11.64 6.12 -8.69
CA ILE D 397 10.99 4.89 -9.14
C ILE D 397 9.67 4.69 -8.41
N ARG D 398 9.66 4.95 -7.10
CA ARG D 398 8.42 4.82 -6.34
C ARG D 398 7.35 5.77 -6.88
N GLY D 399 7.75 7.01 -7.19
CA GLY D 399 6.78 7.95 -7.74
C GLY D 399 6.20 7.49 -9.06
N LYS D 400 7.06 6.99 -9.95
CA LYS D 400 6.58 6.51 -11.24
C LYS D 400 5.58 5.38 -11.07
N PHE D 401 5.91 4.40 -10.21
CA PHE D 401 5.04 3.25 -10.08
C PHE D 401 3.75 3.63 -9.37
N GLN D 402 3.82 4.58 -8.45
CA GLN D 402 2.60 5.10 -7.82
C GLN D 402 1.70 5.73 -8.87
N THR D 403 2.28 6.51 -9.79
CA THR D 403 1.47 7.10 -10.86
C THR D 403 0.81 6.01 -11.70
N VAL D 404 1.55 4.96 -12.03
CA VAL D 404 0.98 3.86 -12.81
C VAL D 404 -0.24 3.27 -12.10
N TYR D 405 -0.08 2.96 -10.82
CA TYR D 405 -1.18 2.33 -10.10
C TYR D 405 -2.35 3.29 -9.94
N ARG D 406 -2.06 4.59 -9.78
CA ARG D 406 -3.13 5.56 -9.69
C ARG D 406 -3.94 5.60 -10.98
N ASP D 407 -3.26 5.58 -12.12
CA ASP D 407 -3.98 5.53 -13.39
C ASP D 407 -4.85 4.29 -13.48
N ILE D 408 -4.30 3.15 -13.06
CA ILE D 408 -5.06 1.90 -13.14
C ILE D 408 -6.33 2.01 -12.30
N ILE D 409 -6.20 2.44 -11.05
CA ILE D 409 -7.36 2.45 -10.16
C ILE D 409 -8.38 3.48 -10.64
N GLU D 410 -7.90 4.61 -11.17
CA GLU D 410 -8.84 5.60 -11.69
C GLU D 410 -9.62 5.03 -12.88
N ARG D 411 -8.95 4.27 -13.75
CA ARG D 411 -9.64 3.67 -14.87
C ARG D 411 -10.70 2.68 -14.41
N VAL D 412 -10.33 1.77 -13.50
CA VAL D 412 -11.27 0.76 -13.04
C VAL D 412 -12.35 1.39 -12.16
N LYS D 413 -11.99 2.43 -11.41
CA LYS D 413 -12.91 3.12 -10.50
C LYS D 413 -13.30 2.22 -9.32
N SER D 414 -12.34 1.45 -8.82
CA SER D 414 -12.52 0.71 -7.58
C SER D 414 -11.14 0.36 -7.04
N SER D 415 -11.09 0.01 -5.76
CA SER D 415 -9.84 -0.28 -5.08
C SER D 415 -9.73 -1.77 -4.78
N GLY D 416 -8.50 -2.21 -4.52
CA GLY D 416 -8.27 -3.61 -4.25
C GLY D 416 -6.83 -3.85 -3.90
N ALA D 417 -6.36 -5.07 -4.19
CA ALA D 417 -5.00 -5.44 -3.86
C ALA D 417 -4.01 -4.80 -4.85
N MET D 418 -2.75 -5.15 -4.69
CA MET D 418 -1.67 -4.62 -5.52
C MET D 418 -0.73 -5.76 -5.86
N GLY D 419 -0.21 -5.74 -7.08
CA GLY D 419 0.64 -6.85 -7.53
C GLY D 419 1.50 -6.45 -8.71
N MET D 420 2.42 -7.35 -9.06
CA MET D 420 3.38 -7.06 -10.12
C MET D 420 4.07 -8.33 -10.55
N PHE D 421 4.21 -8.52 -11.87
CA PHE D 421 5.08 -9.54 -12.44
C PHE D 421 6.29 -8.88 -13.06
N ALA D 422 7.46 -9.48 -12.88
CA ALA D 422 8.70 -8.88 -13.33
C ALA D 422 9.58 -9.94 -13.99
N GLY D 423 10.34 -9.50 -15.00
CA GLY D 423 11.34 -10.35 -15.59
C GLY D 423 12.55 -10.50 -14.68
N ALA D 424 13.44 -11.41 -15.09
CA ALA D 424 14.60 -11.71 -14.25
C ALA D 424 15.47 -10.49 -14.05
N ASP D 425 15.75 -9.76 -15.13
CA ASP D 425 16.60 -8.58 -15.02
C ASP D 425 15.93 -7.48 -14.22
N ALA D 426 14.62 -7.32 -14.37
CA ALA D 426 13.90 -6.33 -13.57
C ALA D 426 14.00 -6.66 -12.08
N ALA D 427 13.82 -7.93 -11.73
CA ALA D 427 13.94 -8.33 -10.33
C ALA D 427 15.35 -8.10 -9.81
N SER D 428 16.35 -8.43 -10.62
CA SER D 428 17.73 -8.11 -10.24
C SER D 428 17.90 -6.62 -9.99
N PHE D 429 17.29 -5.80 -10.84
CA PHE D 429 17.36 -4.36 -10.66
C PHE D 429 16.75 -3.96 -9.33
N PHE D 430 15.59 -4.53 -9.00
CA PHE D 430 14.89 -4.15 -7.78
C PHE D 430 15.63 -4.59 -6.53
N LYS D 431 16.35 -5.72 -6.60
CA LYS D 431 17.01 -6.25 -5.42
C LYS D 431 18.09 -5.31 -4.88
N GLN D 432 18.53 -4.34 -5.66
CA GLN D 432 19.61 -3.45 -5.24
C GLN D 432 19.12 -2.25 -4.43
N LEU D 433 17.82 -2.03 -4.35
CA LEU D 433 17.30 -0.83 -3.70
C LEU D 433 17.54 -0.91 -2.19
N PRO D 434 17.53 0.24 -1.51
CA PRO D 434 17.77 0.24 -0.06
C PRO D 434 16.71 -0.56 0.69
N LYS D 435 16.93 -0.67 2.00
CA LYS D 435 16.16 -1.60 2.81
C LYS D 435 14.71 -1.18 2.88
N ASP D 436 14.43 0.08 3.23
CA ASP D 436 13.07 0.49 3.51
C ASP D 436 12.16 0.37 2.30
N PHE D 437 12.72 0.53 1.10
CA PHE D 437 11.90 0.43 -0.11
C PHE D 437 11.50 -1.02 -0.39
N PHE D 438 12.46 -1.95 -0.29
CA PHE D 438 12.23 -3.34 -0.66
C PHE D 438 12.64 -4.25 0.48
N GLN D 439 11.70 -5.09 0.93
CA GLN D 439 11.96 -6.01 2.03
C GLN D 439 12.08 -7.42 1.46
N PRO D 440 13.29 -7.92 1.28
CA PRO D 440 13.44 -9.24 0.64
C PRO D 440 12.97 -10.37 1.53
N ALA D 441 12.23 -11.29 0.93
CA ALA D 441 11.87 -12.55 1.56
C ALA D 441 11.77 -13.58 0.43
N GLU D 442 12.87 -14.28 0.18
CA GLU D 442 12.97 -15.19 -0.95
C GLU D 442 13.86 -16.37 -0.58
N ASP D 443 13.75 -17.42 -1.39
CA ASP D 443 14.47 -18.66 -1.16
C ASP D 443 15.32 -18.98 -2.38
N TYR D 444 16.46 -19.63 -2.14
CA TYR D 444 17.44 -19.81 -3.21
C TYR D 444 17.21 -21.07 -4.02
N ILE D 445 16.92 -22.19 -3.36
CA ILE D 445 16.59 -23.40 -4.11
C ILE D 445 15.35 -23.19 -4.95
N GLN D 446 14.46 -22.30 -4.51
CA GLN D 446 13.24 -21.95 -5.22
C GLN D 446 13.51 -21.20 -6.51
N THR D 447 14.75 -20.77 -6.75
CA THR D 447 15.04 -19.80 -7.81
C THR D 447 14.52 -20.20 -9.19
N PRO D 448 14.72 -21.42 -9.68
CA PRO D 448 14.39 -21.66 -11.09
C PRO D 448 12.90 -21.62 -11.40
N TYR D 449 12.02 -21.81 -10.42
CA TYR D 449 10.61 -21.66 -10.71
C TYR D 449 10.22 -20.19 -10.82
N VAL D 450 8.92 -19.97 -11.01
CA VAL D 450 8.34 -18.64 -10.88
C VAL D 450 7.86 -18.50 -9.45
N HIS D 451 8.52 -17.65 -8.67
CA HIS D 451 8.30 -17.60 -7.23
C HIS D 451 8.15 -16.16 -6.77
N TYR D 452 7.90 -16.00 -5.48
CA TYR D 452 7.67 -14.71 -4.86
C TYR D 452 8.92 -14.27 -4.11
N ILE D 453 9.32 -13.03 -4.33
CA ILE D 453 10.63 -12.55 -3.86
C ILE D 453 10.55 -11.40 -2.86
N GLY D 454 9.36 -10.99 -2.45
CA GLY D 454 9.24 -9.97 -1.43
C GLY D 454 8.25 -8.91 -1.85
N THR D 455 8.14 -7.87 -1.02
CA THR D 455 7.23 -6.77 -1.26
C THR D 455 7.98 -5.49 -1.52
N LEU D 456 7.41 -4.65 -2.37
CA LEU D 456 8.00 -3.38 -2.76
C LEU D 456 7.13 -2.25 -2.25
N PHE D 457 7.74 -1.31 -1.52
CA PHE D 457 7.08 -0.18 -0.89
C PHE D 457 6.09 -0.59 0.19
N GLY D 458 6.08 -1.85 0.59
CA GLY D 458 5.19 -2.33 1.62
C GLY D 458 3.82 -2.73 1.14
N ASN D 459 3.48 -2.47 -0.12
CA ASN D 459 2.19 -2.84 -0.67
C ASN D 459 2.30 -3.83 -1.81
N VAL D 460 3.12 -3.53 -2.81
CA VAL D 460 3.16 -4.32 -4.03
C VAL D 460 3.96 -5.59 -3.77
N LYS D 461 3.38 -6.72 -4.15
CA LYS D 461 4.08 -8.00 -4.15
C LYS D 461 4.74 -8.22 -5.52
N VAL D 462 5.91 -8.84 -5.49
CA VAL D 462 6.72 -9.01 -6.69
C VAL D 462 6.92 -10.50 -6.94
N TYR D 463 6.69 -10.91 -8.18
CA TYR D 463 6.94 -12.27 -8.61
C TYR D 463 7.92 -12.24 -9.77
N GLU D 464 8.89 -13.14 -9.73
CA GLU D 464 10.00 -13.13 -10.69
C GLU D 464 9.81 -14.22 -11.73
N VAL D 465 9.96 -13.85 -12.99
CA VAL D 465 9.91 -14.77 -14.11
C VAL D 465 11.33 -14.93 -14.65
N PRO D 466 11.92 -16.11 -14.58
CA PRO D 466 13.32 -16.28 -14.99
C PRO D 466 13.48 -16.12 -16.49
N ALA D 467 14.74 -16.16 -16.91
CA ALA D 467 15.07 -15.94 -18.31
C ALA D 467 14.55 -17.06 -19.19
N GLY D 468 14.64 -18.31 -18.73
CA GLY D 468 14.20 -19.42 -19.55
C GLY D 468 12.73 -19.35 -19.90
N ILE D 469 11.90 -18.95 -18.94
CA ILE D 469 10.47 -18.81 -19.21
C ILE D 469 10.24 -17.72 -20.24
N CYS D 470 10.97 -16.61 -20.14
CA CYS D 470 10.83 -15.54 -21.13
C CYS D 470 11.22 -16.03 -22.52
N LYS D 471 12.32 -16.79 -22.61
CA LYS D 471 12.74 -17.30 -23.91
C LYS D 471 11.70 -18.24 -24.50
N ASN D 472 11.16 -19.14 -23.68
CA ASN D 472 10.15 -20.07 -24.17
C ASN D 472 8.89 -19.33 -24.59
N LEU D 473 8.50 -18.31 -23.84
CA LEU D 473 7.34 -17.52 -24.21
C LEU D 473 7.55 -16.82 -25.53
N THR D 474 8.73 -16.22 -25.73
CA THR D 474 9.01 -15.58 -27.01
C THR D 474 9.03 -16.59 -28.14
N THR D 475 9.44 -17.83 -27.84
CA THR D 475 9.41 -18.87 -28.86
C THR D 475 7.97 -19.14 -29.32
N GLU D 476 7.02 -19.16 -28.38
CA GLU D 476 5.62 -19.36 -28.71
C GLU D 476 4.92 -18.07 -29.10
N ASN D 477 5.67 -17.08 -29.58
CA ASN D 477 5.11 -15.86 -30.17
C ASN D 477 4.47 -14.95 -29.12
N ILE D 478 4.48 -15.36 -27.86
CA ILE D 478 4.02 -14.52 -26.77
C ILE D 478 5.19 -13.62 -26.39
N GLN D 479 5.11 -12.35 -26.78
CA GLN D 479 6.23 -11.43 -26.62
C GLN D 479 6.35 -11.02 -25.17
N PHE D 480 7.48 -11.36 -24.55
CA PHE D 480 7.78 -10.93 -23.18
C PHE D 480 9.27 -11.00 -22.97
N SER D 481 9.92 -9.84 -22.90
CA SER D 481 11.36 -9.78 -22.69
C SER D 481 11.67 -9.83 -21.20
N SER D 482 12.96 -10.00 -20.89
CA SER D 482 13.39 -9.98 -19.50
C SER D 482 13.32 -8.58 -18.91
N MET D 483 13.23 -7.54 -19.74
CA MET D 483 13.09 -6.18 -19.26
C MET D 483 11.64 -5.79 -19.02
N ASP D 484 10.68 -6.60 -19.43
CA ASP D 484 9.28 -6.25 -19.32
C ASP D 484 8.79 -6.40 -17.89
N VAL D 485 7.79 -5.60 -17.53
CA VAL D 485 7.16 -5.66 -16.22
C VAL D 485 5.66 -5.54 -16.42
N LEU D 486 4.89 -6.40 -15.75
CA LEU D 486 3.44 -6.40 -15.86
C LEU D 486 2.83 -6.13 -14.49
N CYS D 487 2.22 -4.98 -14.34
CA CYS D 487 1.58 -4.57 -13.09
C CYS D 487 0.09 -4.84 -13.17
N TYR D 488 -0.48 -5.36 -12.10
CA TYR D 488 -1.88 -5.75 -12.08
C TYR D 488 -2.50 -5.36 -10.74
N VAL D 489 -3.83 -5.28 -10.74
CA VAL D 489 -4.60 -4.96 -9.55
C VAL D 489 -5.69 -6.00 -9.40
N ARG D 490 -5.82 -6.59 -8.21
CA ARG D 490 -6.85 -7.57 -7.93
C ARG D 490 -8.00 -6.90 -7.20
N ASP D 491 -9.22 -7.30 -7.55
CA ASP D 491 -10.43 -6.74 -6.96
C ASP D 491 -11.25 -7.84 -6.30
N GLU D 492 -11.80 -7.52 -5.12
CA GLU D 492 -12.50 -8.49 -4.30
C GLU D 492 -13.94 -8.10 -4.04
N ASN D 493 -14.45 -7.07 -4.70
CA ASN D 493 -15.81 -6.63 -4.48
C ASN D 493 -16.80 -7.70 -4.95
N PRO D 494 -18.05 -7.65 -4.46
CA PRO D 494 -18.94 -8.80 -4.65
C PRO D 494 -19.16 -9.21 -6.09
N GLY D 495 -19.08 -8.29 -7.04
CA GLY D 495 -19.42 -8.65 -8.41
C GLY D 495 -18.41 -8.34 -9.48
N LYS D 496 -17.31 -7.67 -9.13
CA LYS D 496 -16.36 -7.19 -10.12
C LYS D 496 -14.97 -7.75 -9.85
N ALA D 497 -14.32 -8.20 -10.91
CA ALA D 497 -12.95 -8.70 -10.82
C ALA D 497 -12.30 -8.57 -12.18
N GLY D 498 -10.98 -8.60 -12.19
CA GLY D 498 -10.24 -8.52 -13.43
C GLY D 498 -10.09 -9.86 -14.14
N PHE D 499 -9.46 -10.81 -13.47
CA PHE D 499 -9.33 -12.18 -13.97
C PHE D 499 -10.15 -13.10 -13.10
N VAL D 500 -10.90 -13.99 -13.74
CA VAL D 500 -11.85 -14.86 -13.06
C VAL D 500 -11.42 -16.30 -13.23
N THR D 501 -11.33 -17.02 -12.11
CA THR D 501 -10.97 -18.43 -12.14
C THR D 501 -11.93 -19.19 -11.24
N GLY D 502 -12.36 -20.36 -11.69
CA GLY D 502 -13.26 -21.17 -10.90
C GLY D 502 -13.34 -22.56 -11.45
N ASP D 503 -13.47 -23.53 -10.54
CA ASP D 503 -13.53 -24.93 -10.90
C ASP D 503 -14.99 -25.36 -10.99
N ALA D 504 -15.39 -25.88 -12.15
CA ALA D 504 -16.74 -26.38 -12.36
C ALA D 504 -16.86 -27.85 -12.00
N VAL D 505 -15.99 -28.69 -12.57
CA VAL D 505 -15.95 -30.11 -12.23
C VAL D 505 -14.49 -30.47 -11.97
N PRO D 506 -14.12 -30.78 -10.74
CA PRO D 506 -12.73 -31.15 -10.46
C PRO D 506 -12.34 -32.43 -11.17
N ALA D 507 -11.03 -32.68 -11.22
CA ALA D 507 -10.51 -33.81 -11.98
C ALA D 507 -11.11 -35.12 -11.49
N ILE D 508 -11.48 -35.98 -12.43
CA ILE D 508 -12.12 -37.26 -12.11
C ILE D 508 -11.22 -38.40 -12.57
N PRO D 509 -10.54 -39.08 -11.66
CA PRO D 509 -9.68 -40.19 -12.07
C PRO D 509 -10.51 -41.37 -12.58
N PHE D 510 -9.99 -42.01 -13.62
CA PHE D 510 -10.61 -43.20 -14.18
C PHE D 510 -9.60 -44.33 -14.18
N GLN D 511 -9.98 -45.46 -13.61
CA GLN D 511 -9.10 -46.63 -13.46
C GLN D 511 -9.66 -47.75 -14.32
N HIS D 512 -9.17 -47.85 -15.54
CA HIS D 512 -9.62 -48.89 -16.44
C HIS D 512 -9.05 -50.23 -16.00
N PRO D 513 -9.87 -51.28 -15.90
CA PRO D 513 -9.34 -52.59 -15.53
C PRO D 513 -8.43 -53.14 -16.62
N THR D 514 -7.58 -54.08 -16.23
CA THR D 514 -6.57 -54.63 -17.14
C THR D 514 -7.23 -55.32 -18.31
N THR D 515 -6.88 -54.89 -19.52
CA THR D 515 -7.43 -55.44 -20.73
C THR D 515 -6.91 -56.86 -20.95
N PRO D 516 -7.59 -57.66 -21.77
CA PRO D 516 -7.02 -58.96 -22.16
C PRO D 516 -5.66 -58.84 -22.80
N ALA D 517 -5.37 -57.73 -23.46
CA ALA D 517 -4.04 -57.52 -24.05
C ALA D 517 -2.97 -57.26 -22.98
N LEU D 518 -3.35 -57.18 -21.72
CA LEU D 518 -2.43 -56.95 -20.61
C LEU D 518 -1.73 -55.59 -20.72
N VAL D 519 -2.53 -54.52 -20.73
CA VAL D 519 -2.01 -53.17 -20.56
C VAL D 519 -2.87 -52.46 -19.53
N ASN D 520 -2.33 -51.36 -19.01
CA ASN D 520 -3.02 -50.53 -18.03
C ASN D 520 -3.13 -49.11 -18.56
N ARG D 521 -4.25 -48.45 -18.28
CA ARG D 521 -4.49 -47.11 -18.79
C ARG D 521 -5.41 -46.37 -17.84
N THR D 522 -5.07 -45.13 -17.54
CA THR D 522 -5.88 -44.26 -16.69
C THR D 522 -6.05 -42.91 -17.37
N THR D 523 -7.20 -42.28 -17.17
CA THR D 523 -7.52 -41.00 -17.79
C THR D 523 -8.01 -40.03 -16.72
N LEU D 524 -7.72 -38.75 -16.94
CA LEU D 524 -8.18 -37.68 -16.06
C LEU D 524 -8.95 -36.67 -16.89
N TRP D 525 -10.08 -36.21 -16.35
CA TRP D 525 -10.94 -35.29 -17.07
C TRP D 525 -11.60 -34.33 -16.09
N GLY D 526 -11.82 -33.11 -16.54
CA GLY D 526 -12.42 -32.10 -15.68
C GLY D 526 -12.65 -30.82 -16.45
N SER D 527 -13.41 -29.93 -15.82
CA SER D 527 -13.80 -28.66 -16.42
C SER D 527 -13.59 -27.53 -15.43
N ALA D 528 -13.22 -26.36 -15.94
CA ALA D 528 -12.97 -25.20 -15.10
C ALA D 528 -13.07 -23.94 -15.94
N ILE D 529 -13.02 -22.79 -15.29
CA ILE D 529 -13.05 -21.49 -15.93
C ILE D 529 -11.68 -20.85 -15.79
N ASN D 530 -11.09 -20.47 -16.91
CA ASN D 530 -9.87 -19.67 -16.91
C ASN D 530 -9.99 -18.67 -18.05
N ASP D 531 -10.54 -17.50 -17.72
CA ASP D 531 -10.73 -16.46 -18.73
C ASP D 531 -10.92 -15.13 -18.01
N MET D 532 -10.85 -14.06 -18.78
CA MET D 532 -10.87 -12.72 -18.22
C MET D 532 -12.31 -12.23 -18.14
N HIS D 533 -12.56 -11.31 -17.21
CA HIS D 533 -13.92 -10.91 -16.90
C HIS D 533 -14.57 -10.22 -18.10
N PRO D 534 -15.88 -10.40 -18.31
CA PRO D 534 -16.51 -9.81 -19.50
C PRO D 534 -16.53 -8.29 -19.49
N ARG D 535 -16.99 -7.67 -18.43
CA ARG D 535 -17.07 -6.22 -18.37
C ARG D 535 -15.68 -5.65 -18.07
N ASN D 536 -15.19 -4.81 -18.99
CA ASN D 536 -13.97 -4.01 -18.85
C ASN D 536 -12.86 -4.73 -18.10
N GLY D 537 -12.73 -6.04 -18.34
CA GLY D 537 -11.78 -6.82 -17.56
C GLY D 537 -10.34 -6.40 -17.77
N ALA D 538 -9.95 -6.21 -19.04
CA ALA D 538 -8.55 -5.96 -19.35
C ALA D 538 -8.04 -4.66 -18.76
N ASP D 539 -8.93 -3.78 -18.30
CA ASP D 539 -8.51 -2.47 -17.82
C ASP D 539 -7.76 -2.53 -16.50
N TYR D 540 -7.62 -3.70 -15.90
CA TYR D 540 -6.92 -3.84 -14.64
C TYR D 540 -5.40 -3.94 -14.79
N PHE D 541 -4.88 -3.95 -16.01
CA PHE D 541 -3.49 -4.31 -16.25
C PHE D 541 -2.78 -3.22 -17.02
N THR D 542 -1.46 -3.33 -17.08
CA THR D 542 -0.62 -2.38 -17.81
C THR D 542 0.77 -2.95 -17.98
N ARG D 543 1.28 -2.94 -19.21
CA ARG D 543 2.64 -3.37 -19.47
C ARG D 543 3.58 -2.18 -19.42
N VAL D 544 4.74 -2.40 -18.79
CA VAL D 544 5.79 -1.39 -18.71
C VAL D 544 7.08 -2.01 -19.22
N THR D 545 7.76 -1.31 -20.12
CA THR D 545 9.04 -1.75 -20.66
C THR D 545 10.12 -0.80 -20.21
N LEU D 546 11.21 -1.35 -19.68
CA LEU D 546 12.29 -0.54 -19.10
C LEU D 546 13.35 -0.31 -20.16
N THR D 547 13.26 0.81 -20.86
CA THR D 547 14.33 1.22 -21.76
C THR D 547 15.54 1.65 -20.94
N MET D 548 16.73 1.44 -21.49
CA MET D 548 17.95 1.66 -20.74
C MET D 548 19.00 2.33 -21.62
N ALA D 549 18.58 3.36 -22.35
CA ALA D 549 19.45 4.07 -23.29
C ALA D 549 19.46 5.58 -23.02
N LYS D 550 19.63 5.95 -21.75
CA LYS D 550 19.73 7.36 -21.40
C LYS D 550 21.04 7.95 -21.91
N LYS D 551 21.08 9.27 -22.03
CA LYS D 551 22.27 9.95 -22.52
C LYS D 551 23.47 9.69 -21.61
N GLY D 552 23.41 10.20 -20.38
CA GLY D 552 24.44 9.92 -19.42
C GLY D 552 23.97 8.97 -18.34
N GLY D 553 24.38 7.71 -18.42
CA GLY D 553 23.90 6.72 -17.49
C GLY D 553 24.81 5.51 -17.46
N LEU D 554 24.53 4.62 -16.52
CA LEU D 554 25.35 3.44 -16.28
C LEU D 554 24.57 2.19 -16.64
N ASN D 555 25.16 1.37 -17.50
CA ASN D 555 24.57 0.07 -17.88
C ASN D 555 24.93 -0.95 -16.80
N PHE D 556 23.92 -1.40 -16.04
CA PHE D 556 24.20 -2.37 -14.99
C PHE D 556 24.65 -3.72 -15.55
N ILE D 557 24.19 -4.06 -16.76
CA ILE D 557 24.53 -5.37 -17.31
C ILE D 557 25.99 -5.42 -17.70
N SER D 558 26.52 -4.36 -18.32
CA SER D 558 27.90 -4.35 -18.79
C SER D 558 28.80 -3.42 -17.98
N GLY D 559 28.25 -2.54 -17.16
CA GLY D 559 29.07 -1.67 -16.34
C GLY D 559 29.84 -0.63 -17.11
N ASP D 560 29.23 -0.01 -18.12
CA ASP D 560 29.88 1.04 -18.90
C ASP D 560 28.94 2.22 -19.04
N THR D 561 29.53 3.40 -19.22
CA THR D 561 28.76 4.61 -19.41
C THR D 561 28.10 4.59 -20.78
N ILE D 562 26.78 4.83 -20.81
CA ILE D 562 26.09 4.89 -22.08
C ILE D 562 26.56 6.13 -22.83
N ASP D 563 26.62 6.03 -24.15
CA ASP D 563 27.19 7.04 -25.04
C ASP D 563 26.78 8.45 -24.63
N ALA D 564 27.78 9.30 -24.38
CA ALA D 564 27.57 10.68 -23.97
C ALA D 564 26.70 10.79 -22.73
N GLU E 125 -27.29 -34.03 -32.65
CA GLU E 125 -28.49 -33.48 -32.03
C GLU E 125 -29.25 -34.54 -31.26
N MET E 126 -28.53 -35.55 -30.78
CA MET E 126 -29.12 -36.62 -29.99
C MET E 126 -28.65 -36.52 -28.54
N MET E 127 -29.45 -37.07 -27.64
CA MET E 127 -29.17 -36.97 -26.21
C MET E 127 -27.93 -37.75 -25.81
N SER E 128 -27.40 -38.59 -26.68
CA SER E 128 -26.24 -39.41 -26.33
C SER E 128 -24.96 -38.61 -26.21
N VAL E 129 -24.94 -37.37 -26.71
CA VAL E 129 -23.74 -36.55 -26.67
C VAL E 129 -24.05 -35.27 -25.90
N SER E 130 -23.00 -34.54 -25.56
CA SER E 130 -23.16 -33.33 -24.75
C SER E 130 -23.98 -32.27 -25.47
N ASP E 131 -23.93 -32.23 -26.80
CA ASP E 131 -24.64 -31.19 -27.54
C ASP E 131 -26.14 -31.43 -27.58
N GLY E 132 -26.58 -32.66 -27.29
CA GLY E 132 -28.01 -32.95 -27.36
C GLY E 132 -28.80 -32.19 -26.32
N VAL E 133 -28.30 -32.13 -25.10
CA VAL E 133 -29.02 -31.44 -24.04
C VAL E 133 -28.86 -29.94 -24.20
N MET E 134 -29.94 -29.21 -23.92
CA MET E 134 -29.93 -27.76 -24.02
C MET E 134 -29.47 -27.16 -22.69
N ARG E 135 -29.38 -25.83 -22.62
CA ARG E 135 -28.78 -25.16 -21.48
C ARG E 135 -29.79 -24.21 -20.83
N LEU E 136 -29.51 -23.88 -19.57
CA LEU E 136 -30.35 -23.00 -18.78
C LEU E 136 -29.49 -21.95 -18.08
N PRO E 137 -29.82 -20.66 -18.22
CA PRO E 137 -29.01 -19.62 -17.55
C PRO E 137 -29.19 -19.64 -16.05
N LEU E 138 -28.21 -19.07 -15.36
CA LEU E 138 -28.21 -18.98 -13.91
C LEU E 138 -27.98 -17.54 -13.49
N PHE E 139 -28.75 -17.09 -12.51
CA PHE E 139 -28.63 -15.72 -11.98
C PHE E 139 -27.57 -15.73 -10.89
N LEU E 140 -26.35 -15.34 -11.25
CA LEU E 140 -25.24 -15.47 -10.31
C LEU E 140 -25.24 -14.35 -9.28
N ALA E 141 -25.07 -13.11 -9.74
CA ALA E 141 -24.94 -12.00 -8.80
C ALA E 141 -25.35 -10.71 -9.50
N MET E 142 -25.62 -9.69 -8.67
CA MET E 142 -26.00 -8.38 -9.16
C MET E 142 -25.10 -7.32 -8.54
N ILE E 143 -24.70 -6.35 -9.35
CA ILE E 143 -23.82 -5.27 -8.92
C ILE E 143 -24.67 -4.04 -8.68
N LEU E 144 -24.48 -3.40 -7.55
CA LEU E 144 -25.27 -2.26 -7.13
C LEU E 144 -24.49 -0.97 -7.30
N PRO E 145 -25.16 0.17 -7.39
CA PRO E 145 -24.45 1.45 -7.57
C PRO E 145 -23.51 1.72 -6.40
N VAL E 146 -22.36 2.32 -6.72
CA VAL E 146 -21.34 2.57 -5.71
C VAL E 146 -21.69 3.79 -4.88
N GLN E 147 -21.09 3.86 -3.69
CA GLN E 147 -21.36 4.94 -2.76
C GLN E 147 -20.72 6.25 -3.23
N LEU E 148 -21.44 7.35 -3.00
CA LEU E 148 -21.02 8.67 -3.42
C LEU E 148 -20.65 9.52 -2.21
N GLY E 149 -19.71 10.42 -2.40
CA GLY E 149 -19.34 11.35 -1.36
C GLY E 149 -18.11 12.15 -1.74
N ALA E 150 -17.72 13.03 -0.83
CA ALA E 150 -16.50 13.81 -0.97
C ALA E 150 -16.07 14.26 0.42
N ALA E 151 -15.00 15.07 0.47
CA ALA E 151 -14.46 15.54 1.74
C ALA E 151 -13.89 16.93 1.53
N THR E 152 -14.69 17.96 1.84
CA THR E 152 -14.24 19.33 1.71
C THR E 152 -14.59 20.17 2.95
N ALA E 153 -14.95 19.53 4.06
CA ALA E 153 -15.40 20.26 5.23
C ALA E 153 -14.28 21.00 5.94
N ASP E 154 -13.02 20.66 5.68
CA ASP E 154 -11.92 21.29 6.42
C ASP E 154 -11.79 22.76 6.10
N ALA E 155 -12.21 23.18 4.91
CA ALA E 155 -12.08 24.58 4.53
C ALA E 155 -13.25 25.43 4.98
N CYS E 156 -14.24 24.85 5.65
CA CYS E 156 -15.44 25.55 6.04
C CYS E 156 -15.39 25.91 7.53
N THR E 157 -16.13 26.95 7.90
CA THR E 157 -16.28 27.37 9.29
C THR E 157 -17.75 27.33 9.65
N PHE E 158 -18.12 26.40 10.52
CA PHE E 158 -19.52 26.18 10.83
C PHE E 158 -20.07 27.27 11.74
N ILE E 159 -21.27 27.75 11.41
CA ILE E 159 -21.94 28.78 12.22
C ILE E 159 -23.38 28.34 12.47
N PRO E 160 -24.00 28.90 13.50
CA PRO E 160 -25.42 28.60 13.73
C PRO E 160 -26.33 29.57 13.00
N VAL E 161 -27.37 29.03 12.38
CA VAL E 161 -28.36 29.82 11.66
C VAL E 161 -29.72 29.54 12.27
N THR E 162 -30.39 30.59 12.74
CA THR E 162 -31.69 30.45 13.37
C THR E 162 -32.75 31.36 12.77
N ARG E 163 -32.37 32.23 11.83
CA ARG E 163 -33.31 33.17 11.25
C ARG E 163 -32.80 33.57 9.88
N ASP E 164 -33.67 34.20 9.09
CA ASP E 164 -33.35 34.46 7.69
C ASP E 164 -32.15 35.40 7.56
N GLN E 165 -32.14 36.48 8.32
CA GLN E 165 -31.07 37.47 8.24
C GLN E 165 -30.20 37.43 9.49
N SER E 166 -28.93 37.78 9.32
CA SER E 166 -27.99 37.90 10.41
C SER E 166 -27.09 39.10 10.16
N ASP E 167 -26.85 39.87 11.21
CA ASP E 167 -26.15 41.14 11.07
C ASP E 167 -24.81 41.10 11.78
N ILE E 168 -23.82 41.71 11.15
CA ILE E 168 -22.48 41.86 11.71
C ILE E 168 -22.07 43.31 11.58
N TYR E 169 -21.62 43.90 12.69
CA TYR E 169 -21.17 45.28 12.71
C TYR E 169 -19.67 45.32 12.96
N GLU E 170 -19.03 46.38 12.49
CA GLU E 170 -17.58 46.52 12.61
C GLU E 170 -17.22 47.99 12.72
N VAL E 171 -16.27 48.29 13.58
CA VAL E 171 -15.83 49.66 13.84
C VAL E 171 -14.41 49.82 13.33
N PHE E 172 -14.08 51.01 12.85
CA PHE E 172 -12.75 51.33 12.36
C PHE E 172 -12.26 52.60 13.01
N ASN E 173 -11.01 52.96 12.71
CA ASN E 173 -10.41 54.21 13.17
C ASN E 173 -10.21 55.13 11.98
N VAL E 174 -10.42 56.42 12.20
CA VAL E 174 -10.42 57.41 11.13
C VAL E 174 -9.62 58.63 11.56
N ALA E 175 -8.80 59.15 10.66
CA ALA E 175 -8.11 60.41 10.92
C ALA E 175 -9.12 61.54 11.00
N GLY E 176 -9.01 62.35 12.05
CA GLY E 176 -10.03 63.37 12.30
C GLY E 176 -10.05 64.46 11.25
N SER E 177 -8.88 64.96 10.85
CA SER E 177 -8.79 66.12 9.98
C SER E 177 -7.69 65.92 8.95
N SER E 178 -7.82 66.65 7.84
CA SER E 178 -6.85 66.60 6.75
C SER E 178 -5.63 67.41 7.17
N PHE E 179 -4.68 66.73 7.81
CA PHE E 179 -3.47 67.35 8.30
C PHE E 179 -2.29 66.43 8.05
N GLY E 180 -1.11 67.02 7.93
CA GLY E 180 0.10 66.23 7.73
C GLY E 180 0.02 65.43 6.45
N SER E 181 0.30 64.13 6.56
CA SER E 181 0.29 63.26 5.40
C SER E 181 -1.06 62.62 5.14
N TYR E 182 -2.04 62.84 6.02
CA TYR E 182 -3.33 62.19 5.88
C TYR E 182 -4.41 63.17 5.45
N ALA E 183 -5.56 62.62 5.08
CA ALA E 183 -6.76 63.39 4.77
C ALA E 183 -7.91 62.85 5.60
N ALA E 184 -8.91 63.71 5.82
CA ALA E 184 -10.05 63.31 6.64
C ALA E 184 -10.76 62.13 6.00
N GLY E 185 -11.15 61.17 6.84
CA GLY E 185 -11.79 59.96 6.37
C GLY E 185 -10.86 58.78 6.13
N ASP E 186 -9.55 58.97 6.26
CA ASP E 186 -8.62 57.87 6.04
C ASP E 186 -8.74 56.85 7.17
N VAL E 187 -8.17 55.67 6.93
CA VAL E 187 -8.24 54.55 7.86
C VAL E 187 -6.87 54.32 8.48
N LEU E 188 -6.85 54.00 9.77
CA LEU E 188 -5.62 53.82 10.52
C LEU E 188 -5.50 52.35 10.93
N ASP E 189 -4.33 51.76 10.68
CA ASP E 189 -4.10 50.36 10.99
C ASP E 189 -2.66 50.19 11.45
N MET E 190 -2.29 48.94 11.73
CA MET E 190 -0.95 48.64 12.24
C MET E 190 0.13 48.89 11.20
N GLN E 191 -0.21 48.86 9.91
CA GLN E 191 0.76 49.09 8.85
C GLN E 191 0.73 50.52 8.33
N SER E 192 -0.02 51.40 8.99
CA SER E 192 -0.12 52.78 8.55
C SER E 192 1.21 53.50 8.74
N VAL E 193 1.66 54.17 7.69
CA VAL E 193 2.88 54.97 7.71
C VAL E 193 2.50 56.40 7.38
N GLY E 194 2.97 57.35 8.17
CA GLY E 194 2.69 58.73 7.87
C GLY E 194 3.12 59.63 8.99
N VAL E 195 3.18 60.92 8.68
CA VAL E 195 3.53 61.95 9.64
C VAL E 195 2.25 62.63 10.12
N TYR E 196 2.12 62.77 11.43
CA TYR E 196 0.89 63.23 12.05
C TYR E 196 1.19 63.53 13.51
N SER E 197 0.53 64.55 14.05
CA SER E 197 0.63 64.83 15.48
C SER E 197 2.05 65.17 15.91
N GLN E 198 2.99 65.24 14.96
CA GLN E 198 4.39 65.51 15.24
C GLN E 198 4.76 66.86 14.66
N LEU E 199 5.29 67.74 15.49
CA LEU E 199 5.50 69.13 15.10
C LEU E 199 6.80 69.36 14.34
N ARG E 200 7.70 68.39 14.32
CA ARG E 200 8.97 68.50 13.61
C ARG E 200 8.90 67.65 12.36
N ARG E 201 9.17 68.26 11.21
CA ARG E 201 9.02 67.58 9.93
C ARG E 201 10.12 68.03 8.99
N ARG E 202 10.38 67.20 7.98
CA ARG E 202 11.37 67.49 6.96
C ARG E 202 10.74 67.39 5.58
N TYR E 203 11.16 68.27 4.67
CA TYR E 203 10.60 68.36 3.34
C TYR E 203 11.72 68.43 2.32
N VAL E 204 11.41 67.98 1.11
CA VAL E 204 12.35 67.98 0.00
C VAL E 204 12.06 69.18 -0.89
N LEU E 205 13.02 70.08 -1.00
CA LEU E 205 12.82 71.28 -1.81
C LEU E 205 12.96 70.96 -3.31
N VAL E 206 14.14 70.50 -3.71
CA VAL E 206 14.39 70.12 -5.10
C VAL E 206 15.04 68.75 -5.12
N ALA E 207 14.53 67.87 -5.98
CA ALA E 207 15.05 66.51 -6.06
C ALA E 207 16.40 66.49 -6.77
N SER E 208 16.43 66.94 -8.02
CA SER E 208 17.66 67.01 -8.80
C SER E 208 17.80 68.40 -9.38
N SER E 209 18.97 69.00 -9.21
CA SER E 209 19.23 70.33 -9.73
C SER E 209 19.34 70.30 -11.25
N ASP E 210 19.04 71.43 -11.87
CA ASP E 210 19.27 71.58 -13.29
C ASP E 210 20.68 72.05 -13.61
N GLY E 211 21.47 72.39 -12.60
CA GLY E 211 22.82 72.87 -12.80
C GLY E 211 22.94 74.31 -13.23
N THR E 212 21.82 75.02 -13.38
CA THR E 212 21.84 76.40 -13.84
C THR E 212 20.98 77.34 -13.01
N SER E 213 20.21 76.83 -12.06
CA SER E 213 19.35 77.66 -11.22
C SER E 213 20.11 78.09 -9.98
N LYS E 214 20.31 79.40 -9.85
CA LYS E 214 21.05 79.96 -8.73
C LYS E 214 20.19 80.28 -7.52
N THR E 215 18.87 80.20 -7.65
CA THR E 215 17.97 80.58 -6.58
C THR E 215 16.92 79.50 -6.37
N ALA E 216 16.40 79.45 -5.14
CA ALA E 216 15.32 78.54 -4.79
C ALA E 216 14.58 79.13 -3.61
N THR E 217 13.28 78.86 -3.53
CA THR E 217 12.46 79.36 -2.44
C THR E 217 11.63 78.22 -1.87
N PHE E 218 11.33 78.33 -0.57
CA PHE E 218 10.54 77.34 0.14
C PHE E 218 9.29 78.02 0.67
N LYS E 219 8.13 77.58 0.17
CA LYS E 219 6.84 78.06 0.64
C LYS E 219 6.03 76.85 1.07
N MET E 220 5.79 76.74 2.38
CA MET E 220 5.17 75.53 2.91
C MET E 220 3.68 75.46 2.63
N GLU E 221 3.07 76.56 2.16
CA GLU E 221 1.70 76.48 1.66
C GLU E 221 1.60 75.58 0.44
N ASP E 222 2.72 75.34 -0.25
CA ASP E 222 2.72 74.34 -1.30
C ASP E 222 2.69 72.93 -0.71
N PHE E 223 3.18 72.78 0.53
CA PHE E 223 3.25 71.47 1.15
C PHE E 223 2.06 71.19 2.04
N GLU E 224 1.42 72.23 2.57
CA GLU E 224 0.24 72.09 3.40
C GLU E 224 -0.80 73.10 2.95
N GLY E 225 -2.05 72.87 3.37
CA GLY E 225 -3.17 73.60 2.78
C GLY E 225 -3.06 75.10 2.91
N GLN E 226 -2.66 75.58 4.09
CA GLN E 226 -2.62 77.02 4.36
C GLN E 226 -1.21 77.36 4.84
N ASN E 227 -1.03 78.57 5.35
CA ASN E 227 0.22 79.02 5.93
C ASN E 227 0.18 78.85 7.44
N VAL E 228 1.30 78.41 8.01
CA VAL E 228 1.38 78.21 9.45
C VAL E 228 2.72 78.74 9.95
N PRO E 229 2.76 79.42 11.09
CA PRO E 229 4.05 79.88 11.63
C PRO E 229 4.88 78.72 12.16
N ILE E 230 6.19 78.97 12.26
CA ILE E 230 7.16 77.98 12.71
C ILE E 230 7.93 78.57 13.89
N ARG E 231 8.58 77.68 14.64
CA ARG E 231 9.36 78.09 15.79
C ARG E 231 10.66 78.74 15.35
N LYS E 232 11.34 79.39 16.30
CA LYS E 232 12.58 80.09 16.05
C LYS E 232 13.77 79.25 16.51
N GLY E 233 14.84 79.29 15.72
CA GLY E 233 16.05 78.59 16.10
C GLY E 233 15.97 77.10 16.07
N ARG E 234 15.04 76.53 15.29
CA ARG E 234 14.86 75.09 15.18
C ARG E 234 14.74 74.69 13.73
N THR E 235 15.64 75.20 12.89
CA THR E 235 15.60 74.96 11.46
C THR E 235 16.96 74.49 10.97
N ASN E 236 16.96 73.54 10.04
CA ASN E 236 18.18 72.98 9.49
C ASN E 236 18.03 72.83 7.98
N ILE E 237 19.18 72.76 7.30
CA ILE E 237 19.24 72.64 5.85
C ILE E 237 20.02 71.38 5.51
N TYR E 238 19.48 70.58 4.60
CA TYR E 238 20.10 69.32 4.17
C TYR E 238 20.55 69.45 2.74
N VAL E 239 21.83 69.19 2.49
CA VAL E 239 22.39 69.11 1.14
C VAL E 239 22.93 67.71 0.97
N ASN E 240 22.37 66.97 0.02
CA ASN E 240 22.75 65.57 -0.23
C ASN E 240 22.67 64.76 1.07
N ARG E 241 21.57 64.95 1.80
CA ARG E 241 21.33 64.28 3.08
C ARG E 241 22.46 64.54 4.07
N ILE E 242 22.91 65.80 4.13
CA ILE E 242 23.90 66.24 5.12
C ILE E 242 23.36 67.50 5.79
N LYS E 243 23.22 67.45 7.10
CA LYS E 243 22.65 68.57 7.83
C LYS E 243 23.67 69.69 7.99
N SER E 244 23.18 70.93 7.91
CA SER E 244 23.97 72.11 8.17
C SER E 244 23.76 72.56 9.62
N VAL E 245 24.33 73.71 9.97
CA VAL E 245 24.16 74.22 11.33
C VAL E 245 22.74 74.76 11.50
N VAL E 246 22.32 74.89 12.76
CA VAL E 246 20.99 75.40 13.05
C VAL E 246 20.88 76.86 12.64
N ASP E 247 19.64 77.29 12.39
CA ASP E 247 19.39 78.65 11.96
C ASP E 247 19.68 79.64 13.08
N ASN E 248 20.03 80.86 12.68
CA ASN E 248 20.21 81.94 13.63
C ASN E 248 18.89 82.22 14.35
N GLY E 249 19.00 82.85 15.52
CA GLY E 249 17.81 83.16 16.28
C GLY E 249 16.83 84.03 15.50
N SER E 250 17.36 84.94 14.68
CA SER E 250 16.52 85.81 13.88
C SER E 250 17.12 85.98 12.49
N GLY E 251 16.24 86.12 11.51
CA GLY E 251 16.61 86.56 10.17
C GLY E 251 17.04 85.51 9.18
N SER E 252 18.26 84.99 9.31
CA SER E 252 18.88 84.24 8.22
C SER E 252 19.64 83.04 8.76
N LEU E 253 20.13 82.22 7.83
CA LEU E 253 20.99 81.09 8.11
C LEU E 253 22.11 81.06 7.09
N LEU E 254 23.33 80.77 7.54
CA LEU E 254 24.50 80.78 6.69
C LEU E 254 25.20 79.43 6.75
N HIS E 255 25.52 78.87 5.59
CA HIS E 255 26.19 77.58 5.51
C HIS E 255 26.89 77.48 4.16
N SER E 256 28.05 76.81 4.16
CA SER E 256 28.85 76.63 2.97
C SER E 256 29.34 75.20 2.90
N PHE E 257 29.63 74.74 1.68
CA PHE E 257 30.12 73.39 1.44
C PHE E 257 30.96 73.38 0.18
N THR E 258 31.42 72.18 -0.20
CA THR E 258 32.34 72.02 -1.31
C THR E 258 31.66 71.30 -2.47
N ASN E 259 32.22 71.48 -3.67
CA ASN E 259 31.68 70.87 -4.87
C ASN E 259 32.53 69.67 -5.27
N ALA E 260 32.16 69.05 -6.39
CA ALA E 260 32.91 67.89 -6.88
C ALA E 260 34.33 68.28 -7.25
N ALA E 261 34.50 69.44 -7.89
CA ALA E 261 35.84 69.91 -8.25
C ALA E 261 36.57 70.53 -7.08
N GLY E 262 35.93 70.69 -5.92
CA GLY E 262 36.59 71.16 -4.73
C GLY E 262 36.33 72.61 -4.37
N GLU E 263 35.74 73.39 -5.27
CA GLU E 263 35.50 74.79 -4.96
C GLU E 263 34.41 74.93 -3.91
N GLN E 264 34.44 76.06 -3.21
CA GLN E 264 33.52 76.33 -2.12
C GLN E 264 32.32 77.13 -2.61
N ILE E 265 31.15 76.79 -2.10
CA ILE E 265 29.90 77.45 -2.45
C ILE E 265 29.18 77.85 -1.17
N THR E 266 28.69 79.08 -1.14
CA THR E 266 28.02 79.63 0.03
C THR E 266 26.52 79.66 -0.19
N VAL E 267 25.77 79.31 0.85
CA VAL E 267 24.31 79.24 0.80
C VAL E 267 23.75 80.23 1.81
N THR E 268 22.79 81.04 1.37
CA THR E 268 22.17 82.05 2.21
C THR E 268 20.66 81.84 2.25
N CYS E 269 20.06 82.21 3.38
CA CYS E 269 18.64 82.01 3.60
C CYS E 269 18.00 83.28 4.15
N SER E 270 16.68 83.31 4.10
CA SER E 270 15.90 84.39 4.70
C SER E 270 14.65 83.79 5.31
N LEU E 271 14.36 84.15 6.55
CA LEU E 271 13.30 83.50 7.33
C LEU E 271 12.28 84.51 7.81
N ASN E 272 11.01 84.11 7.79
CA ASN E 272 9.90 84.89 8.34
C ASN E 272 9.05 83.93 9.18
N TYR E 273 9.39 83.85 10.46
CA TYR E 273 8.84 82.80 11.32
C TYR E 273 7.32 82.88 11.44
N ASN E 274 6.77 84.09 11.37
CA ASN E 274 5.33 84.24 11.57
C ASN E 274 4.52 83.64 10.42
N ILE E 275 5.08 83.62 9.22
CA ILE E 275 4.37 83.09 8.06
C ILE E 275 5.04 81.85 7.46
N GLY E 276 6.35 81.69 7.63
CA GLY E 276 7.02 80.47 7.19
C GLY E 276 7.36 80.37 5.72
N GLN E 277 8.23 81.25 5.23
CA GLN E 277 8.78 81.17 3.89
C GLN E 277 10.28 81.32 3.95
N ILE E 278 11.00 80.51 3.17
CA ILE E 278 12.45 80.55 3.13
C ILE E 278 12.90 80.73 1.69
N ALA E 279 13.79 81.69 1.45
CA ALA E 279 14.38 81.92 0.16
C ALA E 279 15.85 81.53 0.20
N LEU E 280 16.27 80.73 -0.77
CA LEU E 280 17.64 80.21 -0.82
C LEU E 280 18.38 80.85 -1.99
N SER E 281 19.59 81.33 -1.71
CA SER E 281 20.47 81.90 -2.72
C SER E 281 21.84 81.24 -2.62
N PHE E 282 22.43 80.92 -3.76
CA PHE E 282 23.71 80.24 -3.83
C PHE E 282 24.76 81.16 -4.44
N SER E 283 26.00 81.02 -3.99
CA SER E 283 27.10 81.77 -4.58
C SER E 283 27.29 81.39 -6.04
N LYS E 284 27.19 80.09 -6.34
CA LYS E 284 27.32 79.60 -7.71
C LYS E 284 26.27 78.52 -7.94
N ALA E 285 26.07 78.19 -9.21
CA ALA E 285 25.11 77.15 -9.54
C ALA E 285 25.62 75.80 -9.05
N PRO E 286 24.77 74.99 -8.41
CA PRO E 286 25.22 73.70 -7.89
C PRO E 286 25.43 72.70 -9.02
N ASP E 287 25.90 71.53 -8.64
CA ASP E 287 26.08 70.45 -9.61
C ASP E 287 24.72 69.94 -10.08
N LYS E 288 24.76 69.18 -11.18
CA LYS E 288 23.51 68.67 -11.77
C LYS E 288 22.79 67.76 -10.79
N GLY E 289 23.50 66.81 -10.20
CA GLY E 289 22.89 65.94 -9.22
C GLY E 289 22.94 66.51 -7.83
N THR E 290 21.85 67.16 -7.40
CA THR E 290 21.82 67.79 -6.09
C THR E 290 20.40 67.73 -5.54
N GLU E 291 20.30 67.32 -4.28
CA GLU E 291 19.01 67.23 -3.59
C GLU E 291 19.05 68.10 -2.34
N ILE E 292 18.04 68.93 -2.17
CA ILE E 292 17.98 69.90 -1.09
C ILE E 292 16.75 69.61 -0.25
N ALA E 293 16.95 69.47 1.07
CA ALA E 293 15.88 69.15 2.00
C ALA E 293 15.92 70.13 3.17
N ILE E 294 14.75 70.37 3.75
CA ILE E 294 14.58 71.35 4.81
C ILE E 294 13.84 70.70 5.98
N GLU E 295 14.37 70.88 7.19
CA GLU E 295 13.74 70.38 8.41
C GLU E 295 13.38 71.56 9.30
N THR E 296 12.15 71.56 9.81
CA THR E 296 11.67 72.66 10.63
C THR E 296 10.62 72.13 11.60
N GLU E 297 10.38 72.88 12.67
CA GLU E 297 9.39 72.55 13.68
C GLU E 297 8.25 73.56 13.63
N ILE E 298 7.02 73.08 13.66
CA ILE E 298 5.85 73.93 13.54
C ILE E 298 5.52 74.52 14.91
N ASN E 299 5.31 75.83 14.95
CA ASN E 299 5.00 76.54 16.19
C ASN E 299 3.51 76.35 16.49
N ILE E 300 3.19 75.26 17.21
CA ILE E 300 1.81 75.01 17.57
C ILE E 300 1.31 76.03 18.59
N GLU E 301 2.19 76.52 19.46
CA GLU E 301 1.76 77.48 20.48
C GLU E 301 1.27 78.77 19.86
N ALA E 302 1.71 79.09 18.65
CA ALA E 302 1.23 80.29 17.97
C ALA E 302 -0.21 80.11 17.47
N ALA E 303 -0.52 78.93 16.95
CA ALA E 303 -1.85 78.65 16.41
C ALA E 303 -2.53 77.55 17.22
N PRO E 304 -3.49 77.89 18.09
CA PRO E 304 -4.16 76.85 18.89
C PRO E 304 -4.87 75.81 18.05
N GLU E 305 -5.37 76.18 16.87
CA GLU E 305 -6.03 75.21 15.99
C GLU E 305 -4.99 74.38 15.26
N LEU E 306 -5.42 73.64 14.24
CA LEU E 306 -4.65 72.67 13.49
C LEU E 306 -4.28 71.46 14.32
N ILE E 307 -4.75 71.36 15.56
CA ILE E 307 -4.54 70.15 16.36
C ILE E 307 -5.38 69.04 15.73
N PRO E 308 -4.79 67.91 15.38
CA PRO E 308 -5.53 66.86 14.68
C PRO E 308 -6.50 66.15 15.61
N LEU E 309 -7.38 65.37 14.99
CA LEU E 309 -8.44 64.67 15.71
C LEU E 309 -8.47 63.20 15.32
N ILE E 310 -9.41 62.47 15.91
CA ILE E 310 -9.62 61.05 15.65
C ILE E 310 -11.11 60.76 15.72
N ASN E 311 -11.62 59.99 14.76
CA ASN E 311 -13.04 59.61 14.74
C ASN E 311 -13.14 58.11 14.47
N HIS E 312 -14.38 57.63 14.36
CA HIS E 312 -14.63 56.22 14.12
C HIS E 312 -15.87 56.06 13.26
N GLU E 313 -15.96 54.93 12.58
CA GLU E 313 -17.08 54.64 11.69
C GLU E 313 -17.49 53.18 11.86
N MET E 314 -18.74 52.89 11.52
CA MET E 314 -19.27 51.54 11.61
C MET E 314 -19.94 51.15 10.30
N LYS E 315 -19.99 49.85 10.04
CA LYS E 315 -20.62 49.29 8.85
C LYS E 315 -21.44 48.07 9.25
N LYS E 316 -22.12 47.47 8.27
CA LYS E 316 -22.99 46.33 8.54
C LYS E 316 -22.87 45.31 7.41
N TYR E 317 -23.13 44.06 7.74
CA TYR E 317 -23.09 42.95 6.78
C TYR E 317 -24.21 41.98 7.10
N THR E 318 -24.61 41.21 6.09
CA THR E 318 -25.80 40.37 6.20
C THR E 318 -25.54 39.00 5.60
N LEU E 319 -26.33 38.01 6.04
CA LEU E 319 -26.23 36.63 5.58
C LEU E 319 -27.61 36.03 5.48
N PHE E 320 -27.78 35.07 4.56
CA PHE E 320 -29.07 34.42 4.38
C PHE E 320 -28.86 33.09 3.67
N PRO E 321 -29.75 32.11 3.90
CA PRO E 321 -29.57 30.79 3.31
C PRO E 321 -30.23 30.61 1.94
N SER E 322 -30.18 29.39 1.41
CA SER E 322 -30.82 29.03 0.14
C SER E 322 -31.55 27.69 0.34
N GLN E 323 -32.06 27.13 -0.75
CA GLN E 323 -32.91 25.94 -0.67
C GLN E 323 -32.48 24.90 -1.71
N PHE E 324 -33.00 23.69 -1.54
CA PHE E 324 -32.70 22.58 -2.45
C PHE E 324 -33.87 21.60 -2.42
N VAL E 325 -34.10 20.94 -3.56
CA VAL E 325 -35.28 20.10 -3.76
C VAL E 325 -34.90 18.93 -4.66
N ILE E 326 -35.49 17.75 -4.39
CA ILE E 326 -35.27 16.58 -5.21
C ILE E 326 -36.41 15.62 -4.98
N ALA E 327 -36.62 14.70 -5.93
CA ALA E 327 -37.72 13.75 -5.86
C ALA E 327 -37.46 12.57 -6.78
N ALA E 328 -38.25 11.51 -6.61
CA ALA E 328 -38.12 10.31 -7.42
C ALA E 328 -39.48 9.63 -7.56
N GLU E 329 -39.61 8.80 -8.60
CA GLU E 329 -40.87 8.14 -8.91
C GLU E 329 -40.62 6.71 -9.37
N HIS E 330 -41.69 5.92 -9.36
CA HIS E 330 -41.71 4.58 -9.93
C HIS E 330 -43.14 4.07 -9.90
N THR E 331 -43.48 3.23 -10.87
CA THR E 331 -44.83 2.70 -11.00
C THR E 331 -44.96 1.36 -10.27
N VAL E 332 -46.21 1.01 -9.97
CA VAL E 332 -46.48 -0.22 -9.21
C VAL E 332 -46.01 -1.44 -10.00
N GLN E 333 -46.35 -1.49 -11.28
CA GLN E 333 -46.02 -2.66 -12.09
C GLN E 333 -44.52 -2.90 -12.14
N ALA E 334 -43.75 -1.82 -12.25
CA ALA E 334 -42.29 -1.97 -12.25
C ALA E 334 -41.80 -2.55 -10.94
N ALA E 335 -42.37 -2.09 -9.82
CA ALA E 335 -41.97 -2.62 -8.52
C ALA E 335 -42.27 -4.10 -8.42
N TYR E 336 -43.46 -4.51 -8.87
CA TYR E 336 -43.80 -5.93 -8.81
C TYR E 336 -42.89 -6.75 -9.71
N GLU E 337 -42.59 -6.25 -10.91
CA GLU E 337 -41.70 -6.96 -11.80
C GLU E 337 -40.32 -7.14 -11.18
N ALA E 338 -39.78 -6.08 -10.60
CA ALA E 338 -38.48 -6.18 -9.96
C ALA E 338 -38.50 -7.19 -8.82
N GLN E 339 -39.51 -7.11 -7.97
CA GLN E 339 -39.59 -8.02 -6.83
C GLN E 339 -39.67 -9.46 -7.28
N ARG E 340 -40.49 -9.75 -8.28
CA ARG E 340 -40.65 -11.14 -8.72
C ARG E 340 -39.40 -11.64 -9.42
N GLU E 341 -38.87 -10.87 -10.36
CA GLU E 341 -37.80 -11.36 -11.22
C GLU E 341 -36.46 -11.41 -10.48
N PHE E 342 -36.13 -10.38 -9.70
CA PHE E 342 -34.83 -10.31 -9.05
C PHE E 342 -34.88 -10.16 -7.55
N GLY E 343 -36.04 -9.98 -6.94
CA GLY E 343 -36.11 -9.77 -5.51
C GLY E 343 -35.65 -8.41 -5.05
N LEU E 344 -35.66 -7.41 -5.93
CA LEU E 344 -35.26 -6.07 -5.55
C LEU E 344 -36.34 -5.39 -4.72
N ASP E 345 -36.10 -4.13 -4.41
CA ASP E 345 -37.05 -3.29 -3.68
C ASP E 345 -36.81 -1.85 -4.15
N LEU E 346 -37.65 -1.39 -5.08
CA LEU E 346 -37.39 -0.09 -5.72
C LEU E 346 -37.42 1.04 -4.71
N GLY E 347 -38.35 0.99 -3.76
CA GLY E 347 -38.50 2.09 -2.83
C GLY E 347 -37.25 2.35 -2.01
N SER E 348 -36.67 1.29 -1.46
CA SER E 348 -35.46 1.44 -0.66
C SER E 348 -34.32 2.00 -1.48
N LEU E 349 -34.15 1.47 -2.70
CA LEU E 349 -33.07 1.92 -3.56
C LEU E 349 -33.20 3.41 -3.87
N GLN E 350 -34.40 3.83 -4.26
CA GLN E 350 -34.60 5.24 -4.60
C GLN E 350 -34.40 6.13 -3.37
N PHE E 351 -34.89 5.69 -2.21
CA PHE E 351 -34.73 6.48 -1.00
C PHE E 351 -33.25 6.68 -0.69
N ARG E 352 -32.47 5.61 -0.71
CA ARG E 352 -31.06 5.72 -0.41
C ARG E 352 -30.35 6.60 -1.43
N THR E 353 -30.70 6.45 -2.71
CA THR E 353 -30.05 7.26 -3.74
C THR E 353 -30.31 8.74 -3.52
N LEU E 354 -31.55 9.10 -3.22
CA LEU E 354 -31.87 10.51 -2.96
C LEU E 354 -31.09 11.02 -1.76
N LYS E 355 -31.11 10.26 -0.66
CA LYS E 355 -30.45 10.71 0.56
C LYS E 355 -28.97 10.91 0.33
N GLU E 356 -28.35 10.06 -0.48
CA GLU E 356 -26.93 10.19 -0.77
C GLU E 356 -26.64 11.39 -1.66
N TYR E 357 -27.41 11.54 -2.74
CA TYR E 357 -27.10 12.59 -3.70
C TYR E 357 -27.28 13.97 -3.09
N LEU E 358 -28.23 14.11 -2.17
CA LEU E 358 -28.43 15.42 -1.56
C LEU E 358 -27.17 15.93 -0.89
N SER E 359 -26.46 15.05 -0.17
CA SER E 359 -25.21 15.47 0.45
C SER E 359 -24.10 15.61 -0.58
N HIS E 360 -24.05 14.71 -1.54
CA HIS E 360 -22.95 14.72 -2.51
C HIS E 360 -22.91 16.03 -3.28
N GLU E 361 -24.08 16.52 -3.71
CA GLU E 361 -24.08 17.72 -4.54
C GLU E 361 -23.62 18.93 -3.75
N GLN E 362 -24.06 19.06 -2.50
CA GLN E 362 -23.62 20.19 -1.68
C GLN E 362 -22.12 20.13 -1.44
N ASP E 363 -21.61 18.92 -1.21
CA ASP E 363 -20.17 18.75 -1.03
C ASP E 363 -19.41 19.25 -2.26
N MET E 364 -19.91 18.93 -3.45
CA MET E 364 -19.25 19.44 -4.65
C MET E 364 -19.43 20.95 -4.81
N LEU E 365 -20.59 21.47 -4.42
CA LEU E 365 -20.87 22.89 -4.61
C LEU E 365 -19.93 23.76 -3.80
N ARG E 366 -19.58 23.31 -2.59
CA ARG E 366 -18.61 24.05 -1.80
C ARG E 366 -17.33 24.28 -2.58
N LEU E 367 -16.77 23.20 -3.14
CA LEU E 367 -15.54 23.31 -3.91
C LEU E 367 -15.72 24.18 -5.14
N ARG E 368 -16.86 24.05 -5.82
CA ARG E 368 -17.10 24.86 -7.00
C ARG E 368 -17.05 26.35 -6.68
N ILE E 369 -17.72 26.74 -5.59
CA ILE E 369 -17.71 28.14 -5.20
C ILE E 369 -16.29 28.58 -4.86
N MET E 370 -15.57 27.78 -4.08
CA MET E 370 -14.23 28.19 -3.66
C MET E 370 -13.32 28.40 -4.86
N ILE E 371 -13.37 27.48 -5.83
CA ILE E 371 -12.48 27.62 -6.98
C ILE E 371 -12.90 28.79 -7.85
N TRP E 372 -14.22 29.02 -8.01
CA TRP E 372 -14.65 30.09 -8.90
C TRP E 372 -14.30 31.46 -8.35
N ARG E 373 -14.44 31.65 -7.03
CA ARG E 373 -14.36 32.99 -6.47
C ARG E 373 -12.92 33.51 -6.35
N THR E 374 -11.91 32.65 -6.40
CA THR E 374 -10.56 33.06 -6.06
C THR E 374 -10.03 34.11 -7.02
N LEU E 375 -9.12 34.95 -6.51
CA LEU E 375 -8.56 36.04 -7.31
C LEU E 375 -7.05 36.22 -7.16
N ALA E 376 -6.37 35.45 -6.32
CA ALA E 376 -4.94 35.59 -6.10
C ALA E 376 -4.20 34.44 -6.76
N THR E 377 -3.14 34.78 -7.50
CA THR E 377 -2.44 33.82 -8.32
C THR E 377 -0.95 33.83 -8.00
N ASP E 378 -0.32 32.67 -8.21
CA ASP E 378 1.13 32.55 -8.06
C ASP E 378 1.59 31.36 -8.89
N THR E 379 2.89 31.34 -9.20
CA THR E 379 3.48 30.32 -10.04
C THR E 379 4.76 29.81 -9.43
N PHE E 380 5.13 28.59 -9.80
CA PHE E 380 6.35 27.96 -9.30
C PHE E 380 6.75 26.84 -10.23
N ASP E 381 8.04 26.52 -10.23
CA ASP E 381 8.58 25.36 -10.92
C ASP E 381 9.11 24.38 -9.89
N ILE E 382 8.66 23.13 -10.00
CA ILE E 382 8.96 22.13 -8.99
C ILE E 382 9.88 21.02 -9.49
N ALA E 383 10.29 21.06 -10.76
CA ALA E 383 11.16 20.02 -11.29
C ALA E 383 12.48 19.97 -10.54
N LEU E 384 12.99 18.77 -10.34
CA LEU E 384 14.19 18.58 -9.55
C LEU E 384 15.44 18.89 -10.38
N PRO E 385 16.44 19.57 -9.82
CA PRO E 385 17.72 19.68 -10.52
C PRO E 385 18.37 18.31 -10.67
N VAL E 386 19.19 18.18 -11.72
CA VAL E 386 19.71 16.87 -12.11
C VAL E 386 20.64 16.27 -11.06
N ASN E 387 21.20 17.09 -10.16
CA ASN E 387 22.14 16.58 -9.16
C ASN E 387 21.76 16.84 -7.72
N GLN E 388 20.86 17.79 -7.46
CA GLN E 388 20.56 18.17 -6.09
C GLN E 388 19.89 17.04 -5.33
N SER E 389 20.17 16.99 -4.03
CA SER E 389 19.51 16.02 -3.17
C SER E 389 18.09 16.46 -2.87
N PHE E 390 17.33 15.55 -2.26
CA PHE E 390 15.93 15.86 -1.95
C PHE E 390 15.80 16.81 -0.79
N ASP E 391 16.79 16.86 0.10
CA ASP E 391 16.67 17.71 1.29
C ASP E 391 16.70 19.18 0.92
N VAL E 392 17.63 19.57 0.05
CA VAL E 392 17.74 20.98 -0.35
C VAL E 392 16.47 21.42 -1.06
N TRP E 393 15.99 20.59 -2.00
CA TRP E 393 14.77 20.93 -2.73
C TRP E 393 13.58 21.01 -1.79
N ALA E 394 13.50 20.10 -0.82
CA ALA E 394 12.42 20.14 0.14
C ALA E 394 12.44 21.43 0.95
N THR E 395 13.62 21.84 1.38
CA THR E 395 13.73 23.10 2.12
C THR E 395 13.28 24.28 1.26
N ILE E 396 13.66 24.28 -0.02
CA ILE E 396 13.26 25.36 -0.90
C ILE E 396 11.75 25.41 -1.04
N ILE E 397 11.13 24.25 -1.25
CA ILE E 397 9.68 24.19 -1.40
C ILE E 397 8.99 24.67 -0.12
N ARG E 398 9.50 24.24 1.03
CA ARG E 398 8.91 24.67 2.29
C ARG E 398 9.01 26.19 2.44
N GLY E 399 10.16 26.77 2.07
CA GLY E 399 10.28 28.21 2.13
C GLY E 399 9.27 28.91 1.26
N LYS E 400 9.09 28.41 0.03
CA LYS E 400 8.14 29.03 -0.89
C LYS E 400 6.72 29.00 -0.32
N PHE E 401 6.29 27.84 0.17
CA PHE E 401 4.92 27.73 0.67
C PHE E 401 4.74 28.55 1.94
N GLN E 402 5.78 28.63 2.77
CA GLN E 402 5.70 29.48 3.95
C GLN E 402 5.54 30.95 3.55
N THR E 403 6.23 31.37 2.50
CA THR E 403 6.05 32.74 2.02
C THR E 403 4.62 32.97 1.54
N VAL E 404 4.06 32.00 0.83
CA VAL E 404 2.70 32.16 0.33
C VAL E 404 1.72 32.31 1.49
N TYR E 405 1.87 31.45 2.51
CA TYR E 405 0.95 31.51 3.64
C TYR E 405 1.15 32.80 4.43
N ARG E 406 2.39 33.28 4.54
CA ARG E 406 2.62 34.57 5.19
C ARG E 406 1.92 35.68 4.44
N ASP E 407 1.96 35.63 3.10
CA ASP E 407 1.26 36.64 2.31
C ASP E 407 -0.24 36.60 2.59
N ILE E 408 -0.81 35.40 2.67
CA ILE E 408 -2.24 35.28 2.95
C ILE E 408 -2.56 35.88 4.32
N ILE E 409 -1.74 35.56 5.32
CA ILE E 409 -1.97 36.08 6.66
C ILE E 409 -1.89 37.60 6.65
N GLU E 410 -0.89 38.15 5.98
CA GLU E 410 -0.75 39.60 5.89
C GLU E 410 -1.96 40.24 5.23
N ARG E 411 -2.52 39.58 4.22
CA ARG E 411 -3.72 40.10 3.58
C ARG E 411 -4.88 40.14 4.56
N VAL E 412 -5.13 39.04 5.25
CA VAL E 412 -6.32 38.99 6.12
C VAL E 412 -6.06 39.70 7.44
N LYS E 413 -4.85 39.61 7.98
CA LYS E 413 -4.47 40.18 9.28
C LYS E 413 -5.15 39.48 10.44
N SER E 414 -5.26 38.15 10.38
CA SER E 414 -5.69 37.36 11.52
C SER E 414 -5.13 35.95 11.37
N SER E 415 -5.11 35.22 12.48
CA SER E 415 -4.51 33.90 12.50
C SER E 415 -5.53 32.83 12.09
N GLY E 416 -5.08 31.59 12.05
CA GLY E 416 -5.95 30.50 11.69
C GLY E 416 -5.17 29.26 11.31
N ALA E 417 -5.91 28.23 10.91
CA ALA E 417 -5.31 26.99 10.46
C ALA E 417 -4.95 27.08 8.98
N MET E 418 -4.26 26.06 8.49
CA MET E 418 -3.78 26.04 7.11
C MET E 418 -4.15 24.73 6.44
N GLY E 419 -4.32 24.78 5.13
CA GLY E 419 -4.67 23.61 4.36
C GLY E 419 -4.45 23.85 2.88
N MET E 420 -4.66 22.80 2.10
CA MET E 420 -4.42 22.87 0.67
C MET E 420 -5.37 21.94 -0.09
N PHE E 421 -5.64 22.30 -1.34
CA PHE E 421 -6.31 21.45 -2.30
C PHE E 421 -5.38 21.26 -3.49
N ALA E 422 -5.02 20.01 -3.77
CA ALA E 422 -3.97 19.72 -4.73
C ALA E 422 -4.46 18.72 -5.77
N GLY E 423 -3.99 18.91 -7.00
CA GLY E 423 -4.27 17.97 -8.07
C GLY E 423 -3.39 16.74 -7.95
N ALA E 424 -3.67 15.77 -8.83
CA ALA E 424 -3.02 14.47 -8.72
C ALA E 424 -1.51 14.58 -8.92
N ASP E 425 -1.08 15.37 -9.90
CA ASP E 425 0.36 15.49 -10.17
C ASP E 425 1.07 16.15 -9.00
N ALA E 426 0.54 17.27 -8.52
CA ALA E 426 1.13 17.91 -7.35
C ALA E 426 1.05 17.01 -6.13
N ALA E 427 0.00 16.19 -6.04
CA ALA E 427 -0.08 15.23 -4.95
C ALA E 427 1.09 14.26 -5.00
N SER E 428 1.40 13.74 -6.20
CA SER E 428 2.55 12.85 -6.32
C SER E 428 3.84 13.56 -5.99
N PHE E 429 3.99 14.80 -6.46
CA PHE E 429 5.21 15.56 -6.18
C PHE E 429 5.41 15.71 -4.67
N PHE E 430 4.32 16.02 -3.95
CA PHE E 430 4.43 16.11 -2.50
C PHE E 430 4.72 14.75 -1.88
N LYS E 431 4.10 13.69 -2.40
CA LYS E 431 4.34 12.36 -1.86
C LYS E 431 5.79 11.94 -2.00
N GLN E 432 6.50 12.49 -2.98
CA GLN E 432 7.90 12.13 -3.16
C GLN E 432 8.82 12.70 -2.08
N LEU E 433 8.33 13.61 -1.25
CA LEU E 433 9.21 14.29 -0.31
C LEU E 433 9.69 13.35 0.79
N PRO E 434 10.82 13.67 1.44
CA PRO E 434 11.33 12.81 2.50
C PRO E 434 10.45 12.77 3.74
N LYS E 435 10.88 12.01 4.75
CA LYS E 435 10.00 11.62 5.84
C LYS E 435 9.68 12.81 6.75
N ASP E 436 10.68 13.58 7.14
CA ASP E 436 10.44 14.60 8.17
C ASP E 436 9.65 15.78 7.63
N PHE E 437 9.76 16.07 6.33
CA PHE E 437 9.00 17.18 5.77
C PHE E 437 7.52 16.83 5.60
N PHE E 438 7.22 15.62 5.16
CA PHE E 438 5.86 15.22 4.85
C PHE E 438 5.47 14.01 5.67
N GLN E 439 4.30 14.08 6.30
CA GLN E 439 3.81 13.02 7.17
C GLN E 439 2.64 12.30 6.51
N PRO E 440 2.85 11.11 5.94
CA PRO E 440 1.76 10.41 5.27
C PRO E 440 0.65 10.05 6.25
N ALA E 441 -0.58 10.04 5.75
CA ALA E 441 -1.71 9.62 6.56
C ALA E 441 -1.57 8.15 6.93
N GLU E 442 -2.04 7.81 8.12
CA GLU E 442 -1.87 6.45 8.61
C GLU E 442 -2.76 5.50 7.84
N ASP E 443 -2.17 4.41 7.35
CA ASP E 443 -2.84 3.38 6.55
C ASP E 443 -3.55 4.01 5.34
N TYR E 444 -2.76 4.68 4.52
CA TYR E 444 -3.32 5.37 3.36
C TYR E 444 -3.65 4.37 2.25
N ILE E 445 -4.84 4.54 1.66
CA ILE E 445 -5.26 3.76 0.50
C ILE E 445 -5.77 4.74 -0.54
N GLN E 446 -5.23 4.65 -1.76
CA GLN E 446 -5.66 5.54 -2.82
C GLN E 446 -7.08 5.18 -3.26
N THR E 447 -7.92 6.19 -3.44
CA THR E 447 -9.30 5.99 -3.82
C THR E 447 -9.68 6.96 -4.93
N PRO E 448 -10.68 6.62 -5.74
CA PRO E 448 -11.13 7.55 -6.79
C PRO E 448 -11.82 8.79 -6.24
N TYR E 449 -12.13 8.83 -4.94
CA TYR E 449 -12.80 9.98 -4.37
C TYR E 449 -11.81 11.11 -4.11
N VAL E 450 -12.29 12.18 -3.50
CA VAL E 450 -11.45 13.23 -2.96
C VAL E 450 -11.23 12.90 -1.49
N HIS E 451 -9.99 12.61 -1.12
CA HIS E 451 -9.69 12.09 0.19
C HIS E 451 -8.51 12.84 0.80
N TYR E 452 -8.14 12.42 2.01
CA TYR E 452 -7.06 13.04 2.75
C TYR E 452 -5.82 12.16 2.68
N ILE E 453 -4.67 12.78 2.41
CA ILE E 453 -3.45 12.04 2.13
C ILE E 453 -2.41 12.17 3.24
N GLY E 454 -2.46 13.24 4.03
CA GLY E 454 -1.46 13.42 5.08
C GLY E 454 -1.23 14.89 5.32
N THR E 455 -0.31 15.17 6.23
CA THR E 455 0.09 16.52 6.56
C THR E 455 1.56 16.71 6.24
N LEU E 456 1.92 17.94 5.86
CA LEU E 456 3.31 18.28 5.60
C LEU E 456 3.68 19.51 6.41
N PHE E 457 4.95 19.55 6.84
CA PHE E 457 5.50 20.61 7.68
C PHE E 457 4.83 20.64 9.05
N GLY E 458 4.03 19.63 9.36
CA GLY E 458 3.41 19.51 10.65
C GLY E 458 2.15 20.34 10.84
N ASN E 459 1.84 21.22 9.91
CA ASN E 459 0.67 22.10 10.03
C ASN E 459 -0.34 21.89 8.92
N VAL E 460 0.10 21.93 7.66
CA VAL E 460 -0.82 21.97 6.54
C VAL E 460 -1.39 20.59 6.28
N LYS E 461 -2.71 20.50 6.23
CA LYS E 461 -3.39 19.28 5.82
C LYS E 461 -3.77 19.42 4.35
N VAL E 462 -3.44 18.41 3.56
CA VAL E 462 -3.59 18.47 2.11
C VAL E 462 -4.51 17.36 1.65
N TYR E 463 -5.49 17.71 0.83
CA TYR E 463 -6.41 16.75 0.23
C TYR E 463 -6.12 16.68 -1.27
N GLU E 464 -6.44 15.53 -1.87
CA GLU E 464 -6.12 15.26 -3.26
C GLU E 464 -7.38 15.25 -4.10
N VAL E 465 -7.28 15.79 -5.31
CA VAL E 465 -8.38 15.82 -6.26
C VAL E 465 -7.99 14.96 -7.45
N PRO E 466 -8.76 13.93 -7.80
CA PRO E 466 -8.40 13.08 -8.94
C PRO E 466 -8.49 13.84 -10.24
N ALA E 467 -7.79 13.30 -11.25
CA ALA E 467 -7.71 13.98 -12.54
C ALA E 467 -9.07 14.10 -13.21
N GLY E 468 -9.90 13.07 -13.09
CA GLY E 468 -11.21 13.11 -13.74
C GLY E 468 -12.08 14.25 -13.25
N ILE E 469 -12.03 14.53 -11.94
CA ILE E 469 -12.79 15.64 -11.40
C ILE E 469 -12.28 16.96 -11.96
N CYS E 470 -10.96 17.09 -12.09
CA CYS E 470 -10.40 18.30 -12.68
C CYS E 470 -10.86 18.46 -14.12
N LYS E 471 -10.88 17.37 -14.88
CA LYS E 471 -11.34 17.42 -16.25
C LYS E 471 -12.81 17.85 -16.33
N ASN E 472 -13.64 17.28 -15.45
CA ASN E 472 -15.04 17.68 -15.42
C ASN E 472 -15.19 19.16 -15.07
N LEU E 473 -14.43 19.63 -14.10
CA LEU E 473 -14.51 21.04 -13.73
C LEU E 473 -14.12 21.94 -14.89
N THR E 474 -13.03 21.60 -15.59
CA THR E 474 -12.63 22.41 -16.73
C THR E 474 -13.66 22.34 -17.85
N THR E 475 -14.36 21.21 -17.98
CA THR E 475 -15.37 21.09 -19.01
C THR E 475 -16.52 22.07 -18.79
N GLU E 476 -16.85 22.34 -17.52
CA GLU E 476 -17.97 23.21 -17.18
C GLU E 476 -17.54 24.65 -16.95
N ASN E 477 -16.47 25.10 -17.59
CA ASN E 477 -15.99 26.47 -17.59
C ASN E 477 -15.46 26.94 -16.25
N ILE E 478 -15.13 26.02 -15.34
CA ILE E 478 -14.37 26.35 -14.15
C ILE E 478 -12.95 25.85 -14.40
N GLN E 479 -12.02 26.78 -14.61
CA GLN E 479 -10.66 26.40 -14.98
C GLN E 479 -9.91 25.90 -13.75
N PHE E 480 -9.51 24.64 -13.77
CA PHE E 480 -8.69 24.08 -12.69
C PHE E 480 -7.89 22.92 -13.28
N SER E 481 -6.63 23.18 -13.58
CA SER E 481 -5.78 22.16 -14.17
C SER E 481 -5.37 21.14 -13.11
N SER E 482 -4.87 20.00 -13.57
CA SER E 482 -4.37 18.99 -12.65
C SER E 482 -3.10 19.45 -11.95
N MET E 483 -2.38 20.40 -12.54
CA MET E 483 -1.19 20.95 -11.93
C MET E 483 -1.49 22.00 -10.87
N ASP E 484 -2.71 22.54 -10.83
CA ASP E 484 -3.00 23.66 -9.95
C ASP E 484 -3.13 23.23 -8.51
N VAL E 485 -2.87 24.16 -7.60
CA VAL E 485 -2.97 23.92 -6.16
C VAL E 485 -3.64 25.13 -5.54
N LEU E 486 -4.58 24.88 -4.62
CA LEU E 486 -5.32 25.95 -3.95
C LEU E 486 -5.03 25.90 -2.47
N CYS E 487 -4.69 27.06 -1.90
CA CYS E 487 -4.37 27.18 -0.48
C CYS E 487 -5.41 28.04 0.20
N TYR E 488 -5.66 27.73 1.47
CA TYR E 488 -6.70 28.43 2.23
C TYR E 488 -6.29 28.51 3.68
N VAL E 489 -6.96 29.40 4.41
CA VAL E 489 -6.76 29.59 5.84
C VAL E 489 -8.13 29.60 6.51
N ARG E 490 -8.34 28.68 7.45
CA ARG E 490 -9.60 28.62 8.18
C ARG E 490 -9.49 29.46 9.44
N ASP E 491 -10.36 30.46 9.56
CA ASP E 491 -10.29 31.37 10.69
C ASP E 491 -10.89 30.73 11.94
N GLU E 492 -10.62 31.37 13.08
CA GLU E 492 -11.11 30.89 14.37
C GLU E 492 -11.73 31.98 15.23
N ASN E 493 -11.47 33.25 14.93
CA ASN E 493 -12.06 34.32 15.70
C ASN E 493 -13.57 34.36 15.46
N PRO E 494 -14.34 34.85 16.43
CA PRO E 494 -15.81 34.78 16.29
C PRO E 494 -16.35 35.54 15.11
N GLY E 495 -15.96 36.81 14.94
CA GLY E 495 -16.59 37.64 13.94
C GLY E 495 -16.11 37.44 12.52
N LYS E 496 -14.97 36.79 12.32
CA LYS E 496 -14.37 36.69 11.00
C LYS E 496 -14.26 35.24 10.57
N ALA E 497 -14.49 35.00 9.28
CA ALA E 497 -14.39 33.67 8.70
C ALA E 497 -14.25 33.81 7.20
N GLY E 498 -13.72 32.75 6.58
CA GLY E 498 -13.53 32.75 5.14
C GLY E 498 -14.69 32.14 4.38
N PHE E 499 -15.05 30.91 4.74
CA PHE E 499 -16.19 30.23 4.13
C PHE E 499 -17.17 29.83 5.22
N VAL E 500 -18.44 30.11 4.98
CA VAL E 500 -19.49 29.94 5.98
C VAL E 500 -20.41 28.81 5.54
N THR E 501 -20.68 27.88 6.45
CA THR E 501 -21.60 26.78 6.19
C THR E 501 -22.51 26.59 7.38
N GLY E 502 -23.66 25.97 7.13
CA GLY E 502 -24.62 25.67 8.17
C GLY E 502 -25.93 25.22 7.57
N ASP E 503 -26.77 24.57 8.37
CA ASP E 503 -28.08 24.12 7.90
C ASP E 503 -29.18 24.85 8.67
N ALA E 504 -29.97 25.66 7.95
CA ALA E 504 -31.10 26.32 8.57
C ALA E 504 -32.21 25.31 8.89
N VAL E 505 -32.53 24.45 7.94
CA VAL E 505 -33.53 23.40 8.10
C VAL E 505 -32.96 22.13 7.49
N PRO E 506 -32.75 21.07 8.27
CA PRO E 506 -32.29 19.81 7.69
C PRO E 506 -33.34 19.21 6.76
N ALA E 507 -32.87 18.43 5.80
CA ALA E 507 -33.74 17.88 4.77
C ALA E 507 -34.87 17.07 5.38
N ILE E 508 -36.08 17.24 4.85
CA ILE E 508 -37.28 16.62 5.37
C ILE E 508 -37.84 15.69 4.30
N PRO E 509 -38.15 14.44 4.62
CA PRO E 509 -38.74 13.55 3.62
C PRO E 509 -40.25 13.55 3.63
N PHE E 510 -40.86 13.45 2.45
CA PHE E 510 -42.29 13.28 2.31
C PHE E 510 -42.56 12.07 1.42
N GLN E 511 -43.62 11.34 1.73
CA GLN E 511 -44.02 10.17 0.95
C GLN E 511 -45.46 10.34 0.53
N HIS E 512 -45.71 10.27 -0.73
CA HIS E 512 -47.10 10.37 -1.12
C HIS E 512 -47.68 9.00 -1.41
N PRO E 513 -48.95 8.78 -1.10
CA PRO E 513 -49.56 7.48 -1.36
C PRO E 513 -49.81 7.28 -2.84
N THR E 514 -50.22 6.07 -3.19
CA THR E 514 -50.40 5.70 -4.58
C THR E 514 -51.51 6.52 -5.22
N THR E 515 -51.18 7.20 -6.31
CA THR E 515 -52.13 8.02 -7.03
C THR E 515 -53.14 7.15 -7.75
N PRO E 516 -54.27 7.74 -8.17
CA PRO E 516 -55.22 6.98 -9.01
C PRO E 516 -54.60 6.52 -10.31
N ALA E 517 -53.46 7.11 -10.67
CA ALA E 517 -52.68 6.67 -11.81
C ALA E 517 -51.68 5.59 -11.46
N LEU E 518 -51.70 5.09 -10.21
CA LEU E 518 -50.84 4.01 -9.76
C LEU E 518 -49.36 4.39 -9.85
N VAL E 519 -49.01 5.47 -9.17
CA VAL E 519 -47.64 5.99 -9.18
C VAL E 519 -47.20 6.24 -7.74
N ASN E 520 -45.95 5.89 -7.43
CA ASN E 520 -45.36 6.13 -6.13
C ASN E 520 -44.32 7.24 -6.26
N ARG E 521 -44.25 8.11 -5.25
CA ARG E 521 -43.39 9.28 -5.33
C ARG E 521 -42.98 9.74 -3.94
N THR E 522 -41.74 10.18 -3.81
CA THR E 522 -41.22 10.75 -2.58
C THR E 522 -40.48 12.04 -2.91
N THR E 523 -40.40 12.93 -1.92
CA THR E 523 -39.81 14.24 -2.13
C THR E 523 -39.00 14.66 -0.91
N LEU E 524 -37.84 15.26 -1.15
CA LEU E 524 -37.00 15.81 -0.10
C LEU E 524 -36.85 17.31 -0.29
N TRP E 525 -37.02 18.06 0.79
CA TRP E 525 -36.89 19.51 0.77
C TRP E 525 -36.06 19.94 1.98
N GLY E 526 -35.38 21.07 1.83
CA GLY E 526 -34.56 21.57 2.92
C GLY E 526 -33.85 22.84 2.50
N SER E 527 -33.23 23.47 3.49
CA SER E 527 -32.55 24.75 3.29
C SER E 527 -31.26 24.79 4.10
N ALA E 528 -30.30 25.56 3.62
CA ALA E 528 -28.99 25.67 4.27
C ALA E 528 -28.28 26.89 3.71
N ILE E 529 -27.12 27.18 4.29
CA ILE E 529 -26.28 28.31 3.87
C ILE E 529 -24.94 27.76 3.40
N ASN E 530 -24.53 28.16 2.20
CA ASN E 530 -23.23 27.78 1.63
C ASN E 530 -22.79 28.93 0.74
N ASP E 531 -21.99 29.83 1.31
CA ASP E 531 -21.51 30.99 0.55
C ASP E 531 -20.32 31.58 1.26
N MET E 532 -19.62 32.46 0.55
CA MET E 532 -18.42 33.09 1.05
C MET E 532 -18.78 34.34 1.84
N HIS E 533 -17.96 34.64 2.85
CA HIS E 533 -18.30 35.70 3.78
C HIS E 533 -18.35 37.05 3.06
N PRO E 534 -19.31 37.91 3.38
CA PRO E 534 -19.43 39.19 2.67
C PRO E 534 -18.21 40.09 2.82
N ARG E 535 -17.54 40.07 3.97
CA ARG E 535 -16.42 40.96 4.23
C ARG E 535 -15.12 40.17 4.11
N ASN E 536 -14.35 40.47 3.05
CA ASN E 536 -13.03 39.89 2.84
C ASN E 536 -13.07 38.37 2.72
N GLY E 537 -14.21 37.80 2.35
CA GLY E 537 -14.31 36.35 2.26
C GLY E 537 -13.38 35.78 1.21
N ALA E 538 -13.22 36.47 0.09
CA ALA E 538 -12.39 35.94 -0.99
C ALA E 538 -10.91 36.05 -0.70
N ASP E 539 -10.52 36.98 0.18
CA ASP E 539 -9.10 37.23 0.40
C ASP E 539 -8.40 36.08 1.12
N TYR E 540 -9.16 35.14 1.67
CA TYR E 540 -8.54 34.05 2.42
C TYR E 540 -7.86 33.05 1.50
N PHE E 541 -8.29 32.97 0.25
CA PHE E 541 -7.84 31.92 -0.65
C PHE E 541 -6.84 32.45 -1.67
N THR E 542 -6.04 31.54 -2.22
CA THR E 542 -5.10 31.86 -3.27
C THR E 542 -4.84 30.61 -4.10
N ARG E 543 -4.35 30.83 -5.32
CA ARG E 543 -4.13 29.76 -6.28
C ARG E 543 -2.66 29.73 -6.71
N VAL E 544 -2.11 28.53 -6.83
CA VAL E 544 -0.74 28.33 -7.28
C VAL E 544 -0.76 27.31 -8.42
N THR E 545 -0.03 27.61 -9.49
CA THR E 545 0.12 26.72 -10.62
C THR E 545 1.59 26.36 -10.79
N LEU E 546 1.85 25.08 -11.01
CA LEU E 546 3.21 24.56 -11.08
C LEU E 546 3.58 24.18 -12.50
N THR E 547 4.87 24.10 -12.77
CA THR E 547 5.38 23.78 -14.10
C THR E 547 6.59 22.87 -13.99
N MET E 548 6.85 22.13 -15.07
CA MET E 548 8.05 21.30 -15.22
C MET E 548 8.73 21.73 -16.51
N ALA E 549 9.53 22.78 -16.43
CA ALA E 549 10.17 23.30 -17.64
C ALA E 549 11.59 23.79 -17.42
N LYS E 550 12.15 23.65 -16.21
CA LYS E 550 13.47 24.22 -15.94
C LYS E 550 14.52 23.56 -16.81
N LYS E 551 15.43 24.37 -17.34
CA LYS E 551 16.54 23.85 -18.12
C LYS E 551 17.44 23.03 -17.20
N GLY E 552 17.85 21.86 -17.69
CA GLY E 552 18.61 20.95 -16.86
C GLY E 552 17.82 20.37 -15.70
N GLY E 553 16.54 20.04 -15.91
CA GLY E 553 15.74 19.40 -14.91
C GLY E 553 15.58 17.91 -15.20
N LEU E 554 15.02 17.21 -14.21
CA LEU E 554 14.82 15.76 -14.30
C LEU E 554 13.33 15.46 -14.37
N ASN E 555 12.91 14.79 -15.44
CA ASN E 555 11.51 14.41 -15.62
C ASN E 555 11.31 13.03 -15.02
N PHE E 556 10.56 12.97 -13.91
CA PHE E 556 10.34 11.69 -13.27
C PHE E 556 9.26 10.87 -13.98
N ILE E 557 8.56 11.44 -14.95
CA ILE E 557 7.62 10.65 -15.74
C ILE E 557 8.36 9.68 -16.64
N SER E 558 9.41 10.17 -17.32
CA SER E 558 10.16 9.38 -18.27
C SER E 558 11.50 8.88 -17.74
N GLY E 559 12.07 9.57 -16.76
CA GLY E 559 13.31 9.14 -16.17
C GLY E 559 14.56 9.75 -16.76
N ASP E 560 14.45 10.84 -17.53
CA ASP E 560 15.62 11.47 -18.09
C ASP E 560 15.53 12.99 -18.00
N THR E 561 16.44 13.68 -18.70
CA THR E 561 16.47 15.13 -18.64
C THR E 561 15.25 15.73 -19.32
N ILE E 562 14.83 16.90 -18.83
CA ILE E 562 13.67 17.60 -19.36
C ILE E 562 14.14 18.38 -20.60
N ASP E 563 13.93 17.80 -21.78
CA ASP E 563 14.34 18.43 -23.03
C ASP E 563 15.82 18.80 -23.00
N ALA E 564 16.62 17.92 -22.42
CA ALA E 564 18.05 18.15 -22.23
C ALA E 564 18.33 19.48 -21.54
N GLU F 125 -51.39 40.43 0.82
CA GLU F 125 -50.58 39.24 1.08
C GLU F 125 -51.08 38.49 2.29
N MET F 126 -51.75 37.36 2.06
CA MET F 126 -52.24 36.51 3.12
C MET F 126 -51.10 35.65 3.63
N MET F 127 -51.16 35.31 4.92
CA MET F 127 -50.12 34.50 5.56
C MET F 127 -49.95 33.13 4.94
N SER F 128 -50.81 32.74 3.99
CA SER F 128 -50.74 31.39 3.42
C SER F 128 -49.44 31.16 2.68
N VAL F 129 -49.03 32.12 1.85
CA VAL F 129 -47.83 31.96 1.02
C VAL F 129 -46.59 32.26 1.85
N SER F 130 -45.42 31.94 1.29
CA SER F 130 -44.16 32.22 1.98
C SER F 130 -44.00 33.71 2.26
N ASP F 131 -44.33 34.53 1.28
CA ASP F 131 -44.35 35.97 1.52
C ASP F 131 -45.56 36.31 2.38
N GLY F 132 -45.58 37.55 2.87
CA GLY F 132 -46.62 37.98 3.78
C GLY F 132 -46.33 37.66 5.23
N VAL F 133 -45.25 36.97 5.52
CA VAL F 133 -44.78 36.75 6.88
C VAL F 133 -43.58 37.67 7.09
N MET F 134 -43.76 38.70 7.91
CA MET F 134 -42.71 39.68 8.12
C MET F 134 -41.49 39.02 8.76
N ARG F 135 -40.31 39.49 8.38
CA ARG F 135 -39.05 38.88 8.80
C ARG F 135 -38.39 39.73 9.88
N LEU F 136 -37.80 39.06 10.87
CA LEU F 136 -37.19 39.70 12.01
C LEU F 136 -35.68 39.53 11.98
N PRO F 137 -34.92 40.62 11.93
CA PRO F 137 -33.46 40.49 11.82
C PRO F 137 -32.84 40.00 13.11
N LEU F 138 -31.56 39.63 13.01
CA LEU F 138 -30.84 39.06 14.14
C LEU F 138 -29.47 39.72 14.24
N PHE F 139 -28.92 39.72 15.44
CA PHE F 139 -27.63 40.36 15.73
C PHE F 139 -26.61 39.27 16.07
N LEU F 140 -25.50 39.24 15.32
CA LEU F 140 -24.51 38.18 15.53
C LEU F 140 -23.37 38.62 16.44
N ALA F 141 -22.62 39.64 16.05
CA ALA F 141 -21.38 39.93 16.75
C ALA F 141 -20.96 41.38 16.51
N MET F 142 -20.07 41.86 17.38
CA MET F 142 -19.48 43.19 17.32
C MET F 142 -17.98 43.04 17.11
N ILE F 143 -17.43 43.78 16.14
CA ILE F 143 -16.02 43.71 15.81
C ILE F 143 -15.37 45.05 16.12
N LEU F 144 -14.26 45.01 16.85
CA LEU F 144 -13.55 46.20 17.28
C LEU F 144 -12.20 46.30 16.59
N PRO F 145 -11.66 47.50 16.44
CA PRO F 145 -10.36 47.64 15.76
C PRO F 145 -9.26 46.90 16.52
N VAL F 146 -8.34 46.31 15.75
CA VAL F 146 -7.22 45.59 16.33
C VAL F 146 -6.20 46.59 16.85
N GLN F 147 -5.40 46.16 17.83
CA GLN F 147 -4.47 47.08 18.48
C GLN F 147 -3.29 47.41 17.56
N LEU F 148 -2.59 48.48 17.91
CA LEU F 148 -1.51 49.03 17.10
C LEU F 148 -0.20 48.93 17.87
N GLY F 149 0.89 48.86 17.12
CA GLY F 149 2.21 48.84 17.73
C GLY F 149 3.29 48.53 16.72
N ALA F 150 4.53 48.66 17.20
CA ALA F 150 5.71 48.34 16.41
C ALA F 150 6.86 48.07 17.36
N ALA F 151 7.88 47.40 16.85
CA ALA F 151 9.05 47.01 17.65
C ALA F 151 10.31 47.50 16.93
N THR F 152 10.71 48.74 17.20
CA THR F 152 11.90 49.33 16.60
C THR F 152 12.81 49.98 17.64
N ALA F 153 12.66 49.61 18.91
CA ALA F 153 13.41 50.24 19.98
C ALA F 153 14.78 49.60 20.22
N ASP F 154 15.12 48.55 19.48
CA ASP F 154 16.40 47.88 19.72
C ASP F 154 17.58 48.75 19.31
N ALA F 155 17.43 49.51 18.22
CA ALA F 155 18.56 50.28 17.71
C ALA F 155 18.82 51.52 18.56
N CYS F 156 17.77 52.14 19.08
CA CYS F 156 17.92 53.41 19.77
C CYS F 156 18.60 53.23 21.12
N THR F 157 19.20 54.32 21.60
CA THR F 157 19.77 54.40 22.93
C THR F 157 19.05 55.48 23.72
N PHE F 158 18.83 55.23 25.00
CA PHE F 158 18.06 56.15 25.84
C PHE F 158 18.99 57.10 26.57
N ILE F 159 18.67 58.39 26.50
CA ILE F 159 19.50 59.43 27.10
C ILE F 159 18.62 60.32 27.98
N PRO F 160 18.99 60.55 29.23
CA PRO F 160 18.20 61.46 30.07
C PRO F 160 18.27 62.89 29.56
N VAL F 161 17.15 63.60 29.68
CA VAL F 161 17.05 64.99 29.28
C VAL F 161 16.53 65.79 30.48
N THR F 162 17.23 66.87 30.81
CA THR F 162 16.86 67.70 31.95
C THR F 162 16.79 69.18 31.62
N ARG F 163 17.27 69.60 30.46
CA ARG F 163 17.20 71.00 30.07
C ARG F 163 17.00 71.06 28.56
N ASP F 164 16.82 72.29 28.05
CA ASP F 164 16.51 72.46 26.64
C ASP F 164 17.65 72.00 25.75
N GLN F 165 18.88 72.32 26.11
CA GLN F 165 20.03 72.05 25.25
C GLN F 165 21.16 71.40 26.04
N SER F 166 21.97 70.63 25.33
CA SER F 166 23.09 69.90 25.90
C SER F 166 24.33 70.13 25.05
N ASP F 167 25.50 69.94 25.66
CA ASP F 167 26.75 70.19 24.97
C ASP F 167 27.75 69.08 25.25
N ILE F 168 28.50 68.70 24.22
CA ILE F 168 29.55 67.68 24.30
C ILE F 168 30.79 68.24 23.61
N TYR F 169 31.96 67.78 24.07
CA TYR F 169 33.22 68.21 23.50
C TYR F 169 34.13 67.01 23.30
N GLU F 170 35.03 67.12 22.31
CA GLU F 170 35.99 66.07 22.01
C GLU F 170 37.33 66.71 21.67
N VAL F 171 38.41 66.00 21.99
CA VAL F 171 39.77 66.49 21.80
C VAL F 171 40.55 65.47 20.97
N PHE F 172 41.32 65.96 20.01
CA PHE F 172 42.07 65.12 19.09
C PHE F 172 43.57 65.33 19.26
N ASN F 173 44.34 64.53 18.53
CA ASN F 173 45.79 64.65 18.46
C ASN F 173 46.17 65.00 17.03
N VAL F 174 46.91 66.09 16.87
CA VAL F 174 47.26 66.61 15.55
C VAL F 174 48.76 66.85 15.49
N ALA F 175 49.38 66.37 14.42
CA ALA F 175 50.80 66.66 14.19
C ALA F 175 51.01 68.15 14.00
N GLY F 176 52.02 68.69 14.66
CA GLY F 176 52.24 70.12 14.67
C GLY F 176 53.30 70.62 13.73
N SER F 177 53.69 69.82 12.74
CA SER F 177 54.71 70.23 11.79
C SER F 177 54.53 69.48 10.48
N SER F 178 55.19 69.98 9.44
CA SER F 178 55.15 69.38 8.12
C SER F 178 56.32 68.46 7.85
N PHE F 179 57.16 68.19 8.85
CA PHE F 179 58.30 67.32 8.67
C PHE F 179 57.85 65.88 8.37
N GLY F 180 58.68 65.19 7.60
CA GLY F 180 58.42 63.78 7.33
C GLY F 180 57.20 63.56 6.45
N SER F 181 56.66 62.34 6.55
CA SER F 181 55.49 61.98 5.77
C SER F 181 54.29 62.82 6.15
N TYR F 182 54.07 63.05 7.44
CA TYR F 182 52.95 63.84 7.88
C TYR F 182 53.14 65.32 7.55
N ALA F 183 52.04 66.01 7.34
CA ALA F 183 52.01 67.44 7.11
C ALA F 183 51.49 68.16 8.36
N ALA F 184 51.32 69.46 8.25
CA ALA F 184 50.79 70.26 9.35
C ALA F 184 49.28 70.20 9.34
N GLY F 185 48.69 69.82 10.47
CA GLY F 185 47.25 69.83 10.63
C GLY F 185 46.54 68.53 10.39
N ASP F 186 47.25 67.42 10.26
CA ASP F 186 46.62 66.12 10.06
C ASP F 186 46.44 65.41 11.40
N VAL F 187 45.54 64.42 11.40
CA VAL F 187 45.10 63.74 12.61
C VAL F 187 45.86 62.43 12.74
N LEU F 188 46.39 62.18 13.93
CA LEU F 188 47.08 60.93 14.24
C LEU F 188 46.13 60.01 14.99
N ASP F 189 46.09 58.74 14.58
CA ASP F 189 45.22 57.76 15.20
C ASP F 189 45.98 56.44 15.31
N MET F 190 45.26 55.37 15.61
CA MET F 190 45.90 54.07 15.78
C MET F 190 46.29 53.43 14.46
N GLN F 191 45.71 53.88 13.35
CA GLN F 191 45.99 53.31 12.04
C GLN F 191 46.90 54.18 11.19
N SER F 192 47.46 55.23 11.76
CA SER F 192 48.35 56.11 11.01
C SER F 192 49.75 55.51 10.95
N VAL F 193 50.36 55.59 9.77
CA VAL F 193 51.72 55.13 9.56
C VAL F 193 52.52 56.24 8.88
N GLY F 194 53.83 56.17 9.01
CA GLY F 194 54.70 57.17 8.43
C GLY F 194 55.84 57.51 9.36
N VAL F 195 56.89 58.08 8.78
CA VAL F 195 58.08 58.49 9.52
C VAL F 195 57.94 59.96 9.88
N TYR F 196 57.98 60.26 11.17
CA TYR F 196 57.79 61.61 11.65
C TYR F 196 58.84 61.98 12.69
N SER F 197 59.39 60.97 13.38
CA SER F 197 60.37 61.20 14.42
C SER F 197 61.68 60.46 14.22
N GLN F 198 61.72 59.47 13.33
CA GLN F 198 62.93 58.68 13.16
C GLN F 198 63.90 59.38 12.21
N LEU F 199 65.19 59.05 12.36
CA LEU F 199 66.24 59.72 11.62
C LEU F 199 66.83 58.89 10.49
N ARG F 200 66.74 57.56 10.56
CA ARG F 200 67.23 56.69 9.49
C ARG F 200 66.07 56.38 8.55
N ARG F 201 66.21 56.77 7.29
CA ARG F 201 65.13 56.62 6.32
C ARG F 201 65.68 56.11 5.00
N ARG F 202 64.79 55.51 4.22
CA ARG F 202 65.14 54.95 2.91
C ARG F 202 64.42 55.71 1.82
N TYR F 203 65.05 55.79 0.65
CA TYR F 203 64.50 56.48 -0.50
C TYR F 203 64.86 55.72 -1.76
N VAL F 204 63.92 55.67 -2.70
CA VAL F 204 64.12 54.96 -3.97
C VAL F 204 64.56 56.00 -5.00
N LEU F 205 65.80 55.86 -5.47
CA LEU F 205 66.31 56.80 -6.47
C LEU F 205 65.62 56.61 -7.81
N VAL F 206 65.51 55.37 -8.27
CA VAL F 206 64.92 55.07 -9.57
C VAL F 206 64.18 53.74 -9.48
N ALA F 207 62.92 53.74 -9.89
CA ALA F 207 62.13 52.51 -9.87
C ALA F 207 62.56 51.56 -10.97
N SER F 208 62.73 52.07 -12.19
CA SER F 208 63.07 51.26 -13.34
C SER F 208 64.15 51.96 -14.15
N SER F 209 65.21 51.23 -14.48
CA SER F 209 66.37 51.79 -15.17
C SER F 209 66.32 51.42 -16.65
N ASP F 210 66.57 52.40 -17.50
CA ASP F 210 66.68 52.17 -18.93
C ASP F 210 68.07 51.66 -19.28
N GLY F 211 68.19 51.09 -20.48
CA GLY F 211 69.47 50.57 -20.92
C GLY F 211 70.51 51.65 -21.13
N THR F 212 70.08 52.85 -21.56
CA THR F 212 71.01 53.92 -21.88
C THR F 212 71.56 54.62 -20.65
N SER F 213 70.94 54.43 -19.49
CA SER F 213 71.37 55.12 -18.28
C SER F 213 72.78 54.68 -17.89
N LYS F 214 73.61 55.65 -17.52
CA LYS F 214 75.00 55.40 -17.13
C LYS F 214 75.34 55.86 -15.73
N THR F 215 74.71 56.94 -15.24
CA THR F 215 75.03 57.48 -13.94
C THR F 215 73.74 57.91 -13.23
N ALA F 216 73.83 58.00 -11.91
CA ALA F 216 72.70 58.43 -11.08
C ALA F 216 73.19 59.44 -10.06
N THR F 217 72.36 60.44 -9.80
CA THR F 217 72.67 61.49 -8.83
C THR F 217 71.49 61.66 -7.88
N PHE F 218 71.79 61.86 -6.60
CA PHE F 218 70.78 61.91 -5.55
C PHE F 218 70.87 63.24 -4.81
N LYS F 219 69.73 63.87 -4.58
CA LYS F 219 69.64 65.12 -3.85
C LYS F 219 68.83 64.92 -2.58
N MET F 220 69.07 65.77 -1.59
CA MET F 220 68.13 65.91 -0.48
C MET F 220 67.01 66.88 -0.80
N GLU F 221 67.13 67.64 -1.89
CA GLU F 221 66.15 68.66 -2.22
C GLU F 221 64.87 68.06 -2.76
N ASP F 222 64.98 66.94 -3.49
CA ASP F 222 63.80 66.36 -4.12
C ASP F 222 62.83 65.79 -3.09
N PHE F 223 63.34 65.01 -2.15
CA PHE F 223 62.47 64.31 -1.22
C PHE F 223 62.00 65.18 -0.07
N GLU F 224 62.81 66.15 0.35
CA GLU F 224 62.43 67.05 1.43
C GLU F 224 62.76 68.48 1.04
N GLY F 225 62.08 69.42 1.69
CA GLY F 225 62.09 70.80 1.23
C GLY F 225 63.48 71.43 1.21
N GLN F 226 64.30 71.13 2.21
CA GLN F 226 65.59 71.77 2.35
C GLN F 226 66.68 70.72 2.53
N ASN F 227 67.91 71.10 2.20
CA ASN F 227 69.05 70.21 2.36
C ASN F 227 69.27 69.89 3.83
N VAL F 228 69.61 68.64 4.10
CA VAL F 228 69.80 68.19 5.47
C VAL F 228 71.16 67.51 5.59
N PRO F 229 71.98 67.86 6.58
CA PRO F 229 73.24 67.16 6.79
C PRO F 229 73.01 65.70 7.15
N ILE F 230 73.98 64.86 6.77
CA ILE F 230 73.86 63.42 6.88
C ILE F 230 74.99 62.91 7.77
N ARG F 231 74.64 62.05 8.72
CA ARG F 231 75.65 61.43 9.57
C ARG F 231 76.66 60.64 8.73
N LYS F 232 77.93 60.84 9.01
CA LYS F 232 78.99 60.19 8.26
C LYS F 232 79.08 58.72 8.62
N GLY F 233 79.33 57.88 7.62
CA GLY F 233 79.51 56.46 7.85
C GLY F 233 78.24 55.71 8.18
N ARG F 234 77.07 56.23 7.79
CA ARG F 234 75.80 55.61 8.12
C ARG F 234 74.90 55.54 6.89
N THR F 235 75.47 55.22 5.72
CA THR F 235 74.71 55.12 4.49
C THR F 235 74.94 53.76 3.84
N ASN F 236 73.90 53.26 3.17
CA ASN F 236 73.96 51.98 2.48
C ASN F 236 73.32 52.14 1.11
N ILE F 237 73.69 51.24 0.20
CA ILE F 237 73.18 51.24 -1.17
C ILE F 237 72.43 49.95 -1.41
N TYR F 238 71.21 50.07 -1.92
CA TYR F 238 70.39 48.92 -2.27
C TYR F 238 70.27 48.85 -3.78
N VAL F 239 70.75 47.74 -4.36
CA VAL F 239 70.63 47.48 -5.78
C VAL F 239 69.67 46.33 -5.96
N ASN F 240 68.50 46.61 -6.53
CA ASN F 240 67.42 45.62 -6.65
C ASN F 240 67.11 44.99 -5.29
N ARG F 241 67.10 45.83 -4.26
CA ARG F 241 66.85 45.41 -2.87
C ARG F 241 67.91 44.42 -2.39
N ILE F 242 69.18 44.79 -2.56
CA ILE F 242 70.30 44.10 -1.94
C ILE F 242 71.18 45.14 -1.28
N LYS F 243 71.34 45.04 0.03
CA LYS F 243 72.10 46.03 0.77
C LYS F 243 73.60 45.88 0.49
N SER F 244 74.29 47.01 0.42
CA SER F 244 75.72 47.06 0.23
C SER F 244 76.41 47.41 1.54
N VAL F 245 77.74 47.51 1.49
CA VAL F 245 78.51 47.81 2.68
C VAL F 245 78.40 49.29 3.03
N VAL F 246 78.76 49.63 4.26
CA VAL F 246 78.67 51.00 4.72
C VAL F 246 79.77 51.84 4.07
N ASP F 247 79.53 53.14 3.98
CA ASP F 247 80.52 54.04 3.41
C ASP F 247 81.68 54.23 4.39
N ASN F 248 82.88 54.38 3.84
CA ASN F 248 84.07 54.62 4.65
C ASN F 248 84.25 56.12 4.84
N GLY F 249 85.41 56.52 5.35
CA GLY F 249 85.71 57.94 5.47
C GLY F 249 85.92 58.60 4.13
N SER F 250 86.09 59.92 4.18
CA SER F 250 86.34 60.75 3.01
C SER F 250 85.18 60.73 2.02
N GLY F 251 84.00 60.29 2.45
CA GLY F 251 82.82 60.32 1.61
C GLY F 251 82.89 59.47 0.36
N SER F 252 83.34 58.22 0.50
CA SER F 252 83.48 57.31 -0.63
C SER F 252 82.76 56.00 -0.32
N LEU F 253 82.29 55.34 -1.38
CA LEU F 253 81.66 54.03 -1.23
C LEU F 253 81.87 53.26 -2.53
N LEU F 254 82.24 51.99 -2.40
CA LEU F 254 82.47 51.12 -3.54
C LEU F 254 81.60 49.87 -3.39
N HIS F 255 80.93 49.49 -4.48
CA HIS F 255 80.08 48.32 -4.48
C HIS F 255 80.12 47.66 -5.85
N SER F 256 80.18 46.32 -5.85
CA SER F 256 80.23 45.55 -7.08
C SER F 256 79.09 44.52 -7.07
N PHE F 257 78.35 44.48 -8.17
CA PHE F 257 77.25 43.54 -8.32
C PHE F 257 77.27 42.93 -9.71
N THR F 258 76.85 41.67 -9.80
CA THR F 258 76.86 40.97 -11.07
C THR F 258 75.66 41.39 -11.92
N ASN F 259 75.75 41.08 -13.21
CA ASN F 259 74.66 41.35 -14.13
C ASN F 259 73.78 40.12 -14.31
N ALA F 260 72.59 40.35 -14.86
CA ALA F 260 71.69 39.24 -15.16
C ALA F 260 72.31 38.31 -16.19
N ALA F 261 72.98 38.88 -17.20
CA ALA F 261 73.69 38.06 -18.18
C ALA F 261 74.83 37.28 -17.52
N GLY F 262 75.54 37.91 -16.59
CA GLY F 262 76.60 37.23 -15.88
C GLY F 262 77.81 38.09 -15.60
N GLU F 263 77.93 39.20 -16.31
CA GLU F 263 79.08 40.08 -16.13
C GLU F 263 78.97 40.86 -14.82
N GLN F 264 80.06 41.52 -14.46
CA GLN F 264 80.17 42.26 -13.20
C GLN F 264 80.18 43.75 -13.48
N ILE F 265 79.39 44.50 -12.73
CA ILE F 265 79.35 45.95 -12.80
C ILE F 265 79.67 46.52 -11.43
N THR F 266 80.61 47.44 -11.38
CA THR F 266 81.01 48.09 -10.14
C THR F 266 80.48 49.51 -10.10
N VAL F 267 80.23 49.99 -8.88
CA VAL F 267 79.63 51.31 -8.66
C VAL F 267 80.56 52.12 -7.78
N THR F 268 80.83 53.37 -8.17
CA THR F 268 81.60 54.30 -7.38
C THR F 268 80.71 55.46 -6.94
N CYS F 269 80.84 55.83 -5.66
CA CYS F 269 79.94 56.79 -5.04
C CYS F 269 80.76 57.89 -4.39
N SER F 270 80.36 59.15 -4.63
CA SER F 270 80.92 60.30 -3.95
C SER F 270 79.87 60.85 -2.99
N LEU F 271 80.29 61.15 -1.76
CA LEU F 271 79.38 61.54 -0.70
C LEU F 271 79.69 62.95 -0.23
N ASN F 272 78.66 63.78 -0.09
CA ASN F 272 78.76 65.11 0.48
C ASN F 272 77.80 65.18 1.67
N TYR F 273 78.35 65.08 2.88
CA TYR F 273 77.50 64.99 4.06
C TYR F 273 76.88 66.34 4.42
N ASN F 274 77.54 67.45 4.07
CA ASN F 274 77.06 68.75 4.49
C ASN F 274 75.69 69.07 3.92
N ILE F 275 75.49 68.77 2.64
CA ILE F 275 74.21 69.03 1.97
C ILE F 275 73.45 67.75 1.66
N GLY F 276 74.02 66.58 1.96
CA GLY F 276 73.35 65.33 1.68
C GLY F 276 73.13 65.05 0.21
N GLN F 277 74.15 65.29 -0.61
CA GLN F 277 74.07 65.04 -2.05
C GLN F 277 75.14 64.05 -2.45
N ILE F 278 74.75 62.99 -3.16
CA ILE F 278 75.67 61.95 -3.60
C ILE F 278 75.47 61.70 -5.09
N ALA F 279 76.48 61.09 -5.70
CA ALA F 279 76.45 60.74 -7.11
C ALA F 279 76.88 59.30 -7.28
N LEU F 280 76.36 58.65 -8.34
CA LEU F 280 76.63 57.25 -8.62
C LEU F 280 77.16 57.12 -10.03
N SER F 281 78.18 56.28 -10.21
CA SER F 281 78.74 55.97 -11.50
C SER F 281 78.72 54.45 -11.71
N PHE F 282 78.29 54.03 -12.89
CA PHE F 282 78.24 52.62 -13.26
C PHE F 282 79.23 52.37 -14.38
N SER F 283 80.13 51.40 -14.18
CA SER F 283 81.12 51.05 -15.18
C SER F 283 80.44 50.58 -16.47
N LYS F 284 79.42 49.73 -16.32
CA LYS F 284 78.61 49.28 -17.44
C LYS F 284 77.16 49.65 -17.17
N ALA F 285 76.44 49.95 -18.25
CA ALA F 285 75.06 50.37 -18.12
C ALA F 285 74.24 49.24 -17.48
N PRO F 286 73.46 49.52 -16.44
CA PRO F 286 72.66 48.47 -15.81
C PRO F 286 71.60 47.94 -16.74
N ASP F 287 71.21 46.69 -16.52
CA ASP F 287 70.18 46.08 -17.34
C ASP F 287 68.86 46.83 -17.20
N LYS F 288 68.01 46.64 -18.19
CA LYS F 288 66.72 47.32 -18.22
C LYS F 288 65.90 46.95 -17.00
N GLY F 289 65.25 47.94 -16.41
CA GLY F 289 64.38 47.71 -15.26
C GLY F 289 65.07 47.25 -14.00
N THR F 290 66.18 47.87 -13.63
CA THR F 290 66.88 47.58 -12.38
C THR F 290 66.64 48.71 -11.40
N GLU F 291 66.36 48.35 -10.15
CA GLU F 291 65.97 49.31 -9.12
C GLU F 291 67.12 49.60 -8.18
N ILE F 292 67.26 50.86 -7.79
CA ILE F 292 68.31 51.32 -6.88
C ILE F 292 67.67 52.11 -5.75
N ALA F 293 68.13 51.88 -4.53
CA ALA F 293 67.59 52.55 -3.36
C ALA F 293 68.74 52.99 -2.45
N ILE F 294 68.47 54.01 -1.64
CA ILE F 294 69.46 54.58 -0.73
C ILE F 294 68.89 54.58 0.68
N GLU F 295 69.68 54.08 1.64
CA GLU F 295 69.37 54.17 3.05
C GLU F 295 70.40 55.07 3.73
N THR F 296 69.92 55.98 4.56
CA THR F 296 70.79 56.92 5.26
C THR F 296 70.09 57.43 6.50
N GLU F 297 70.85 58.12 7.34
CA GLU F 297 70.35 58.69 8.58
C GLU F 297 70.59 60.20 8.59
N ILE F 298 69.58 60.94 9.05
CA ILE F 298 69.66 62.39 9.10
C ILE F 298 70.55 62.79 10.28
N ASN F 299 71.48 63.72 10.04
CA ASN F 299 72.33 64.26 11.08
C ASN F 299 71.57 65.36 11.80
N ILE F 300 71.10 65.07 13.01
CA ILE F 300 70.28 66.04 13.73
C ILE F 300 71.14 67.05 14.49
N GLU F 301 72.36 66.66 14.89
CA GLU F 301 73.21 67.58 15.65
C GLU F 301 73.58 68.81 14.82
N ALA F 302 73.74 68.63 13.51
CA ALA F 302 74.08 69.78 12.66
C ALA F 302 72.91 70.74 12.54
N ALA F 303 71.69 70.23 12.42
CA ALA F 303 70.49 71.04 12.26
C ALA F 303 69.51 70.71 13.37
N PRO F 304 69.54 71.43 14.48
CA PRO F 304 68.64 71.14 15.61
C PRO F 304 67.28 71.83 15.52
N GLU F 305 66.90 72.37 14.38
CA GLU F 305 65.62 73.07 14.23
C GLU F 305 64.55 72.22 13.55
N LEU F 306 64.85 70.95 13.29
CA LEU F 306 63.93 70.08 12.55
C LEU F 306 63.13 69.14 13.46
N ILE F 307 63.17 69.37 14.77
CA ILE F 307 62.44 68.48 15.68
C ILE F 307 60.94 68.74 15.53
N PRO F 308 60.13 67.70 15.34
CA PRO F 308 58.70 67.91 15.11
C PRO F 308 57.96 68.23 16.41
N LEU F 309 56.68 68.60 16.24
CA LEU F 309 55.84 69.03 17.34
C LEU F 309 54.48 68.33 17.28
N ILE F 310 53.72 68.46 18.35
CA ILE F 310 52.41 67.82 18.48
C ILE F 310 51.44 68.81 19.13
N ASN F 311 50.24 68.89 18.57
CA ASN F 311 49.23 69.82 19.08
C ASN F 311 47.88 69.12 19.29
N HIS F 312 46.87 69.89 19.68
CA HIS F 312 45.54 69.34 19.94
C HIS F 312 44.49 70.39 19.61
N GLU F 313 43.28 69.91 19.34
CA GLU F 313 42.15 70.78 19.02
C GLU F 313 40.87 70.16 19.58
N MET F 314 39.82 70.98 19.67
CA MET F 314 38.56 70.57 20.30
C MET F 314 37.38 71.04 19.45
N LYS F 315 36.24 70.38 19.66
CA LYS F 315 35.02 70.66 18.92
C LYS F 315 33.82 70.55 19.85
N LYS F 316 32.67 71.04 19.39
CA LYS F 316 31.48 71.15 20.22
C LYS F 316 30.23 70.76 19.43
N TYR F 317 29.30 70.07 20.09
CA TYR F 317 28.03 69.67 19.50
C TYR F 317 26.89 70.02 20.46
N THR F 318 25.66 69.81 20.01
CA THR F 318 24.49 70.21 20.79
C THR F 318 23.28 69.37 20.39
N LEU F 319 22.25 69.42 21.24
CA LEU F 319 21.03 68.65 21.05
C LEU F 319 19.83 69.41 21.60
N PHE F 320 18.64 69.05 21.13
CA PHE F 320 17.39 69.64 21.60
C PHE F 320 16.18 68.80 21.18
N PRO F 321 15.11 68.78 21.98
CA PRO F 321 13.95 67.93 21.67
C PRO F 321 12.89 68.61 20.82
N SER F 322 11.78 67.90 20.59
CA SER F 322 10.63 68.42 19.86
C SER F 322 9.34 68.15 20.63
N GLN F 323 8.18 68.40 20.03
CA GLN F 323 6.89 68.29 20.70
C GLN F 323 5.90 67.51 19.86
N PHE F 324 4.75 67.22 20.47
CA PHE F 324 3.66 66.51 19.79
C PHE F 324 2.36 66.83 20.50
N VAL F 325 1.24 66.53 19.82
CA VAL F 325 -0.08 66.90 20.31
C VAL F 325 -1.13 66.09 19.56
N ILE F 326 -2.25 65.82 20.23
CA ILE F 326 -3.38 65.14 19.61
C ILE F 326 -4.62 65.41 20.47
N ALA F 327 -5.80 65.24 19.87
CA ALA F 327 -7.05 65.56 20.56
C ALA F 327 -8.19 64.75 19.96
N ALA F 328 -9.32 64.76 20.67
CA ALA F 328 -10.55 64.12 20.23
C ALA F 328 -11.71 64.75 20.96
N GLU F 329 -12.92 64.58 20.39
CA GLU F 329 -14.10 65.27 20.90
C GLU F 329 -15.28 64.32 21.00
N HIS F 330 -16.41 64.86 21.45
CA HIS F 330 -17.62 64.09 21.72
C HIS F 330 -18.86 64.93 21.47
N THR F 331 -20.01 64.26 21.54
CA THR F 331 -21.31 64.88 21.73
C THR F 331 -22.12 63.99 22.66
N VAL F 332 -22.79 64.61 23.63
CA VAL F 332 -23.44 63.85 24.69
C VAL F 332 -24.51 62.92 24.11
N GLN F 333 -25.32 63.45 23.19
CA GLN F 333 -26.39 62.66 22.62
C GLN F 333 -25.84 61.43 21.90
N ALA F 334 -24.76 61.60 21.14
CA ALA F 334 -24.15 60.45 20.47
C ALA F 334 -23.63 59.45 21.48
N ALA F 335 -23.04 59.93 22.57
CA ALA F 335 -22.52 59.03 23.61
C ALA F 335 -23.64 58.17 24.17
N TYR F 336 -24.77 58.80 24.51
CA TYR F 336 -25.87 58.05 25.09
C TYR F 336 -26.52 57.12 24.07
N GLU F 337 -26.58 57.55 22.81
CA GLU F 337 -27.12 56.68 21.77
C GLU F 337 -26.26 55.43 21.61
N ALA F 338 -24.94 55.61 21.58
CA ALA F 338 -24.04 54.48 21.46
C ALA F 338 -24.18 53.56 22.67
N GLN F 339 -24.26 54.15 23.87
CA GLN F 339 -24.38 53.33 25.07
C GLN F 339 -25.66 52.52 25.06
N ARG F 340 -26.78 53.12 24.65
CA ARG F 340 -28.04 52.39 24.68
C ARG F 340 -28.11 51.33 23.59
N GLU F 341 -27.68 51.65 22.37
CA GLU F 341 -27.80 50.69 21.28
C GLU F 341 -26.76 49.59 21.33
N PHE F 342 -25.57 49.85 21.86
CA PHE F 342 -24.53 48.83 21.85
C PHE F 342 -23.93 48.57 23.23
N GLY F 343 -23.78 49.59 24.05
CA GLY F 343 -23.09 49.46 25.31
C GLY F 343 -21.66 49.93 25.32
N LEU F 344 -21.26 50.76 24.36
CA LEU F 344 -19.88 51.20 24.27
C LEU F 344 -19.66 52.45 25.12
N ASP F 345 -18.57 52.44 25.87
CA ASP F 345 -18.12 53.61 26.62
C ASP F 345 -17.24 54.42 25.68
N LEU F 346 -17.83 55.47 25.10
CA LEU F 346 -17.17 56.20 24.03
C LEU F 346 -15.89 56.88 24.51
N GLY F 347 -15.91 57.45 25.71
CA GLY F 347 -14.75 58.16 26.20
C GLY F 347 -13.54 57.27 26.35
N SER F 348 -13.74 56.07 26.91
CA SER F 348 -12.64 55.13 27.05
C SER F 348 -12.08 54.74 25.69
N LEU F 349 -12.98 54.52 24.72
CA LEU F 349 -12.55 54.18 23.37
C LEU F 349 -11.66 55.28 22.79
N GLN F 350 -12.08 56.53 22.91
CA GLN F 350 -11.28 57.64 22.40
C GLN F 350 -9.94 57.72 23.11
N PHE F 351 -9.94 57.57 24.43
CA PHE F 351 -8.71 57.66 25.21
C PHE F 351 -7.70 56.61 24.76
N ARG F 352 -8.14 55.36 24.67
CA ARG F 352 -7.24 54.29 24.24
C ARG F 352 -6.76 54.51 22.81
N THR F 353 -7.66 54.94 21.93
CA THR F 353 -7.24 55.21 20.56
C THR F 353 -6.11 56.22 20.55
N LEU F 354 -6.26 57.31 21.32
CA LEU F 354 -5.22 58.34 21.36
C LEU F 354 -3.90 57.76 21.84
N LYS F 355 -3.92 57.02 22.95
CA LYS F 355 -2.67 56.57 23.55
C LYS F 355 -1.93 55.60 22.63
N GLU F 356 -2.61 54.55 22.17
CA GLU F 356 -1.96 53.61 21.27
C GLU F 356 -1.51 54.27 19.97
N TYR F 357 -2.29 55.22 19.43
CA TYR F 357 -1.84 55.86 18.20
C TYR F 357 -0.56 56.65 18.43
N LEU F 358 -0.47 57.36 19.55
CA LEU F 358 0.75 58.11 19.83
C LEU F 358 1.96 57.17 19.90
N SER F 359 1.80 56.07 20.64
CA SER F 359 2.91 55.13 20.76
C SER F 359 3.32 54.59 19.40
N HIS F 360 2.34 54.18 18.59
CA HIS F 360 2.64 53.59 17.30
C HIS F 360 3.33 54.59 16.37
N GLU F 361 2.86 55.83 16.36
CA GLU F 361 3.45 56.82 15.47
C GLU F 361 4.88 57.12 15.86
N GLN F 362 5.16 57.23 17.17
CA GLN F 362 6.55 57.43 17.58
C GLN F 362 7.42 56.26 17.14
N ASP F 363 6.92 55.04 17.33
CA ASP F 363 7.67 53.86 16.95
C ASP F 363 8.01 53.88 15.48
N MET F 364 7.07 54.28 14.63
CA MET F 364 7.32 54.24 13.19
C MET F 364 8.19 55.41 12.74
N LEU F 365 8.06 56.57 13.40
CA LEU F 365 8.93 57.70 13.09
C LEU F 365 10.39 57.36 13.33
N ARG F 366 10.67 56.60 14.39
CA ARG F 366 12.05 56.16 14.62
C ARG F 366 12.60 55.45 13.39
N LEU F 367 11.87 54.47 12.87
CA LEU F 367 12.33 53.74 11.70
C LEU F 367 12.47 54.65 10.50
N ARG F 368 11.51 55.56 10.30
CA ARG F 368 11.58 56.46 9.16
C ARG F 368 12.87 57.26 9.16
N ILE F 369 13.20 57.87 10.30
CA ILE F 369 14.41 58.69 10.32
C ILE F 369 15.65 57.82 10.17
N MET F 370 15.65 56.63 10.79
CA MET F 370 16.80 55.76 10.68
C MET F 370 17.08 55.37 9.23
N ILE F 371 16.03 55.00 8.49
CA ILE F 371 16.26 54.61 7.10
C ILE F 371 16.64 55.82 6.26
N TRP F 372 16.04 56.98 6.52
CA TRP F 372 16.32 58.14 5.67
C TRP F 372 17.76 58.61 5.81
N ARG F 373 18.30 58.58 7.02
CA ARG F 373 19.62 59.20 7.22
C ARG F 373 20.80 58.30 6.87
N THR F 374 20.57 57.04 6.50
CA THR F 374 21.68 56.14 6.21
C THR F 374 22.40 56.55 4.93
N LEU F 375 23.72 56.33 4.90
CA LEU F 375 24.51 56.69 3.73
C LEU F 375 25.60 55.67 3.38
N ALA F 376 25.48 54.44 3.86
CA ALA F 376 26.48 53.41 3.59
C ALA F 376 25.82 52.26 2.82
N THR F 377 26.47 51.80 1.76
CA THR F 377 25.88 50.84 0.85
C THR F 377 26.80 49.64 0.64
N ASP F 378 26.18 48.50 0.33
CA ASP F 378 26.91 47.31 -0.07
C ASP F 378 25.93 46.39 -0.79
N THR F 379 26.49 45.48 -1.59
CA THR F 379 25.68 44.52 -2.35
C THR F 379 26.30 43.14 -2.26
N PHE F 380 25.47 42.13 -2.51
CA PHE F 380 25.90 40.75 -2.43
C PHE F 380 24.91 39.88 -3.19
N ASP F 381 25.42 38.81 -3.79
CA ASP F 381 24.60 37.88 -4.54
C ASP F 381 24.29 36.66 -3.67
N ILE F 382 23.01 36.30 -3.60
CA ILE F 382 22.53 35.31 -2.64
C ILE F 382 21.97 34.06 -3.30
N ALA F 383 21.91 34.01 -4.63
CA ALA F 383 21.38 32.82 -5.30
C ALA F 383 22.27 31.62 -5.00
N LEU F 384 21.63 30.49 -4.70
CA LEU F 384 22.36 29.29 -4.33
C LEU F 384 23.03 28.67 -5.55
N PRO F 385 24.25 28.16 -5.41
CA PRO F 385 24.86 27.40 -6.50
C PRO F 385 24.09 26.11 -6.76
N VAL F 386 24.21 25.61 -7.99
CA VAL F 386 23.37 24.50 -8.43
C VAL F 386 23.64 23.24 -7.60
N ASN F 387 24.91 22.93 -7.38
CA ASN F 387 25.32 21.65 -6.82
C ASN F 387 25.96 21.78 -5.45
N GLN F 388 25.36 22.60 -4.58
CA GLN F 388 25.92 22.84 -3.26
C GLN F 388 24.86 22.64 -2.19
N SER F 389 25.31 22.31 -1.00
CA SER F 389 24.42 22.21 0.15
C SER F 389 24.28 23.57 0.82
N PHE F 390 23.52 23.60 1.91
CA PHE F 390 23.35 24.85 2.63
C PHE F 390 24.46 25.13 3.62
N ASP F 391 25.31 24.13 3.93
CA ASP F 391 26.39 24.37 4.87
C ASP F 391 27.43 25.34 4.29
N VAL F 392 27.88 25.07 3.07
CA VAL F 392 28.88 25.92 2.45
C VAL F 392 28.33 27.32 2.24
N TRP F 393 27.09 27.41 1.76
CA TRP F 393 26.48 28.72 1.53
C TRP F 393 26.31 29.47 2.85
N ALA F 394 25.94 28.76 3.91
CA ALA F 394 25.80 29.40 5.22
C ALA F 394 27.14 29.95 5.69
N THR F 395 28.22 29.18 5.52
CA THR F 395 29.53 29.66 5.92
C THR F 395 29.92 30.91 5.13
N ILE F 396 29.66 30.91 3.82
CA ILE F 396 30.01 32.07 3.01
C ILE F 396 29.21 33.28 3.45
N ILE F 397 27.91 33.10 3.71
CA ILE F 397 27.07 34.21 4.15
C ILE F 397 27.55 34.76 5.48
N ARG F 398 27.91 33.87 6.41
CA ARG F 398 28.42 34.32 7.69
C ARG F 398 29.71 35.12 7.52
N GLY F 399 30.61 34.63 6.66
CA GLY F 399 31.82 35.39 6.39
C GLY F 399 31.52 36.78 5.86
N LYS F 400 30.59 36.88 4.92
CA LYS F 400 30.27 38.18 4.34
C LYS F 400 29.70 39.13 5.38
N PHE F 401 28.76 38.65 6.20
CA PHE F 401 28.14 39.53 7.18
C PHE F 401 29.13 39.94 8.27
N GLN F 402 30.00 39.00 8.69
CA GLN F 402 31.03 39.35 9.66
C GLN F 402 31.99 40.38 9.08
N THR F 403 32.30 40.28 7.79
CA THR F 403 33.13 41.29 7.15
C THR F 403 32.45 42.65 7.18
N VAL F 404 31.15 42.68 6.88
CA VAL F 404 30.42 43.95 6.90
C VAL F 404 30.45 44.57 8.29
N TYR F 405 30.24 43.75 9.31
CA TYR F 405 30.28 44.27 10.67
C TYR F 405 31.69 44.67 11.07
N ARG F 406 32.70 44.01 10.50
CA ARG F 406 34.07 44.47 10.68
C ARG F 406 34.24 45.88 10.15
N ASP F 407 33.70 46.13 8.95
CA ASP F 407 33.81 47.48 8.38
C ASP F 407 33.10 48.50 9.27
N ILE F 408 31.89 48.17 9.74
CA ILE F 408 31.15 49.15 10.52
C ILE F 408 31.88 49.45 11.84
N ILE F 409 32.38 48.41 12.51
CA ILE F 409 33.05 48.64 13.79
C ILE F 409 34.35 49.40 13.58
N GLU F 410 35.06 49.14 12.48
CA GLU F 410 36.24 49.93 12.19
C GLU F 410 35.89 51.39 11.96
N ARG F 411 34.80 51.65 11.22
CA ARG F 411 34.42 53.03 10.96
C ARG F 411 34.07 53.78 12.24
N VAL F 412 33.30 53.15 13.12
CA VAL F 412 32.90 53.85 14.34
C VAL F 412 34.02 53.89 15.38
N LYS F 413 35.01 53.01 15.27
CA LYS F 413 36.12 52.94 16.22
C LYS F 413 35.63 52.75 17.65
N SER F 414 34.59 51.92 17.80
CA SER F 414 34.03 51.60 19.11
C SER F 414 33.18 50.36 18.95
N SER F 415 32.86 49.73 20.08
CA SER F 415 32.11 48.48 20.10
C SER F 415 30.71 48.70 20.62
N GLY F 416 29.90 47.65 20.54
CA GLY F 416 28.53 47.72 21.02
C GLY F 416 27.73 46.53 20.52
N ALA F 417 26.41 46.66 20.67
CA ALA F 417 25.50 45.60 20.27
C ALA F 417 25.42 45.51 18.74
N MET F 418 24.71 44.49 18.26
CA MET F 418 24.65 44.18 16.84
C MET F 418 23.23 43.75 16.49
N GLY F 419 22.75 44.22 15.34
CA GLY F 419 21.36 43.98 14.98
C GLY F 419 21.16 43.97 13.48
N MET F 420 19.97 43.53 13.08
CA MET F 420 19.58 43.36 11.69
C MET F 420 18.19 43.95 11.47
N PHE F 421 18.03 44.60 10.32
CA PHE F 421 16.72 45.04 9.83
C PHE F 421 16.54 44.48 8.42
N ALA F 422 15.59 43.58 8.25
CA ALA F 422 15.44 42.84 7.01
C ALA F 422 14.01 42.94 6.49
N GLY F 423 13.88 42.92 5.18
CA GLY F 423 12.59 42.84 4.55
C GLY F 423 12.01 41.45 4.64
N ALA F 424 10.77 41.32 4.14
CA ALA F 424 10.09 40.03 4.20
C ALA F 424 10.85 38.96 3.43
N ASP F 425 11.35 39.31 2.25
CA ASP F 425 12.08 38.33 1.44
C ASP F 425 13.34 37.86 2.15
N ALA F 426 14.08 38.80 2.76
CA ALA F 426 15.31 38.44 3.44
C ALA F 426 15.03 37.53 4.63
N ALA F 427 13.99 37.84 5.40
CA ALA F 427 13.65 36.99 6.53
C ALA F 427 13.22 35.61 6.07
N SER F 428 12.44 35.54 4.98
CA SER F 428 12.02 34.26 4.44
C SER F 428 13.23 33.44 4.02
N PHE F 429 14.22 34.08 3.39
CA PHE F 429 15.43 33.37 3.02
C PHE F 429 16.20 32.91 4.25
N PHE F 430 16.32 33.77 5.26
CA PHE F 430 17.09 33.42 6.46
C PHE F 430 16.45 32.25 7.19
N LYS F 431 15.13 32.11 7.11
CA LYS F 431 14.46 31.03 7.81
C LYS F 431 14.83 29.66 7.27
N GLN F 432 15.52 29.60 6.13
CA GLN F 432 15.92 28.34 5.53
C GLN F 432 17.27 27.83 6.02
N LEU F 433 17.99 28.62 6.80
CA LEU F 433 19.33 28.24 7.22
C LEU F 433 19.26 27.06 8.19
N PRO F 434 20.33 26.28 8.29
CA PRO F 434 20.35 25.18 9.27
C PRO F 434 20.28 25.71 10.70
N LYS F 435 19.81 24.84 11.59
CA LYS F 435 19.44 25.26 12.93
C LYS F 435 20.62 25.85 13.69
N ASP F 436 21.83 25.33 13.46
CA ASP F 436 22.99 25.83 14.19
C ASP F 436 23.27 27.29 13.84
N PHE F 437 23.10 27.67 12.58
CA PHE F 437 23.40 29.04 12.18
C PHE F 437 22.33 30.01 12.66
N PHE F 438 21.06 29.62 12.58
CA PHE F 438 19.95 30.50 12.92
C PHE F 438 19.01 29.78 13.88
N GLN F 439 18.78 30.39 15.05
CA GLN F 439 17.83 29.86 16.01
C GLN F 439 16.58 30.72 16.02
N PRO F 440 15.42 30.17 15.68
CA PRO F 440 14.20 30.98 15.64
C PRO F 440 13.70 31.31 17.03
N ALA F 441 12.86 32.34 17.09
CA ALA F 441 12.24 32.72 18.35
C ALA F 441 11.31 31.61 18.84
N GLU F 442 11.20 31.49 20.16
CA GLU F 442 10.38 30.43 20.73
C GLU F 442 8.91 30.61 20.35
N ASP F 443 8.36 29.56 19.72
CA ASP F 443 7.00 29.60 19.19
C ASP F 443 6.76 30.84 18.34
N TYR F 444 7.62 31.05 17.35
CA TYR F 444 7.44 32.17 16.44
C TYR F 444 6.15 31.99 15.66
N ILE F 445 5.24 32.96 15.76
CA ILE F 445 3.99 32.96 15.03
C ILE F 445 3.94 34.22 14.19
N GLN F 446 3.64 34.06 12.90
CA GLN F 446 3.64 35.20 12.00
C GLN F 446 2.57 36.21 12.40
N THR F 447 2.96 37.48 12.39
CA THR F 447 2.05 38.59 12.62
C THR F 447 2.32 39.66 11.58
N PRO F 448 1.31 40.44 11.20
CA PRO F 448 1.56 41.58 10.31
C PRO F 448 2.46 42.63 10.92
N TYR F 449 2.59 42.66 12.24
CA TYR F 449 3.40 43.66 12.91
C TYR F 449 4.88 43.42 12.67
N VAL F 450 5.67 44.49 12.71
CA VAL F 450 7.12 44.36 12.69
C VAL F 450 7.55 43.70 14.00
N HIS F 451 8.11 42.51 13.90
CA HIS F 451 8.33 41.68 15.08
C HIS F 451 9.72 41.06 15.05
N TYR F 452 10.19 40.69 16.24
CA TYR F 452 11.45 39.98 16.38
C TYR F 452 11.25 38.52 16.00
N ILE F 453 12.18 37.99 15.21
CA ILE F 453 12.00 36.65 14.64
C ILE F 453 13.00 35.66 15.21
N GLY F 454 14.13 36.15 15.69
CA GLY F 454 15.15 35.30 16.25
C GLY F 454 16.52 35.93 16.10
N THR F 455 17.53 35.14 16.41
CA THR F 455 18.92 35.56 16.28
C THR F 455 19.66 34.56 15.40
N LEU F 456 20.48 35.07 14.50
CA LEU F 456 21.36 34.24 13.70
C LEU F 456 22.80 34.46 14.13
N PHE F 457 23.62 33.44 13.92
CA PHE F 457 25.01 33.42 14.38
C PHE F 457 25.03 33.53 15.90
N GLY F 458 26.16 33.97 16.45
CA GLY F 458 26.29 34.03 17.89
C GLY F 458 25.34 35.01 18.55
N ASN F 459 25.25 36.23 18.02
CA ASN F 459 24.59 37.30 18.75
C ASN F 459 23.64 38.14 17.93
N VAL F 460 23.81 38.14 16.60
CA VAL F 460 23.09 39.10 15.76
C VAL F 460 21.60 38.84 15.81
N LYS F 461 20.84 39.85 16.21
CA LYS F 461 19.38 39.79 16.24
C LYS F 461 18.80 40.43 14.98
N VAL F 462 17.65 39.91 14.55
CA VAL F 462 17.05 40.32 13.28
C VAL F 462 15.57 40.58 13.49
N TYR F 463 15.08 41.68 12.92
CA TYR F 463 13.67 42.04 12.94
C TYR F 463 13.12 42.04 11.51
N GLU F 464 11.92 41.49 11.36
CA GLU F 464 11.30 41.34 10.05
C GLU F 464 10.33 42.48 9.78
N VAL F 465 10.32 42.94 8.53
CA VAL F 465 9.43 44.00 8.08
C VAL F 465 8.50 43.42 7.03
N PRO F 466 7.18 43.54 7.19
CA PRO F 466 6.25 43.01 6.18
C PRO F 466 6.33 43.79 4.88
N ALA F 467 5.91 43.12 3.80
CA ALA F 467 6.02 43.72 2.47
C ALA F 467 5.14 44.96 2.33
N GLY F 468 3.94 44.93 2.93
CA GLY F 468 3.07 46.08 2.82
C GLY F 468 3.68 47.34 3.40
N ILE F 469 4.38 47.21 4.53
CA ILE F 469 5.05 48.35 5.12
C ILE F 469 6.13 48.88 4.19
N CYS F 470 6.87 47.98 3.54
CA CYS F 470 7.88 48.41 2.58
C CYS F 470 7.25 49.18 1.43
N LYS F 471 6.11 48.69 0.92
CA LYS F 471 5.43 49.38 -0.16
C LYS F 471 4.98 50.78 0.28
N ASN F 472 4.40 50.87 1.48
CA ASN F 472 3.97 52.18 1.97
C ASN F 472 5.14 53.13 2.17
N LEU F 473 6.26 52.61 2.67
CA LEU F 473 7.46 53.44 2.80
C LEU F 473 7.92 53.94 1.46
N THR F 474 7.89 53.07 0.45
CA THR F 474 8.28 53.48 -0.90
C THR F 474 7.37 54.57 -1.43
N THR F 475 6.06 54.46 -1.17
CA THR F 475 5.12 55.47 -1.64
C THR F 475 5.33 56.82 -0.98
N GLU F 476 6.10 56.88 0.10
CA GLU F 476 6.42 58.14 0.78
C GLU F 476 7.81 58.64 0.42
N ASN F 477 8.31 58.30 -0.77
CA ASN F 477 9.64 58.67 -1.25
C ASN F 477 10.76 58.12 -0.38
N ILE F 478 10.46 57.20 0.51
CA ILE F 478 11.47 56.52 1.32
C ILE F 478 11.72 55.17 0.65
N GLN F 479 12.76 55.09 -0.16
CA GLN F 479 12.99 53.89 -0.96
C GLN F 479 13.41 52.74 -0.05
N PHE F 480 12.74 51.60 -0.22
CA PHE F 480 13.06 50.40 0.53
C PHE F 480 12.35 49.23 -0.14
N SER F 481 13.11 48.17 -0.41
CA SER F 481 12.57 46.99 -1.07
C SER F 481 12.70 45.78 -0.16
N SER F 482 11.84 44.79 -0.39
CA SER F 482 11.87 43.58 0.42
C SER F 482 13.19 42.85 0.31
N MET F 483 13.97 43.12 -0.73
CA MET F 483 15.28 42.49 -0.87
C MET F 483 16.37 43.26 -0.13
N ASP F 484 16.04 44.38 0.50
CA ASP F 484 17.04 45.20 1.16
C ASP F 484 17.13 44.85 2.64
N VAL F 485 18.33 45.05 3.21
CA VAL F 485 18.54 44.86 4.64
C VAL F 485 19.35 46.03 5.18
N LEU F 486 19.16 46.32 6.46
CA LEU F 486 19.78 47.45 7.12
C LEU F 486 20.51 47.00 8.38
N CYS F 487 21.83 47.20 8.39
CA CYS F 487 22.68 46.82 9.51
C CYS F 487 22.84 48.00 10.46
N TYR F 488 22.98 47.71 11.74
CA TYR F 488 23.16 48.76 12.74
C TYR F 488 23.91 48.20 13.94
N VAL F 489 24.57 49.11 14.66
CA VAL F 489 25.32 48.78 15.86
C VAL F 489 24.91 49.76 16.95
N ARG F 490 24.48 49.23 18.09
CA ARG F 490 24.07 50.06 19.21
C ARG F 490 25.25 50.27 20.16
N ASP F 491 25.57 51.53 20.42
CA ASP F 491 26.70 51.89 21.28
C ASP F 491 26.18 52.35 22.63
N GLU F 492 26.82 51.87 23.69
CA GLU F 492 26.43 52.20 25.06
C GLU F 492 27.47 53.02 25.79
N ASN F 493 28.59 53.34 25.15
CA ASN F 493 29.63 54.12 25.81
C ASN F 493 29.10 55.50 26.17
N PRO F 494 29.54 56.08 27.29
CA PRO F 494 28.93 57.35 27.74
C PRO F 494 29.03 58.47 26.71
N GLY F 495 30.15 58.58 26.00
CA GLY F 495 30.36 59.71 25.13
C GLY F 495 29.98 59.53 23.68
N LYS F 496 29.28 58.46 23.32
CA LYS F 496 29.01 58.20 21.92
C LYS F 496 27.85 57.23 21.78
N ALA F 497 27.06 57.43 20.73
CA ALA F 497 25.94 56.56 20.41
C ALA F 497 25.56 56.77 18.95
N GLY F 498 24.83 55.80 18.40
CA GLY F 498 24.37 55.90 17.04
C GLY F 498 23.05 56.61 16.88
N PHE F 499 22.01 56.09 17.53
CA PHE F 499 20.68 56.69 17.53
C PHE F 499 20.31 57.07 18.95
N VAL F 500 19.89 58.31 19.14
CA VAL F 500 19.61 58.85 20.47
C VAL F 500 18.12 59.09 20.59
N THR F 501 17.54 58.59 21.68
CA THR F 501 16.15 58.84 22.00
C THR F 501 16.03 59.20 23.48
N GLY F 502 14.99 59.95 23.82
CA GLY F 502 14.77 60.35 25.18
C GLY F 502 13.43 61.02 25.34
N ASP F 503 12.97 61.07 26.58
CA ASP F 503 11.65 61.64 26.91
C ASP F 503 11.89 62.81 27.85
N ALA F 504 11.87 64.03 27.30
CA ALA F 504 12.03 65.22 28.13
C ALA F 504 10.81 65.44 29.01
N VAL F 505 9.62 65.36 28.43
CA VAL F 505 8.38 65.54 29.19
C VAL F 505 7.37 64.50 28.71
N PRO F 506 6.91 63.62 29.59
CA PRO F 506 5.94 62.61 29.16
C PRO F 506 4.58 63.22 28.85
N ALA F 507 3.73 62.41 28.22
CA ALA F 507 2.41 62.89 27.79
C ALA F 507 1.55 63.26 29.00
N ILE F 508 0.83 64.36 28.87
CA ILE F 508 -0.01 64.90 29.94
C ILE F 508 -1.45 64.92 29.45
N PRO F 509 -2.35 64.12 30.02
CA PRO F 509 -3.75 64.19 29.61
C PRO F 509 -4.39 65.49 30.07
N PHE F 510 -5.36 65.95 29.29
CA PHE F 510 -6.09 67.17 29.58
C PHE F 510 -7.55 66.97 29.23
N GLN F 511 -8.40 66.93 30.26
CA GLN F 511 -9.83 66.72 30.07
C GLN F 511 -10.56 68.02 30.34
N HIS F 512 -11.05 68.65 29.29
CA HIS F 512 -11.77 69.90 29.47
C HIS F 512 -13.18 69.62 29.99
N PRO F 513 -13.74 70.54 30.78
CA PRO F 513 -15.12 70.38 31.25
C PRO F 513 -16.11 70.47 30.10
N THR F 514 -17.24 69.81 30.28
CA THR F 514 -18.27 69.76 29.23
C THR F 514 -18.84 71.15 29.01
N THR F 515 -18.60 71.70 27.83
CA THR F 515 -19.04 73.06 27.53
C THR F 515 -20.55 73.10 27.34
N PRO F 516 -21.14 74.30 27.39
CA PRO F 516 -22.50 74.46 26.89
C PRO F 516 -22.56 74.01 25.44
N ALA F 517 -23.75 73.55 25.02
CA ALA F 517 -23.98 72.77 23.81
C ALA F 517 -23.46 71.35 23.92
N LEU F 518 -22.97 70.96 25.11
CA LEU F 518 -22.72 69.56 25.47
C LEU F 518 -21.71 68.90 24.53
N VAL F 519 -20.49 69.41 24.58
CA VAL F 519 -19.36 68.84 23.84
C VAL F 519 -18.24 68.54 24.81
N ASN F 520 -17.69 67.33 24.73
CA ASN F 520 -16.52 66.94 25.50
C ASN F 520 -15.29 66.97 24.60
N ARG F 521 -14.13 67.18 25.21
CA ARG F 521 -12.89 67.29 24.46
C ARG F 521 -11.72 66.92 25.36
N THR F 522 -10.72 66.27 24.78
CA THR F 522 -9.56 65.82 25.53
C THR F 522 -8.33 65.90 24.66
N THR F 523 -7.23 66.43 25.21
CA THR F 523 -5.99 66.62 24.47
C THR F 523 -4.83 66.02 25.25
N LEU F 524 -3.80 65.63 24.50
CA LEU F 524 -2.55 65.15 25.07
C LEU F 524 -1.41 66.00 24.54
N TRP F 525 -0.36 66.14 25.35
CA TRP F 525 0.79 66.94 24.95
C TRP F 525 2.03 66.44 25.66
N GLY F 526 3.18 66.62 25.01
CA GLY F 526 4.44 66.22 25.58
C GLY F 526 5.58 66.53 24.64
N SER F 527 6.78 66.44 25.19
CA SER F 527 8.00 66.74 24.44
C SER F 527 8.98 65.59 24.58
N ALA F 528 9.70 65.31 23.50
CA ALA F 528 10.71 64.26 23.50
C ALA F 528 11.71 64.54 22.40
N ILE F 529 12.83 63.84 22.46
CA ILE F 529 13.89 63.95 21.45
C ILE F 529 14.04 62.59 20.77
N ASN F 530 13.95 62.59 19.45
CA ASN F 530 14.11 61.38 18.65
C ASN F 530 14.87 61.79 17.39
N ASP F 531 16.19 61.70 17.46
CA ASP F 531 17.02 62.10 16.32
C ASP F 531 18.38 61.45 16.46
N MET F 532 19.11 61.43 15.35
CA MET F 532 20.35 60.69 15.28
C MET F 532 21.48 61.55 15.84
N HIS F 533 22.58 60.90 16.23
CA HIS F 533 23.58 61.56 17.04
C HIS F 533 24.22 62.73 16.30
N PRO F 534 24.45 63.87 16.96
CA PRO F 534 25.08 65.01 16.29
C PRO F 534 26.50 64.72 15.84
N ARG F 535 27.22 63.87 16.55
CA ARG F 535 28.60 63.54 16.22
C ARG F 535 28.62 62.22 15.47
N ASN F 536 28.90 62.29 14.17
CA ASN F 536 29.05 61.15 13.26
C ASN F 536 28.06 60.04 13.53
N GLY F 537 26.80 60.41 13.80
CA GLY F 537 25.80 59.40 14.09
C GLY F 537 25.51 58.49 12.90
N ALA F 538 25.57 59.04 11.69
CA ALA F 538 25.26 58.27 10.49
C ALA F 538 26.22 57.11 10.26
N ASP F 539 27.38 57.12 10.90
CA ASP F 539 28.40 56.10 10.67
C ASP F 539 28.09 54.78 11.35
N TYR F 540 26.95 54.64 12.01
CA TYR F 540 26.59 53.39 12.68
C TYR F 540 25.64 52.52 11.86
N PHE F 541 25.34 52.89 10.63
CA PHE F 541 24.36 52.16 9.83
C PHE F 541 24.91 51.94 8.42
N THR F 542 24.70 50.73 7.89
CA THR F 542 25.00 50.42 6.50
C THR F 542 23.82 49.68 5.90
N ARG F 543 23.54 49.98 4.63
CA ARG F 543 22.50 49.30 3.88
C ARG F 543 23.14 48.28 2.94
N VAL F 544 22.55 47.09 2.90
CA VAL F 544 23.01 46.01 2.03
C VAL F 544 21.85 45.62 1.13
N THR F 545 22.12 45.52 -0.17
CA THR F 545 21.12 45.12 -1.15
C THR F 545 21.44 43.73 -1.66
N LEU F 546 20.45 42.85 -1.68
CA LEU F 546 20.63 41.47 -2.10
C LEU F 546 20.34 41.34 -3.59
N THR F 547 21.31 40.81 -4.32
CA THR F 547 21.16 40.56 -5.74
C THR F 547 21.03 39.05 -5.96
N MET F 548 20.27 38.68 -6.99
CA MET F 548 19.81 37.30 -7.12
C MET F 548 19.96 36.84 -8.56
N ALA F 549 21.14 37.06 -9.15
CA ALA F 549 21.38 36.69 -10.54
C ALA F 549 22.80 36.19 -10.70
N LYS F 550 22.94 34.91 -11.05
CA LYS F 550 24.25 34.32 -11.32
C LYS F 550 24.04 33.18 -12.31
N LYS F 551 25.13 32.80 -12.97
CA LYS F 551 25.04 31.80 -14.05
C LYS F 551 24.60 30.45 -13.53
N GLY F 552 25.08 30.05 -12.35
CA GLY F 552 24.75 28.75 -11.80
C GLY F 552 23.85 28.85 -10.58
N GLY F 553 22.86 29.73 -10.64
CA GLY F 553 22.01 29.97 -9.49
C GLY F 553 20.62 29.39 -9.60
N LEU F 554 19.98 29.18 -8.44
CA LEU F 554 18.60 28.71 -8.38
C LEU F 554 17.74 29.80 -7.76
N ASN F 555 16.70 30.20 -8.48
CA ASN F 555 15.78 31.20 -7.96
C ASN F 555 14.88 30.58 -6.90
N PHE F 556 14.81 31.23 -5.74
CA PHE F 556 13.89 30.79 -4.70
C PHE F 556 12.45 31.14 -5.04
N ILE F 557 12.24 32.32 -5.63
CA ILE F 557 10.88 32.78 -5.92
C ILE F 557 10.24 31.93 -7.01
N SER F 558 10.97 31.70 -8.10
CA SER F 558 10.42 30.97 -9.23
C SER F 558 10.75 29.48 -9.21
N GLY F 559 11.86 29.10 -8.59
CA GLY F 559 12.22 27.70 -8.53
C GLY F 559 12.86 27.16 -9.79
N ASP F 560 13.51 28.00 -10.58
CA ASP F 560 14.15 27.58 -11.82
C ASP F 560 15.57 28.12 -11.87
N THR F 561 16.39 27.44 -12.66
CA THR F 561 17.77 27.86 -12.85
C THR F 561 17.83 29.18 -13.62
N ILE F 562 18.93 29.89 -13.45
CA ILE F 562 19.14 31.18 -14.09
C ILE F 562 20.17 30.99 -15.19
N ASP F 563 19.74 31.22 -16.44
CA ASP F 563 20.61 31.12 -17.61
C ASP F 563 21.34 29.78 -17.65
N ALA F 564 20.61 28.70 -17.37
CA ALA F 564 21.14 27.34 -17.41
C ALA F 564 22.38 27.18 -16.54
N GLU G 125 -114.04 9.89 9.05
CA GLU G 125 -112.60 9.93 9.22
C GLU G 125 -112.22 10.04 10.68
N MET G 126 -113.18 9.75 11.56
CA MET G 126 -112.89 9.78 12.98
C MET G 126 -111.98 8.61 13.36
N MET G 127 -111.31 8.74 14.51
CA MET G 127 -110.30 7.78 14.90
C MET G 127 -110.86 6.38 15.08
N SER G 128 -112.18 6.25 15.27
CA SER G 128 -112.75 4.94 15.60
C SER G 128 -112.70 3.99 14.41
N VAL G 129 -113.11 4.47 13.23
CA VAL G 129 -113.15 3.64 12.05
C VAL G 129 -111.74 3.35 11.56
N SER G 130 -111.57 2.20 10.90
CA SER G 130 -110.23 1.77 10.49
C SER G 130 -109.58 2.76 9.54
N ASP G 131 -110.34 3.31 8.59
CA ASP G 131 -109.74 4.19 7.60
C ASP G 131 -109.29 5.52 8.20
N GLY G 132 -109.68 5.81 9.43
CA GLY G 132 -109.26 7.06 10.06
C GLY G 132 -107.85 7.07 10.58
N VAL G 133 -107.16 5.93 10.55
CA VAL G 133 -105.80 5.82 11.07
C VAL G 133 -104.83 5.86 9.90
N MET G 134 -103.83 6.74 9.99
CA MET G 134 -102.86 6.90 8.92
C MET G 134 -102.04 5.62 8.77
N ARG G 135 -101.26 5.57 7.69
CA ARG G 135 -100.47 4.40 7.37
C ARG G 135 -98.98 4.73 7.40
N LEU G 136 -98.18 3.74 7.78
CA LEU G 136 -96.74 3.91 7.91
C LEU G 136 -96.04 2.79 7.17
N PRO G 137 -95.32 3.08 6.09
CA PRO G 137 -94.71 2.01 5.30
C PRO G 137 -93.58 1.31 6.03
N LEU G 138 -93.33 0.07 5.64
CA LEU G 138 -92.26 -0.75 6.19
C LEU G 138 -91.33 -1.20 5.07
N PHE G 139 -90.11 -1.57 5.45
CA PHE G 139 -89.07 -1.98 4.51
C PHE G 139 -89.04 -3.50 4.47
N LEU G 140 -89.61 -4.08 3.41
CA LEU G 140 -89.83 -5.52 3.37
C LEU G 140 -88.57 -6.28 2.99
N ALA G 141 -88.07 -6.06 1.78
CA ALA G 141 -86.91 -6.81 1.29
C ALA G 141 -86.18 -5.97 0.27
N MET G 142 -84.91 -6.31 0.05
CA MET G 142 -84.05 -5.57 -0.86
C MET G 142 -83.32 -6.55 -1.76
N ILE G 143 -83.26 -6.22 -3.05
CA ILE G 143 -82.71 -7.12 -4.06
C ILE G 143 -81.33 -6.63 -4.46
N LEU G 144 -80.31 -7.43 -4.17
CA LEU G 144 -78.95 -7.12 -4.53
C LEU G 144 -78.68 -7.50 -5.98
N PRO G 145 -77.61 -6.99 -6.58
CA PRO G 145 -77.30 -7.34 -7.97
C PRO G 145 -77.09 -8.84 -8.12
N VAL G 146 -77.56 -9.38 -9.25
CA VAL G 146 -77.53 -10.81 -9.47
C VAL G 146 -76.10 -11.29 -9.71
N GLN G 147 -75.87 -12.56 -9.38
CA GLN G 147 -74.56 -13.15 -9.57
C GLN G 147 -74.24 -13.32 -11.05
N LEU G 148 -73.00 -13.01 -11.42
CA LEU G 148 -72.53 -13.12 -12.79
C LEU G 148 -71.56 -14.29 -12.90
N GLY G 149 -71.60 -14.99 -14.03
CA GLY G 149 -70.65 -16.07 -14.26
C GLY G 149 -71.04 -16.88 -15.47
N ALA G 150 -70.08 -17.66 -15.95
CA ALA G 150 -70.30 -18.57 -17.07
C ALA G 150 -69.52 -19.84 -16.82
N ALA G 151 -70.16 -20.99 -17.02
CA ALA G 151 -69.53 -22.29 -16.76
C ALA G 151 -68.82 -22.75 -18.02
N THR G 152 -67.58 -22.28 -18.18
CA THR G 152 -66.78 -22.61 -19.35
C THR G 152 -65.35 -23.02 -19.00
N ALA G 153 -65.10 -23.45 -17.77
CA ALA G 153 -63.76 -23.83 -17.37
C ALA G 153 -63.44 -25.29 -17.64
N ASP G 154 -64.40 -26.06 -18.14
CA ASP G 154 -64.16 -27.47 -18.41
C ASP G 154 -63.18 -27.69 -19.55
N ALA G 155 -62.98 -26.70 -20.41
CA ALA G 155 -62.15 -26.90 -21.58
C ALA G 155 -60.68 -26.67 -21.31
N CYS G 156 -60.33 -25.90 -20.29
CA CYS G 156 -58.96 -25.47 -20.08
C CYS G 156 -58.36 -26.11 -18.83
N THR G 157 -57.04 -26.03 -18.73
CA THR G 157 -56.28 -26.52 -17.59
C THR G 157 -55.59 -25.34 -16.91
N PHE G 158 -55.32 -25.49 -15.61
CA PHE G 158 -54.78 -24.40 -14.80
C PHE G 158 -53.31 -24.68 -14.49
N ILE G 159 -52.45 -23.77 -14.92
CA ILE G 159 -51.01 -23.85 -14.68
C ILE G 159 -50.55 -22.54 -14.04
N PRO G 160 -50.40 -22.51 -12.72
CA PRO G 160 -49.91 -21.29 -12.06
C PRO G 160 -48.46 -21.02 -12.42
N VAL G 161 -48.11 -19.73 -12.48
CA VAL G 161 -46.78 -19.30 -12.85
C VAL G 161 -46.32 -18.23 -11.86
N THR G 162 -45.00 -18.10 -11.73
CA THR G 162 -44.41 -17.15 -10.80
C THR G 162 -43.40 -16.21 -11.46
N ARG G 163 -43.34 -16.18 -12.78
CA ARG G 163 -42.41 -15.29 -13.47
C ARG G 163 -42.96 -14.99 -14.86
N ASP G 164 -42.42 -13.93 -15.46
CA ASP G 164 -42.98 -13.46 -16.72
C ASP G 164 -42.81 -14.49 -17.84
N GLN G 165 -41.65 -15.14 -17.90
CA GLN G 165 -41.35 -16.10 -18.96
C GLN G 165 -41.28 -17.50 -18.37
N SER G 166 -41.79 -18.47 -19.13
CA SER G 166 -41.80 -19.85 -18.69
C SER G 166 -41.41 -20.74 -19.86
N ASP G 167 -40.97 -21.96 -19.54
CA ASP G 167 -40.51 -22.91 -20.53
C ASP G 167 -41.07 -24.29 -20.23
N ILE G 168 -41.18 -25.10 -21.29
CA ILE G 168 -41.66 -26.48 -21.19
C ILE G 168 -40.75 -27.35 -22.04
N TYR G 169 -40.40 -28.53 -21.53
CA TYR G 169 -39.55 -29.47 -22.23
C TYR G 169 -40.18 -30.86 -22.22
N GLU G 170 -40.04 -31.58 -23.33
CA GLU G 170 -40.44 -32.98 -23.38
C GLU G 170 -39.46 -33.74 -24.26
N VAL G 171 -39.42 -35.06 -24.07
CA VAL G 171 -38.35 -35.91 -24.57
C VAL G 171 -38.96 -37.04 -25.40
N PHE G 172 -38.27 -37.41 -26.48
CA PHE G 172 -38.72 -38.40 -27.45
C PHE G 172 -37.95 -39.70 -27.30
N ASN G 173 -38.34 -40.69 -28.10
CA ASN G 173 -37.60 -41.94 -28.23
C ASN G 173 -37.35 -42.21 -29.71
N VAL G 174 -36.11 -42.50 -30.07
CA VAL G 174 -35.75 -42.76 -31.45
C VAL G 174 -34.95 -44.05 -31.53
N ALA G 175 -35.01 -44.69 -32.68
CA ALA G 175 -34.27 -45.93 -32.90
C ALA G 175 -32.78 -45.63 -33.01
N GLY G 176 -31.98 -46.40 -32.28
CA GLY G 176 -30.56 -46.17 -32.24
C GLY G 176 -29.82 -46.55 -33.51
N SER G 177 -29.99 -47.79 -33.95
CA SER G 177 -29.29 -48.30 -35.12
C SER G 177 -30.27 -49.03 -36.03
N SER G 178 -30.01 -48.98 -37.33
CA SER G 178 -30.88 -49.64 -38.30
C SER G 178 -30.73 -51.15 -38.20
N PHE G 179 -31.84 -51.84 -38.04
CA PHE G 179 -31.86 -53.28 -37.88
C PHE G 179 -33.29 -53.76 -37.97
N GLY G 180 -33.48 -54.91 -38.60
CA GLY G 180 -34.82 -55.47 -38.71
C GLY G 180 -35.75 -54.54 -39.45
N SER G 181 -36.97 -54.40 -38.93
CA SER G 181 -37.98 -53.61 -39.62
C SER G 181 -37.69 -52.12 -39.53
N TYR G 182 -37.09 -51.67 -38.43
CA TYR G 182 -36.90 -50.24 -38.22
C TYR G 182 -35.62 -49.75 -38.88
N ALA G 183 -35.68 -48.53 -39.39
CA ALA G 183 -34.53 -47.85 -39.97
C ALA G 183 -33.93 -46.90 -38.94
N ALA G 184 -32.64 -46.63 -39.11
CA ALA G 184 -31.93 -45.80 -38.15
C ALA G 184 -32.54 -44.40 -38.08
N GLY G 185 -32.73 -43.91 -36.86
CA GLY G 185 -33.28 -42.59 -36.64
C GLY G 185 -34.79 -42.48 -36.70
N ASP G 186 -35.50 -43.60 -36.76
CA ASP G 186 -36.96 -43.53 -36.79
C ASP G 186 -37.50 -43.19 -35.41
N VAL G 187 -38.83 -43.20 -35.29
CA VAL G 187 -39.52 -42.81 -34.07
C VAL G 187 -40.31 -44.00 -33.55
N LEU G 188 -40.31 -44.17 -32.23
CA LEU G 188 -41.07 -45.23 -31.57
C LEU G 188 -42.12 -44.63 -30.66
N ASP G 189 -43.37 -45.06 -30.83
CA ASP G 189 -44.48 -44.48 -30.08
C ASP G 189 -45.44 -45.60 -29.71
N MET G 190 -46.62 -45.21 -29.22
CA MET G 190 -47.61 -46.17 -28.76
C MET G 190 -48.05 -47.11 -29.87
N GLN G 191 -48.03 -46.65 -31.12
CA GLN G 191 -48.52 -47.44 -32.24
C GLN G 191 -47.41 -48.11 -33.03
N SER G 192 -46.16 -47.95 -32.64
CA SER G 192 -45.05 -48.50 -33.42
C SER G 192 -45.03 -50.02 -33.31
N VAL G 193 -45.19 -50.69 -34.44
CA VAL G 193 -45.24 -52.14 -34.50
C VAL G 193 -44.18 -52.61 -35.48
N GLY G 194 -43.35 -53.56 -35.06
CA GLY G 194 -42.32 -54.09 -35.93
C GLY G 194 -41.49 -55.10 -35.16
N VAL G 195 -40.49 -55.64 -35.86
CA VAL G 195 -39.61 -56.63 -35.26
C VAL G 195 -38.32 -55.94 -34.82
N TYR G 196 -38.00 -56.09 -33.54
CA TYR G 196 -36.85 -55.42 -32.95
C TYR G 196 -36.54 -56.09 -31.61
N SER G 197 -35.29 -56.45 -31.39
CA SER G 197 -34.84 -57.10 -30.16
C SER G 197 -35.51 -58.46 -29.94
N GLN G 198 -36.14 -59.01 -30.96
CA GLN G 198 -36.68 -60.37 -30.91
C GLN G 198 -35.91 -61.24 -31.88
N LEU G 199 -35.42 -62.37 -31.39
CA LEU G 199 -34.50 -63.18 -32.18
C LEU G 199 -35.16 -64.32 -32.94
N ARG G 200 -36.44 -64.57 -32.71
CA ARG G 200 -37.18 -65.59 -33.47
C ARG G 200 -38.11 -64.90 -34.45
N ARG G 201 -37.97 -65.21 -35.73
CA ARG G 201 -38.68 -64.50 -36.77
C ARG G 201 -39.26 -65.47 -37.78
N ARG G 202 -40.36 -65.06 -38.41
CA ARG G 202 -41.08 -65.86 -39.37
C ARG G 202 -40.97 -65.20 -40.74
N TYR G 203 -40.43 -65.94 -41.71
CA TYR G 203 -40.21 -65.42 -43.06
C TYR G 203 -41.05 -66.18 -44.06
N VAL G 204 -41.33 -65.52 -45.19
CA VAL G 204 -42.11 -66.12 -46.27
C VAL G 204 -41.17 -66.34 -47.45
N LEU G 205 -41.11 -67.58 -47.93
CA LEU G 205 -40.17 -67.92 -49.00
C LEU G 205 -40.80 -67.78 -50.38
N VAL G 206 -41.88 -68.52 -50.63
CA VAL G 206 -42.59 -68.44 -51.89
C VAL G 206 -44.03 -68.05 -51.61
N ALA G 207 -44.43 -66.87 -52.10
CA ALA G 207 -45.77 -66.37 -51.82
C ALA G 207 -46.84 -67.27 -52.43
N SER G 208 -46.62 -67.72 -53.66
CA SER G 208 -47.53 -68.66 -54.31
C SER G 208 -46.73 -69.52 -55.26
N SER G 209 -47.05 -70.81 -55.28
CA SER G 209 -46.26 -71.79 -56.02
C SER G 209 -46.87 -72.02 -57.39
N ASP G 210 -46.03 -71.99 -58.41
CA ASP G 210 -46.42 -72.46 -59.73
C ASP G 210 -46.45 -73.98 -59.74
N GLY G 211 -46.89 -74.54 -60.87
CA GLY G 211 -47.10 -75.97 -60.95
C GLY G 211 -45.90 -76.81 -61.34
N THR G 212 -44.73 -76.20 -61.54
CA THR G 212 -43.61 -76.91 -62.14
C THR G 212 -42.43 -77.12 -61.18
N SER G 213 -41.95 -76.06 -60.53
CA SER G 213 -40.68 -76.11 -59.84
C SER G 213 -40.74 -77.12 -58.69
N LYS G 214 -39.58 -77.73 -58.40
CA LYS G 214 -39.46 -78.76 -57.39
C LYS G 214 -38.56 -78.40 -56.22
N THR G 215 -37.71 -77.38 -56.36
CA THR G 215 -36.77 -77.01 -55.32
C THR G 215 -36.78 -75.51 -55.11
N ALA G 216 -36.46 -75.09 -53.89
CA ALA G 216 -36.34 -73.68 -53.56
C ALA G 216 -35.34 -73.54 -52.42
N THR G 217 -34.56 -72.46 -52.47
CA THR G 217 -33.52 -72.21 -51.48
C THR G 217 -33.84 -70.95 -50.69
N PHE G 218 -33.68 -71.04 -49.38
CA PHE G 218 -33.83 -69.89 -48.49
C PHE G 218 -32.46 -69.37 -48.11
N LYS G 219 -32.22 -68.09 -48.35
CA LYS G 219 -30.93 -67.47 -48.11
C LYS G 219 -31.10 -66.35 -47.10
N MET G 220 -30.28 -66.37 -46.05
CA MET G 220 -30.30 -65.32 -45.06
C MET G 220 -29.77 -64.00 -45.59
N GLU G 221 -29.17 -63.99 -46.78
CA GLU G 221 -28.75 -62.73 -47.39
C GLU G 221 -29.94 -61.91 -47.86
N ASP G 222 -30.98 -62.58 -48.35
CA ASP G 222 -32.10 -61.86 -48.97
C ASP G 222 -32.89 -61.06 -47.95
N PHE G 223 -32.93 -61.50 -46.71
CA PHE G 223 -33.54 -60.76 -45.63
C PHE G 223 -32.47 -60.32 -44.64
N GLU G 224 -32.56 -59.07 -44.19
CA GLU G 224 -31.60 -58.38 -43.33
C GLU G 224 -30.32 -57.99 -44.07
N GLY G 225 -30.15 -58.40 -45.32
CA GLY G 225 -29.09 -57.87 -46.16
C GLY G 225 -27.68 -58.30 -45.83
N GLN G 226 -27.51 -59.35 -45.02
CA GLN G 226 -26.17 -59.84 -44.75
C GLN G 226 -26.26 -61.27 -44.24
N ASN G 227 -25.12 -61.95 -44.25
CA ASN G 227 -25.07 -63.31 -43.72
C ASN G 227 -25.27 -63.30 -42.21
N VAL G 228 -26.16 -64.17 -41.73
CA VAL G 228 -26.46 -64.25 -40.31
C VAL G 228 -26.52 -65.71 -39.88
N PRO G 229 -25.79 -66.11 -38.84
CA PRO G 229 -25.89 -67.49 -38.35
C PRO G 229 -27.18 -67.71 -37.58
N ILE G 230 -27.55 -68.99 -37.45
CA ILE G 230 -28.81 -69.38 -36.82
C ILE G 230 -28.54 -70.48 -35.81
N ARG G 231 -29.50 -70.67 -34.91
CA ARG G 231 -29.38 -71.66 -33.85
C ARG G 231 -29.58 -73.06 -34.40
N LYS G 232 -29.38 -74.06 -33.56
CA LYS G 232 -29.44 -75.46 -33.94
C LYS G 232 -30.64 -76.14 -33.31
N GLY G 233 -31.37 -76.90 -34.11
CA GLY G 233 -32.49 -77.65 -33.60
C GLY G 233 -33.68 -76.80 -33.18
N ARG G 234 -33.83 -75.61 -33.73
CA ARG G 234 -34.93 -74.72 -33.35
C ARG G 234 -35.54 -74.07 -34.59
N THR G 235 -35.63 -74.83 -35.68
CA THR G 235 -36.16 -74.33 -36.94
C THR G 235 -37.39 -75.13 -37.35
N ASN G 236 -38.32 -74.45 -37.99
CA ASN G 236 -39.56 -75.08 -38.44
C ASN G 236 -39.85 -74.64 -39.88
N ILE G 237 -40.74 -75.38 -40.53
CA ILE G 237 -41.15 -75.10 -41.90
C ILE G 237 -42.66 -75.29 -42.00
N TYR G 238 -43.33 -74.36 -42.68
CA TYR G 238 -44.77 -74.40 -42.82
C TYR G 238 -45.16 -74.63 -44.28
N VAL G 239 -46.13 -75.50 -44.48
CA VAL G 239 -46.76 -75.71 -45.79
C VAL G 239 -48.24 -75.46 -45.61
N ASN G 240 -48.76 -74.43 -46.29
CA ASN G 240 -50.12 -73.97 -46.07
C ASN G 240 -50.35 -73.62 -44.60
N ARG G 241 -49.30 -73.14 -43.94
CA ARG G 241 -49.34 -72.70 -42.55
C ARG G 241 -49.77 -73.84 -41.62
N ILE G 242 -48.99 -74.92 -41.67
CA ILE G 242 -49.11 -76.03 -40.74
C ILE G 242 -47.72 -76.33 -40.19
N LYS G 243 -47.54 -76.13 -38.90
CA LYS G 243 -46.22 -76.25 -38.30
C LYS G 243 -45.73 -77.69 -38.37
N SER G 244 -44.47 -77.85 -38.79
CA SER G 244 -43.85 -79.15 -38.88
C SER G 244 -42.96 -79.40 -37.67
N VAL G 245 -42.41 -80.61 -37.60
CA VAL G 245 -41.53 -80.96 -36.50
C VAL G 245 -40.19 -80.25 -36.69
N VAL G 246 -39.48 -80.04 -35.58
CA VAL G 246 -38.20 -79.34 -35.63
C VAL G 246 -37.15 -80.22 -36.27
N ASP G 247 -36.05 -79.61 -36.68
CA ASP G 247 -34.94 -80.37 -37.22
C ASP G 247 -34.04 -80.86 -36.09
N ASN G 248 -33.33 -81.95 -36.37
CA ASN G 248 -32.33 -82.47 -35.44
C ASN G 248 -31.04 -81.70 -35.63
N GLY G 249 -29.97 -82.14 -34.97
CA GLY G 249 -28.68 -81.54 -35.18
C GLY G 249 -28.09 -81.95 -36.52
N SER G 250 -26.98 -81.31 -36.86
CA SER G 250 -26.19 -81.61 -38.06
C SER G 250 -26.95 -81.32 -39.34
N GLY G 251 -27.93 -80.43 -39.32
CA GLY G 251 -28.54 -79.96 -40.55
C GLY G 251 -29.32 -80.99 -41.33
N SER G 252 -30.47 -81.41 -40.81
CA SER G 252 -31.32 -82.37 -41.51
C SER G 252 -32.75 -82.23 -41.01
N LEU G 253 -33.68 -82.18 -41.96
CA LEU G 253 -35.10 -82.08 -41.63
C LEU G 253 -35.89 -82.88 -42.64
N LEU G 254 -36.88 -83.63 -42.15
CA LEU G 254 -37.78 -84.40 -42.99
C LEU G 254 -39.22 -84.05 -42.65
N HIS G 255 -40.04 -83.91 -43.69
CA HIS G 255 -41.44 -83.56 -43.47
C HIS G 255 -42.26 -84.08 -44.64
N SER G 256 -43.50 -84.48 -44.34
CA SER G 256 -44.42 -84.97 -45.35
C SER G 256 -45.79 -84.36 -45.13
N PHE G 257 -46.44 -83.99 -46.23
CA PHE G 257 -47.76 -83.38 -46.17
C PHE G 257 -48.60 -83.90 -47.33
N THR G 258 -49.85 -84.24 -47.05
CA THR G 258 -50.72 -84.80 -48.07
C THR G 258 -51.05 -83.74 -49.12
N ASN G 259 -51.32 -84.22 -50.33
CA ASN G 259 -51.66 -83.32 -51.43
C ASN G 259 -53.16 -83.10 -51.48
N ALA G 260 -53.58 -82.20 -52.36
CA ALA G 260 -55.00 -81.92 -52.54
C ALA G 260 -55.75 -83.15 -53.04
N ALA G 261 -55.17 -83.87 -54.00
CA ALA G 261 -55.80 -85.04 -54.59
C ALA G 261 -55.58 -86.31 -53.77
N GLY G 262 -54.92 -86.20 -52.62
CA GLY G 262 -54.77 -87.32 -51.71
C GLY G 262 -53.42 -88.00 -51.71
N GLU G 263 -52.59 -87.75 -52.72
CA GLU G 263 -51.28 -88.38 -52.74
C GLU G 263 -50.37 -87.76 -51.69
N GLN G 264 -49.29 -88.48 -51.38
CA GLN G 264 -48.38 -88.06 -50.33
C GLN G 264 -47.13 -87.43 -50.94
N ILE G 265 -46.70 -86.33 -50.33
CA ILE G 265 -45.52 -85.59 -50.78
C ILE G 265 -44.57 -85.47 -49.60
N THR G 266 -43.29 -85.80 -49.83
CA THR G 266 -42.28 -85.78 -48.79
C THR G 266 -41.25 -84.70 -49.07
N VAL G 267 -40.82 -84.01 -48.03
CA VAL G 267 -39.89 -82.89 -48.13
C VAL G 267 -38.68 -83.18 -47.25
N THR G 268 -37.49 -82.99 -47.80
CA THR G 268 -36.25 -83.10 -47.05
C THR G 268 -35.45 -81.82 -47.21
N CYS G 269 -34.67 -81.49 -46.19
CA CYS G 269 -33.98 -80.21 -46.13
C CYS G 269 -32.51 -80.42 -45.75
N SER G 270 -31.68 -79.49 -46.20
CA SER G 270 -30.28 -79.44 -45.82
C SER G 270 -29.96 -78.03 -45.36
N LEU G 271 -29.37 -77.90 -44.18
CA LEU G 271 -29.18 -76.60 -43.55
C LEU G 271 -27.71 -76.31 -43.34
N ASN G 272 -27.36 -75.03 -43.46
CA ASN G 272 -26.01 -74.55 -43.19
C ASN G 272 -26.14 -73.51 -42.08
N TYR G 273 -25.79 -73.91 -40.85
CA TYR G 273 -26.01 -73.06 -39.70
C TYR G 273 -25.13 -71.82 -39.70
N ASN G 274 -24.04 -71.81 -40.47
CA ASN G 274 -23.10 -70.71 -40.40
C ASN G 274 -23.64 -69.46 -41.10
N ILE G 275 -24.29 -69.65 -42.24
CA ILE G 275 -24.79 -68.53 -43.04
C ILE G 275 -26.29 -68.60 -43.25
N GLY G 276 -26.96 -69.57 -42.63
CA GLY G 276 -28.40 -69.66 -42.72
C GLY G 276 -28.95 -69.93 -44.10
N GLN G 277 -28.33 -70.87 -44.82
CA GLN G 277 -28.86 -71.31 -46.11
C GLN G 277 -29.55 -72.65 -45.94
N ILE G 278 -30.77 -72.74 -46.46
CA ILE G 278 -31.56 -73.96 -46.39
C ILE G 278 -31.93 -74.36 -47.81
N ALA G 279 -31.73 -75.64 -48.12
CA ALA G 279 -32.04 -76.19 -49.44
C ALA G 279 -33.21 -77.14 -49.32
N LEU G 280 -34.25 -76.90 -50.11
CA LEU G 280 -35.47 -77.69 -50.06
C LEU G 280 -35.61 -78.48 -51.36
N SER G 281 -35.99 -79.75 -51.23
CA SER G 281 -36.24 -80.60 -52.38
C SER G 281 -37.53 -81.38 -52.16
N PHE G 282 -38.31 -81.51 -53.21
CA PHE G 282 -39.62 -82.15 -53.15
C PHE G 282 -39.61 -83.46 -53.92
N SER G 283 -40.31 -84.46 -53.39
CA SER G 283 -40.52 -85.69 -54.15
C SER G 283 -41.34 -85.42 -55.41
N LYS G 284 -42.34 -84.57 -55.30
CA LYS G 284 -43.18 -84.19 -56.42
C LYS G 284 -43.51 -82.70 -56.31
N ALA G 285 -43.65 -82.06 -57.46
CA ALA G 285 -43.96 -80.63 -57.47
C ALA G 285 -45.33 -80.38 -56.83
N PRO G 286 -45.44 -79.41 -55.94
CA PRO G 286 -46.72 -79.16 -55.28
C PRO G 286 -47.74 -78.55 -56.23
N ASP G 287 -48.94 -78.26 -55.72
CA ASP G 287 -49.99 -77.70 -56.55
C ASP G 287 -49.79 -76.20 -56.75
N LYS G 288 -50.64 -75.63 -57.59
CA LYS G 288 -50.60 -74.19 -57.81
C LYS G 288 -51.08 -73.45 -56.57
N GLY G 289 -50.46 -72.31 -56.30
CA GLY G 289 -50.88 -71.45 -55.21
C GLY G 289 -50.73 -72.02 -53.82
N THR G 290 -49.58 -72.59 -53.51
CA THR G 290 -49.23 -73.02 -52.16
C THR G 290 -48.05 -72.20 -51.68
N GLU G 291 -48.11 -71.76 -50.42
CA GLU G 291 -47.06 -70.92 -49.86
C GLU G 291 -46.20 -71.73 -48.88
N ILE G 292 -44.94 -71.33 -48.78
CA ILE G 292 -43.97 -71.99 -47.92
C ILE G 292 -43.28 -70.94 -47.06
N ALA G 293 -43.21 -71.17 -45.77
CA ALA G 293 -42.65 -70.22 -44.82
C ALA G 293 -41.68 -70.94 -43.88
N ILE G 294 -40.70 -70.18 -43.39
CA ILE G 294 -39.66 -70.72 -42.52
C ILE G 294 -39.58 -69.85 -41.28
N GLU G 295 -39.52 -70.49 -40.11
CA GLU G 295 -39.29 -69.80 -38.85
C GLU G 295 -37.97 -70.27 -38.27
N THR G 296 -37.17 -69.32 -37.79
CA THR G 296 -35.82 -69.61 -37.32
C THR G 296 -35.46 -68.58 -36.26
N GLU G 297 -34.43 -68.88 -35.48
CA GLU G 297 -33.97 -67.99 -34.43
C GLU G 297 -32.47 -67.78 -34.51
N ILE G 298 -32.06 -66.53 -34.35
CA ILE G 298 -30.67 -66.11 -34.51
C ILE G 298 -29.93 -66.33 -33.19
N ASN G 299 -28.69 -66.81 -33.28
CA ASN G 299 -27.84 -66.96 -32.10
C ASN G 299 -26.90 -65.77 -32.01
N ILE G 300 -27.12 -64.91 -31.01
CA ILE G 300 -26.29 -63.73 -30.84
C ILE G 300 -24.87 -64.12 -30.48
N GLU G 301 -24.70 -65.24 -29.77
CA GLU G 301 -23.38 -65.66 -29.33
C GLU G 301 -22.43 -65.84 -30.50
N ALA G 302 -22.95 -66.09 -31.70
CA ALA G 302 -22.09 -66.19 -32.88
C ALA G 302 -21.79 -64.82 -33.46
N ALA G 303 -22.76 -63.91 -33.45
CA ALA G 303 -22.63 -62.57 -34.03
C ALA G 303 -23.10 -61.54 -33.02
N PRO G 304 -22.21 -61.08 -32.13
CA PRO G 304 -22.65 -60.17 -31.07
C PRO G 304 -22.67 -58.71 -31.48
N GLU G 305 -22.61 -58.41 -32.77
CA GLU G 305 -22.58 -57.02 -33.24
C GLU G 305 -23.93 -56.55 -33.75
N LEU G 306 -24.99 -57.30 -33.52
CA LEU G 306 -26.32 -56.93 -34.01
C LEU G 306 -27.24 -56.46 -32.89
N ILE G 307 -26.69 -55.98 -31.80
CA ILE G 307 -27.53 -55.49 -30.70
C ILE G 307 -28.10 -54.12 -31.08
N PRO G 308 -29.39 -53.88 -30.88
CA PRO G 308 -29.97 -52.58 -31.21
C PRO G 308 -29.65 -51.54 -30.13
N LEU G 309 -30.03 -50.30 -30.40
CA LEU G 309 -29.79 -49.18 -29.52
C LEU G 309 -31.02 -48.28 -29.48
N ILE G 310 -31.04 -47.36 -28.52
CA ILE G 310 -32.14 -46.41 -28.34
C ILE G 310 -31.56 -45.06 -27.94
N ASN G 311 -32.17 -43.97 -28.42
CA ASN G 311 -31.73 -42.63 -28.07
C ASN G 311 -32.91 -41.72 -27.75
N HIS G 312 -32.67 -40.42 -27.61
CA HIS G 312 -33.73 -39.49 -27.24
C HIS G 312 -33.47 -38.12 -27.87
N GLU G 313 -34.41 -37.21 -27.65
CA GLU G 313 -34.36 -35.88 -28.26
C GLU G 313 -35.19 -34.94 -27.40
N MET G 314 -34.99 -33.63 -27.60
CA MET G 314 -35.58 -32.64 -26.72
C MET G 314 -36.07 -31.43 -27.51
N LYS G 315 -37.03 -30.71 -26.93
CA LYS G 315 -37.66 -29.54 -27.55
C LYS G 315 -37.98 -28.52 -26.46
N LYS G 316 -38.62 -27.41 -26.83
CA LYS G 316 -38.84 -26.32 -25.89
C LYS G 316 -39.97 -25.42 -26.38
N TYR G 317 -40.66 -24.78 -25.42
CA TYR G 317 -41.77 -23.88 -25.70
C TYR G 317 -41.79 -22.78 -24.64
N THR G 318 -42.70 -21.81 -24.78
CA THR G 318 -42.71 -20.66 -23.89
C THR G 318 -44.09 -20.01 -23.84
N LEU G 319 -44.29 -19.15 -22.84
CA LEU G 319 -45.56 -18.49 -22.59
C LEU G 319 -45.32 -17.14 -21.90
N PHE G 320 -46.36 -16.31 -21.85
CA PHE G 320 -46.30 -15.05 -21.11
C PHE G 320 -47.70 -14.52 -20.87
N PRO G 321 -47.94 -13.82 -19.74
CA PRO G 321 -49.29 -13.36 -19.40
C PRO G 321 -49.67 -11.98 -19.91
N SER G 322 -50.86 -11.51 -19.53
CA SER G 322 -51.35 -10.18 -19.86
C SER G 322 -52.04 -9.59 -18.62
N GLN G 323 -52.52 -8.35 -18.74
CA GLN G 323 -52.95 -7.57 -17.58
C GLN G 323 -54.41 -7.15 -17.71
N PHE G 324 -54.96 -6.62 -16.60
CA PHE G 324 -56.31 -6.07 -16.58
C PHE G 324 -56.41 -5.08 -15.42
N VAL G 325 -57.47 -4.27 -15.44
CA VAL G 325 -57.62 -3.19 -14.47
C VAL G 325 -59.07 -2.74 -14.47
N ILE G 326 -59.55 -2.29 -13.30
CA ILE G 326 -60.91 -1.79 -13.16
C ILE G 326 -60.94 -0.88 -11.94
N ALA G 327 -61.97 -0.02 -11.86
CA ALA G 327 -62.04 0.98 -10.79
C ALA G 327 -63.50 1.27 -10.46
N ALA G 328 -63.69 2.11 -9.43
CA ALA G 328 -65.01 2.50 -8.97
C ALA G 328 -64.93 3.83 -8.25
N GLU G 329 -66.08 4.49 -8.08
CA GLU G 329 -66.14 5.82 -7.51
C GLU G 329 -67.41 5.99 -6.68
N HIS G 330 -67.36 6.95 -5.75
CA HIS G 330 -68.52 7.41 -5.00
C HIS G 330 -68.08 8.56 -4.11
N THR G 331 -69.06 9.29 -3.58
CA THR G 331 -68.81 10.47 -2.76
C THR G 331 -69.14 10.19 -1.30
N VAL G 332 -68.72 11.11 -0.44
CA VAL G 332 -68.89 10.93 0.99
C VAL G 332 -70.36 11.04 1.39
N GLN G 333 -71.05 12.06 0.87
CA GLN G 333 -72.44 12.26 1.24
C GLN G 333 -73.30 11.07 0.86
N ALA G 334 -73.06 10.52 -0.32
CA ALA G 334 -73.80 9.34 -0.74
C ALA G 334 -73.57 8.17 0.21
N ALA G 335 -72.31 7.96 0.61
CA ALA G 335 -72.00 6.89 1.53
C ALA G 335 -72.71 7.07 2.87
N TYR G 336 -72.68 8.28 3.41
CA TYR G 336 -73.35 8.53 4.67
C TYR G 336 -74.86 8.34 4.57
N GLU G 337 -75.46 8.83 3.48
CA GLU G 337 -76.90 8.68 3.33
C GLU G 337 -77.30 7.22 3.19
N ALA G 338 -76.56 6.45 2.39
CA ALA G 338 -76.91 5.06 2.20
C ALA G 338 -76.51 4.19 3.38
N GLN G 339 -75.70 4.72 4.29
CA GLN G 339 -75.49 4.03 5.55
C GLN G 339 -76.63 4.32 6.52
N ARG G 340 -77.08 5.57 6.57
CA ARG G 340 -78.16 5.94 7.47
C ARG G 340 -79.47 5.26 7.07
N GLU G 341 -79.76 5.20 5.78
CA GLU G 341 -80.93 4.50 5.27
C GLU G 341 -80.51 3.19 4.62
N PHE G 342 -81.23 2.12 4.96
CA PHE G 342 -81.04 0.75 4.50
C PHE G 342 -79.83 0.07 5.14
N GLY G 343 -79.01 0.80 5.89
CA GLY G 343 -77.87 0.17 6.55
C GLY G 343 -76.81 -0.39 5.63
N LEU G 344 -76.82 -0.02 4.35
CA LEU G 344 -75.84 -0.52 3.41
C LEU G 344 -74.49 0.16 3.60
N ASP G 345 -73.47 -0.40 2.95
CA ASP G 345 -72.14 0.19 2.92
C ASP G 345 -71.64 0.18 1.48
N LEU G 346 -71.20 1.34 0.99
CA LEU G 346 -70.85 1.45 -0.42
C LEU G 346 -69.54 0.73 -0.74
N GLY G 347 -68.55 0.85 0.15
CA GLY G 347 -67.25 0.29 -0.16
C GLY G 347 -67.30 -1.20 -0.41
N SER G 348 -67.96 -1.94 0.48
CA SER G 348 -68.06 -3.38 0.32
C SER G 348 -68.84 -3.74 -0.93
N LEU G 349 -69.94 -3.06 -1.18
CA LEU G 349 -70.74 -3.33 -2.36
C LEU G 349 -69.93 -3.18 -3.62
N GLN G 350 -69.25 -2.04 -3.78
CA GLN G 350 -68.48 -1.79 -4.98
C GLN G 350 -67.33 -2.77 -5.11
N PHE G 351 -66.65 -3.07 -4.00
CA PHE G 351 -65.53 -4.01 -4.05
C PHE G 351 -65.99 -5.38 -4.53
N ARG G 352 -67.11 -5.87 -3.98
CA ARG G 352 -67.61 -7.17 -4.39
C ARG G 352 -68.01 -7.17 -5.86
N THR G 353 -68.67 -6.11 -6.31
CA THR G 353 -69.09 -6.07 -7.72
C THR G 353 -67.88 -6.11 -8.64
N LEU G 354 -66.84 -5.34 -8.31
CA LEU G 354 -65.63 -5.35 -9.13
C LEU G 354 -65.00 -6.73 -9.17
N LYS G 355 -64.85 -7.35 -8.01
CA LYS G 355 -64.21 -8.66 -7.94
C LYS G 355 -64.97 -9.67 -8.77
N GLU G 356 -66.31 -9.65 -8.71
CA GLU G 356 -67.08 -10.62 -9.47
C GLU G 356 -67.00 -10.34 -10.97
N TYR G 357 -67.11 -9.08 -11.36
CA TYR G 357 -67.13 -8.76 -12.79
C TYR G 357 -65.82 -9.14 -13.44
N LEU G 358 -64.70 -9.03 -12.73
CA LEU G 358 -63.42 -9.41 -13.32
C LEU G 358 -63.44 -10.86 -13.77
N SER G 359 -63.87 -11.77 -12.88
CA SER G 359 -63.92 -13.18 -13.25
C SER G 359 -64.91 -13.42 -14.38
N HIS G 360 -66.06 -12.72 -14.36
CA HIS G 360 -67.02 -12.91 -15.43
C HIS G 360 -66.42 -12.55 -16.79
N GLU G 361 -65.75 -11.41 -16.86
CA GLU G 361 -65.15 -11.00 -18.13
C GLU G 361 -64.07 -11.97 -18.54
N GLN G 362 -63.30 -12.50 -17.59
CA GLN G 362 -62.27 -13.47 -17.94
C GLN G 362 -62.88 -14.71 -18.58
N ASP G 363 -63.98 -15.21 -18.02
CA ASP G 363 -64.62 -16.38 -18.59
C ASP G 363 -65.13 -16.11 -20.00
N MET G 364 -65.79 -14.98 -20.19
CA MET G 364 -66.27 -14.65 -21.53
C MET G 364 -65.11 -14.52 -22.51
N LEU G 365 -63.97 -14.00 -22.04
CA LEU G 365 -62.79 -13.89 -22.89
C LEU G 365 -62.28 -15.26 -23.30
N ARG G 366 -62.26 -16.21 -22.36
CA ARG G 366 -61.87 -17.57 -22.73
C ARG G 366 -62.76 -18.10 -23.85
N LEU G 367 -64.06 -17.93 -23.70
CA LEU G 367 -64.97 -18.41 -24.74
C LEU G 367 -64.68 -17.75 -26.08
N ARG G 368 -64.46 -16.43 -26.08
CA ARG G 368 -64.21 -15.72 -27.32
C ARG G 368 -62.94 -16.22 -28.00
N ILE G 369 -61.87 -16.40 -27.23
CA ILE G 369 -60.61 -16.88 -27.80
C ILE G 369 -60.79 -18.26 -28.40
N MET G 370 -61.45 -19.15 -27.66
CA MET G 370 -61.65 -20.51 -28.15
C MET G 370 -62.44 -20.51 -29.45
N ILE G 371 -63.50 -19.70 -29.51
CA ILE G 371 -64.29 -19.67 -30.74
C ILE G 371 -63.47 -19.13 -31.90
N TRP G 372 -62.70 -18.06 -31.68
CA TRP G 372 -62.05 -17.42 -32.82
C TRP G 372 -60.86 -18.20 -33.36
N ARG G 373 -60.10 -18.88 -32.50
CA ARG G 373 -58.81 -19.39 -32.93
C ARG G 373 -58.86 -20.71 -33.68
N THR G 374 -60.00 -21.39 -33.74
CA THR G 374 -60.03 -22.68 -34.41
C THR G 374 -60.02 -22.51 -35.94
N LEU G 375 -59.60 -23.57 -36.63
CA LEU G 375 -59.52 -23.51 -38.08
C LEU G 375 -60.15 -24.73 -38.76
N ALA G 376 -60.19 -25.86 -38.07
CA ALA G 376 -60.77 -27.07 -38.63
C ALA G 376 -62.29 -27.01 -38.53
N THR G 377 -62.97 -27.41 -39.61
CA THR G 377 -64.41 -27.26 -39.72
C THR G 377 -65.04 -28.53 -40.26
N ASP G 378 -66.34 -28.66 -40.02
CA ASP G 378 -67.13 -29.77 -40.54
C ASP G 378 -68.59 -29.39 -40.56
N THR G 379 -69.35 -30.01 -41.47
CA THR G 379 -70.78 -29.76 -41.62
C THR G 379 -71.48 -31.03 -42.04
N PHE G 380 -72.78 -31.09 -41.77
CA PHE G 380 -73.66 -32.13 -42.30
C PHE G 380 -75.09 -31.74 -42.00
N ASP G 381 -76.02 -32.46 -42.61
CA ASP G 381 -77.45 -32.20 -42.48
C ASP G 381 -78.10 -33.26 -41.59
N ILE G 382 -79.16 -32.86 -40.89
CA ILE G 382 -79.83 -33.75 -39.96
C ILE G 382 -81.33 -33.78 -40.19
N ALA G 383 -81.79 -33.18 -41.29
CA ALA G 383 -83.21 -33.26 -41.61
C ALA G 383 -83.58 -34.70 -41.98
N LEU G 384 -84.78 -35.12 -41.59
CA LEU G 384 -85.22 -36.49 -41.81
C LEU G 384 -85.77 -36.62 -43.22
N PRO G 385 -85.15 -37.41 -44.09
CA PRO G 385 -85.66 -37.53 -45.46
C PRO G 385 -86.90 -38.40 -45.51
N VAL G 386 -87.59 -38.32 -46.65
CA VAL G 386 -88.76 -39.15 -46.86
C VAL G 386 -88.36 -40.61 -46.91
N ASN G 387 -89.25 -41.48 -46.44
CA ASN G 387 -89.05 -42.93 -46.48
C ASN G 387 -87.77 -43.33 -45.74
N GLN G 388 -87.75 -43.05 -44.44
CA GLN G 388 -86.63 -43.44 -43.59
C GLN G 388 -87.14 -43.54 -42.16
N SER G 389 -87.15 -44.75 -41.62
CA SER G 389 -87.69 -44.98 -40.28
C SER G 389 -86.78 -44.31 -39.24
N PHE G 390 -87.31 -44.25 -38.02
CA PHE G 390 -86.62 -43.54 -36.95
C PHE G 390 -85.31 -44.21 -36.58
N ASP G 391 -85.29 -45.55 -36.53
CA ASP G 391 -84.09 -46.29 -36.18
C ASP G 391 -82.92 -45.91 -37.09
N VAL G 392 -83.15 -45.96 -38.40
CA VAL G 392 -82.06 -45.73 -39.35
C VAL G 392 -81.52 -44.32 -39.21
N TRP G 393 -82.42 -43.34 -39.12
CA TRP G 393 -81.98 -41.96 -39.00
C TRP G 393 -81.19 -41.73 -37.72
N ALA G 394 -81.66 -42.28 -36.61
CA ALA G 394 -80.95 -42.11 -35.35
C ALA G 394 -79.56 -42.72 -35.40
N THR G 395 -79.45 -43.92 -35.96
CA THR G 395 -78.14 -44.56 -36.05
C THR G 395 -77.19 -43.76 -36.93
N ILE G 396 -77.70 -43.26 -38.06
CA ILE G 396 -76.88 -42.44 -38.95
C ILE G 396 -76.34 -41.23 -38.21
N ILE G 397 -77.23 -40.56 -37.46
CA ILE G 397 -76.82 -39.35 -36.75
C ILE G 397 -75.77 -39.67 -35.70
N ARG G 398 -75.99 -40.74 -34.94
CA ARG G 398 -75.03 -41.12 -33.90
C ARG G 398 -73.66 -41.38 -34.50
N GLY G 399 -73.60 -42.14 -35.58
CA GLY G 399 -72.32 -42.42 -36.21
C GLY G 399 -71.65 -41.16 -36.72
N LYS G 400 -72.43 -40.29 -37.36
CA LYS G 400 -71.85 -39.06 -37.90
C LYS G 400 -71.27 -38.20 -36.79
N PHE G 401 -71.96 -38.12 -35.66
CA PHE G 401 -71.45 -37.32 -34.55
C PHE G 401 -70.17 -37.92 -33.99
N GLN G 402 -70.12 -39.25 -33.82
CA GLN G 402 -68.95 -39.86 -33.20
C GLN G 402 -67.72 -39.82 -34.10
N THR G 403 -67.91 -39.82 -35.42
CA THR G 403 -66.77 -39.77 -36.32
C THR G 403 -65.88 -38.56 -36.06
N VAL G 404 -66.50 -37.43 -35.71
CA VAL G 404 -65.73 -36.20 -35.51
C VAL G 404 -64.78 -36.34 -34.33
N TYR G 405 -65.30 -36.87 -33.21
CA TYR G 405 -64.45 -37.05 -32.05
C TYR G 405 -63.35 -38.06 -32.33
N ARG G 406 -63.68 -39.13 -33.06
CA ARG G 406 -62.63 -40.08 -33.43
C ARG G 406 -61.54 -39.39 -34.23
N ASP G 407 -61.94 -38.52 -35.17
CA ASP G 407 -60.98 -37.79 -35.99
C ASP G 407 -60.08 -36.89 -35.14
N ILE G 408 -60.69 -36.17 -34.20
CA ILE G 408 -59.89 -35.35 -33.29
C ILE G 408 -58.84 -36.23 -32.60
N ILE G 409 -59.27 -37.39 -32.14
CA ILE G 409 -58.39 -38.25 -31.36
C ILE G 409 -57.16 -38.65 -32.18
N GLU G 410 -57.37 -39.21 -33.37
CA GLU G 410 -56.15 -39.75 -33.99
C GLU G 410 -55.42 -38.69 -34.78
N ARG G 411 -55.97 -37.48 -34.89
CA ARG G 411 -55.16 -36.42 -35.48
C ARG G 411 -54.37 -35.66 -34.44
N VAL G 412 -54.73 -35.73 -33.16
CA VAL G 412 -53.88 -35.16 -32.13
C VAL G 412 -52.98 -36.20 -31.49
N LYS G 413 -53.34 -37.48 -31.61
CA LYS G 413 -52.55 -38.60 -31.08
C LYS G 413 -52.29 -38.43 -29.59
N SER G 414 -53.37 -38.42 -28.82
CA SER G 414 -53.33 -38.30 -27.38
C SER G 414 -54.67 -38.78 -26.84
N SER G 415 -54.90 -38.53 -25.55
CA SER G 415 -56.12 -38.99 -24.90
C SER G 415 -56.63 -37.94 -23.94
N GLY G 416 -57.92 -38.00 -23.64
CA GLY G 416 -58.52 -37.03 -22.74
C GLY G 416 -60.02 -37.07 -22.84
N ALA G 417 -60.66 -36.31 -21.95
CA ALA G 417 -62.10 -36.24 -21.92
C ALA G 417 -62.62 -35.44 -23.11
N MET G 418 -63.92 -35.59 -23.41
CA MET G 418 -64.52 -34.88 -24.57
C MET G 418 -65.75 -34.09 -24.11
N GLY G 419 -65.84 -32.82 -24.52
CA GLY G 419 -66.99 -31.96 -24.16
C GLY G 419 -67.65 -31.38 -25.40
N MET G 420 -68.65 -30.50 -25.22
CA MET G 420 -69.40 -29.98 -26.39
C MET G 420 -70.06 -28.63 -26.09
N PHE G 421 -69.76 -27.59 -26.88
CA PHE G 421 -70.44 -26.31 -26.74
C PHE G 421 -71.48 -26.23 -27.83
N ALA G 422 -72.73 -25.97 -27.46
CA ALA G 422 -73.84 -26.04 -28.39
C ALA G 422 -74.69 -24.79 -28.32
N GLY G 423 -75.28 -24.42 -29.46
CA GLY G 423 -76.21 -23.32 -29.51
C GLY G 423 -77.57 -23.71 -28.98
N ALA G 424 -78.46 -22.72 -28.94
CA ALA G 424 -79.77 -22.94 -28.33
C ALA G 424 -80.60 -23.95 -29.12
N ASP G 425 -80.71 -23.75 -30.44
CA ASP G 425 -81.52 -24.65 -31.24
C ASP G 425 -80.92 -26.06 -31.26
N ALA G 426 -79.59 -26.15 -31.31
CA ALA G 426 -78.96 -27.46 -31.21
C ALA G 426 -79.26 -28.12 -29.88
N ALA G 427 -79.28 -27.33 -28.80
CA ALA G 427 -79.62 -27.87 -27.49
C ALA G 427 -81.05 -28.40 -27.48
N SER G 428 -81.99 -27.65 -28.06
CA SER G 428 -83.36 -28.12 -28.11
C SER G 428 -83.48 -29.40 -28.92
N PHE G 429 -82.78 -29.47 -30.06
CA PHE G 429 -82.79 -30.67 -30.87
C PHE G 429 -82.23 -31.85 -30.09
N PHE G 430 -81.19 -31.63 -29.30
CA PHE G 430 -80.68 -32.70 -28.44
C PHE G 430 -81.73 -33.13 -27.42
N LYS G 431 -82.43 -32.16 -26.83
CA LYS G 431 -83.41 -32.48 -25.80
C LYS G 431 -84.58 -33.28 -26.36
N GLN G 432 -84.96 -33.04 -27.62
CA GLN G 432 -86.10 -33.75 -28.19
C GLN G 432 -85.86 -35.25 -28.29
N LEU G 433 -84.62 -35.67 -28.49
CA LEU G 433 -84.34 -37.05 -28.82
C LEU G 433 -84.54 -37.96 -27.61
N PRO G 434 -84.73 -39.27 -27.84
CA PRO G 434 -85.09 -40.17 -26.73
C PRO G 434 -84.03 -40.30 -25.65
N LYS G 435 -84.35 -41.07 -24.62
CA LYS G 435 -83.50 -41.14 -23.42
C LYS G 435 -82.14 -41.75 -23.73
N ASP G 436 -82.11 -42.78 -24.57
CA ASP G 436 -80.84 -43.44 -24.87
C ASP G 436 -79.87 -42.50 -25.57
N PHE G 437 -80.38 -41.62 -26.43
CA PHE G 437 -79.51 -40.71 -27.16
C PHE G 437 -78.91 -39.66 -26.24
N PHE G 438 -79.73 -39.03 -25.41
CA PHE G 438 -79.29 -37.94 -24.56
C PHE G 438 -79.94 -38.07 -23.19
N GLN G 439 -79.11 -38.13 -22.15
CA GLN G 439 -79.60 -38.30 -20.78
C GLN G 439 -79.50 -36.98 -20.05
N PRO G 440 -80.62 -36.33 -19.76
CA PRO G 440 -80.55 -35.01 -19.11
C PRO G 440 -79.94 -35.12 -17.72
N ALA G 441 -79.29 -34.03 -17.31
CA ALA G 441 -78.65 -34.00 -16.00
C ALA G 441 -79.70 -34.14 -14.90
N GLU G 442 -79.31 -34.85 -13.84
CA GLU G 442 -80.20 -35.02 -12.70
C GLU G 442 -80.52 -33.68 -12.06
N ASP G 443 -81.80 -33.46 -11.77
CA ASP G 443 -82.28 -32.25 -11.11
C ASP G 443 -81.83 -31.03 -11.93
N TYR G 444 -82.44 -30.91 -13.10
CA TYR G 444 -82.11 -29.87 -14.05
C TYR G 444 -83.06 -28.68 -13.89
N ILE G 445 -82.51 -27.48 -13.91
CA ILE G 445 -83.29 -26.25 -14.00
C ILE G 445 -82.64 -25.35 -15.04
N GLN G 446 -83.45 -24.57 -15.74
CA GLN G 446 -82.93 -23.68 -16.77
C GLN G 446 -82.47 -22.35 -16.17
N THR G 447 -81.43 -21.79 -16.76
CA THR G 447 -80.92 -20.48 -16.40
C THR G 447 -80.54 -19.76 -17.69
N PRO G 448 -80.55 -18.42 -17.67
CA PRO G 448 -80.04 -17.66 -18.82
C PRO G 448 -78.52 -17.65 -18.92
N TYR G 449 -77.81 -18.27 -17.99
CA TYR G 449 -76.36 -18.35 -18.06
C TYR G 449 -75.94 -19.37 -19.11
N VAL G 450 -74.63 -19.59 -19.18
CA VAL G 450 -74.07 -20.71 -19.95
C VAL G 450 -73.89 -21.86 -18.97
N HIS G 451 -74.66 -22.92 -19.14
CA HIS G 451 -74.67 -23.95 -18.11
C HIS G 451 -74.64 -25.37 -18.64
N TYR G 452 -74.73 -26.32 -17.72
CA TYR G 452 -74.63 -27.74 -18.02
C TYR G 452 -76.03 -28.34 -18.10
N ILE G 453 -76.28 -29.14 -19.15
CA ILE G 453 -77.59 -29.72 -19.40
C ILE G 453 -77.60 -31.22 -19.22
N GLY G 454 -76.51 -31.91 -19.57
CA GLY G 454 -76.51 -33.35 -19.47
C GLY G 454 -75.35 -33.98 -20.22
N THR G 455 -75.61 -35.16 -20.75
CA THR G 455 -74.57 -35.98 -21.36
C THR G 455 -75.06 -36.56 -22.68
N LEU G 456 -74.12 -36.83 -23.58
CA LEU G 456 -74.41 -37.45 -24.87
C LEU G 456 -73.64 -38.76 -24.97
N PHE G 457 -74.34 -39.83 -25.34
CA PHE G 457 -73.77 -41.17 -25.50
C PHE G 457 -73.12 -41.68 -24.22
N GLY G 458 -73.36 -41.02 -23.09
CA GLY G 458 -72.83 -41.45 -21.83
C GLY G 458 -71.46 -40.92 -21.47
N ASN G 459 -70.74 -40.32 -22.42
CA ASN G 459 -69.40 -39.85 -22.10
C ASN G 459 -69.08 -38.50 -22.74
N VAL G 460 -70.07 -37.73 -23.18
CA VAL G 460 -69.84 -36.43 -23.78
C VAL G 460 -70.64 -35.40 -23.00
N LYS G 461 -69.95 -34.46 -22.38
CA LYS G 461 -70.61 -33.39 -21.66
C LYS G 461 -71.04 -32.29 -22.63
N VAL G 462 -72.25 -31.77 -22.41
CA VAL G 462 -72.82 -30.75 -23.29
C VAL G 462 -73.10 -29.50 -22.47
N TYR G 463 -72.75 -28.35 -23.03
CA TYR G 463 -73.01 -27.06 -22.42
C TYR G 463 -73.85 -26.22 -23.35
N GLU G 464 -74.79 -25.46 -22.79
CA GLU G 464 -75.75 -24.69 -23.57
C GLU G 464 -75.33 -23.24 -23.62
N VAL G 465 -75.60 -22.60 -24.77
CA VAL G 465 -75.37 -21.17 -24.92
C VAL G 465 -76.68 -20.53 -25.36
N PRO G 466 -77.34 -19.76 -24.50
CA PRO G 466 -78.67 -19.25 -24.84
C PRO G 466 -78.65 -18.26 -25.98
N ALA G 467 -79.86 -17.91 -26.44
CA ALA G 467 -80.01 -17.12 -27.65
C ALA G 467 -79.40 -15.73 -27.49
N GLY G 468 -79.60 -15.10 -26.34
CA GLY G 468 -79.08 -13.76 -26.14
C GLY G 468 -77.58 -13.70 -26.27
N ILE G 469 -76.88 -14.68 -25.69
CA ILE G 469 -75.43 -14.73 -25.80
C ILE G 469 -75.03 -14.93 -27.25
N CYS G 470 -75.77 -15.75 -27.98
CA CYS G 470 -75.48 -15.97 -29.39
C CYS G 470 -75.59 -14.68 -30.18
N LYS G 471 -76.65 -13.91 -29.94
CA LYS G 471 -76.83 -12.64 -30.65
C LYS G 471 -75.72 -11.66 -30.29
N ASN G 472 -75.39 -11.55 -29.00
CA ASN G 472 -74.36 -10.62 -28.58
C ASN G 472 -73.02 -10.99 -29.18
N LEU G 473 -72.69 -12.27 -29.23
CA LEU G 473 -71.46 -12.70 -29.88
C LEU G 473 -71.48 -12.36 -31.37
N THR G 474 -72.61 -12.60 -32.03
CA THR G 474 -72.69 -12.36 -33.46
C THR G 474 -72.48 -10.89 -33.79
N THR G 475 -73.07 -9.99 -32.99
CA THR G 475 -72.92 -8.57 -33.27
C THR G 475 -71.50 -8.05 -33.03
N GLU G 476 -70.64 -8.82 -32.36
CA GLU G 476 -69.29 -8.40 -32.05
C GLU G 476 -68.28 -8.93 -33.06
N ASN G 477 -68.71 -9.21 -34.28
CA ASN G 477 -67.88 -9.73 -35.36
C ASN G 477 -67.30 -11.11 -35.05
N ILE G 478 -67.75 -11.77 -34.00
CA ILE G 478 -67.41 -13.16 -33.73
C ILE G 478 -68.59 -14.01 -34.19
N GLN G 479 -68.33 -14.92 -35.11
CA GLN G 479 -69.41 -15.65 -35.76
C GLN G 479 -69.80 -16.88 -34.95
N PHE G 480 -71.08 -16.95 -34.60
CA PHE G 480 -71.62 -18.11 -33.90
C PHE G 480 -73.13 -18.07 -34.03
N SER G 481 -73.72 -19.16 -34.51
CA SER G 481 -75.14 -19.23 -34.78
C SER G 481 -75.82 -20.22 -33.85
N SER G 482 -77.14 -20.08 -33.74
CA SER G 482 -77.91 -20.97 -32.89
C SER G 482 -77.86 -22.42 -33.36
N MET G 483 -77.46 -22.65 -34.60
CA MET G 483 -77.36 -24.00 -35.16
C MET G 483 -75.93 -24.53 -35.17
N ASP G 484 -74.99 -23.80 -34.58
CA ASP G 484 -73.59 -24.20 -34.58
C ASP G 484 -73.23 -24.88 -33.27
N VAL G 485 -72.21 -25.72 -33.31
CA VAL G 485 -71.71 -26.42 -32.13
C VAL G 485 -70.19 -26.47 -32.20
N LEU G 486 -69.57 -26.49 -31.02
CA LEU G 486 -68.13 -26.59 -30.89
C LEU G 486 -67.78 -27.84 -30.12
N CYS G 487 -66.83 -28.61 -30.65
CA CYS G 487 -66.40 -29.86 -30.04
C CYS G 487 -64.94 -29.75 -29.65
N TYR G 488 -64.62 -30.18 -28.43
CA TYR G 488 -63.28 -30.03 -27.90
C TYR G 488 -62.91 -31.27 -27.11
N VAL G 489 -61.61 -31.46 -26.90
CA VAL G 489 -61.07 -32.55 -26.10
C VAL G 489 -60.04 -31.96 -25.14
N ARG G 490 -60.26 -32.13 -23.85
CA ARG G 490 -59.29 -31.68 -22.86
C ARG G 490 -58.32 -32.81 -22.55
N ASP G 491 -57.04 -32.58 -22.80
CA ASP G 491 -56.05 -33.63 -22.67
C ASP G 491 -55.84 -34.00 -21.21
N GLU G 492 -55.32 -35.21 -21.01
CA GLU G 492 -55.06 -35.72 -19.67
C GLU G 492 -53.81 -35.10 -19.07
N ASN G 493 -52.68 -35.28 -19.72
CA ASN G 493 -51.41 -34.82 -19.15
C ASN G 493 -51.36 -33.30 -19.14
N PRO G 494 -51.12 -32.66 -17.99
CA PRO G 494 -51.08 -31.19 -17.95
C PRO G 494 -49.97 -30.59 -18.80
N GLY G 495 -48.94 -31.35 -19.13
CA GLY G 495 -47.86 -30.80 -19.94
C GLY G 495 -48.33 -30.40 -21.33
N LYS G 496 -49.19 -31.20 -21.93
CA LYS G 496 -49.75 -30.91 -23.24
C LYS G 496 -51.25 -30.72 -23.11
N ALA G 497 -51.74 -29.56 -23.52
CA ALA G 497 -53.15 -29.24 -23.36
C ALA G 497 -53.59 -28.31 -24.47
N GLY G 498 -54.91 -28.20 -24.64
CA GLY G 498 -55.42 -27.30 -25.66
C GLY G 498 -55.39 -25.85 -25.21
N PHE G 499 -56.00 -25.57 -24.06
CA PHE G 499 -56.12 -24.22 -23.54
C PHE G 499 -55.47 -24.15 -22.17
N VAL G 500 -54.56 -23.19 -22.00
CA VAL G 500 -53.78 -23.05 -20.77
C VAL G 500 -54.22 -21.76 -20.08
N THR G 501 -54.53 -21.87 -18.80
CA THR G 501 -54.95 -20.74 -17.99
C THR G 501 -54.18 -20.75 -16.69
N GLY G 502 -53.95 -19.58 -16.12
CA GLY G 502 -53.27 -19.50 -14.84
C GLY G 502 -53.16 -18.06 -14.38
N ASP G 503 -52.82 -17.90 -13.11
CA ASP G 503 -52.71 -16.59 -12.48
C ASP G 503 -51.25 -16.25 -12.27
N ALA G 504 -50.82 -15.12 -12.82
CA ALA G 504 -49.49 -14.61 -12.53
C ALA G 504 -49.50 -13.79 -11.25
N VAL G 505 -50.33 -12.75 -11.22
CA VAL G 505 -50.52 -11.93 -10.02
C VAL G 505 -52.00 -11.77 -9.77
N PRO G 506 -52.52 -12.24 -8.65
CA PRO G 506 -53.96 -12.09 -8.36
C PRO G 506 -54.33 -10.63 -8.16
N ALA G 507 -55.63 -10.39 -8.04
CA ALA G 507 -56.13 -9.03 -7.97
C ALA G 507 -55.68 -8.34 -6.69
N ILE G 508 -55.08 -7.17 -6.86
CA ILE G 508 -54.59 -6.36 -5.74
C ILE G 508 -55.42 -5.09 -5.63
N PRO G 509 -56.02 -4.81 -4.47
CA PRO G 509 -56.82 -3.59 -4.33
C PRO G 509 -55.97 -2.40 -3.90
N PHE G 510 -56.41 -1.22 -4.33
CA PHE G 510 -55.79 0.03 -3.92
C PHE G 510 -56.89 1.00 -3.55
N GLN G 511 -56.89 1.47 -2.31
CA GLN G 511 -57.90 2.40 -1.82
C GLN G 511 -57.25 3.77 -1.67
N HIS G 512 -57.46 4.63 -2.65
CA HIS G 512 -56.88 5.95 -2.63
C HIS G 512 -57.53 6.80 -1.54
N PRO G 513 -56.79 7.72 -0.94
CA PRO G 513 -57.37 8.57 0.12
C PRO G 513 -58.40 9.51 -0.45
N THR G 514 -59.31 9.93 0.43
CA THR G 514 -60.31 10.91 0.05
C THR G 514 -59.65 12.21 -0.38
N THR G 515 -60.21 12.82 -1.41
CA THR G 515 -59.63 13.96 -2.09
C THR G 515 -60.45 15.22 -1.84
N PRO G 516 -59.92 16.39 -2.15
CA PRO G 516 -60.77 17.57 -2.20
C PRO G 516 -61.90 17.33 -3.19
N ALA G 517 -63.06 17.91 -2.89
CA ALA G 517 -64.36 17.63 -3.50
C ALA G 517 -64.91 16.29 -3.01
N LEU G 518 -64.24 15.63 -2.07
CA LEU G 518 -64.81 14.53 -1.30
C LEU G 518 -65.25 13.38 -2.19
N VAL G 519 -64.27 12.75 -2.85
CA VAL G 519 -64.52 11.62 -3.73
C VAL G 519 -63.62 10.46 -3.30
N ASN G 520 -64.19 9.26 -3.24
CA ASN G 520 -63.47 8.05 -2.89
C ASN G 520 -63.37 7.15 -4.11
N ARG G 521 -62.19 6.58 -4.33
CA ARG G 521 -61.92 5.77 -5.51
C ARG G 521 -61.08 4.57 -5.14
N THR G 522 -61.48 3.40 -5.61
CA THR G 522 -60.73 2.17 -5.42
C THR G 522 -60.46 1.53 -6.78
N THR G 523 -59.26 1.01 -6.96
CA THR G 523 -58.86 0.40 -8.21
C THR G 523 -58.37 -1.02 -7.97
N LEU G 524 -58.58 -1.88 -8.96
CA LEU G 524 -58.06 -3.24 -8.93
C LEU G 524 -57.08 -3.42 -10.07
N TRP G 525 -56.17 -4.38 -9.91
CA TRP G 525 -55.16 -4.65 -10.92
C TRP G 525 -54.63 -6.06 -10.71
N GLY G 526 -54.12 -6.64 -11.80
CA GLY G 526 -53.60 -8.00 -11.73
C GLY G 526 -53.16 -8.45 -13.09
N SER G 527 -52.81 -9.74 -13.17
CA SER G 527 -52.39 -10.33 -14.44
C SER G 527 -52.62 -11.82 -14.40
N ALA G 528 -52.75 -12.41 -15.58
CA ALA G 528 -53.04 -13.85 -15.70
C ALA G 528 -52.71 -14.30 -17.11
N ILE G 529 -52.84 -15.60 -17.35
CA ILE G 529 -52.54 -16.21 -18.63
C ILE G 529 -53.83 -16.77 -19.21
N ASN G 530 -54.13 -16.40 -20.45
CA ASN G 530 -55.30 -16.92 -21.15
C ASN G 530 -54.95 -17.02 -22.63
N ASP G 531 -54.48 -18.18 -23.05
CA ASP G 531 -54.19 -18.41 -24.46
C ASP G 531 -54.00 -19.91 -24.70
N MET G 532 -53.80 -20.26 -25.95
CA MET G 532 -53.73 -21.65 -26.36
C MET G 532 -52.28 -22.11 -26.42
N HIS G 533 -52.08 -23.41 -26.25
CA HIS G 533 -50.74 -23.94 -26.08
C HIS G 533 -49.89 -23.67 -27.32
N PRO G 534 -48.62 -23.33 -27.15
CA PRO G 534 -47.78 -23.00 -28.32
C PRO G 534 -47.68 -24.14 -29.31
N ARG G 535 -47.64 -25.39 -28.85
CA ARG G 535 -47.59 -26.52 -29.75
C ARG G 535 -49.01 -26.94 -30.12
N ASN G 536 -49.28 -27.01 -31.42
CA ASN G 536 -50.48 -27.60 -32.01
C ASN G 536 -51.74 -27.37 -31.18
N GLY G 537 -51.91 -26.16 -30.66
CA GLY G 537 -53.02 -25.91 -29.76
C GLY G 537 -54.37 -26.08 -30.41
N ALA G 538 -54.52 -25.62 -31.66
CA ALA G 538 -55.82 -25.61 -32.30
C ALA G 538 -56.32 -26.98 -32.67
N ASP G 539 -55.45 -28.00 -32.64
CA ASP G 539 -55.86 -29.32 -33.09
C ASP G 539 -56.89 -29.96 -32.17
N TYR G 540 -57.07 -29.46 -30.96
CA TYR G 540 -58.01 -30.05 -30.03
C TYR G 540 -59.44 -29.58 -30.22
N PHE G 541 -59.69 -28.68 -31.18
CA PHE G 541 -61.01 -28.13 -31.39
C PHE G 541 -61.42 -28.32 -32.84
N THR G 542 -62.73 -28.27 -33.07
CA THR G 542 -63.27 -28.30 -34.42
C THR G 542 -64.66 -27.72 -34.40
N ARG G 543 -65.01 -26.96 -35.44
CA ARG G 543 -66.29 -26.28 -35.53
C ARG G 543 -67.22 -27.07 -36.44
N VAL G 544 -68.45 -27.29 -35.97
CA VAL G 544 -69.43 -28.09 -36.68
C VAL G 544 -70.69 -27.26 -36.88
N THR G 545 -71.23 -27.28 -38.08
CA THR G 545 -72.45 -26.55 -38.43
C THR G 545 -73.51 -27.52 -38.90
N LEU G 546 -74.69 -27.45 -38.30
CA LEU G 546 -75.84 -28.25 -38.71
C LEU G 546 -76.73 -27.44 -39.64
N THR G 547 -77.34 -28.10 -40.61
CA THR G 547 -78.10 -27.42 -41.64
C THR G 547 -79.43 -28.11 -41.89
N MET G 548 -80.44 -27.32 -42.22
CA MET G 548 -81.75 -27.80 -42.64
C MET G 548 -81.85 -27.62 -44.15
N ALA G 549 -81.42 -28.64 -44.89
CA ALA G 549 -81.40 -28.58 -46.35
C ALA G 549 -81.74 -29.96 -46.91
N LYS G 550 -83.02 -30.17 -47.22
CA LYS G 550 -83.47 -31.38 -47.88
C LYS G 550 -84.69 -31.05 -48.70
N LYS G 551 -84.78 -31.68 -49.87
CA LYS G 551 -85.87 -31.38 -50.79
C LYS G 551 -87.22 -31.71 -50.16
N GLY G 552 -87.36 -32.92 -49.63
CA GLY G 552 -88.57 -33.30 -48.93
C GLY G 552 -88.28 -33.96 -47.62
N GLY G 553 -88.73 -33.36 -46.52
CA GLY G 553 -88.44 -33.90 -45.21
C GLY G 553 -89.02 -33.01 -44.15
N LEU G 554 -88.73 -33.35 -42.90
CA LEU G 554 -89.25 -32.64 -41.75
C LEU G 554 -88.13 -31.97 -40.96
N ASN G 555 -88.40 -30.75 -40.51
CA ASN G 555 -87.56 -30.07 -39.54
C ASN G 555 -88.14 -30.39 -38.17
N PHE G 556 -87.45 -31.27 -37.42
CA PHE G 556 -87.95 -31.68 -36.11
C PHE G 556 -88.18 -30.48 -35.20
N ILE G 557 -87.38 -29.42 -35.36
CA ILE G 557 -87.67 -28.15 -34.73
C ILE G 557 -88.69 -27.42 -35.59
N SER G 558 -89.73 -26.89 -34.96
CA SER G 558 -90.83 -26.19 -35.62
C SER G 558 -91.73 -27.15 -36.38
N GLY G 559 -91.34 -28.42 -36.47
CA GLY G 559 -92.21 -29.46 -36.97
C GLY G 559 -92.81 -29.21 -38.33
N ASP G 560 -92.00 -28.72 -39.28
CA ASP G 560 -92.49 -28.29 -40.58
C ASP G 560 -91.79 -29.04 -41.69
N THR G 561 -92.56 -29.43 -42.70
CA THR G 561 -91.98 -30.00 -43.91
C THR G 561 -91.12 -28.95 -44.60
N ILE G 562 -89.90 -29.33 -44.96
CA ILE G 562 -88.92 -28.36 -45.47
C ILE G 562 -89.17 -28.19 -46.97
N ASP G 563 -89.88 -27.12 -47.32
CA ASP G 563 -90.16 -26.82 -48.76
C ASP G 563 -90.78 -28.06 -49.42
N ALA G 564 -90.37 -28.37 -50.66
CA ALA G 564 -90.92 -29.53 -51.40
C ALA G 564 -89.95 -29.95 -52.51
N SER H 135 -135.55 -82.24 76.49
CA SER H 135 -136.92 -81.76 76.62
C SER H 135 -137.40 -81.15 75.31
N ASN H 136 -138.67 -81.39 74.98
CA ASN H 136 -139.25 -80.85 73.75
C ASN H 136 -139.39 -79.34 73.77
N PHE H 137 -139.32 -78.73 74.95
CA PHE H 137 -139.37 -77.27 75.05
C PHE H 137 -138.17 -76.65 74.32
N GLN H 138 -137.00 -77.27 74.47
CA GLN H 138 -135.86 -76.91 73.64
C GLN H 138 -136.24 -76.98 72.17
N ARG H 139 -136.79 -78.12 71.75
CA ARG H 139 -137.14 -78.31 70.34
C ARG H 139 -138.03 -77.18 69.84
N LEU H 140 -138.96 -76.74 70.69
CA LEU H 140 -139.70 -75.52 70.41
C LEU H 140 -138.75 -74.37 70.09
N GLN H 141 -137.75 -74.17 70.96
CA GLN H 141 -136.85 -73.02 70.80
C GLN H 141 -136.09 -73.06 69.48
N GLU H 142 -135.38 -74.16 69.19
CA GLU H 142 -134.60 -74.13 67.95
C GLU H 142 -135.49 -74.20 66.71
N ALA H 143 -136.67 -74.82 66.80
CA ALA H 143 -137.60 -74.76 65.68
C ALA H 143 -137.92 -73.31 65.34
N LYS H 144 -138.30 -72.52 66.35
CA LYS H 144 -138.62 -71.13 66.10
C LYS H 144 -137.43 -70.36 65.54
N GLN H 145 -136.24 -70.53 66.11
CA GLN H 145 -135.15 -69.66 65.69
C GLN H 145 -134.73 -70.00 64.27
N ARG H 146 -134.78 -71.29 63.92
CA ARG H 146 -134.43 -71.69 62.55
C ARG H 146 -135.46 -71.18 61.56
N ASN H 147 -136.74 -71.21 61.92
CA ASN H 147 -137.76 -70.69 61.02
C ASN H 147 -137.54 -69.20 60.76
N ALA H 148 -137.29 -68.43 61.84
CA ALA H 148 -137.07 -67.01 61.68
C ALA H 148 -135.87 -66.72 60.78
N GLN H 149 -134.76 -67.41 61.04
CA GLN H 149 -133.54 -67.16 60.26
C GLN H 149 -133.77 -67.47 58.78
N VAL H 150 -134.40 -68.61 58.49
CA VAL H 150 -134.56 -68.99 57.09
C VAL H 150 -135.48 -68.01 56.37
N VAL H 151 -136.58 -67.56 57.01
CA VAL H 151 -137.48 -66.67 56.29
C VAL H 151 -136.84 -65.31 56.05
N ALA H 152 -136.07 -64.79 57.02
CA ALA H 152 -135.41 -63.50 56.81
C ALA H 152 -134.41 -63.58 55.67
N ALA H 153 -133.52 -64.59 55.71
CA ALA H 153 -132.55 -64.73 54.63
C ALA H 153 -133.25 -65.01 53.31
N TYR H 154 -134.45 -65.60 53.36
CA TYR H 154 -135.22 -65.84 52.15
C TYR H 154 -135.57 -64.53 51.46
N LYS H 155 -136.17 -63.59 52.20
CA LYS H 155 -136.48 -62.30 51.58
C LYS H 155 -135.22 -61.60 51.07
N SER H 156 -134.14 -61.65 51.87
CA SER H 156 -132.90 -61.00 51.42
C SER H 156 -132.44 -61.55 50.07
N ALA H 157 -132.30 -62.88 49.99
CA ALA H 157 -131.84 -63.48 48.75
C ALA H 157 -132.84 -63.29 47.61
N GLN H 158 -134.12 -63.12 47.91
CA GLN H 158 -135.10 -62.98 46.83
C GLN H 158 -135.01 -61.59 46.20
N ASN H 159 -134.73 -60.55 46.99
CA ASN H 159 -134.61 -59.24 46.35
C ASN H 159 -133.25 -59.04 45.68
N SER H 160 -132.23 -59.78 46.14
CA SER H 160 -130.91 -59.66 45.53
C SER H 160 -130.94 -59.88 44.01
N VAL H 161 -131.86 -60.73 43.53
CA VAL H 161 -131.83 -61.10 42.11
C VAL H 161 -132.20 -59.91 41.23
N SER H 162 -133.23 -59.15 41.60
CA SER H 162 -133.58 -57.96 40.84
C SER H 162 -132.52 -56.90 40.99
N PHE H 163 -131.88 -56.83 42.16
CA PHE H 163 -130.71 -55.97 42.32
C PHE H 163 -129.66 -56.27 41.24
N ASN H 164 -129.28 -57.54 41.09
CA ASN H 164 -128.31 -57.91 40.07
C ASN H 164 -128.77 -57.57 38.66
N GLN H 165 -130.04 -57.86 38.35
CA GLN H 165 -130.56 -57.55 37.02
C GLN H 165 -130.36 -56.07 36.70
N GLN H 166 -130.73 -55.20 37.64
CA GLN H 166 -130.62 -53.77 37.39
C GLN H 166 -129.17 -53.36 37.13
N GLN H 167 -128.24 -53.81 37.97
CA GLN H 167 -126.86 -53.37 37.77
C GLN H 167 -126.28 -53.87 36.44
N ILE H 168 -126.63 -55.08 36.01
CA ILE H 168 -126.07 -55.45 34.70
C ILE H 168 -126.66 -54.58 33.60
N THR H 169 -127.94 -54.20 33.71
CA THR H 169 -128.50 -53.31 32.69
C THR H 169 -127.76 -51.98 32.63
N ASP H 170 -127.48 -51.38 33.79
CA ASP H 170 -126.74 -50.12 33.79
C ASP H 170 -125.33 -50.27 33.21
N LEU H 171 -124.66 -51.38 33.50
CA LEU H 171 -123.35 -51.59 32.90
C LEU H 171 -123.43 -51.63 31.38
N ARG H 172 -124.45 -52.32 30.85
CA ARG H 172 -124.65 -52.34 29.41
C ARG H 172 -124.80 -50.93 28.84
N ALA H 173 -125.63 -50.10 29.51
CA ALA H 173 -125.85 -48.75 29.01
C ALA H 173 -124.56 -47.93 28.99
N LYS H 174 -123.77 -48.02 30.06
CA LYS H 174 -122.52 -47.28 30.13
C LYS H 174 -121.58 -47.71 29.01
N LEU H 175 -121.50 -49.01 28.75
CA LEU H 175 -120.65 -49.49 27.67
C LEU H 175 -121.11 -48.91 26.33
N ASP H 176 -122.43 -48.81 26.12
CA ASP H 176 -122.95 -48.23 24.90
C ASP H 176 -122.46 -46.79 24.71
N LYS H 177 -122.56 -46.00 25.77
CA LYS H 177 -122.09 -44.62 25.69
C LYS H 177 -120.62 -44.55 25.29
N GLU H 178 -119.80 -45.36 25.96
CA GLU H 178 -118.36 -45.30 25.69
C GLU H 178 -118.03 -45.69 24.26
N THR H 179 -118.67 -46.75 23.74
CA THR H 179 -118.34 -47.15 22.38
C THR H 179 -118.81 -46.10 21.36
N GLY H 180 -119.90 -45.39 21.66
CA GLY H 180 -120.26 -44.28 20.78
C GLY H 180 -119.16 -43.24 20.69
N ARG H 181 -118.62 -42.84 21.85
CA ARG H 181 -117.54 -41.86 21.82
C ARG H 181 -116.33 -42.38 21.03
N LEU H 182 -116.00 -43.66 21.22
CA LEU H 182 -114.85 -44.23 20.52
C LEU H 182 -115.08 -44.19 19.01
N ASN H 183 -116.30 -44.52 18.57
CA ASN H 183 -116.64 -44.44 17.14
C ASN H 183 -116.34 -43.07 16.59
N ASN H 184 -116.83 -42.03 17.26
CA ASN H 184 -116.63 -40.67 16.76
C ASN H 184 -115.14 -40.36 16.64
N GLU H 185 -114.37 -40.75 17.67
CA GLU H 185 -112.94 -40.45 17.65
C GLU H 185 -112.23 -41.13 16.50
N LYS H 186 -112.52 -42.41 16.25
CA LYS H 186 -111.86 -43.09 15.13
C LYS H 186 -112.19 -42.42 13.81
N ALA H 187 -113.46 -42.03 13.62
CA ALA H 187 -113.83 -41.37 12.37
C ALA H 187 -112.99 -40.12 12.14
N ARG H 188 -112.89 -39.27 13.16
CA ARG H 188 -112.12 -38.04 12.99
C ARG H 188 -110.66 -38.34 12.72
N ASN H 189 -110.10 -39.33 13.42
CA ASN H 189 -108.68 -39.66 13.24
C ASN H 189 -108.39 -40.08 11.81
N GLY H 190 -109.21 -40.99 11.27
CA GLY H 190 -108.98 -41.45 9.91
C GLY H 190 -109.09 -40.34 8.90
N GLU H 191 -110.12 -39.50 9.04
CA GLU H 191 -110.29 -38.41 8.08
C GLU H 191 -109.08 -37.47 8.12
N LEU H 192 -108.58 -37.17 9.32
CA LEU H 192 -107.46 -36.24 9.41
C LEU H 192 -106.17 -36.84 8.87
N LYS H 193 -105.96 -38.16 9.05
CA LYS H 193 -104.80 -38.78 8.39
C LYS H 193 -104.90 -38.66 6.89
N ARG H 194 -106.10 -38.88 6.33
CA ARG H 194 -106.25 -38.74 4.89
C ARG H 194 -105.90 -37.33 4.44
N ARG H 195 -106.34 -36.32 5.20
CA ARG H 195 -106.03 -34.93 4.82
C ARG H 195 -104.51 -34.68 4.85
N LEU H 196 -103.83 -35.18 5.87
CA LEU H 196 -102.38 -34.99 5.91
C LEU H 196 -101.71 -35.67 4.72
N LYS H 197 -102.12 -36.90 4.41
CA LYS H 197 -101.54 -37.59 3.26
C LYS H 197 -101.76 -36.81 1.98
N GLN H 198 -102.95 -36.23 1.83
CA GLN H 198 -103.22 -35.38 0.66
C GLN H 198 -102.27 -34.20 0.61
N LEU H 199 -102.05 -33.54 1.76
CA LEU H 199 -101.23 -32.33 1.75
C LEU H 199 -99.77 -32.63 1.45
N LYS H 200 -99.21 -33.64 2.10
CA LYS H 200 -97.77 -33.87 2.00
C LYS H 200 -97.35 -34.34 0.61
N ALA H 201 -98.29 -34.84 -0.18
CA ALA H 201 -97.95 -35.45 -1.46
C ALA H 201 -97.32 -34.44 -2.41
N GLY H 202 -96.30 -34.90 -3.14
CA GLY H 202 -95.64 -34.08 -4.14
C GLY H 202 -94.71 -33.03 -3.61
N ASN H 203 -94.45 -33.01 -2.31
CA ASN H 203 -93.56 -32.03 -1.68
C ASN H 203 -94.03 -30.60 -1.94
N ILE I 70 -149.50 -107.19 108.18
CA ILE I 70 -150.94 -107.28 108.00
C ILE I 70 -151.32 -108.62 107.38
N SER I 71 -150.51 -109.08 106.43
CA SER I 71 -150.86 -110.26 105.65
C SER I 71 -149.62 -111.10 105.40
N SER I 72 -149.83 -112.40 105.23
CA SER I 72 -148.76 -113.30 104.87
C SER I 72 -148.42 -113.16 103.39
N THR I 73 -147.11 -113.22 103.10
CA THR I 73 -146.60 -112.79 101.80
C THR I 73 -147.31 -113.46 100.64
N ARG I 74 -147.62 -114.74 100.75
CA ARG I 74 -148.31 -115.45 99.69
C ARG I 74 -149.60 -116.11 100.16
N LEU I 75 -150.00 -115.94 101.42
CA LEU I 75 -151.20 -116.57 101.92
C LEU I 75 -152.38 -115.62 102.01
N GLN I 76 -152.13 -114.32 102.20
CA GLN I 76 -153.20 -113.36 102.41
C GLN I 76 -153.13 -112.13 101.51
N LEU I 77 -152.09 -112.00 100.68
CA LEU I 77 -152.00 -110.83 99.80
C LEU I 77 -153.19 -110.74 98.86
N HIS I 78 -153.54 -111.85 98.20
CA HIS I 78 -154.66 -111.81 97.26
C HIS I 78 -155.94 -111.35 97.95
N ARG I 79 -156.25 -111.94 99.11
CA ARG I 79 -157.45 -111.57 99.84
C ARG I 79 -157.39 -110.11 100.29
N THR I 80 -156.25 -109.68 100.83
CA THR I 80 -156.12 -108.32 101.32
C THR I 80 -156.32 -107.31 100.20
N MET I 81 -155.67 -107.52 99.07
CA MET I 81 -155.80 -106.59 97.96
C MET I 81 -157.18 -106.59 97.35
N GLN I 82 -157.85 -107.74 97.24
CA GLN I 82 -159.20 -107.71 96.69
C GLN I 82 -160.15 -106.99 97.65
N ALA I 83 -160.02 -107.22 98.95
CA ALA I 83 -160.87 -106.52 99.91
C ALA I 83 -160.62 -105.02 99.85
N PHE I 84 -159.35 -104.62 99.77
CA PHE I 84 -159.02 -103.20 99.76
C PHE I 84 -159.52 -102.56 98.47
N VAL I 85 -159.42 -103.26 97.34
CA VAL I 85 -159.87 -102.68 96.07
C VAL I 85 -161.38 -102.56 96.02
N ARG I 86 -162.11 -103.52 96.61
CA ARG I 86 -163.56 -103.32 96.67
C ARG I 86 -163.94 -102.24 97.67
N ALA I 87 -163.15 -102.04 98.72
CA ALA I 87 -163.36 -100.89 99.58
C ALA I 87 -163.24 -99.59 98.79
N LEU I 88 -162.21 -99.51 97.93
CA LEU I 88 -162.11 -98.38 97.01
C LEU I 88 -163.36 -98.26 96.15
N ASN I 89 -163.73 -99.34 95.47
CA ASN I 89 -164.84 -99.28 94.52
C ASN I 89 -166.13 -98.84 95.21
N GLN I 90 -166.30 -99.21 96.48
CA GLN I 90 -167.41 -98.68 97.27
C GLN I 90 -167.24 -97.18 97.47
N LYS I 91 -166.07 -96.74 97.92
CA LYS I 91 -165.91 -95.34 98.29
C LYS I 91 -165.59 -94.45 97.08
N LEU I 92 -165.55 -95.00 95.87
CA LEU I 92 -165.33 -94.25 94.64
C LEU I 92 -166.58 -94.28 93.76
N ASN I 93 -167.75 -94.45 94.36
CA ASN I 93 -168.94 -94.78 93.58
C ASN I 93 -169.46 -93.56 92.80
N GLY I 94 -169.50 -92.39 93.46
CA GLY I 94 -170.10 -91.22 92.82
C GLY I 94 -169.34 -90.78 91.59
N THR I 95 -168.02 -90.69 91.69
CA THR I 95 -167.20 -90.26 90.56
C THR I 95 -166.99 -91.43 89.59
N GLY I 96 -167.00 -91.09 88.30
CA GLY I 96 -166.92 -92.11 87.25
C GLY I 96 -165.66 -92.95 87.27
N ILE I 97 -164.61 -92.51 87.96
CA ILE I 97 -163.38 -93.28 88.03
C ILE I 97 -163.62 -94.60 88.75
N SER I 98 -163.11 -95.69 88.17
CA SER I 98 -163.24 -97.02 88.75
C SER I 98 -161.85 -97.64 88.89
N ALA I 99 -161.76 -98.63 89.77
CA ALA I 99 -160.50 -99.31 90.06
C ALA I 99 -160.62 -100.79 89.70
N GLY I 100 -159.67 -101.27 88.91
CA GLY I 100 -159.64 -102.67 88.55
C GLY I 100 -158.58 -102.92 87.50
N SER I 101 -158.31 -104.20 87.28
CA SER I 101 -157.26 -104.63 86.37
C SER I 101 -157.85 -105.59 85.34
N ASP I 102 -157.52 -105.38 84.06
CA ASP I 102 -158.12 -106.14 82.98
C ASP I 102 -157.41 -107.45 82.68
N LYS I 103 -156.33 -107.77 83.39
CA LYS I 103 -155.61 -109.01 83.11
C LYS I 103 -156.42 -110.21 83.58
N THR I 104 -156.60 -111.19 82.67
CA THR I 104 -157.37 -112.39 83.00
C THR I 104 -156.51 -113.61 82.69
N GLY I 105 -155.68 -114.00 83.65
CA GLY I 105 -154.98 -115.27 83.57
C GLY I 105 -154.19 -115.44 82.28
N ASP I 106 -154.35 -116.60 81.66
CA ASP I 106 -153.65 -116.94 80.43
C ASP I 106 -154.63 -117.68 79.52
N VAL I 107 -154.11 -118.33 78.49
CA VAL I 107 -154.96 -118.99 77.51
C VAL I 107 -155.82 -120.08 78.16
N ALA I 108 -155.21 -120.86 79.05
CA ALA I 108 -155.96 -121.90 79.73
C ALA I 108 -156.91 -121.31 80.75
N GLN I 109 -158.20 -121.62 80.60
CA GLN I 109 -159.25 -121.04 81.43
C GLN I 109 -159.79 -122.13 82.35
N SER I 110 -159.14 -122.29 83.49
CA SER I 110 -159.61 -123.18 84.54
C SER I 110 -160.41 -122.39 85.57
N GLY I 111 -161.34 -123.06 86.23
CA GLY I 111 -162.19 -122.40 87.20
C GLY I 111 -161.43 -121.96 88.43
N ALA I 112 -162.15 -121.26 89.31
CA ALA I 112 -161.62 -120.75 90.57
C ALA I 112 -160.46 -119.78 90.32
N ARG I 113 -160.78 -118.69 89.62
CA ARG I 113 -159.83 -117.62 89.34
C ARG I 113 -160.37 -116.30 89.87
N ALA I 114 -159.49 -115.47 90.40
CA ALA I 114 -159.85 -114.14 90.89
C ALA I 114 -159.60 -113.15 89.76
N ILE I 115 -160.66 -112.86 89.00
CA ILE I 115 -160.50 -112.05 87.79
C ILE I 115 -160.11 -110.62 88.15
N GLY I 116 -160.83 -110.01 89.10
CA GLY I 116 -160.62 -108.63 89.45
C GLY I 116 -159.78 -108.50 90.71
N GLY I 117 -158.85 -107.56 90.68
CA GLY I 117 -158.02 -107.30 91.84
C GLY I 117 -156.72 -106.61 91.43
N ALA I 118 -155.89 -106.38 92.43
CA ALA I 118 -154.58 -105.78 92.19
C ALA I 118 -153.59 -106.83 91.71
N GLU I 119 -152.43 -106.36 91.26
CA GLU I 119 -151.39 -107.22 90.75
C GLU I 119 -150.14 -107.10 91.62
N ILE I 120 -149.39 -108.20 91.71
CA ILE I 120 -148.21 -108.30 92.57
C ILE I 120 -146.99 -108.50 91.68
N GLY I 121 -145.98 -107.65 91.89
CA GLY I 121 -144.76 -107.72 91.10
C GLY I 121 -143.65 -108.48 91.80
N ARG I 122 -142.49 -108.53 91.13
CA ARG I 122 -141.33 -109.19 91.69
C ARG I 122 -140.73 -108.36 92.82
N ALA I 123 -140.24 -109.04 93.85
CA ALA I 123 -139.64 -108.36 94.99
C ALA I 123 -138.33 -107.69 94.59
N ARG I 124 -137.96 -106.66 95.35
CA ARG I 124 -136.73 -105.93 95.10
C ARG I 124 -136.23 -105.34 96.42
N ASN I 125 -134.99 -104.88 96.40
CA ASN I 125 -134.34 -104.30 97.57
C ASN I 125 -133.96 -102.86 97.27
N VAL I 126 -134.29 -101.96 98.20
CA VAL I 126 -133.90 -100.56 98.07
C VAL I 126 -132.57 -100.28 98.76
N ASN I 127 -132.44 -100.68 100.02
CA ASN I 127 -131.18 -100.61 100.74
C ASN I 127 -130.96 -101.89 101.53
N GLY I 128 -131.20 -103.03 100.88
CA GLY I 128 -131.09 -104.31 101.53
C GLY I 128 -132.35 -104.83 102.17
N LEU I 129 -133.43 -104.05 102.16
CA LEU I 129 -134.70 -104.48 102.72
C LEU I 129 -135.60 -105.01 101.63
N PRO I 130 -136.18 -106.20 101.79
CA PRO I 130 -137.11 -106.72 100.78
C PRO I 130 -138.30 -105.79 100.60
N VAL I 131 -138.67 -105.54 99.36
CA VAL I 131 -139.80 -104.69 99.01
C VAL I 131 -140.66 -105.42 97.99
N LEU I 132 -141.96 -105.57 98.32
CA LEU I 132 -142.91 -106.25 97.40
C LEU I 132 -143.92 -105.22 96.87
N PRO I 133 -144.04 -105.02 95.54
CA PRO I 133 -144.93 -104.01 94.99
C PRO I 133 -146.35 -104.46 94.67
N ALA I 134 -147.34 -103.60 94.96
CA ALA I 134 -148.75 -103.90 94.62
C ALA I 134 -149.29 -102.76 93.77
N ILE I 135 -149.53 -102.99 92.47
CA ILE I 135 -149.93 -101.89 91.60
C ILE I 135 -151.41 -102.05 91.30
N ILE I 136 -152.19 -101.00 91.61
CA ILE I 136 -153.67 -101.05 91.39
C ILE I 136 -154.02 -100.06 90.27
N PRO I 137 -154.46 -100.54 89.08
CA PRO I 137 -154.79 -99.65 87.98
C PRO I 137 -156.14 -98.96 88.21
N LEU I 138 -156.15 -97.63 88.15
CA LEU I 138 -157.44 -96.89 88.28
C LEU I 138 -157.83 -96.38 86.88
N SER I 139 -159.09 -95.98 86.71
CA SER I 139 -159.54 -95.51 85.41
C SER I 139 -158.84 -94.21 85.05
N ASP I 140 -158.88 -93.88 83.76
CA ASP I 140 -158.35 -92.64 83.19
C ASP I 140 -156.81 -92.67 83.16
N GLY I 141 -156.21 -93.71 83.76
CA GLY I 141 -154.78 -93.95 83.66
C GLY I 141 -154.05 -93.90 84.99
N GLN I 142 -154.64 -93.26 85.99
CA GLN I 142 -153.97 -93.15 87.28
C GLN I 142 -153.76 -94.52 87.91
N THR I 143 -152.70 -94.63 88.71
CA THR I 143 -152.33 -95.87 89.37
C THR I 143 -152.07 -95.61 90.84
N ILE I 144 -152.56 -96.49 91.70
CA ILE I 144 -152.27 -96.46 93.13
C ILE I 144 -151.41 -97.67 93.43
N SER I 145 -150.22 -97.44 93.97
CA SER I 145 -149.28 -98.51 94.26
C SER I 145 -148.87 -98.46 95.73
N ILE I 146 -148.83 -99.63 96.35
CA ILE I 146 -148.46 -99.76 97.76
C ILE I 146 -147.30 -100.75 97.85
N LEU I 147 -146.30 -100.40 98.65
CA LEU I 147 -145.12 -101.24 98.85
C LEU I 147 -145.13 -101.82 100.25
N PHE I 148 -144.68 -103.06 100.37
CA PHE I 148 -144.70 -103.78 101.63
C PHE I 148 -143.28 -104.09 102.10
N HIS I 149 -143.12 -104.24 103.41
CA HIS I 149 -141.86 -104.63 104.02
C HIS I 149 -142.11 -105.69 105.07
N SER I 150 -141.16 -106.61 105.22
CA SER I 150 -141.25 -107.68 106.22
C SER I 150 -140.09 -107.57 107.19
N PRO I 151 -140.31 -107.09 108.42
CA PRO I 151 -139.22 -107.01 109.38
C PRO I 151 -138.97 -108.30 110.15
N THR I 152 -139.95 -109.18 110.23
CA THR I 152 -139.82 -110.37 111.08
C THR I 152 -138.80 -111.34 110.53
N ALA I 153 -138.84 -111.61 109.23
CA ALA I 153 -137.98 -112.61 108.60
C ALA I 153 -136.93 -111.95 107.73
N GLU I 154 -135.76 -112.60 107.66
CA GLU I 154 -134.60 -112.15 106.92
C GLU I 154 -134.48 -112.95 105.61
N ASN I 155 -133.36 -112.76 104.91
CA ASN I 155 -133.04 -113.49 103.68
C ASN I 155 -134.10 -113.16 102.63
N ARG I 156 -134.61 -114.13 101.90
CA ARG I 156 -135.64 -113.89 100.89
C ARG I 156 -137.00 -113.75 101.56
N ILE I 157 -137.94 -113.16 100.83
CA ILE I 157 -139.28 -112.94 101.37
C ILE I 157 -139.98 -114.26 101.64
N THR I 158 -139.73 -115.27 100.81
CA THR I 158 -140.33 -116.60 100.92
C THR I 158 -141.84 -116.55 101.13
N ASN I 159 -142.33 -117.36 102.07
CA ASN I 159 -143.77 -117.50 102.31
C ASN I 159 -144.01 -117.60 103.80
N SER I 160 -145.29 -117.56 104.17
CA SER I 160 -145.72 -117.68 105.57
C SER I 160 -145.03 -116.65 106.46
N ASP I 161 -144.87 -115.43 105.94
CA ASP I 161 -144.23 -114.35 106.66
C ASP I 161 -145.16 -113.14 106.67
N THR I 162 -145.19 -112.42 107.78
CA THR I 162 -146.03 -111.23 107.85
C THR I 162 -145.47 -110.12 106.96
N LEU I 163 -146.38 -109.32 106.40
CA LEU I 163 -146.01 -108.15 105.62
C LEU I 163 -146.71 -106.93 106.19
N VAL I 164 -146.02 -105.80 106.19
CA VAL I 164 -146.52 -104.57 106.77
C VAL I 164 -146.55 -103.50 105.70
N ALA I 165 -147.68 -102.83 105.54
CA ALA I 165 -147.81 -101.74 104.59
C ALA I 165 -147.25 -100.46 105.20
N PHE I 166 -146.33 -99.81 104.49
CA PHE I 166 -145.67 -98.62 105.00
C PHE I 166 -145.71 -97.43 104.05
N GLN I 167 -145.62 -97.63 102.74
CA GLN I 167 -145.51 -96.53 101.79
C GLN I 167 -146.67 -96.60 100.80
N PHE I 168 -147.38 -95.49 100.66
CA PHE I 168 -148.46 -95.36 99.68
C PHE I 168 -148.02 -94.40 98.59
N LEU I 169 -148.23 -94.81 97.34
CA LEU I 169 -147.86 -93.99 96.19
C LEU I 169 -149.04 -93.83 95.27
N LEU I 170 -149.33 -92.59 94.89
CA LEU I 170 -150.35 -92.27 93.90
C LEU I 170 -149.69 -91.48 92.78
N ASN I 171 -149.70 -92.03 91.57
CA ASN I 171 -149.08 -91.38 90.41
C ASN I 171 -147.62 -91.06 90.65
N LYS I 172 -146.90 -92.01 91.25
CA LYS I 172 -145.47 -91.98 91.51
C LYS I 172 -145.06 -91.01 92.60
N LYS I 173 -145.97 -90.23 93.15
CA LYS I 173 -145.66 -89.31 94.23
C LYS I 173 -146.18 -89.86 95.55
N ASP I 174 -145.49 -89.53 96.63
CA ASP I 174 -145.83 -90.08 97.94
C ASP I 174 -147.04 -89.38 98.53
N VAL I 175 -147.90 -90.17 99.16
CA VAL I 175 -149.09 -89.65 99.83
C VAL I 175 -149.19 -90.25 101.23
N THR I 176 -148.11 -90.91 101.68
CA THR I 176 -148.16 -91.61 102.96
C THR I 176 -148.38 -90.64 104.12
N HIS I 177 -147.71 -89.49 104.08
CA HIS I 177 -147.76 -88.56 105.22
C HIS I 177 -149.16 -87.99 105.45
N THR I 178 -150.02 -87.99 104.43
CA THR I 178 -151.37 -87.45 104.58
C THR I 178 -152.45 -88.50 104.52
N VAL I 179 -152.29 -89.54 103.71
CA VAL I 179 -153.31 -90.58 103.64
C VAL I 179 -153.36 -91.38 104.94
N ALA I 180 -152.20 -91.83 105.42
CA ALA I 180 -152.12 -92.64 106.63
C ALA I 180 -151.03 -92.11 107.55
N PRO I 181 -151.28 -90.97 108.21
CA PRO I 181 -150.35 -90.50 109.24
C PRO I 181 -150.65 -91.19 110.57
N MET I 182 -149.61 -91.66 111.24
CA MET I 182 -149.77 -92.36 112.52
C MET I 182 -150.14 -91.34 113.59
N SER I 183 -151.38 -91.39 114.05
CA SER I 183 -151.87 -90.55 115.12
C SER I 183 -152.55 -91.43 116.17
N GLY I 184 -152.04 -91.42 117.40
CA GLY I 184 -152.58 -92.27 118.42
C GLY I 184 -152.32 -93.74 118.20
N ARG I 185 -151.28 -94.09 117.44
CA ARG I 185 -150.82 -95.44 117.16
C ARG I 185 -151.81 -96.27 116.35
N ASP I 186 -152.71 -95.63 115.59
CA ASP I 186 -153.70 -96.38 114.82
C ASP I 186 -154.08 -95.57 113.58
N MET I 187 -154.67 -96.27 112.61
CA MET I 187 -155.23 -95.62 111.43
C MET I 187 -156.16 -96.60 110.74
N THR I 188 -157.40 -96.20 110.52
CA THR I 188 -158.39 -97.11 109.95
C THR I 188 -158.22 -97.23 108.43
N LEU I 189 -158.83 -98.29 107.89
CA LEU I 189 -158.75 -98.53 106.45
C LEU I 189 -159.64 -97.56 105.67
N ALA I 190 -160.86 -97.33 106.16
CA ALA I 190 -161.82 -96.53 105.41
C ALA I 190 -161.32 -95.11 105.18
N GLN I 191 -160.69 -94.52 106.20
CA GLN I 191 -160.14 -93.18 106.06
C GLN I 191 -159.02 -93.14 105.02
N VAL I 192 -158.15 -94.16 105.03
CA VAL I 192 -157.12 -94.28 104.00
C VAL I 192 -157.76 -94.30 102.62
N THR I 193 -158.80 -95.12 102.46
CA THR I 193 -159.46 -95.25 101.16
C THR I 193 -160.06 -93.92 100.70
N MET I 194 -160.77 -93.23 101.61
CA MET I 194 -161.45 -92.01 101.21
C MET I 194 -160.45 -90.91 100.88
N LYS I 195 -159.37 -90.81 101.65
CA LYS I 195 -158.33 -89.84 101.33
C LYS I 195 -157.71 -90.13 99.97
N LEU I 196 -157.46 -91.41 99.68
CA LEU I 196 -156.92 -91.76 98.37
C LEU I 196 -157.89 -91.38 97.25
N ALA I 197 -159.19 -91.62 97.46
CA ALA I 197 -160.18 -91.28 96.45
C ALA I 197 -160.18 -89.78 96.16
N ASN I 198 -160.19 -88.98 97.23
CA ASN I 198 -160.17 -87.53 97.05
C ASN I 198 -158.91 -87.09 96.32
N LEU I 199 -157.75 -87.60 96.73
CA LEU I 199 -156.53 -87.18 96.04
C LEU I 199 -156.56 -87.57 94.57
N ALA I 200 -157.09 -88.76 94.27
CA ALA I 200 -157.11 -89.22 92.88
C ALA I 200 -157.99 -88.33 92.02
N GLU I 201 -159.23 -88.08 92.46
CA GLU I 201 -160.12 -87.31 91.58
C GLU I 201 -159.75 -85.84 91.60
N LYS I 202 -158.94 -85.41 92.58
CA LYS I 202 -158.37 -84.07 92.51
C LYS I 202 -157.29 -83.99 91.44
N ASN I 203 -156.42 -85.01 91.36
CA ASN I 203 -155.31 -84.97 90.43
C ASN I 203 -155.72 -85.22 88.98
N SER I 204 -156.88 -85.87 88.78
CA SER I 204 -157.26 -86.32 87.43
C SER I 204 -157.21 -85.20 86.39
N ALA I 205 -157.57 -83.97 86.78
CA ALA I 205 -157.67 -82.88 85.81
C ALA I 205 -156.33 -82.59 85.14
N LYS I 206 -155.32 -82.24 85.93
CA LYS I 206 -154.00 -81.99 85.34
C LYS I 206 -153.41 -83.27 84.76
N PHE I 207 -153.75 -84.42 85.36
CA PHE I 207 -153.27 -85.69 84.85
C PHE I 207 -153.72 -85.89 83.41
N GLN I 208 -154.91 -85.41 83.06
CA GLN I 208 -155.37 -85.56 81.68
C GLN I 208 -154.95 -84.38 80.81
N ARG I 209 -154.73 -83.20 81.39
CA ARG I 209 -154.32 -82.05 80.57
C ARG I 209 -152.88 -82.19 80.07
N ALA I 210 -152.03 -82.90 80.83
CA ALA I 210 -150.64 -83.05 80.42
C ALA I 210 -150.53 -83.77 79.07
N GLN I 211 -151.33 -84.82 78.86
CA GLN I 211 -151.25 -85.55 77.61
C GLN I 211 -151.62 -84.66 76.43
N LYS I 212 -152.66 -83.85 76.59
CA LYS I 212 -153.08 -82.95 75.51
C LYS I 212 -151.98 -81.96 75.17
N LYS I 213 -151.35 -81.37 76.19
CA LYS I 213 -150.27 -80.42 75.89
C LYS I 213 -149.11 -81.12 75.17
N LYS I 214 -148.77 -82.35 75.57
CA LYS I 214 -147.72 -83.09 74.87
C LYS I 214 -148.06 -83.28 73.40
N LYS I 215 -149.28 -83.75 73.12
CA LYS I 215 -149.66 -84.04 71.73
C LYS I 215 -149.64 -82.77 70.88
N ALA I 216 -150.14 -81.67 71.44
CA ALA I 216 -150.13 -80.41 70.70
C ALA I 216 -148.71 -79.97 70.39
N LEU I 217 -147.81 -80.10 71.36
CA LEU I 217 -146.42 -79.72 71.13
C LEU I 217 -145.82 -80.54 70.00
N VAL I 218 -146.06 -81.85 70.00
CA VAL I 218 -145.51 -82.71 68.96
C VAL I 218 -146.01 -82.28 67.58
N ASP I 219 -147.32 -82.02 67.47
CA ASP I 219 -147.89 -81.66 66.18
C ASP I 219 -147.30 -80.36 65.65
N GLU I 220 -147.25 -79.33 66.49
CA GLU I 220 -146.73 -78.05 66.02
C GLU I 220 -145.25 -78.17 65.66
N ILE I 221 -144.50 -78.98 66.42
CA ILE I 221 -143.09 -79.17 66.12
C ILE I 221 -142.91 -79.75 64.73
N THR I 222 -143.66 -80.81 64.41
CA THR I 222 -143.48 -81.44 63.11
C THR I 222 -143.88 -80.49 61.98
N GLN I 223 -144.96 -79.72 62.17
CA GLN I 223 -145.35 -78.79 61.11
C GLN I 223 -144.27 -77.76 60.86
N LEU I 224 -143.74 -77.15 61.93
CA LEU I 224 -142.73 -76.12 61.77
C LEU I 224 -141.47 -76.67 61.12
N GLN I 225 -141.03 -77.85 61.53
CA GLN I 225 -139.81 -78.42 60.96
C GLN I 225 -139.98 -78.71 59.47
N ALA I 226 -141.13 -79.26 59.07
CA ALA I 226 -141.37 -79.51 57.66
C ALA I 226 -141.32 -78.22 56.85
N ASP I 227 -141.97 -77.16 57.36
CA ASP I 227 -141.95 -75.89 56.64
C ASP I 227 -140.54 -75.35 56.49
N SER I 228 -139.74 -75.40 57.56
CA SER I 228 -138.38 -74.86 57.50
C SER I 228 -137.52 -75.64 56.51
N ASP I 229 -137.64 -76.97 56.51
CA ASP I 229 -136.86 -77.76 55.57
C ASP I 229 -137.22 -77.44 54.13
N GLN I 230 -138.52 -77.28 53.86
CA GLN I 230 -138.92 -76.88 52.51
C GLN I 230 -138.34 -75.53 52.14
N LYS I 231 -138.32 -74.60 53.10
CA LYS I 231 -137.79 -73.26 52.82
C LYS I 231 -136.31 -73.34 52.44
N GLU I 232 -135.53 -74.13 53.15
CA GLU I 232 -134.10 -74.23 52.80
C GLU I 232 -133.91 -74.93 51.45
N ASP I 233 -134.73 -75.94 51.16
CA ASP I 233 -134.68 -76.56 49.85
C ASP I 233 -134.91 -75.53 48.75
N ALA I 234 -135.83 -74.60 48.99
CA ALA I 234 -135.98 -73.46 48.08
C ALA I 234 -134.71 -72.61 48.04
N MET I 235 -134.09 -72.39 49.21
CA MET I 235 -132.89 -71.56 49.31
C MET I 235 -131.80 -71.98 48.34
N SER I 236 -131.60 -73.29 48.18
CA SER I 236 -130.33 -73.85 47.69
C SER I 236 -129.54 -73.03 46.65
N ASP I 237 -130.14 -72.65 45.51
CA ASP I 237 -129.37 -72.28 44.31
C ASP I 237 -129.08 -70.79 44.14
N LEU I 238 -129.55 -69.95 45.06
CA LEU I 238 -129.41 -68.51 44.88
C LEU I 238 -127.94 -68.07 44.89
N ALA I 239 -127.09 -68.80 45.62
CA ALA I 239 -125.66 -68.49 45.64
C ALA I 239 -125.04 -68.67 44.25
N ASP I 240 -125.40 -69.75 43.56
CA ASP I 240 -124.90 -69.98 42.21
C ASP I 240 -125.37 -68.88 41.28
N GLN I 241 -126.64 -68.48 41.41
CA GLN I 241 -127.12 -67.38 40.58
C GLN I 241 -126.31 -66.10 40.81
N VAL I 242 -126.04 -65.79 42.08
CA VAL I 242 -125.27 -64.60 42.41
C VAL I 242 -123.85 -64.69 41.82
N ALA I 243 -123.25 -65.87 41.89
CA ALA I 243 -121.90 -66.04 41.36
C ALA I 243 -121.86 -65.78 39.86
N ALA I 244 -122.83 -66.32 39.12
CA ALA I 244 -122.89 -66.05 37.68
C ALA I 244 -123.00 -64.56 37.42
N VAL I 245 -123.86 -63.88 38.18
CA VAL I 245 -124.00 -62.43 38.01
C VAL I 245 -122.67 -61.72 38.21
N GLU I 246 -121.95 -62.10 39.27
CA GLU I 246 -120.68 -61.44 39.56
C GLU I 246 -119.68 -61.63 38.44
N GLY I 247 -119.66 -62.84 37.85
CA GLY I 247 -118.79 -63.06 36.71
C GLY I 247 -119.09 -62.12 35.54
N GLN I 248 -120.37 -62.00 35.20
CA GLN I 248 -120.70 -61.08 34.09
C GLN I 248 -120.32 -59.65 34.44
N LYS I 249 -120.51 -59.24 35.70
CA LYS I 249 -120.18 -57.88 36.09
C LYS I 249 -118.69 -57.61 35.92
N ALA I 250 -117.85 -58.56 36.31
CA ALA I 250 -116.40 -58.38 36.14
C ALA I 250 -116.05 -58.25 34.67
N ASP I 251 -116.65 -59.09 33.82
CA ASP I 251 -116.37 -59.01 32.39
C ASP I 251 -116.70 -57.62 31.85
N LEU I 252 -117.89 -57.12 32.21
CA LEU I 252 -118.32 -55.81 31.73
C LEU I 252 -117.37 -54.71 32.19
N GLU I 253 -116.92 -54.78 33.44
CA GLU I 253 -115.99 -53.78 33.95
C GLU I 253 -114.71 -53.75 33.13
N GLN I 254 -114.17 -54.93 32.82
CA GLN I 254 -112.95 -54.98 32.02
C GLN I 254 -113.19 -54.33 30.65
N LYS I 255 -114.34 -54.64 30.03
CA LYS I 255 -114.65 -54.07 28.72
C LYS I 255 -114.66 -52.55 28.77
N ILE I 256 -115.32 -51.99 29.78
CA ILE I 256 -115.45 -50.53 29.86
C ILE I 256 -114.08 -49.89 30.03
N ASN I 257 -113.22 -50.49 30.86
CA ASN I 257 -111.90 -49.92 31.07
C ASN I 257 -111.10 -49.89 29.77
N ALA I 258 -111.13 -51.00 29.02
CA ALA I 258 -110.37 -51.05 27.77
C ALA I 258 -110.86 -49.99 26.79
N VAL I 259 -112.18 -49.86 26.64
CA VAL I 259 -112.71 -48.88 25.70
C VAL I 259 -112.28 -47.47 26.08
N ALA I 260 -112.35 -47.15 27.38
CA ALA I 260 -111.96 -45.81 27.81
C ALA I 260 -110.51 -45.50 27.46
N SER I 261 -109.60 -46.44 27.77
CA SER I 261 -108.19 -46.20 27.49
C SER I 261 -107.95 -45.98 26.00
N GLU I 262 -108.60 -46.80 25.17
CA GLU I 262 -108.47 -46.61 23.72
C GLU I 262 -108.89 -45.20 23.31
N ALA I 263 -110.02 -44.73 23.84
CA ALA I 263 -110.51 -43.40 23.46
C ALA I 263 -109.52 -42.31 23.84
N ASP I 264 -108.94 -42.39 25.05
CA ASP I 264 -108.01 -41.34 25.46
C ASP I 264 -106.78 -41.32 24.56
N SER I 265 -106.22 -42.49 24.24
CA SER I 265 -105.04 -42.51 23.38
C SER I 265 -105.37 -41.91 22.02
N LEU I 266 -106.54 -42.24 21.48
CA LEU I 266 -106.92 -41.71 20.17
C LEU I 266 -107.03 -40.19 20.21
N TYR I 267 -107.61 -39.64 21.27
CA TYR I 267 -107.75 -38.19 21.37
C TYR I 267 -106.39 -37.51 21.39
N GLU I 268 -105.45 -38.07 22.15
CA GLU I 268 -104.10 -37.49 22.19
C GLU I 268 -103.47 -37.49 20.80
N GLU I 269 -103.58 -38.62 20.09
CA GLU I 269 -103.01 -38.68 18.75
C GLU I 269 -103.63 -37.65 17.82
N ASN I 270 -104.96 -37.49 17.90
CA ASN I 270 -105.63 -36.51 17.04
C ASN I 270 -105.12 -35.11 17.29
N GLU I 271 -104.97 -34.73 18.56
CA GLU I 271 -104.51 -33.38 18.85
C GLU I 271 -103.11 -33.15 18.29
N ARG I 272 -102.20 -34.11 18.52
CA ARG I 272 -100.84 -33.94 18.01
C ARG I 272 -100.84 -33.81 16.48
N LEU I 273 -101.62 -34.65 15.81
CA LEU I 273 -101.54 -34.66 14.35
C LEU I 273 -102.20 -33.42 13.75
N GLN I 274 -103.25 -32.89 14.39
CA GLN I 274 -103.81 -31.63 13.93
C GLN I 274 -102.82 -30.48 14.09
N GLY I 275 -102.09 -30.46 15.21
CA GLY I 275 -101.05 -29.45 15.36
C GLY I 275 -100.03 -29.51 14.25
N GLU I 276 -99.57 -30.73 13.91
CA GLU I 276 -98.69 -30.88 12.77
C GLU I 276 -99.35 -30.35 11.50
N ILE I 277 -100.65 -30.58 11.33
CA ILE I 277 -101.34 -30.16 10.12
C ILE I 277 -101.24 -28.67 9.93
N ASP I 278 -101.60 -27.89 10.97
CA ASP I 278 -101.60 -26.45 10.76
C ASP I 278 -100.19 -25.91 10.63
N ARG I 279 -99.24 -26.47 11.39
CA ARG I 279 -97.86 -26.02 11.26
C ARG I 279 -97.35 -26.20 9.83
N LEU I 280 -97.66 -27.34 9.22
CA LEU I 280 -97.20 -27.58 7.86
C LEU I 280 -97.99 -26.76 6.85
N ASN I 281 -99.27 -26.52 7.12
CA ASN I 281 -100.08 -25.69 6.23
C ASN I 281 -99.56 -24.26 6.18
N ARG I 282 -98.91 -23.81 7.26
CA ARG I 282 -98.46 -22.43 7.33
C ARG I 282 -97.59 -22.05 6.12
N THR I 283 -96.62 -22.89 5.79
CA THR I 283 -95.63 -22.53 4.77
C THR I 283 -95.87 -23.16 3.41
N GLY I 284 -97.06 -23.72 3.17
CA GLY I 284 -97.34 -24.30 1.87
C GLY I 284 -96.72 -25.66 1.63
N GLY I 285 -96.39 -26.40 2.70
CA GLY I 285 -95.81 -27.72 2.54
C GLY I 285 -94.43 -27.69 1.92
N ARG I 286 -93.57 -26.81 2.42
CA ARG I 286 -92.21 -26.59 1.93
C ARG I 286 -92.19 -26.07 0.50
N ASP I 287 -93.27 -25.45 0.03
CA ASP I 287 -93.38 -24.88 -1.30
C ASP I 287 -93.14 -25.94 -2.37
N HIS I 298 -100.26 -11.27 15.49
CA HIS I 298 -99.78 -12.21 16.50
C HIS I 298 -100.04 -11.66 17.89
N SER I 299 -100.53 -10.43 17.95
CA SER I 299 -100.83 -9.75 19.20
C SER I 299 -102.35 -9.65 19.34
N ARG I 300 -102.85 -9.97 20.53
CA ARG I 300 -104.28 -10.06 20.79
C ARG I 300 -104.72 -8.82 21.55
N ALA I 301 -105.72 -8.11 21.02
CA ALA I 301 -106.19 -6.86 21.59
C ALA I 301 -107.50 -7.09 22.36
N LEU I 302 -107.52 -6.66 23.62
CA LEU I 302 -108.68 -6.83 24.49
C LEU I 302 -109.05 -5.49 25.11
N THR I 303 -110.32 -5.36 25.50
CA THR I 303 -110.83 -4.15 26.11
C THR I 303 -111.04 -4.27 27.62
N ASP I 304 -110.51 -5.31 28.26
CA ASP I 304 -110.74 -5.51 29.69
C ASP I 304 -109.69 -4.82 30.53
N ARG I 305 -110.13 -4.28 31.67
CA ARG I 305 -109.24 -3.67 32.65
C ARG I 305 -108.88 -4.68 33.73
N LEU I 306 -107.62 -4.61 34.18
CA LEU I 306 -107.12 -5.60 35.13
C LEU I 306 -107.87 -5.55 36.46
N ALA I 307 -108.22 -4.35 36.92
CA ALA I 307 -108.84 -4.21 38.23
C ALA I 307 -110.12 -5.04 38.33
N SER I 308 -110.94 -5.02 37.29
CA SER I 308 -112.19 -5.79 37.31
C SER I 308 -111.93 -7.28 37.41
N ILE I 309 -110.92 -7.78 36.69
CA ILE I 309 -110.70 -9.22 36.63
C ILE I 309 -110.25 -9.74 38.00
N LYS I 310 -109.28 -9.07 38.62
CA LYS I 310 -108.80 -9.53 39.92
C LYS I 310 -109.90 -9.44 40.97
N ASN I 311 -110.71 -8.38 40.91
CA ASN I 311 -111.82 -8.26 41.84
C ASN I 311 -112.79 -9.43 41.69
N ARG I 312 -113.10 -9.81 40.45
CA ARG I 312 -114.01 -10.93 40.24
C ARG I 312 -113.44 -12.23 40.78
N MET I 313 -112.17 -12.46 40.45
CA MET I 313 -111.51 -13.72 40.87
C MET I 313 -111.55 -13.79 42.40
N HIS I 314 -111.76 -12.69 43.13
CA HIS I 314 -111.76 -12.67 44.64
C HIS I 314 -113.20 -12.91 45.14
N MET I 315 -114.09 -12.74 44.19
CA MET I 315 -115.52 -13.01 44.48
C MET I 315 -115.91 -14.35 43.85
N ASP I 316 -115.93 -14.44 42.51
CA ASP I 316 -116.35 -15.71 41.86
C ASP I 316 -115.15 -16.37 41.15
N GLY I 317 -114.91 -17.66 41.40
CA GLY I 317 -113.86 -18.36 40.69
C GLY I 317 -113.89 -18.10 39.20
N GLU I 318 -115.07 -17.76 38.68
CA GLU I 318 -115.27 -17.64 37.25
C GLU I 318 -115.14 -16.20 36.79
N ALA I 319 -114.53 -16.00 35.63
CA ALA I 319 -114.42 -14.69 35.01
C ALA I 319 -114.43 -14.87 33.50
N THR I 320 -115.24 -14.07 32.82
CA THR I 320 -115.41 -14.13 31.37
C THR I 320 -114.84 -12.88 30.74
N LEU I 321 -113.95 -13.06 29.76
CA LEU I 321 -113.35 -11.94 29.06
C LEU I 321 -114.29 -11.48 27.95
N SER I 322 -113.83 -10.56 27.10
CA SER I 322 -114.68 -9.98 26.07
C SER I 322 -114.52 -10.63 24.70
N ASN I 323 -113.30 -11.01 24.30
CA ASN I 323 -113.13 -11.61 23.00
C ASN I 323 -113.82 -12.97 22.98
N GLY I 324 -114.78 -13.14 22.08
CA GLY I 324 -115.58 -14.35 22.07
C GLY I 324 -116.07 -14.69 23.46
N ALA I 325 -115.60 -15.82 23.97
CA ALA I 325 -115.75 -16.18 25.37
C ALA I 325 -114.54 -16.99 25.80
N SER I 326 -113.94 -16.60 26.93
CA SER I 326 -112.79 -17.32 27.47
C SER I 326 -112.91 -17.35 28.99
N MET I 327 -112.97 -18.56 29.55
CA MET I 327 -113.25 -18.74 30.96
C MET I 327 -111.96 -18.69 31.77
N LYS I 328 -112.04 -18.09 32.95
CA LYS I 328 -110.94 -18.05 33.90
C LYS I 328 -111.38 -18.70 35.20
N GLN I 329 -110.58 -19.64 35.69
CA GLN I 329 -110.91 -20.40 36.89
C GLN I 329 -109.73 -20.40 37.84
N PHE I 330 -110.02 -20.37 39.13
CA PHE I 330 -109.02 -20.57 40.17
C PHE I 330 -109.28 -21.91 40.85
N ILE I 331 -108.21 -22.60 41.22
CA ILE I 331 -108.31 -23.92 41.85
C ILE I 331 -107.40 -23.90 43.07
N GLY I 332 -107.98 -24.13 44.25
CA GLY I 332 -107.18 -24.10 45.46
C GLY I 332 -106.24 -25.28 45.57
N ASP I 333 -106.80 -26.48 45.78
CA ASP I 333 -106.02 -27.71 45.90
C ASP I 333 -104.93 -27.60 46.96
N GLY I 334 -103.97 -28.53 46.94
CA GLY I 334 -102.79 -28.40 47.78
C GLY I 334 -101.93 -27.22 47.38
N GLU I 335 -101.87 -26.93 46.08
CA GLU I 335 -101.12 -25.80 45.54
C GLU I 335 -101.99 -25.05 44.54
N GLY I 336 -101.79 -23.74 44.46
CA GLY I 336 -102.60 -22.88 43.63
C GLY I 336 -102.56 -23.20 42.15
N TYR I 337 -103.75 -23.34 41.54
CA TYR I 337 -103.88 -23.68 40.14
C TYR I 337 -104.89 -22.75 39.48
N ILE I 338 -104.54 -22.25 38.29
CA ILE I 338 -105.41 -21.33 37.55
C ILE I 338 -105.44 -21.75 36.09
N GLN I 339 -106.64 -21.83 35.52
CA GLN I 339 -106.77 -22.31 34.12
C GLN I 339 -107.36 -21.21 33.23
N LEU I 340 -106.60 -20.73 32.24
CA LEU I 340 -107.11 -19.72 31.29
C LEU I 340 -107.51 -20.45 30.00
N THR I 341 -108.81 -20.68 29.79
CA THR I 341 -109.27 -21.42 28.59
C THR I 341 -109.26 -20.50 27.39
N ASP I 342 -109.07 -21.06 26.19
CA ASP I 342 -109.10 -20.26 24.94
C ASP I 342 -110.21 -20.80 24.04
N PRO I 343 -111.11 -19.94 23.50
CA PRO I 343 -112.22 -20.42 22.69
C PRO I 343 -111.76 -21.44 21.66
N ASP I 344 -110.60 -21.19 21.02
CA ASP I 344 -110.07 -22.12 20.04
C ASP I 344 -109.90 -23.53 20.60
N GLY I 345 -110.14 -23.71 21.89
CA GLY I 345 -110.06 -25.03 22.48
C GLY I 345 -108.75 -25.38 23.15
N SER I 346 -107.89 -24.40 23.39
CA SER I 346 -106.63 -24.66 24.08
C SER I 346 -106.71 -24.25 25.54
N VAL I 347 -105.97 -24.97 26.38
CA VAL I 347 -106.03 -24.82 27.83
C VAL I 347 -104.66 -24.44 28.34
N TYR I 348 -104.60 -23.47 29.25
CA TYR I 348 -103.34 -22.96 29.77
C TYR I 348 -103.42 -22.92 31.29
N MET I 349 -102.28 -23.10 31.96
CA MET I 349 -102.25 -23.18 33.41
C MET I 349 -100.99 -22.53 33.96
N ILE I 350 -101.10 -22.06 35.21
CA ILE I 350 -99.97 -21.55 35.97
C ILE I 350 -100.07 -22.05 37.40
N LYS I 351 -98.96 -22.55 37.93
CA LYS I 351 -98.90 -23.04 39.30
C LYS I 351 -98.59 -21.87 40.23
N ALA I 352 -99.58 -21.43 40.99
CA ALA I 352 -99.40 -20.37 41.97
C ALA I 352 -98.49 -20.87 43.08
N LYS I 353 -97.59 -19.99 43.54
CA LYS I 353 -96.62 -20.41 44.56
C LYS I 353 -97.28 -20.72 45.89
N SER I 354 -98.29 -19.94 46.29
CA SER I 354 -98.95 -20.16 47.57
C SER I 354 -100.45 -19.94 47.41
N ILE I 355 -101.20 -20.51 48.34
CA ILE I 355 -102.65 -20.39 48.36
C ILE I 355 -103.04 -18.95 48.67
N GLN I 356 -102.12 -18.21 49.29
CA GLN I 356 -102.40 -16.84 49.71
C GLN I 356 -102.85 -15.99 48.53
N GLY I 357 -103.91 -15.22 48.74
CA GLY I 357 -104.46 -14.40 47.68
C GLY I 357 -103.47 -13.39 47.14
N VAL I 358 -102.57 -12.92 48.00
CA VAL I 358 -101.56 -11.94 47.57
C VAL I 358 -100.69 -12.52 46.46
N ASP I 359 -100.24 -13.77 46.64
CA ASP I 359 -99.51 -14.44 45.57
C ASP I 359 -100.43 -14.85 44.43
N MET I 360 -101.66 -15.26 44.75
CA MET I 360 -102.58 -15.69 43.70
C MET I 360 -103.02 -14.53 42.83
N ALA I 361 -103.21 -13.35 43.43
CA ALA I 361 -103.56 -12.17 42.64
C ALA I 361 -102.45 -11.85 41.64
N ASP I 362 -101.19 -11.96 42.05
CA ASP I 362 -100.08 -11.78 41.13
C ASP I 362 -100.10 -12.86 40.05
N ALA I 363 -100.50 -14.08 40.42
CA ALA I 363 -100.60 -15.14 39.42
C ALA I 363 -101.60 -14.80 38.33
N ILE I 364 -102.75 -14.25 38.72
CA ILE I 364 -103.77 -13.85 37.74
C ILE I 364 -103.21 -12.78 36.82
N GLY I 365 -102.57 -11.76 37.38
CA GLY I 365 -102.03 -10.69 36.56
C GLY I 365 -100.93 -11.18 35.63
N LYS I 366 -100.18 -12.20 36.08
CA LYS I 366 -99.11 -12.73 35.26
C LYS I 366 -99.66 -13.39 33.99
N LEU I 367 -100.76 -14.13 34.13
CA LEU I 367 -101.36 -14.78 32.97
C LEU I 367 -101.89 -13.76 31.97
N PHE I 368 -102.66 -12.79 32.46
CA PHE I 368 -103.34 -11.86 31.55
C PHE I 368 -102.34 -11.01 30.78
N LYS I 369 -101.28 -10.54 31.45
CA LYS I 369 -100.24 -9.77 30.77
C LYS I 369 -99.56 -10.60 29.69
N ALA I 370 -99.45 -11.92 29.91
CA ALA I 370 -98.85 -12.78 28.90
C ALA I 370 -99.72 -12.88 27.65
N TYR I 371 -101.05 -12.85 27.81
CA TYR I 371 -101.93 -12.92 26.65
C TYR I 371 -101.71 -11.75 25.69
N LYS I 372 -101.50 -10.56 26.24
CA LYS I 372 -101.30 -9.39 25.38
C LYS I 372 -100.09 -9.56 24.47
N ALA I 373 -98.97 -10.03 25.04
CA ALA I 373 -97.81 -10.33 24.20
C ALA I 373 -98.08 -11.52 23.29
N GLY I 374 -98.84 -12.50 23.77
CA GLY I 374 -99.07 -13.73 23.03
C GLY I 374 -98.06 -14.82 23.30
N ASN I 375 -97.05 -14.57 24.13
CA ASN I 375 -96.02 -15.55 24.41
C ASN I 375 -96.48 -16.55 25.46
N VAL I 376 -97.63 -17.17 25.22
CA VAL I 376 -98.21 -18.11 26.19
C VAL I 376 -97.89 -19.55 25.81
N SER I 377 -96.94 -19.76 24.89
CA SER I 377 -96.63 -21.10 24.41
C SER I 377 -96.16 -22.01 25.54
N GLU I 378 -95.29 -21.50 26.42
CA GLU I 378 -94.77 -22.33 27.50
C GLU I 378 -95.85 -22.72 28.50
N TYR I 379 -96.99 -22.04 28.48
CA TYR I 379 -98.03 -22.32 29.47
C TYR I 379 -99.07 -23.30 28.94
N LEU I 380 -98.86 -23.84 27.75
CA LEU I 380 -99.73 -24.89 27.23
C LEU I 380 -99.61 -26.14 28.08
N VAL I 381 -100.71 -26.88 28.20
CA VAL I 381 -100.76 -28.13 28.94
C VAL I 381 -101.30 -29.21 28.03
N GLN I 382 -100.44 -30.16 27.67
CA GLN I 382 -100.80 -31.25 26.77
C GLN I 382 -100.08 -32.53 27.14
#